data_8W2O
#
_entry.id   8W2O
#
_cell.length_a   1.00
_cell.length_b   1.00
_cell.length_c   1.00
_cell.angle_alpha   90.00
_cell.angle_beta   90.00
_cell.angle_gamma   90.00
#
_symmetry.space_group_name_H-M   'P 1'
#
loop_
_entity.id
_entity.type
_entity.pdbx_description
1 polymer 'U1 small nuclear ribonucleoprotein 70 kDa homolog'
2 polymer 'U1 small nuclear ribonucleoprotein C'
3 polymer 'U1 small nuclear ribonucleoprotein A'
4 polymer 'U1 small nuclear ribonucleoprotein component PRP42'
5 polymer 'Pre-mRNA-processing factor 39'
6 polymer 'Protein NAM8'
7 polymer '56 kDa U1 small nuclear ribonucleoprotein component'
8 polymer 'U1 small nuclear ribonucleoprotein component SNU71'
9 polymer 'Protein LUC7'
10 polymer 'Small nuclear ribonucleoprotein-associated protein B'
11 polymer 'Small nuclear ribonucleoprotein Sm D1'
12 polymer 'Small nuclear ribonucleoprotein Sm D2'
13 polymer 'Small nuclear ribonucleoprotein Sm D3'
14 polymer 'Small nuclear ribonucleoprotein E'
15 polymer 'Small nuclear ribonucleoprotein F'
16 polymer 'Small nuclear ribonucleoprotein G'
17 polymer 'ACT1 pre-mRNA'
18 polymer 'U1 snRNA'
#
loop_
_entity_poly.entity_id
_entity_poly.type
_entity_poly.pdbx_seq_one_letter_code
_entity_poly.pdbx_strand_id
1 'polypeptide(L)'
;MNYNLSKYPDDVSRLFKPRPPLSYKRPTDYPYAKRQTNPNITGVANLLSTSLKHYMEEFPEGSPNNHLQRYEDIKLSKIK
NAQLLDRRLQNWNPNVDPHIKDTDPYRTIFIGRLPYDLDEIELQKYFVKFGEIEKIRIVKDKITQKSKGYAFIVFKDPIS
SKMAFKEIGVHRGIQIKDRICIVDIERGRTVKYFKPRRLGGGLGGRGYSNRDSRLPGRFASASTSNPAERNYAPRLPRRE
TSSSAYSADRYGSSTLDARYRGNRPLLSAATPTAAVTSVYKSRNSRTRESQPAPKEAPDY
;
A
2 'polypeptide(L)'
;MPKFYCDYCDTYLTHDSPSVRKTHCSGRKHKENVKDYYRNKARDIINKHNHKRRHIGKRGRKERENSSQNETLKVTCLSN
KEKRHIMHVKKMNQKELAQTSIDTLKLLYDGSPGYSKVFVDANRFDIGDLVKASKLPQRANEKSAHHSFKQTSRSRDETC
ESNPFPRLNNPKKLEPPKILSQWSNTIPKTSIFYSVDILQTTIKESKKRMHSDGIRKPSSANGYKRRRYGN
;
B
3 'polypeptide(L)'
;MSALYFQNLPSRPANKENYTRLLLKHINPNNKYAINPSLPLPHNKLQISSQPLMLLDDQMGLLEVSISRSSKMTNQAFLT
FVTQEEADRFLEKYTTTALKVQGRKVRMGKARTNSLLGLSIEMQKKKGNDETYNLDIKKVLKARKLKRKLRSDDICAKKF
RLKRQIRRLKHKLRSRKVEEAEIDRIVKEFETRRLENMKSQQENLKQSQKPLKRAKVSNTMENPPNKVLLIQNLPSGTTE
QLLSQILGNEALVEIRLVSVRNLAFVEYETVADATKIKNQLGSTYKLQNNDVTIGFAKGRRIPGLINPWKRRWKKNFIAV
SAANRFKKISSSGALDYDIPTTASENLYFQ
;
C
4 'polypeptide(L)'
;MDKYTALIHDENFSTLTLNVSRYPKSLAYWEKLLNYIVKASAPICKSTEPQLLKLIRCTYSSMLNEFPYLENYYIDFALL
EYKLGNVSMSHKIFQRGLQAFNQRSLLLWTSYLKFCNNVISHQKQLFKKYETAEEYVGLHFFSGEFWDLYLEQISSRCTS
SKKYWNVLRKILEIPLHSFSKFYALWLQRIDDIMDLKQLSQLTSKDELLKKLKIDINYSGRKGPYLQDAKKKLKKITKEM
YMVVQYQVLEIYSIFESKIYINYYTSPETLVSSDEIETWIKYLDYTITLQTDSLTHLNFQRALLPLAHYDLVWIKYSKWL
INSKNDLLGAKNVLLMGLKFSLKKTEIIKLLYSVICKLNEYVLLRNLLEKIESSYSDNVENVDDFEIFWDYLQFKTFCQN
SLYSSRYSDSQSNGLLNKELFDKVWKRLSCKEKKSGQEILLNNLVQFYSKDTVEFVEKNIFQKIIEFGWEYYLQNGMFWN
CYCRLIYFDTSRSYLDKRQYIVRKIWPQIDKKFAQSVLPSLTEFCESYFPEEMDTLEEMFTEEP
;
D
5 'polypeptide(L)'
;MPDETNFTIEDIEPRPDALRGLDTQFLQDNTALVQAYRGLDWSDISSLTQMVDVIEQTVVKYGNPNDSIKLALETILWQI
LRKYPLLFGFWKRFATIEYQLFGLKKSIAVLATSVKWFPTSLELWCDYLNVLCVNNPNETDFIRNNFEIAKDLIGKQFLS
HPFWDKFIEFEVGQKNWHNVQRIYEYIIEVPLHQYARFFTSYKKFLNEKNLKTTRNIDIVLRKTQTTVNEIWQFESKIKQ
PFFNLGQVLNDDLENWSRYLKFVTDPSKSLDKEFVMSVFDRCLIPCLYHENTWMMYIKWLTKKNISDEVVVDIYQKANTF
LPLDFKTLRYDFLRFLKRKYRSNNTLFNNIFNETVSRYLKIWPNDILLMTEYLCMLKRHSFKNSLDQSPKEILEKQTSFT
KILETSITNYINNQIDAKVHLQTLINDKNLSIVVVELIKTTWLVLKNNMQTRKYFNLYQKNILIKNSVPFWLTYYKFEKS
NVNFTKLNKFIRELGVEIYLPTTVMNDILTDYKTFYLTHSNIVTYESSIIDSNTFDPILYPELKMSNPKYDPVLNTTANV
DWHKKTEWKEAGHIGITTERPQISNSIIECNSGTLIQKPISLPNFRNLEKINQVKINDLYTEEFLKEGK
;
E
6 'polypeptide(L)'
;MSYKQTTYYPSRGNLVRNDSSPYTNTISSETNNSSTSVLSLQGASNVSLGTTGNQLYMGDLDPTWDKNTVRQIWASLGEA
NINVRMMWNNTLNNGSRSSMGPKNNQGYCFVDFPSSTHAANALLKNGMLIPNFPNKKLKLNWATSSYSNSNNSLNNVKSG
NNCSIFVGDLAPNVTESQLFELFINRYASTSHAKIVHDQVTGMSKGYGFVKFTNSDEQQLALSEMQGVFLNGRAIKVGPT
SGQQQHVSGNNDYNRSSSSLNNENVDSRFLSKGQSFLSNGNNNMGFKRNHMSQFIYPVQQQPSLNHFTDPNNTTVFIGGL
SSLVTEDELRAYFQPFGTIVYVKIPVGKCCGFVQYVDRLSAEAAIAGMQGFPIANSRVRLSWGRSAKQTALLQQAMLSNS
LQVQQQQPGLQQPNYGYIPSSTCEAPVLPDNNVSSTMLPGCQILNYSNPYANANGLGSNNFSFYSNNNATNTQATSLLAD
TSSMDLSGTGGQQVIMQGSEAVVNSTNAMLNRLEQGSNGFMFA
;
F
7 'polypeptide(L)'
;MRPRRRGLAYHHTKPKGQLSQGHYPTTSNDGQRRKVGNSEAFQSFDIWKNLDRIRSTKKNAGQFIKGSLLILPMRTEDKQ
QFDECMDELHKYISKDILRCYPQKEQKDEGMLFYIVLKDFNILDSCFVLSVLLAFQKRLWMAPSEKSYFRVPKNINLTGS
FYLPKNIETGRGHIITSYRREQPSSSIVEVGFNVVPDFQQFQVKACHVSKFMNELSNFFSQVEFGKCEANVINYFKREYN
RTYSQISLALYELPLIGDGLFDIKSYISKTRPIIETSKAQMIKHISEMKAYNEISGLQGDQFPRQQRPLSNSPSSNSISS
SQTIEAGATSYQTQPQRHAVNKPSNVLNSSNRHSGPKTFEDGRYSEGNKPGFMTQDEIKQHCIGTIKASMDAVKKKSSYQ
ILKTYVRCPRQNYIDIVYQNLNDLRSKTNCNIVVLNLNNLHESQMWLESLNTTNYTIFAQAPHPSTIRVISIGGVGEYIV
KALELILNILEH
;
G
8 'polypeptide(L)' MRDIVFVSPQLYLSSQEGWKSDSAKSGFIPILKNDLQRFQDSLKHIVDARNS H
9 'polypeptide(L)'
;MSTMSTPAAEQRKLVEQLMGRDFSFRHNRYSHQKRDLGLHDPKICKSYLVGECPYDLFQGTKQSLGKCPQMHLTKHKIQY
EREVKQGKTFPEFEREYLAILSRFVNECNGQISVALQNLKHTAEERMKIQQVTEELDVLDVRIGLMGQEIDSLIRADEVS
MGMLQSVKLQELISKRKEVAKRVRNITENVGQSAQQKLQVCEVCGAYLSRLDTDRRLADHFLGKIHLGYVKMREDYDRLM
KNNRTTNASKTATTLPGRRFV
;
I
10 'polypeptide(L)'
;MSKIQVAHSSRLANLIDYKLRVLTQDGRVYIGQLMAFDKHMNLVLNECIEERVPKTQLDKLRPRKDSKDGTTLNIKVEKR
VLGLTILRGEQILSTVVEDKPLLSKKERLVRDKKEKKQAQKQTKLRKEKEKKPGKIAKPNTANAKHTSSNSREIAQPSSS
RYNGGNDNIGANRSRFNNEAPPQTRKFQPPPGFKRK
;
K
11 'polypeptide(L)'
;MKLVNFLKKLRNEQVTIELKNGTTVWGTLQSVSPQMNAILTDVKLTLPQPRLNKLNSNGIAMASLYLTGGQQPTASDNIA
SLQYINIRGNTIRQIILPDSLNLDSLLVDQKQLNSLRRSGQIANDPSKKRRRDFGAPANKRPRRGL
;
L
12 'polypeptide(L)'
;MSSQIIDRPKHELSRAELEELEEFEFKHGPMSLINDAMVTRTPVIISLRNNHKIIARVKAFDRHCNMVLENVKELWTEKK
GKNVINRERFISKLFLRGDSVIVVLKTPVE
;
M
13 'polypeptide(L)'
;MTMNGIPVKLLNEAQGHIVSLELTTGATYRGKLVESEDSMNVQLRDVIATEPQGAVTHMDQIFVRGSQIKFIVVPDLLKN
APLFKKNSSRPMPPIRGPKRR
;
N
14 'polypeptide(L)'
;MSNKVKTKAMVPPINCIFNFLQQQTPVTIWLFEQIGIRIKGKIVGFDEFMNVVIDEAVEIPVNSADGKEDVEKGTPLGKI
LLKGDNITLITSAD
;
O
15 'polypeptide(L)'
;MSESSDISAMQPVNPKPFLKGLVNHRVGVKLKFNSTEYRGTLVSTDNYFNLQLNEAEEFVAGVSHGTLGEIFIRCNNVLY
IRELPN
;
P
16 'polypeptide(L)' MVSTPELKKYMDKKILLNINGSRKVAGILRGYDIFLNVVLDDAMEINGEDPANNHQLGLQTVIRGNSIISLEALDAI Q
17 'polyribonucleotide'
;GGAUCCGAUAUCCGUACACCAUCAGGGUACGAGCUAGCCCAUGGCGUACACCAUCAGGGUACGACUAGUAGAUCUCGUAC
ACCAUCAGGGUACGGAAUUGUCUAGACUUUUAGAUUUUUCACGCUUACUGCUUUUUUCUUCCCAAGAUCGAAAAUUUACU
GAAUUAACAAUGGAUUCUGGUAUGUUC
;
r
18 'polyribonucleotide'
;AUACUUACCUUAAGAUAUCAGAGGAGAUCAAGAAGUCCUACUGAUCAAACAUGCGCUUCCAAUAGUAGAAGGACGUUAAG
CAUUUAUCAUUGAACUAUAAUUGUUCAUUGAAGUCAUUGAUGCAAACUCCUUGGUCACACACACAUACGGCGCGGAAGGC
GUGUUUGCUGACGUUUCCAUUCCCUUGUUUCAAUCAUUGGUUAAUCCCUUGAUUCCUUUGGGGAUUUUUGGGUUAAACUG
AUUUUUGGGGCCCUUUGUUUCUUCUGCCUGGAGAAGUUUGACACCAAAUUCAAAUUGGUGUUAGGGGAGCUGGGGCCUUU
CAAAAGAGAGCUUUGUAGAGGCAUUCUUUUUGACUACUUUUCUCUAGCGUGCCAUUUUAGUUUUUGACGGCAGAUUCGAA
UGAACUUAAGUUUAUGAUGAAGGUAUGGCUGUUGAGAUUAUUUGGUCGGGAUUGUAGUUUGAAGAUGUGCUCUUUUGAGC
AGUCUCAACUUUGCUCGUUCCCGUUAUGGGAAAAAUUUUGGAAGGUCUUGGUAGGAACGGGUGGAUCUUAUAAUUUUUGA
UUUAUUUU
;
R
#
loop_
_chem_comp.id
_chem_comp.type
_chem_comp.name
_chem_comp.formula
A RNA linking ADENOSINE-5'-MONOPHOSPHATE 'C10 H14 N5 O7 P'
C RNA linking CYTIDINE-5'-MONOPHOSPHATE 'C9 H14 N3 O8 P'
G RNA linking GUANOSINE-5'-MONOPHOSPHATE 'C10 H14 N5 O8 P'
U RNA linking URIDINE-5'-MONOPHOSPHATE 'C9 H13 N2 O9 P'
#
# COMPACT_ATOMS: atom_id res chain seq x y z
N ASP A 11 -18.34 -6.92 -21.05
CA ASP A 11 -19.79 -6.89 -20.86
C ASP A 11 -20.32 -8.31 -20.72
N VAL A 12 -19.40 -9.27 -20.65
CA VAL A 12 -19.79 -10.67 -20.55
C VAL A 12 -20.46 -10.94 -19.21
N SER A 13 -19.84 -10.49 -18.12
CA SER A 13 -20.34 -10.74 -16.77
C SER A 13 -20.24 -9.45 -15.95
N ARG A 14 -20.24 -8.31 -16.64
CA ARG A 14 -20.26 -7.01 -15.98
C ARG A 14 -21.63 -6.69 -15.39
N LEU A 15 -22.66 -7.45 -15.74
CA LEU A 15 -24.01 -7.18 -15.29
C LEU A 15 -24.43 -8.04 -14.11
N PHE A 16 -23.91 -9.27 -14.01
CA PHE A 16 -24.21 -10.17 -12.91
C PHE A 16 -23.29 -9.94 -11.72
N LYS A 17 -23.18 -8.71 -11.26
CA LYS A 17 -22.32 -8.44 -10.11
C LYS A 17 -23.02 -8.88 -8.83
N PRO A 18 -22.45 -9.81 -8.08
CA PRO A 18 -23.12 -10.33 -6.89
C PRO A 18 -23.11 -9.32 -5.76
N ARG A 19 -23.95 -9.60 -4.76
CA ARG A 19 -24.02 -8.78 -3.57
C ARG A 19 -22.74 -8.94 -2.75
N PRO A 20 -22.45 -7.99 -1.86
CA PRO A 20 -21.30 -8.14 -0.97
C PRO A 20 -21.45 -9.36 -0.08
N PRO A 21 -20.34 -9.93 0.39
CA PRO A 21 -20.44 -11.12 1.24
C PRO A 21 -21.28 -10.86 2.48
N LEU A 22 -22.05 -11.88 2.85
CA LEU A 22 -22.99 -11.75 3.95
C LEU A 22 -22.25 -11.61 5.28
N SER A 23 -22.74 -10.69 6.12
CA SER A 23 -22.12 -10.48 7.42
C SER A 23 -22.32 -11.70 8.30
N TYR A 24 -21.53 -11.78 9.37
CA TYR A 24 -21.56 -12.91 10.28
C TYR A 24 -22.31 -12.54 11.55
N LYS A 25 -23.22 -13.39 11.95
CA LYS A 25 -23.97 -13.23 13.20
C LYS A 25 -23.82 -14.50 14.02
N ARG A 26 -23.63 -14.35 15.33
CA ARG A 26 -23.45 -15.50 16.19
C ARG A 26 -24.73 -16.34 16.21
N PRO A 27 -24.63 -17.65 16.00
CA PRO A 27 -25.83 -18.48 15.91
C PRO A 27 -26.64 -18.48 17.21
N THR A 28 -27.95 -18.60 17.05
CA THR A 28 -28.87 -18.62 18.17
C THR A 28 -29.53 -19.98 18.36
N ASP A 29 -29.15 -20.99 17.58
CA ASP A 29 -29.74 -22.32 17.65
C ASP A 29 -28.73 -23.31 18.24
N TYR A 30 -29.11 -24.58 18.28
CA TYR A 30 -28.22 -25.62 18.79
C TYR A 30 -27.33 -26.16 17.69
N PRO A 31 -26.12 -26.60 18.02
CA PRO A 31 -25.21 -27.12 17.00
C PRO A 31 -25.73 -28.41 16.39
N TYR A 32 -25.27 -28.67 15.16
CA TYR A 32 -25.69 -29.88 14.45
C TYR A 32 -25.32 -31.14 15.20
N ALA A 33 -24.25 -31.10 15.99
CA ALA A 33 -23.87 -32.26 16.79
C ALA A 33 -24.77 -32.41 18.01
N LYS A 34 -25.28 -31.31 18.56
CA LYS A 34 -26.11 -31.35 19.76
C LYS A 34 -27.59 -31.46 19.45
N ARG A 35 -27.99 -31.39 18.18
CA ARG A 35 -29.40 -31.49 17.82
C ARG A 35 -29.91 -32.91 18.06
N GLN A 36 -31.00 -33.01 18.82
CA GLN A 36 -31.66 -34.30 19.04
C GLN A 36 -33.09 -34.03 19.48
N THR A 37 -33.93 -35.05 19.35
CA THR A 37 -35.28 -35.00 19.92
C THR A 37 -35.17 -35.35 21.40
N ASN A 38 -36.28 -35.59 22.07
CA ASN A 38 -36.25 -35.85 23.51
C ASN A 38 -35.72 -37.25 23.77
N PRO A 39 -34.58 -37.40 24.45
CA PRO A 39 -34.16 -38.72 24.91
C PRO A 39 -34.81 -39.04 26.25
N ASN A 40 -34.38 -40.13 26.88
CA ASN A 40 -34.86 -40.56 28.20
C ASN A 40 -36.38 -40.52 28.28
N ILE A 41 -37.02 -40.94 27.19
CA ILE A 41 -38.47 -41.09 27.16
C ILE A 41 -38.85 -42.19 28.14
N THR A 42 -39.57 -41.84 29.20
CA THR A 42 -39.89 -42.78 30.26
C THR A 42 -40.84 -43.85 29.75
N GLY A 43 -40.82 -45.00 30.45
CA GLY A 43 -41.59 -46.14 29.99
C GLY A 43 -43.08 -45.96 30.13
N VAL A 44 -43.81 -46.89 29.50
CA VAL A 44 -45.26 -46.84 29.49
C VAL A 44 -45.89 -47.78 30.51
N ALA A 45 -45.11 -48.65 31.15
CA ALA A 45 -45.65 -49.64 32.07
C ALA A 45 -46.18 -49.02 33.35
N ASN A 46 -45.58 -47.92 33.82
CA ASN A 46 -45.99 -47.34 35.10
C ASN A 46 -47.42 -46.80 35.04
N LEU A 47 -47.84 -46.29 33.88
CA LEU A 47 -49.18 -45.72 33.76
C LEU A 47 -50.26 -46.77 33.93
N LEU A 48 -50.02 -47.97 33.38
CA LEU A 48 -51.02 -49.04 33.38
C LEU A 48 -51.48 -49.41 34.77
N SER A 49 -50.59 -49.33 35.76
CA SER A 49 -50.95 -49.76 37.11
C SER A 49 -51.90 -48.78 37.78
N THR A 50 -51.60 -47.47 37.69
CA THR A 50 -52.35 -46.48 38.44
C THR A 50 -53.38 -45.73 37.58
N SER A 51 -52.95 -45.06 36.51
CA SER A 51 -53.85 -44.13 35.84
C SER A 51 -54.91 -44.85 35.02
N LEU A 52 -54.60 -46.04 34.54
CA LEU A 52 -55.55 -46.80 33.74
C LEU A 52 -56.78 -47.20 34.55
N LYS A 53 -56.58 -47.54 35.83
CA LYS A 53 -57.72 -47.88 36.67
C LYS A 53 -58.65 -46.69 36.81
N HIS A 54 -58.09 -45.49 37.04
CA HIS A 54 -58.92 -44.30 37.17
C HIS A 54 -59.65 -43.98 35.86
N TYR A 55 -58.95 -44.11 34.73
CA TYR A 55 -59.59 -43.84 33.45
C TYR A 55 -60.74 -44.80 33.19
N MET A 56 -60.53 -46.09 33.45
CA MET A 56 -61.61 -47.06 33.27
C MET A 56 -62.76 -46.83 34.24
N GLU A 57 -62.45 -46.41 35.47
CA GLU A 57 -63.49 -46.14 36.46
C GLU A 57 -64.31 -44.91 36.09
N GLU A 58 -63.70 -43.93 35.42
CA GLU A 58 -64.41 -42.67 35.21
C GLU A 58 -65.03 -42.56 33.81
N PHE A 59 -64.57 -43.36 32.84
CA PHE A 59 -65.36 -43.69 31.66
C PHE A 59 -65.56 -45.20 31.60
N PRO A 60 -66.58 -45.72 32.29
CA PRO A 60 -66.96 -47.12 32.15
C PRO A 60 -67.00 -47.65 30.73
N GLU A 61 -67.80 -47.03 29.88
CA GLU A 61 -68.08 -47.54 28.55
C GLU A 61 -67.75 -46.44 27.53
N GLY A 62 -67.26 -46.84 26.37
CA GLY A 62 -66.94 -45.88 25.34
C GLY A 62 -68.14 -45.55 24.48
N SER A 63 -68.02 -44.44 23.75
CA SER A 63 -69.06 -44.00 22.82
C SER A 63 -69.18 -44.99 21.67
N PRO A 64 -70.39 -45.20 21.15
CA PRO A 64 -70.59 -46.19 20.09
C PRO A 64 -69.84 -45.80 18.82
N ASN A 65 -69.37 -46.81 18.10
CA ASN A 65 -68.66 -46.62 16.84
C ASN A 65 -69.68 -46.67 15.70
N ASN A 66 -70.10 -45.48 15.27
CA ASN A 66 -71.26 -45.38 14.40
C ASN A 66 -70.92 -45.34 12.91
N HIS A 67 -69.75 -44.83 12.53
CA HIS A 67 -69.46 -44.75 11.10
C HIS A 67 -69.15 -46.11 10.50
N LEU A 68 -68.79 -47.10 11.33
CA LEU A 68 -68.66 -48.47 10.83
C LEU A 68 -70.01 -49.09 10.52
N GLN A 69 -71.10 -48.50 11.01
CA GLN A 69 -72.42 -49.05 10.74
C GLN A 69 -72.72 -49.05 9.25
N ARG A 70 -72.45 -47.94 8.57
CA ARG A 70 -72.72 -47.85 7.14
C ARG A 70 -71.82 -48.80 6.35
N TYR A 71 -70.55 -48.91 6.76
CA TYR A 71 -69.61 -49.81 6.09
C TYR A 71 -70.09 -51.26 6.17
N GLU A 72 -70.38 -51.71 7.39
CA GLU A 72 -70.84 -53.09 7.55
C GLU A 72 -72.23 -53.27 6.95
N ASP A 73 -73.02 -52.19 6.86
CA ASP A 73 -74.34 -52.30 6.25
C ASP A 73 -74.23 -52.56 4.75
N ILE A 74 -73.37 -51.81 4.06
CA ILE A 74 -73.16 -52.07 2.64
C ILE A 74 -72.45 -53.39 2.41
N LYS A 75 -71.61 -53.84 3.34
CA LYS A 75 -71.04 -55.19 3.25
C LYS A 75 -72.14 -56.24 3.35
N LEU A 76 -73.12 -56.01 4.23
CA LEU A 76 -74.26 -56.91 4.36
C LEU A 76 -75.04 -57.01 3.06
N SER A 77 -75.14 -55.92 2.31
CA SER A 77 -75.81 -55.98 1.01
C SER A 77 -75.08 -56.93 0.07
N LYS A 78 -73.75 -56.84 0.05
CA LYS A 78 -72.96 -57.72 -0.81
C LYS A 78 -73.12 -59.18 -0.41
N ILE A 79 -73.09 -59.47 0.90
CA ILE A 79 -73.19 -60.88 1.32
C ILE A 79 -74.64 -61.36 1.34
N LYS A 80 -75.59 -60.45 1.16
CA LYS A 80 -77.03 -60.74 1.16
C LYS A 80 -77.57 -60.94 -0.24
N ASN A 81 -76.97 -60.30 -1.25
CA ASN A 81 -77.45 -60.40 -2.62
C ASN A 81 -77.15 -61.78 -3.21
N ALA A 82 -75.95 -62.30 -2.92
CA ALA A 82 -75.43 -63.46 -3.64
C ALA A 82 -76.15 -64.77 -3.33
N GLN A 83 -76.21 -65.14 -2.05
CA GLN A 83 -76.84 -66.42 -1.70
C GLN A 83 -78.33 -66.35 -2.01
N LEU A 84 -78.92 -65.16 -1.94
CA LEU A 84 -80.32 -65.02 -2.30
C LEU A 84 -80.57 -65.16 -3.79
N LEU A 85 -79.67 -64.68 -4.65
CA LEU A 85 -79.85 -64.95 -6.08
C LEU A 85 -79.63 -66.43 -6.37
N ASP A 86 -78.65 -67.04 -5.68
CA ASP A 86 -78.36 -68.45 -5.92
C ASP A 86 -79.50 -69.35 -5.47
N ARG A 87 -80.20 -68.93 -4.42
CA ARG A 87 -81.33 -69.69 -3.90
C ARG A 87 -82.47 -69.77 -4.90
N ARG A 88 -82.78 -70.99 -5.35
CA ARG A 88 -83.85 -71.19 -6.31
C ARG A 88 -84.32 -72.66 -6.30
N LEU A 89 -84.28 -73.30 -7.46
CA LEU A 89 -84.69 -74.68 -7.57
C LEU A 89 -83.87 -75.58 -6.64
N HIS A 99 -94.28 -75.12 -19.29
CA HIS A 99 -94.54 -74.32 -20.48
C HIS A 99 -93.36 -74.35 -21.45
N ILE A 100 -92.13 -74.47 -20.94
CA ILE A 100 -90.99 -74.53 -21.86
C ILE A 100 -90.34 -75.90 -21.89
N LYS A 101 -90.97 -76.90 -21.28
CA LYS A 101 -90.42 -78.27 -21.25
C LYS A 101 -90.79 -79.05 -22.51
N ASP A 102 -90.29 -78.58 -23.65
CA ASP A 102 -90.56 -79.22 -24.94
C ASP A 102 -89.51 -80.28 -25.22
N THR A 103 -89.49 -80.80 -26.46
CA THR A 103 -88.53 -81.82 -26.85
C THR A 103 -87.12 -81.26 -26.96
N ASP A 104 -86.18 -82.08 -27.40
CA ASP A 104 -84.79 -81.65 -27.49
C ASP A 104 -84.65 -80.49 -28.48
N PRO A 105 -83.67 -79.61 -28.27
CA PRO A 105 -83.52 -78.44 -29.15
C PRO A 105 -82.81 -78.72 -30.46
N TYR A 106 -82.63 -79.99 -30.84
CA TYR A 106 -82.02 -80.29 -32.12
C TYR A 106 -82.84 -79.77 -33.28
N ARG A 107 -84.17 -79.92 -33.21
CA ARG A 107 -85.06 -79.39 -34.23
C ARG A 107 -85.84 -78.16 -33.75
N THR A 108 -85.84 -77.89 -32.44
CA THR A 108 -86.53 -76.74 -31.90
C THR A 108 -85.62 -75.52 -31.97
N ILE A 109 -86.21 -74.35 -32.15
CA ILE A 109 -85.47 -73.10 -32.27
C ILE A 109 -85.77 -72.23 -31.05
N PHE A 110 -84.87 -71.32 -30.74
CA PHE A 110 -85.02 -70.41 -29.61
C PHE A 110 -84.69 -68.99 -30.03
N ILE A 111 -85.31 -68.03 -29.34
CA ILE A 111 -85.09 -66.61 -29.59
C ILE A 111 -84.79 -65.93 -28.27
N GLY A 112 -84.12 -64.78 -28.33
CA GLY A 112 -83.77 -64.05 -27.14
C GLY A 112 -83.86 -62.55 -27.38
N ARG A 113 -83.89 -61.82 -26.26
CA ARG A 113 -83.94 -60.35 -26.25
C ARG A 113 -85.17 -59.82 -27.00
N LEU A 114 -86.31 -60.50 -26.89
CA LEU A 114 -87.53 -60.05 -27.51
C LEU A 114 -88.15 -58.91 -26.70
N PRO A 115 -89.24 -58.33 -27.18
CA PRO A 115 -89.86 -57.22 -26.46
C PRO A 115 -90.50 -57.69 -25.17
N TYR A 116 -90.61 -56.76 -24.21
CA TYR A 116 -91.26 -57.08 -22.94
C TYR A 116 -92.77 -57.10 -23.08
N ASP A 117 -93.32 -56.21 -23.90
CA ASP A 117 -94.76 -56.11 -24.11
C ASP A 117 -95.24 -56.96 -25.29
N LEU A 118 -94.41 -57.85 -25.81
CA LEU A 118 -94.78 -58.71 -26.91
C LEU A 118 -95.69 -59.82 -26.42
N ASP A 119 -96.22 -60.63 -27.34
CA ASP A 119 -97.13 -61.71 -27.01
C ASP A 119 -96.60 -63.02 -27.56
N GLU A 120 -97.34 -64.09 -27.29
CA GLU A 120 -96.94 -65.41 -27.79
C GLU A 120 -97.35 -65.60 -29.25
N ILE A 121 -98.53 -65.09 -29.63
CA ILE A 121 -98.98 -65.24 -31.01
C ILE A 121 -98.11 -64.42 -31.96
N GLU A 122 -97.73 -63.20 -31.57
CA GLU A 122 -96.84 -62.39 -32.41
C GLU A 122 -95.49 -63.06 -32.58
N LEU A 123 -94.93 -63.63 -31.50
CA LEU A 123 -93.68 -64.35 -31.60
C LEU A 123 -93.81 -65.58 -32.49
N GLN A 124 -94.92 -66.32 -32.38
CA GLN A 124 -95.14 -67.47 -33.24
C GLN A 124 -95.21 -67.06 -34.70
N LYS A 125 -95.91 -65.96 -34.99
CA LYS A 125 -95.98 -65.49 -36.38
C LYS A 125 -94.61 -65.05 -36.89
N TYR A 126 -93.83 -64.35 -36.05
CA TYR A 126 -92.50 -63.92 -36.46
C TYR A 126 -91.60 -65.12 -36.74
N PHE A 127 -91.69 -66.16 -35.91
CA PHE A 127 -90.91 -67.37 -36.16
C PHE A 127 -91.43 -68.14 -37.37
N VAL A 128 -92.72 -68.03 -37.67
CA VAL A 128 -93.29 -68.70 -38.84
C VAL A 128 -92.99 -67.92 -40.11
N LYS A 129 -92.53 -66.68 -39.98
CA LYS A 129 -92.14 -65.91 -41.18
C LYS A 129 -90.98 -66.57 -41.91
N PHE A 130 -90.14 -67.33 -41.21
CA PHE A 130 -88.98 -67.98 -41.81
C PHE A 130 -88.80 -69.41 -41.30
N GLY A 131 -89.87 -70.18 -41.25
CA GLY A 131 -89.80 -71.57 -40.86
C GLY A 131 -91.11 -72.05 -40.25
N GLU A 132 -91.44 -73.30 -40.54
CA GLU A 132 -92.67 -73.88 -40.04
C GLU A 132 -92.59 -74.10 -38.53
N ILE A 133 -93.72 -73.94 -37.85
CA ILE A 133 -93.79 -74.06 -36.40
C ILE A 133 -94.71 -75.21 -36.03
N GLU A 134 -94.22 -76.10 -35.15
CA GLU A 134 -95.01 -77.22 -34.67
C GLU A 134 -95.53 -77.01 -33.25
N LYS A 135 -94.74 -76.38 -32.38
CA LYS A 135 -95.16 -76.10 -31.01
C LYS A 135 -94.48 -74.84 -30.53
N ILE A 136 -95.27 -73.92 -29.99
CA ILE A 136 -94.78 -72.65 -29.50
C ILE A 136 -95.34 -72.39 -28.11
N ARG A 137 -94.45 -72.01 -27.19
CA ARG A 137 -94.86 -71.68 -25.82
C ARG A 137 -93.85 -70.71 -25.23
N ILE A 138 -94.26 -69.45 -25.08
CA ILE A 138 -93.36 -68.43 -24.57
C ILE A 138 -93.37 -68.46 -23.05
N VAL A 139 -92.18 -68.48 -22.46
CA VAL A 139 -92.01 -68.47 -21.01
C VAL A 139 -91.86 -67.02 -20.56
N LYS A 140 -92.72 -66.60 -19.64
CA LYS A 140 -92.73 -65.24 -19.13
C LYS A 140 -92.33 -65.23 -17.66
N ASP A 141 -91.91 -64.06 -17.17
CA ASP A 141 -91.53 -63.93 -15.78
C ASP A 141 -92.71 -64.23 -14.86
N LYS A 142 -92.43 -64.85 -13.71
CA LYS A 142 -93.48 -65.23 -12.78
C LYS A 142 -94.08 -64.02 -12.06
N ILE A 143 -93.36 -62.90 -12.01
CA ILE A 143 -93.84 -61.74 -11.27
C ILE A 143 -95.09 -61.15 -11.92
N THR A 144 -95.08 -60.98 -13.24
CA THR A 144 -96.19 -60.37 -13.94
C THR A 144 -96.43 -61.09 -15.25
N GLN A 145 -97.63 -60.98 -15.79
CA GLN A 145 -97.99 -61.67 -17.03
C GLN A 145 -97.49 -60.90 -18.24
N LYS A 146 -96.20 -60.57 -18.28
CA LYS A 146 -95.62 -59.93 -19.44
C LYS A 146 -94.51 -60.79 -20.00
N SER A 147 -94.45 -60.88 -21.33
CA SER A 147 -93.45 -61.70 -22.00
C SER A 147 -92.05 -61.21 -21.65
N LYS A 148 -91.29 -62.05 -20.94
CA LYS A 148 -89.95 -61.69 -20.49
C LYS A 148 -88.94 -61.57 -21.63
N GLY A 149 -89.36 -61.76 -22.87
CA GLY A 149 -88.44 -61.70 -23.99
C GLY A 149 -87.95 -63.03 -24.49
N TYR A 150 -88.48 -64.13 -23.98
CA TYR A 150 -88.08 -65.47 -24.40
C TYR A 150 -89.25 -66.16 -25.08
N ALA A 151 -88.99 -66.73 -26.26
CA ALA A 151 -89.99 -67.46 -27.00
C ALA A 151 -89.37 -68.74 -27.54
N PHE A 152 -90.03 -69.87 -27.26
CA PHE A 152 -89.59 -71.18 -27.71
C PHE A 152 -90.48 -71.62 -28.86
N ILE A 153 -89.87 -71.85 -30.02
CA ILE A 153 -90.59 -72.25 -31.23
C ILE A 153 -89.98 -73.55 -31.73
N VAL A 154 -90.81 -74.57 -31.89
CA VAL A 154 -90.38 -75.86 -32.44
C VAL A 154 -90.50 -75.77 -33.96
N PHE A 155 -89.42 -76.11 -34.65
CA PHE A 155 -89.36 -76.00 -36.10
C PHE A 155 -89.53 -77.38 -36.75
N LYS A 156 -90.08 -77.36 -37.97
CA LYS A 156 -90.28 -78.59 -38.72
C LYS A 156 -89.02 -79.06 -39.44
N ASP A 157 -87.97 -78.23 -39.46
CA ASP A 157 -86.70 -78.58 -40.08
C ASP A 157 -85.56 -77.96 -39.30
N PRO A 158 -84.68 -78.79 -38.72
CA PRO A 158 -83.53 -78.23 -37.99
C PRO A 158 -82.62 -77.37 -38.86
N ILE A 159 -82.40 -77.76 -40.12
CA ILE A 159 -81.55 -76.96 -41.01
C ILE A 159 -82.20 -75.61 -41.27
N SER A 160 -83.51 -75.59 -41.52
CA SER A 160 -84.21 -74.33 -41.75
C SER A 160 -84.16 -73.45 -40.50
N SER A 161 -84.34 -74.05 -39.32
CA SER A 161 -84.25 -73.28 -38.08
C SER A 161 -82.86 -72.70 -37.87
N LYS A 162 -81.81 -73.49 -38.13
CA LYS A 162 -80.46 -72.99 -37.99
C LYS A 162 -80.17 -71.86 -38.96
N MET A 163 -80.63 -72.00 -40.22
CA MET A 163 -80.43 -70.95 -41.20
C MET A 163 -81.18 -69.67 -40.81
N ALA A 164 -82.41 -69.80 -40.33
CA ALA A 164 -83.16 -68.63 -39.88
C ALA A 164 -82.48 -67.95 -38.70
N PHE A 165 -81.98 -68.74 -37.75
CA PHE A 165 -81.28 -68.17 -36.60
C PHE A 165 -80.01 -67.44 -37.04
N LYS A 166 -79.27 -68.04 -37.98
CA LYS A 166 -78.06 -67.39 -38.49
C LYS A 166 -78.39 -66.08 -39.19
N GLU A 167 -79.45 -66.08 -40.00
CA GLU A 167 -79.86 -64.87 -40.69
C GLU A 167 -80.28 -63.78 -39.70
N ILE A 168 -81.07 -64.16 -38.70
CA ILE A 168 -81.56 -63.20 -37.71
C ILE A 168 -80.46 -62.72 -36.77
N GLY A 169 -79.36 -63.47 -36.65
CA GLY A 169 -78.25 -63.02 -35.83
C GLY A 169 -77.26 -62.17 -36.59
N VAL A 170 -77.07 -62.48 -37.88
CA VAL A 170 -76.16 -61.69 -38.70
C VAL A 170 -76.80 -60.40 -39.17
N HIS A 171 -78.12 -60.36 -39.32
CA HIS A 171 -78.81 -59.16 -39.80
C HIS A 171 -79.13 -58.20 -38.65
N ARG A 172 -78.10 -57.85 -37.87
CA ARG A 172 -78.19 -56.88 -36.79
C ARG A 172 -79.30 -57.20 -35.79
N GLY A 173 -79.62 -58.48 -35.60
CA GLY A 173 -80.66 -58.85 -34.66
C GLY A 173 -82.03 -58.89 -35.29
N ILE A 174 -82.86 -59.85 -34.87
CA ILE A 174 -84.23 -59.92 -35.38
C ILE A 174 -85.01 -58.70 -34.90
N GLN A 175 -86.07 -58.38 -35.64
CA GLN A 175 -86.86 -57.19 -35.34
C GLN A 175 -87.70 -57.39 -34.09
N ILE A 176 -87.23 -56.86 -32.97
CA ILE A 176 -88.01 -56.86 -31.73
C ILE A 176 -88.84 -55.57 -31.69
N LYS A 177 -89.94 -55.58 -30.94
CA LYS A 177 -90.83 -54.43 -30.93
C LYS A 177 -90.16 -53.21 -30.30
N ASP A 178 -89.50 -53.40 -29.17
CA ASP A 178 -88.88 -52.29 -28.43
C ASP A 178 -87.49 -52.66 -27.95
N ARG A 179 -86.78 -53.48 -28.72
CA ARG A 179 -85.42 -53.88 -28.37
C ARG A 179 -84.75 -54.43 -29.64
N ILE A 180 -83.58 -55.02 -29.46
CA ILE A 180 -82.86 -55.71 -30.51
C ILE A 180 -82.77 -57.17 -30.11
N CYS A 181 -83.34 -58.05 -30.93
CA CYS A 181 -83.48 -59.47 -30.58
C CYS A 181 -82.50 -60.28 -31.43
N ILE A 182 -81.33 -60.57 -30.86
CA ILE A 182 -80.39 -61.47 -31.52
C ILE A 182 -80.83 -62.90 -31.28
N VAL A 183 -80.54 -63.78 -32.25
CA VAL A 183 -80.96 -65.17 -32.21
C VAL A 183 -79.73 -66.06 -32.22
N ASP A 184 -79.84 -67.21 -31.58
CA ASP A 184 -78.76 -68.19 -31.52
C ASP A 184 -79.38 -69.56 -31.20
N ILE A 185 -78.53 -70.52 -30.86
CA ILE A 185 -78.98 -71.87 -30.50
C ILE A 185 -79.64 -71.81 -29.14
N GLU A 186 -80.51 -72.79 -28.85
CA GLU A 186 -81.20 -72.82 -27.56
C GLU A 186 -80.22 -73.07 -26.42
N ARG A 187 -79.11 -73.74 -26.70
CA ARG A 187 -78.04 -74.06 -25.76
C ARG A 187 -78.51 -74.93 -24.60
N GLY A 188 -79.62 -75.64 -24.74
CA GLY A 188 -80.13 -76.50 -23.69
C GLY A 188 -79.39 -77.82 -23.60
N LYS B 3 -40.93 -33.04 -21.22
CA LYS B 3 -40.69 -32.07 -22.27
C LYS B 3 -40.27 -30.72 -21.69
N PHE B 4 -39.02 -30.34 -21.95
CA PHE B 4 -38.48 -29.08 -21.45
C PHE B 4 -37.81 -28.36 -22.61
N TYR B 5 -38.13 -27.08 -22.79
CA TYR B 5 -37.56 -26.28 -23.86
C TYR B 5 -36.80 -25.10 -23.25
N CYS B 6 -35.76 -24.65 -23.95
CA CYS B 6 -35.07 -23.45 -23.55
C CYS B 6 -35.96 -22.23 -23.78
N ASP B 7 -35.94 -21.29 -22.84
CA ASP B 7 -36.79 -20.12 -22.94
C ASP B 7 -36.07 -18.97 -23.65
N TYR B 8 -34.79 -19.17 -23.99
CA TYR B 8 -34.04 -18.16 -24.72
C TYR B 8 -33.98 -18.54 -26.19
N CYS B 9 -33.56 -19.77 -26.48
CA CYS B 9 -33.54 -20.27 -27.85
C CYS B 9 -34.93 -20.53 -28.40
N ASP B 10 -35.91 -20.80 -27.53
CA ASP B 10 -37.29 -21.10 -27.90
C ASP B 10 -37.40 -22.40 -28.68
N THR B 11 -36.29 -23.13 -28.83
CA THR B 11 -36.34 -24.44 -29.47
C THR B 11 -36.84 -25.48 -28.49
N TYR B 12 -37.79 -26.29 -28.93
CA TYR B 12 -38.36 -27.31 -28.06
C TYR B 12 -37.47 -28.54 -28.06
N LEU B 13 -36.99 -28.92 -26.88
CA LEU B 13 -35.94 -29.92 -26.73
C LEU B 13 -36.56 -31.22 -26.24
N THR B 14 -36.26 -32.34 -26.89
CA THR B 14 -36.77 -33.62 -26.44
C THR B 14 -36.29 -33.86 -25.02
N HIS B 15 -37.22 -34.23 -24.14
CA HIS B 15 -36.97 -34.44 -22.70
C HIS B 15 -35.60 -35.01 -22.30
N ASP B 16 -34.81 -34.18 -21.63
CA ASP B 16 -33.48 -34.58 -21.17
C ASP B 16 -33.25 -34.11 -19.75
N SER B 17 -32.17 -34.60 -19.13
CA SER B 17 -31.86 -34.22 -17.76
C SER B 17 -30.37 -34.34 -17.47
N PRO B 18 -29.66 -35.14 -18.29
CA PRO B 18 -28.21 -35.36 -18.14
C PRO B 18 -27.39 -34.29 -18.84
N SER B 19 -26.39 -34.73 -19.60
CA SER B 19 -25.52 -33.82 -20.34
C SER B 19 -26.23 -33.16 -21.51
N VAL B 20 -27.34 -33.75 -21.94
CA VAL B 20 -28.11 -33.22 -23.05
C VAL B 20 -28.52 -31.79 -22.73
N ARG B 21 -28.78 -31.51 -21.45
CA ARG B 21 -28.99 -30.16 -21.00
C ARG B 21 -27.68 -29.43 -20.72
N LYS B 22 -26.58 -30.14 -20.48
CA LYS B 22 -25.27 -29.54 -20.38
C LYS B 22 -24.62 -29.36 -21.75
N THR B 23 -25.13 -30.02 -22.78
CA THR B 23 -24.70 -29.77 -24.15
C THR B 23 -25.40 -28.57 -24.78
N HIS B 24 -26.71 -28.45 -24.60
CA HIS B 24 -27.46 -27.32 -25.13
C HIS B 24 -26.99 -26.02 -24.51
N CYS B 25 -26.78 -26.02 -23.19
CA CYS B 25 -26.47 -24.77 -22.47
C CYS B 25 -25.01 -24.37 -22.64
N SER B 26 -24.21 -25.22 -23.27
CA SER B 26 -22.78 -24.93 -23.43
C SER B 26 -22.41 -24.72 -24.89
N GLY B 27 -23.38 -24.62 -25.79
CA GLY B 27 -23.08 -24.42 -27.19
C GLY B 27 -22.80 -22.97 -27.52
N ARG B 28 -23.31 -22.49 -28.65
CA ARG B 28 -23.23 -21.08 -28.99
C ARG B 28 -24.58 -20.43 -29.22
N LYS B 29 -25.57 -21.16 -29.74
CA LYS B 29 -26.91 -20.61 -29.89
C LYS B 29 -27.63 -20.45 -28.57
N HIS B 30 -27.07 -20.97 -27.47
CA HIS B 30 -27.62 -20.79 -26.14
C HIS B 30 -26.61 -20.10 -25.23
N LYS B 31 -25.47 -19.71 -25.77
CA LYS B 31 -24.45 -19.04 -24.98
C LYS B 31 -24.39 -17.55 -25.25
N GLU B 32 -24.54 -17.14 -26.51
CA GLU B 32 -24.63 -15.72 -26.84
C GLU B 32 -26.06 -15.23 -26.96
N ASN B 33 -27.02 -16.13 -27.18
CA ASN B 33 -28.43 -15.77 -27.21
C ASN B 33 -29.00 -15.59 -25.80
N VAL B 34 -28.27 -16.04 -24.78
CA VAL B 34 -28.57 -15.71 -23.40
C VAL B 34 -27.80 -14.48 -22.96
N LYS B 35 -26.81 -14.06 -23.74
CA LYS B 35 -26.11 -12.80 -23.50
C LYS B 35 -26.88 -11.61 -24.04
N ASP B 36 -27.47 -11.75 -25.23
CA ASP B 36 -28.28 -10.67 -25.79
C ASP B 36 -29.52 -10.42 -24.94
N TYR B 37 -30.07 -11.46 -24.33
CA TYR B 37 -31.27 -11.29 -23.53
C TYR B 37 -31.00 -10.39 -22.33
N TYR B 38 -29.97 -10.69 -21.54
CA TYR B 38 -29.72 -9.92 -20.33
C TYR B 38 -29.07 -8.59 -20.61
N ARG B 39 -28.48 -8.40 -21.80
CA ARG B 39 -28.10 -7.05 -22.20
C ARG B 39 -29.32 -6.15 -22.33
N ASN B 40 -30.38 -6.67 -22.96
CA ASN B 40 -31.58 -5.86 -23.17
C ASN B 40 -32.28 -5.55 -21.86
N LYS B 41 -32.43 -6.55 -20.98
CA LYS B 41 -33.11 -6.33 -19.72
C LYS B 41 -32.37 -5.33 -18.83
N ALA B 42 -31.04 -5.43 -18.78
CA ALA B 42 -30.26 -4.46 -18.02
C ALA B 42 -30.21 -3.11 -18.74
N ARG B 43 -30.29 -3.12 -20.07
CA ARG B 43 -30.35 -1.86 -20.81
C ARG B 43 -31.61 -1.09 -20.45
N ASP B 44 -32.73 -1.80 -20.29
CA ASP B 44 -33.98 -1.14 -19.93
C ASP B 44 -33.85 -0.41 -18.60
N ILE B 45 -33.40 -1.10 -17.55
CA ILE B 45 -33.31 -0.48 -16.22
C ILE B 45 -32.33 0.67 -16.18
N ILE B 46 -31.45 0.79 -17.17
CA ILE B 46 -30.64 1.98 -17.35
C ILE B 46 -31.41 3.08 -18.05
N ASN B 47 -32.26 2.71 -19.00
CA ASN B 47 -33.02 3.67 -19.80
C ASN B 47 -34.28 4.17 -19.09
N LYS B 48 -34.76 3.48 -18.06
CA LYS B 48 -35.99 3.89 -17.38
C LYS B 48 -35.90 5.33 -16.90
N HIS B 49 -36.95 6.10 -17.21
CA HIS B 49 -37.00 7.50 -16.84
C HIS B 49 -38.27 7.86 -16.08
N ASN B 50 -39.16 6.88 -15.83
CA ASN B 50 -40.37 7.15 -15.08
C ASN B 50 -40.04 7.66 -13.69
N HIS B 51 -40.69 8.74 -13.29
CA HIS B 51 -40.42 9.41 -12.03
C HIS B 51 -41.58 9.19 -11.06
N LYS B 52 -41.33 9.53 -9.79
CA LYS B 52 -42.32 9.29 -8.76
C LYS B 52 -43.60 10.08 -9.02
N ARG B 53 -44.71 9.56 -8.50
CA ARG B 53 -45.98 10.25 -8.61
C ARG B 53 -45.91 11.61 -7.94
N ARG B 54 -46.55 12.61 -8.55
CA ARG B 54 -46.43 13.99 -8.12
C ARG B 54 -47.70 14.41 -7.40
N HIS B 55 -47.57 14.72 -6.11
CA HIS B 55 -48.66 15.27 -5.32
C HIS B 55 -48.46 16.78 -5.20
N ILE B 56 -49.31 17.54 -5.87
CA ILE B 56 -49.22 18.99 -5.90
C ILE B 56 -50.20 19.56 -4.89
N GLY B 57 -49.70 20.27 -3.89
CA GLY B 57 -50.53 20.89 -2.88
C GLY B 57 -50.82 22.34 -3.24
N LYS B 58 -51.99 22.82 -2.83
CA LYS B 58 -52.38 24.19 -3.10
C LYS B 58 -51.51 25.15 -2.32
N ARG B 59 -50.68 25.92 -3.02
CA ARG B 59 -49.80 26.88 -2.37
C ARG B 59 -50.60 27.97 -1.68
N GLY B 60 -50.14 28.38 -0.50
CA GLY B 60 -50.79 29.45 0.22
C GLY B 60 -50.28 30.81 -0.19
N ARG B 61 -50.93 31.85 0.36
CA ARG B 61 -50.60 33.22 -0.01
C ARG B 61 -49.22 33.64 0.49
N LYS B 62 -48.90 33.29 1.74
CA LYS B 62 -47.59 33.62 2.29
C LYS B 62 -46.47 32.94 1.50
N GLU B 63 -46.74 31.75 0.97
CA GLU B 63 -45.73 31.03 0.20
C GLU B 63 -45.64 31.55 -1.23
N ARG B 64 -46.77 31.99 -1.79
CA ARG B 64 -46.81 32.51 -3.16
C ARG B 64 -46.23 33.90 -3.30
N GLU B 65 -46.49 34.81 -2.35
CA GLU B 65 -46.09 36.20 -2.56
C GLU B 65 -44.57 36.33 -2.65
N ASN B 66 -43.83 35.65 -1.78
CA ASN B 66 -42.38 35.72 -1.82
C ASN B 66 -41.80 35.15 -3.11
N SER B 67 -42.31 34.01 -3.57
CA SER B 67 -41.81 33.42 -4.80
C SER B 67 -42.25 34.19 -6.04
N SER B 68 -43.38 34.91 -5.98
CA SER B 68 -43.76 35.78 -7.08
C SER B 68 -42.96 37.08 -7.10
N GLN B 69 -42.47 37.52 -5.94
CA GLN B 69 -41.73 38.77 -5.89
C GLN B 69 -40.43 38.70 -6.70
N ASN B 70 -39.69 37.59 -6.57
CA ASN B 70 -38.28 37.58 -6.96
C ASN B 70 -38.04 37.85 -8.44
N GLU B 71 -38.46 36.94 -9.32
CA GLU B 71 -38.18 37.05 -10.74
C GLU B 71 -38.80 35.85 -11.45
N THR B 72 -38.86 35.93 -12.77
CA THR B 72 -39.11 34.76 -13.59
C THR B 72 -37.79 34.26 -14.19
N LEU B 73 -37.68 32.94 -14.34
CA LEU B 73 -36.46 32.30 -14.78
C LEU B 73 -36.65 31.70 -16.17
N LYS B 74 -35.74 32.02 -17.07
CA LYS B 74 -35.80 31.49 -18.42
C LYS B 74 -35.50 30.00 -18.43
N VAL B 75 -36.11 29.29 -19.36
CA VAL B 75 -35.91 27.85 -19.53
C VAL B 75 -35.16 27.62 -20.83
N THR B 76 -34.05 26.90 -20.74
CA THR B 76 -33.27 26.51 -21.91
C THR B 76 -33.94 25.32 -22.58
N CYS B 77 -34.05 25.37 -23.90
CA CYS B 77 -34.78 24.37 -24.66
C CYS B 77 -34.08 24.09 -25.97
N LEU B 78 -34.07 22.83 -26.39
CA LEU B 78 -33.43 22.44 -27.63
C LEU B 78 -34.45 21.89 -28.62
N SER B 79 -34.03 21.79 -29.88
CA SER B 79 -34.89 21.22 -30.91
C SER B 79 -34.84 19.70 -30.85
N ASN B 80 -35.68 19.07 -31.68
CA ASN B 80 -35.80 17.61 -31.63
C ASN B 80 -34.51 16.93 -32.07
N LYS B 81 -33.96 17.33 -33.21
CA LYS B 81 -32.72 16.71 -33.68
C LYS B 81 -31.57 16.99 -32.71
N GLU B 82 -31.50 18.22 -32.19
CA GLU B 82 -30.42 18.56 -31.26
C GLU B 82 -30.50 17.73 -29.99
N LYS B 83 -31.70 17.57 -29.42
CA LYS B 83 -31.82 16.76 -28.22
C LYS B 83 -31.60 15.27 -28.50
N ARG B 84 -31.97 14.79 -29.69
CA ARG B 84 -31.62 13.44 -30.09
C ARG B 84 -30.11 13.23 -30.07
N HIS B 85 -29.38 14.15 -30.71
CA HIS B 85 -27.93 14.05 -30.76
C HIS B 85 -27.31 14.14 -29.38
N ILE B 86 -27.80 15.06 -28.55
CA ILE B 86 -27.27 15.20 -27.19
C ILE B 86 -27.52 13.96 -26.35
N MET B 87 -28.71 13.37 -26.42
CA MET B 87 -28.97 12.14 -25.70
C MET B 87 -28.09 10.99 -26.17
N HIS B 88 -27.89 10.87 -27.49
CA HIS B 88 -27.00 9.84 -27.99
C HIS B 88 -25.58 10.03 -27.46
N VAL B 89 -25.09 11.28 -27.48
CA VAL B 89 -23.74 11.58 -27.01
C VAL B 89 -23.62 11.25 -25.53
N LYS B 90 -24.63 11.64 -24.74
CA LYS B 90 -24.57 11.41 -23.30
C LYS B 90 -24.59 9.92 -22.97
N LYS B 91 -25.43 9.15 -23.66
CA LYS B 91 -25.46 7.71 -23.43
C LYS B 91 -24.13 7.06 -23.81
N MET B 92 -23.55 7.48 -24.94
CA MET B 92 -22.25 6.94 -25.33
C MET B 92 -21.17 7.28 -24.32
N ASN B 93 -21.18 8.51 -23.82
CA ASN B 93 -20.18 8.92 -22.82
C ASN B 93 -20.34 8.12 -21.54
N GLN B 94 -21.58 7.91 -21.09
CA GLN B 94 -21.81 7.10 -19.90
C GLN B 94 -21.30 5.68 -20.08
N LYS B 95 -21.58 5.07 -21.23
CA LYS B 95 -21.08 3.72 -21.48
C LYS B 95 -19.55 3.68 -21.48
N GLU B 96 -18.92 4.61 -22.20
CA GLU B 96 -17.47 4.64 -22.27
C GLU B 96 -16.81 4.84 -20.92
N LEU B 97 -17.32 5.76 -20.10
CA LEU B 97 -16.75 5.95 -18.77
C LEU B 97 -17.00 4.75 -17.88
N ALA B 98 -18.19 4.14 -17.94
CA ALA B 98 -18.49 2.99 -17.09
C ALA B 98 -17.61 1.80 -17.42
N GLN B 99 -17.26 1.60 -18.70
CA GLN B 99 -16.42 0.47 -19.07
C GLN B 99 -14.94 0.74 -18.82
N THR B 100 -14.56 1.96 -18.43
CA THR B 100 -13.15 2.31 -18.28
C THR B 100 -12.58 1.70 -17.00
N SER B 101 -11.42 1.05 -17.14
CA SER B 101 -10.69 0.52 -16.00
C SER B 101 -9.26 1.07 -16.01
N ILE B 102 -8.81 1.50 -14.84
CA ILE B 102 -7.48 2.10 -14.70
C ILE B 102 -6.48 0.99 -14.40
N ASP B 103 -5.45 0.88 -15.23
CA ASP B 103 -4.41 -0.13 -15.08
C ASP B 103 -3.03 0.49 -15.19
N THR B 104 -2.84 1.63 -14.53
CA THR B 104 -1.53 2.26 -14.53
C THR B 104 -0.53 1.46 -13.69
N LEU B 105 -0.98 0.90 -12.57
CA LEU B 105 -0.10 0.11 -11.72
C LEU B 105 0.39 -1.15 -12.40
N LYS B 106 -0.39 -1.70 -13.34
CA LYS B 106 0.06 -2.89 -14.06
C LYS B 106 1.16 -2.55 -15.06
N LEU B 107 1.08 -1.40 -15.73
CA LEU B 107 2.13 -1.00 -16.64
C LEU B 107 3.36 -0.47 -15.92
N LEU B 108 3.19 0.11 -14.73
CA LEU B 108 4.32 0.68 -14.01
C LEU B 108 5.32 -0.38 -13.56
N TYR B 109 4.84 -1.54 -13.14
CA TYR B 109 5.69 -2.60 -12.59
C TYR B 109 6.06 -3.64 -13.64
N ASP B 110 6.20 -3.22 -14.89
CA ASP B 110 6.42 -4.14 -15.99
C ASP B 110 7.71 -4.93 -15.87
N GLY B 111 8.70 -4.43 -15.15
CA GLY B 111 9.97 -5.13 -15.02
C GLY B 111 10.30 -5.54 -13.60
N SER B 112 9.28 -5.67 -12.76
CA SER B 112 9.49 -6.04 -11.38
C SER B 112 10.09 -7.44 -11.29
N PRO B 113 10.88 -7.72 -10.23
CA PRO B 113 11.49 -9.05 -10.12
C PRO B 113 10.50 -10.18 -10.04
N GLY B 114 9.33 -9.97 -9.42
CA GLY B 114 8.33 -11.02 -9.33
C GLY B 114 7.10 -10.70 -10.13
N TYR B 115 7.29 -10.15 -11.33
CA TYR B 115 6.16 -9.66 -12.11
C TYR B 115 5.28 -10.79 -12.62
N SER B 116 5.89 -11.84 -13.18
CA SER B 116 5.11 -12.88 -13.84
C SER B 116 4.24 -13.67 -12.87
N LYS B 117 4.49 -13.56 -11.56
CA LYS B 117 3.75 -14.35 -10.59
C LYS B 117 2.53 -13.63 -10.02
N VAL B 118 2.34 -12.36 -10.34
CA VAL B 118 1.27 -11.57 -9.76
C VAL B 118 0.39 -10.90 -10.82
N PHE B 119 0.99 -10.13 -11.73
CA PHE B 119 0.22 -9.34 -12.68
C PHE B 119 -0.23 -10.12 -13.92
N VAL B 120 0.45 -11.21 -14.27
CA VAL B 120 0.11 -11.92 -15.49
C VAL B 120 -1.33 -12.44 -15.42
N ASP B 121 -1.80 -12.77 -14.22
CA ASP B 121 -3.16 -13.17 -13.88
C ASP B 121 -3.46 -14.58 -14.37
N ALA B 122 -2.55 -15.22 -15.11
CA ALA B 122 -2.70 -16.62 -15.47
C ALA B 122 -1.88 -17.54 -14.60
N ASN B 123 -0.80 -17.04 -13.99
CA ASN B 123 0.02 -17.82 -13.08
C ASN B 123 -0.22 -17.43 -11.62
N ARG B 124 -1.29 -16.70 -11.32
CA ARG B 124 -1.62 -16.39 -9.94
C ARG B 124 -2.04 -17.65 -9.20
N PHE B 125 -1.99 -17.58 -7.88
CA PHE B 125 -2.28 -18.75 -7.05
C PHE B 125 -3.73 -18.83 -6.60
N ASP B 126 -4.51 -17.76 -6.75
CA ASP B 126 -5.89 -17.80 -6.32
C ASP B 126 -6.85 -18.20 -7.44
N ILE B 127 -6.78 -17.51 -8.58
CA ILE B 127 -7.68 -17.77 -9.70
C ILE B 127 -6.93 -18.37 -10.88
N GLY B 128 -5.71 -18.87 -10.65
CA GLY B 128 -4.99 -19.52 -11.73
C GLY B 128 -5.52 -20.91 -12.04
N ASP B 129 -6.32 -21.47 -11.13
CA ASP B 129 -6.82 -22.82 -11.32
C ASP B 129 -7.78 -22.91 -12.49
N LEU B 130 -8.39 -21.79 -12.90
CA LEU B 130 -9.29 -21.81 -14.03
C LEU B 130 -8.54 -21.79 -15.36
N VAL B 131 -7.54 -20.93 -15.47
CA VAL B 131 -6.73 -20.87 -16.69
C VAL B 131 -5.89 -22.13 -16.84
N LYS B 132 -5.36 -22.65 -15.74
CA LYS B 132 -4.52 -23.84 -15.76
C LYS B 132 -5.24 -25.03 -16.38
N ARG B 139 -11.08 -27.12 -27.16
CA ARG B 139 -10.27 -26.34 -28.10
C ARG B 139 -10.43 -24.84 -27.83
N ALA B 140 -9.34 -24.10 -28.03
CA ALA B 140 -9.36 -22.66 -27.81
C ALA B 140 -9.97 -21.93 -29.01
N GLN B 151 -0.15 -16.83 -27.63
CA GLN B 151 -0.26 -15.39 -27.48
C GLN B 151 0.97 -14.80 -26.80
N THR B 152 2.07 -15.57 -26.83
CA THR B 152 3.35 -15.17 -26.22
C THR B 152 3.17 -14.81 -24.75
N SER B 153 2.61 -15.76 -24.00
CA SER B 153 2.36 -15.56 -22.58
C SER B 153 3.66 -15.48 -21.80
N ARG B 154 3.63 -14.74 -20.70
CA ARG B 154 4.79 -14.57 -19.83
C ARG B 154 4.89 -15.76 -18.88
N SER B 155 5.97 -16.52 -19.00
CA SER B 155 6.15 -17.72 -18.20
C SER B 155 6.54 -17.35 -16.78
N ARG B 156 6.25 -18.27 -15.85
CA ARG B 156 6.63 -18.10 -14.45
C ARG B 156 8.12 -18.25 -14.20
N ASP B 157 8.84 -18.91 -15.11
CA ASP B 157 10.25 -19.23 -14.92
C ASP B 157 11.18 -18.06 -15.23
N GLU B 158 10.64 -16.86 -15.36
CA GLU B 158 11.48 -15.68 -15.61
C GLU B 158 12.31 -15.35 -14.38
N THR B 159 13.56 -14.98 -14.61
CA THR B 159 14.48 -14.57 -13.57
C THR B 159 14.92 -13.13 -13.80
N CYS B 160 15.37 -12.48 -12.73
CA CYS B 160 15.74 -11.07 -12.78
C CYS B 160 17.00 -10.82 -13.60
N GLU B 161 17.76 -11.87 -13.93
CA GLU B 161 18.94 -11.68 -14.77
C GLU B 161 18.54 -11.17 -16.15
N SER B 162 17.41 -11.64 -16.68
CA SER B 162 16.89 -11.09 -17.92
C SER B 162 16.58 -9.61 -17.75
N ASN B 163 17.03 -8.82 -18.74
CA ASN B 163 16.96 -7.37 -18.68
C ASN B 163 17.61 -6.85 -17.40
N PRO B 164 18.93 -6.99 -17.25
CA PRO B 164 19.60 -6.49 -16.03
C PRO B 164 19.44 -5.00 -15.88
N PHE B 165 19.48 -4.27 -16.99
CA PHE B 165 19.33 -2.82 -17.01
C PHE B 165 18.07 -2.45 -17.77
N PRO B 166 16.96 -2.10 -17.10
CA PRO B 166 15.72 -1.82 -17.83
C PRO B 166 15.81 -0.64 -18.77
N ARG B 167 16.60 0.38 -18.44
CA ARG B 167 16.56 1.66 -19.14
C ARG B 167 17.22 1.61 -20.52
N LEU B 168 17.74 0.46 -20.95
CA LEU B 168 18.42 0.41 -22.25
C LEU B 168 17.43 0.48 -23.40
N ASN B 169 16.66 1.58 -23.47
CA ASN B 169 15.79 1.92 -24.58
C ASN B 169 14.60 0.97 -24.70
N ASN B 170 14.54 -0.05 -23.85
CA ASN B 170 13.44 -1.01 -23.86
C ASN B 170 12.09 -0.35 -23.55
N PRO B 171 11.96 0.44 -22.47
CA PRO B 171 10.64 0.96 -22.11
C PRO B 171 10.34 2.27 -22.82
N LYS B 172 9.10 2.72 -22.64
CA LYS B 172 8.60 3.95 -23.22
C LYS B 172 8.05 4.86 -22.12
N LYS B 173 7.92 6.14 -22.44
CA LYS B 173 7.49 7.13 -21.47
C LYS B 173 6.06 6.86 -21.02
N LEU B 174 5.76 7.31 -19.80
CA LEU B 174 4.41 7.17 -19.27
C LEU B 174 3.44 8.02 -20.08
N GLU B 175 2.25 7.46 -20.34
CA GLU B 175 1.26 8.18 -21.12
C GLU B 175 0.79 9.43 -20.38
N PRO B 176 0.67 10.55 -21.08
CA PRO B 176 0.25 11.80 -20.43
C PRO B 176 -1.16 11.66 -19.87
N PRO B 177 -1.48 12.39 -18.79
CA PRO B 177 -2.80 12.25 -18.18
C PRO B 177 -3.90 12.73 -19.11
N LYS B 178 -5.04 12.04 -19.08
CA LYS B 178 -6.17 12.43 -19.89
C LYS B 178 -6.91 13.60 -19.26
N ILE B 179 -7.52 14.42 -20.11
CA ILE B 179 -8.31 15.55 -19.66
C ILE B 179 -9.67 15.52 -20.38
N LEU B 180 -10.66 16.18 -19.78
CA LEU B 180 -11.99 16.22 -20.36
C LEU B 180 -11.98 17.08 -21.62
N SER B 181 -12.57 16.55 -22.69
CA SER B 181 -12.55 17.27 -23.97
C SER B 181 -13.43 18.50 -23.96
N GLN B 182 -14.54 18.46 -23.21
CA GLN B 182 -15.43 19.61 -23.16
C GLN B 182 -14.80 20.78 -22.42
N TRP B 183 -13.70 20.54 -21.72
CA TRP B 183 -12.93 21.58 -21.04
C TRP B 183 -11.50 21.64 -21.52
N SER B 184 -11.30 21.39 -22.82
CA SER B 184 -9.96 21.31 -23.38
C SER B 184 -9.33 22.67 -23.64
N ASN B 185 -10.12 23.75 -23.62
CA ASN B 185 -9.57 25.10 -23.71
C ASN B 185 -9.10 25.64 -22.37
N THR B 186 -9.41 24.92 -21.28
CA THR B 186 -8.96 25.29 -19.95
C THR B 186 -7.45 25.14 -19.78
N ILE B 187 -6.83 24.26 -20.55
CA ILE B 187 -5.41 23.93 -20.43
C ILE B 187 -4.57 25.19 -20.61
N PRO B 188 -3.47 25.34 -19.86
CA PRO B 188 -2.56 26.46 -20.11
C PRO B 188 -2.01 26.42 -21.53
N LYS B 189 -1.83 27.60 -22.12
CA LYS B 189 -1.46 27.67 -23.53
C LYS B 189 -0.06 27.14 -23.79
N THR B 190 0.91 27.55 -22.98
CA THR B 190 2.31 27.23 -23.19
C THR B 190 2.89 26.53 -21.97
N SER B 191 3.68 25.49 -22.23
CA SER B 191 4.38 24.81 -21.15
C SER B 191 5.53 25.67 -20.63
N ILE B 192 5.96 25.38 -19.40
CA ILE B 192 7.00 26.18 -18.77
C ILE B 192 8.33 25.99 -19.50
N PHE B 193 8.71 24.74 -19.75
CA PHE B 193 9.99 24.41 -20.34
C PHE B 193 9.84 23.92 -21.77
N TYR B 194 10.92 24.10 -22.55
CA TYR B 194 10.94 23.72 -23.96
C TYR B 194 11.46 22.30 -24.06
N SER B 195 10.56 21.35 -24.32
CA SER B 195 10.91 19.95 -24.48
C SER B 195 10.84 19.57 -25.96
N VAL B 196 11.89 18.95 -26.45
CA VAL B 196 11.94 18.55 -27.86
C VAL B 196 11.52 17.10 -28.01
N MET C 1 -66.33 20.18 34.98
CA MET C 1 -67.53 19.74 34.29
C MET C 1 -67.76 20.55 33.02
N SER C 2 -67.13 21.73 32.95
CA SER C 2 -67.23 22.59 31.79
C SER C 2 -66.51 21.95 30.61
N ALA C 3 -67.15 21.97 29.45
CA ALA C 3 -66.60 21.36 28.24
C ALA C 3 -65.84 22.40 27.44
N LEU C 4 -64.72 22.00 26.86
CA LEU C 4 -63.93 22.88 26.02
C LEU C 4 -64.26 22.65 24.55
N TYR C 5 -63.97 23.66 23.73
CA TYR C 5 -64.29 23.64 22.31
C TYR C 5 -62.99 23.73 21.51
N PHE C 6 -62.85 22.85 20.52
CA PHE C 6 -61.63 22.72 19.74
C PHE C 6 -61.96 22.83 18.26
N GLN C 7 -61.12 23.54 17.52
CA GLN C 7 -61.26 23.69 16.08
C GLN C 7 -59.98 23.22 15.38
N ASN C 8 -60.08 23.15 14.05
CA ASN C 8 -58.94 22.81 13.19
C ASN C 8 -58.30 21.49 13.58
N LEU C 9 -59.12 20.52 13.94
CA LEU C 9 -58.61 19.18 14.19
C LEU C 9 -58.78 18.31 12.96
N PRO C 10 -57.89 17.35 12.75
CA PRO C 10 -58.00 16.49 11.56
C PRO C 10 -59.27 15.66 11.59
N SER C 11 -59.85 15.45 10.40
CA SER C 11 -61.05 14.64 10.24
C SER C 11 -60.77 13.29 9.61
N ARG C 12 -59.50 12.90 9.52
CA ARG C 12 -59.08 11.70 8.82
C ARG C 12 -59.31 10.39 9.59
N PRO C 13 -58.98 10.37 10.89
CA PRO C 13 -59.10 9.25 11.83
C PRO C 13 -60.36 8.38 11.69
N ALA C 14 -61.36 8.86 10.98
CA ALA C 14 -62.61 8.11 10.78
C ALA C 14 -63.23 7.56 12.08
N ASN C 15 -62.83 6.36 12.46
CA ASN C 15 -63.35 5.70 13.68
C ASN C 15 -63.34 6.60 14.91
N LYS C 16 -64.40 6.55 15.70
CA LYS C 16 -64.47 7.41 16.88
C LYS C 16 -63.44 7.01 17.94
N GLU C 17 -63.31 5.71 18.21
CA GLU C 17 -62.35 5.26 19.22
C GLU C 17 -60.91 5.53 18.77
N ASN C 18 -60.62 5.27 17.50
CA ASN C 18 -59.28 5.56 16.97
C ASN C 18 -58.98 7.05 17.04
N TYR C 19 -59.95 7.88 16.67
CA TYR C 19 -59.77 9.32 16.75
C TYR C 19 -59.52 9.78 18.18
N THR C 20 -60.30 9.25 19.12
CA THR C 20 -60.12 9.59 20.53
C THR C 20 -58.73 9.18 21.01
N ARG C 21 -58.28 7.98 20.63
CA ARG C 21 -56.97 7.53 21.06
C ARG C 21 -55.85 8.38 20.47
N LEU C 22 -55.96 8.75 19.20
CA LEU C 22 -54.93 9.59 18.58
C LEU C 22 -54.89 10.98 19.22
N LEU C 23 -56.05 11.60 19.42
CA LEU C 23 -56.09 12.91 20.04
C LEU C 23 -55.56 12.85 21.47
N LEU C 24 -55.90 11.79 22.20
CA LEU C 24 -55.39 11.62 23.55
C LEU C 24 -53.88 11.43 23.55
N LYS C 25 -53.34 10.71 22.57
CA LYS C 25 -51.89 10.54 22.47
C LYS C 25 -51.21 11.88 22.24
N HIS C 26 -51.76 12.69 21.34
CA HIS C 26 -51.15 13.99 21.10
C HIS C 26 -51.31 14.94 22.29
N ILE C 27 -52.40 14.84 23.04
CA ILE C 27 -52.56 15.65 24.24
C ILE C 27 -51.54 15.23 25.30
N ASN C 28 -51.45 13.92 25.56
CA ASN C 28 -50.61 13.38 26.63
C ASN C 28 -49.62 12.40 26.04
N PRO C 29 -48.41 12.83 25.74
CA PRO C 29 -47.35 11.87 25.41
C PRO C 29 -47.12 10.91 26.56
N ASN C 30 -46.69 9.69 26.21
CA ASN C 30 -46.35 8.65 27.17
C ASN C 30 -47.53 8.34 28.11
N ASN C 31 -48.74 8.58 27.61
CA ASN C 31 -49.94 8.34 28.41
C ASN C 31 -50.10 6.86 28.70
N LYS C 32 -50.76 6.57 29.82
CA LYS C 32 -51.00 5.19 30.22
C LYS C 32 -51.98 4.51 29.28
N TYR C 33 -52.83 5.28 28.61
CA TYR C 33 -53.93 4.68 27.85
C TYR C 33 -53.65 4.70 26.34
N ALA C 34 -53.05 5.79 25.85
CA ALA C 34 -52.83 5.92 24.41
C ALA C 34 -51.71 5.02 23.91
N ILE C 35 -50.64 4.86 24.71
CA ILE C 35 -49.48 4.09 24.29
C ILE C 35 -49.78 2.59 24.16
N ASN C 36 -50.69 2.05 24.97
CA ASN C 36 -50.99 0.63 24.94
C ASN C 36 -52.30 0.44 24.18
N PRO C 37 -52.27 -0.07 22.95
CA PRO C 37 -53.51 -0.22 22.17
C PRO C 37 -54.38 -1.34 22.71
N SER C 38 -55.49 -1.57 21.99
CA SER C 38 -56.47 -2.61 22.32
C SER C 38 -56.99 -2.46 23.74
N LEU C 39 -56.94 -1.24 24.27
CA LEU C 39 -57.55 -0.99 25.56
C LEU C 39 -58.92 -0.34 25.39
N PRO C 40 -59.96 -0.93 25.96
CA PRO C 40 -61.30 -0.32 25.85
C PRO C 40 -61.37 0.96 26.64
N LEU C 41 -61.72 2.05 25.94
CA LEU C 41 -61.80 3.35 26.59
C LEU C 41 -62.95 3.37 27.59
N PRO C 42 -62.77 4.06 28.71
CA PRO C 42 -63.83 4.10 29.72
C PRO C 42 -64.99 4.97 29.25
N HIS C 43 -66.10 4.31 28.90
CA HIS C 43 -67.31 4.98 28.45
C HIS C 43 -68.12 5.37 29.68
N ASN C 44 -68.12 6.66 30.02
CA ASN C 44 -68.77 7.16 31.22
C ASN C 44 -70.20 7.56 30.87
N LYS C 45 -71.10 6.59 30.82
CA LYS C 45 -72.52 6.85 30.67
C LYS C 45 -73.09 7.30 32.01
N LEU C 46 -74.21 8.03 31.94
CA LEU C 46 -74.84 8.54 33.16
C LEU C 46 -76.16 7.82 33.44
N LEU C 55 -64.85 7.84 35.82
CA LEU C 55 -63.63 7.19 35.35
C LEU C 55 -62.91 8.07 34.34
N LEU C 56 -61.64 8.36 34.62
CA LEU C 56 -60.87 9.27 33.79
C LEU C 56 -60.41 8.59 32.51
N ASP C 57 -60.68 9.23 31.37
CA ASP C 57 -60.09 8.78 30.11
C ASP C 57 -58.59 8.99 30.12
N ASP C 58 -58.13 10.12 30.68
CA ASP C 58 -56.72 10.43 30.77
C ASP C 58 -56.50 11.29 32.02
N GLN C 59 -55.32 11.17 32.61
CA GLN C 59 -54.98 11.93 33.80
C GLN C 59 -54.86 13.42 33.48
N MET C 60 -54.64 14.22 34.53
CA MET C 60 -54.81 15.67 34.49
C MET C 60 -56.21 16.08 34.00
N GLY C 61 -57.22 15.36 34.48
CA GLY C 61 -58.59 15.83 34.42
C GLY C 61 -59.36 15.51 33.15
N LEU C 62 -58.74 14.86 32.18
CA LEU C 62 -59.41 14.55 30.92
C LEU C 62 -60.47 13.48 31.19
N LEU C 63 -61.73 13.84 30.96
CA LEU C 63 -62.85 12.94 31.25
C LEU C 63 -63.38 12.23 30.02
N GLU C 64 -63.85 12.96 29.02
CA GLU C 64 -64.40 12.36 27.81
C GLU C 64 -64.20 13.30 26.63
N VAL C 65 -64.34 12.73 25.44
CA VAL C 65 -64.42 13.52 24.21
C VAL C 65 -65.84 13.40 23.67
N SER C 66 -66.16 14.27 22.72
CA SER C 66 -67.47 14.24 22.08
C SER C 66 -67.32 14.79 20.67
N ILE C 67 -67.27 13.90 19.69
CA ILE C 67 -67.08 14.27 18.29
C ILE C 67 -68.39 14.03 17.55
N SER C 68 -68.43 14.47 16.29
CA SER C 68 -69.59 14.25 15.44
C SER C 68 -69.14 14.12 14.00
N ARG C 69 -69.82 13.24 13.27
CA ARG C 69 -69.54 13.02 11.85
C ARG C 69 -70.40 13.88 10.94
N SER C 70 -71.28 14.72 11.50
CA SER C 70 -72.11 15.58 10.67
C SER C 70 -71.24 16.50 9.82
N SER C 71 -71.62 16.66 8.55
CA SER C 71 -70.85 17.48 7.63
C SER C 71 -70.81 18.94 8.05
N LYS C 72 -71.73 19.39 8.91
CA LYS C 72 -71.73 20.78 9.35
C LYS C 72 -70.45 21.11 10.10
N MET C 73 -70.09 20.29 11.10
CA MET C 73 -68.87 20.47 11.88
C MET C 73 -68.02 19.20 11.72
N THR C 74 -67.04 19.28 10.82
CA THR C 74 -66.16 18.15 10.58
C THR C 74 -64.92 18.20 11.47
N ASN C 75 -64.14 19.27 11.37
CA ASN C 75 -62.93 19.41 12.16
C ASN C 75 -63.21 19.66 13.63
N GLN C 76 -64.37 20.21 13.97
CA GLN C 76 -64.67 20.57 15.34
C GLN C 76 -64.80 19.33 16.22
N ALA C 77 -64.30 19.44 17.44
CA ALA C 77 -64.47 18.40 18.46
C ALA C 77 -64.44 19.07 19.82
N PHE C 78 -65.01 18.39 20.81
CA PHE C 78 -65.21 18.97 22.13
C PHE C 78 -64.57 18.06 23.17
N LEU C 79 -63.88 18.67 24.14
CA LEU C 79 -63.33 17.96 25.28
C LEU C 79 -64.07 18.41 26.54
N THR C 80 -64.62 17.45 27.27
CA THR C 80 -65.31 17.73 28.53
C THR C 80 -64.44 17.28 29.70
N PHE C 81 -64.35 18.13 30.71
CA PHE C 81 -63.42 17.96 31.81
C PHE C 81 -64.16 17.58 33.08
N VAL C 82 -63.39 17.31 34.14
CA VAL C 82 -64.00 16.85 35.39
C VAL C 82 -64.38 18.03 36.28
N THR C 83 -63.46 19.00 36.42
CA THR C 83 -63.71 20.19 37.22
C THR C 83 -63.35 21.43 36.40
N GLN C 84 -64.01 22.54 36.74
CA GLN C 84 -63.75 23.79 36.03
C GLN C 84 -62.32 24.26 36.25
N GLU C 85 -61.82 24.19 37.49
CA GLU C 85 -60.45 24.63 37.77
C GLU C 85 -59.43 23.79 37.00
N GLU C 86 -59.70 22.49 36.88
CA GLU C 86 -58.89 21.65 36.00
C GLU C 86 -58.92 22.18 34.57
N ALA C 87 -60.12 22.55 34.09
CA ALA C 87 -60.25 23.10 32.75
C ALA C 87 -59.50 24.43 32.61
N ASP C 88 -59.59 25.29 33.63
CA ASP C 88 -58.85 26.55 33.58
C ASP C 88 -57.35 26.32 33.52
N ARG C 89 -56.83 25.35 34.29
CA ARG C 89 -55.40 25.12 34.28
C ARG C 89 -54.98 24.48 32.97
N PHE C 90 -55.90 23.78 32.30
CA PHE C 90 -55.63 23.29 30.95
C PHE C 90 -55.37 24.46 30.00
N LEU C 91 -56.06 25.58 30.19
CA LEU C 91 -55.78 26.75 29.36
C LEU C 91 -54.38 27.28 29.63
N GLU C 92 -53.96 27.30 30.89
CA GLU C 92 -52.60 27.71 31.22
C GLU C 92 -51.59 26.73 30.63
N LYS C 93 -51.98 25.47 30.47
CA LYS C 93 -51.13 24.51 29.76
C LYS C 93 -50.95 24.93 28.31
N TYR C 94 -52.02 25.41 27.68
CA TYR C 94 -51.92 25.92 26.31
C TYR C 94 -51.02 27.16 26.28
N THR C 95 -51.17 28.05 27.26
CA THR C 95 -50.31 29.23 27.45
C THR C 95 -50.03 29.98 26.15
N THR C 96 -51.02 29.96 25.24
CA THR C 96 -50.99 30.64 23.96
C THR C 96 -49.80 30.24 23.08
N THR C 97 -49.30 29.03 23.22
CA THR C 97 -48.44 28.42 22.20
C THR C 97 -49.28 27.38 21.47
N ALA C 98 -49.31 27.45 20.15
CA ALA C 98 -50.26 26.68 19.36
C ALA C 98 -50.01 25.19 19.53
N LEU C 99 -50.89 24.52 20.26
CA LEU C 99 -50.85 23.07 20.34
C LEU C 99 -51.11 22.47 18.97
N LYS C 100 -50.34 21.44 18.63
CA LYS C 100 -50.41 20.83 17.31
C LYS C 100 -50.73 19.36 17.44
N VAL C 101 -51.81 18.92 16.79
CA VAL C 101 -52.12 17.52 16.60
C VAL C 101 -51.96 17.23 15.11
N GLN C 102 -51.28 16.12 14.80
CA GLN C 102 -50.79 15.85 13.45
C GLN C 102 -49.97 17.07 13.04
N GLY C 103 -50.19 17.65 11.87
CA GLY C 103 -49.39 18.75 11.40
C GLY C 103 -50.03 20.13 11.47
N ARG C 104 -51.30 20.22 11.84
CA ARG C 104 -52.04 21.48 11.77
C ARG C 104 -52.18 22.09 13.15
N LYS C 105 -51.89 23.39 13.25
CA LYS C 105 -52.10 24.12 14.48
C LYS C 105 -53.59 24.16 14.80
N VAL C 106 -53.93 23.99 16.07
CA VAL C 106 -55.31 23.96 16.52
C VAL C 106 -55.56 25.19 17.38
N ARG C 107 -56.71 25.83 17.19
CA ARG C 107 -57.12 26.91 18.05
C ARG C 107 -58.07 26.41 19.11
N MET C 108 -58.03 27.03 20.29
CA MET C 108 -58.73 26.51 21.45
C MET C 108 -59.51 27.65 22.10
N GLY C 109 -60.77 27.37 22.40
CA GLY C 109 -61.63 28.33 23.07
C GLY C 109 -62.66 27.61 23.91
N LYS C 110 -63.06 28.26 24.99
CA LYS C 110 -64.04 27.67 25.89
C LYS C 110 -65.42 27.63 25.24
N ALA C 111 -66.07 26.48 25.33
CA ALA C 111 -67.38 26.29 24.73
C ALA C 111 -68.42 27.17 25.42
N ARG C 112 -69.44 27.56 24.65
CA ARG C 112 -70.48 28.43 25.17
C ARG C 112 -71.37 27.72 26.19
N THR C 113 -71.47 26.39 26.12
CA THR C 113 -72.29 25.64 27.06
C THR C 113 -71.59 24.32 27.38
N ASN C 114 -71.59 23.94 28.64
CA ASN C 114 -70.97 22.70 29.06
C ASN C 114 -71.72 21.50 28.49
N SER C 115 -71.00 20.39 28.35
CA SER C 115 -71.56 19.19 27.74
C SER C 115 -72.63 18.57 28.62
N LEU C 116 -73.31 17.57 28.06
CA LEU C 116 -74.37 16.88 28.81
C LEU C 116 -73.81 16.15 30.02
N LEU C 117 -72.65 15.51 29.86
CA LEU C 117 -72.03 14.85 31.00
C LEU C 117 -71.67 15.85 32.10
N GLY C 118 -71.09 17.00 31.72
CA GLY C 118 -70.79 18.02 32.70
C GLY C 118 -72.04 18.54 33.38
N LEU C 119 -73.13 18.66 32.62
CA LEU C 119 -74.41 19.05 33.21
C LEU C 119 -74.87 18.02 34.24
N SER C 120 -74.70 16.73 33.94
CA SER C 120 -75.06 15.70 34.90
C SER C 120 -74.22 15.81 36.17
N ILE C 121 -72.91 16.02 36.03
CA ILE C 121 -72.07 16.16 37.22
C ILE C 121 -72.48 17.39 38.02
N GLU C 122 -72.81 18.49 37.34
CA GLU C 122 -73.27 19.68 38.03
C GLU C 122 -74.58 19.42 38.77
N MET C 123 -75.49 18.66 38.15
CA MET C 123 -76.79 18.41 38.76
C MET C 123 -76.66 17.49 39.97
N GLN C 124 -75.74 16.52 39.93
CA GLN C 124 -75.51 15.70 41.11
C GLN C 124 -74.59 16.39 42.12
N LYS C 125 -73.97 17.49 41.75
CA LYS C 125 -73.08 18.21 42.65
C LYS C 125 -73.43 19.69 42.71
N TYR C 133 -83.92 15.00 39.99
CA TYR C 133 -83.56 14.51 38.67
C TYR C 133 -84.41 15.17 37.58
N ASN C 134 -84.98 16.33 37.91
CA ASN C 134 -85.80 17.04 36.94
C ASN C 134 -84.98 17.57 35.78
N LEU C 135 -83.74 18.00 36.03
CA LEU C 135 -82.89 18.51 34.96
C LEU C 135 -82.62 17.43 33.93
N ASP C 136 -82.55 16.17 34.36
CA ASP C 136 -82.33 15.07 33.42
C ASP C 136 -83.51 14.90 32.48
N ILE C 137 -84.72 14.89 33.03
CA ILE C 137 -85.91 14.66 32.21
C ILE C 137 -86.13 15.80 31.24
N LYS C 138 -85.88 17.04 31.68
CA LYS C 138 -86.02 18.19 30.80
C LYS C 138 -85.07 18.10 29.61
N LYS C 139 -83.84 17.65 29.85
CA LYS C 139 -82.88 17.53 28.76
C LYS C 139 -83.33 16.51 27.71
N VAL C 140 -83.78 15.34 28.16
CA VAL C 140 -84.21 14.30 27.23
C VAL C 140 -85.50 14.72 26.53
N LEU C 141 -86.34 15.51 27.21
CA LEU C 141 -87.53 16.05 26.54
C LEU C 141 -87.16 17.12 25.52
N LYS C 142 -86.09 17.87 25.76
CA LYS C 142 -85.64 18.85 24.78
C LYS C 142 -85.13 18.17 23.52
N ALA C 143 -84.64 16.93 23.66
CA ALA C 143 -84.09 16.24 22.50
C ALA C 143 -85.16 16.01 21.43
N ARG C 144 -86.38 15.72 21.85
CA ARG C 144 -87.42 15.42 20.87
C ARG C 144 -87.79 16.65 20.06
N LYS C 145 -88.00 17.79 20.72
CA LYS C 145 -88.52 18.97 20.05
C LYS C 145 -87.56 19.48 18.98
N LEU C 146 -86.26 19.45 19.26
CA LEU C 146 -85.28 19.95 18.30
C LEU C 146 -84.96 18.96 17.20
N LYS C 147 -85.30 17.68 17.38
CA LYS C 147 -85.07 16.68 16.34
C LYS C 147 -86.16 16.72 15.28
N MET D 1 9.77 -44.03 -0.80
CA MET D 1 10.31 -42.72 -1.14
C MET D 1 9.20 -41.70 -1.36
N ASP D 2 9.15 -40.69 -0.50
CA ASP D 2 8.14 -39.65 -0.61
C ASP D 2 8.67 -38.50 -1.46
N LYS D 3 7.76 -37.59 -1.82
CA LYS D 3 8.15 -36.43 -2.62
C LYS D 3 9.14 -35.55 -1.89
N TYR D 4 8.92 -35.30 -0.59
CA TYR D 4 9.81 -34.42 0.16
C TYR D 4 11.20 -35.01 0.28
N THR D 5 11.30 -36.31 0.62
CA THR D 5 12.60 -36.94 0.74
C THR D 5 13.29 -37.05 -0.62
N ALA D 6 12.54 -37.35 -1.67
CA ALA D 6 13.12 -37.38 -3.01
C ALA D 6 13.69 -36.03 -3.41
N LEU D 7 12.97 -34.95 -3.08
CA LEU D 7 13.51 -33.61 -3.31
C LEU D 7 14.77 -33.36 -2.50
N ILE D 8 14.75 -33.72 -1.22
CA ILE D 8 15.85 -33.39 -0.33
C ILE D 8 17.08 -34.24 -0.61
N HIS D 9 16.92 -35.38 -1.28
CA HIS D 9 18.05 -36.19 -1.72
C HIS D 9 18.44 -35.92 -3.16
N ASP D 10 17.79 -34.96 -3.80
CA ASP D 10 18.20 -34.52 -5.13
C ASP D 10 19.48 -33.71 -5.04
N GLU D 11 20.35 -33.86 -6.04
CA GLU D 11 21.63 -33.18 -6.01
C GLU D 11 21.49 -31.69 -6.32
N ASN D 12 20.55 -31.33 -7.20
CA ASN D 12 20.40 -29.92 -7.58
C ASN D 12 20.02 -29.06 -6.38
N PHE D 13 19.29 -29.64 -5.42
CA PHE D 13 18.92 -28.88 -4.24
C PHE D 13 20.15 -28.42 -3.46
N SER D 14 21.15 -29.29 -3.31
CA SER D 14 22.35 -28.91 -2.59
C SER D 14 23.08 -27.78 -3.31
N THR D 15 23.21 -27.87 -4.64
CA THR D 15 23.92 -26.84 -5.38
C THR D 15 23.21 -25.50 -5.30
N LEU D 16 21.89 -25.49 -5.50
CA LEU D 16 21.14 -24.24 -5.41
C LEU D 16 21.21 -23.63 -4.02
N THR D 17 21.07 -24.46 -2.98
CA THR D 17 21.07 -23.93 -1.63
C THR D 17 22.47 -23.43 -1.24
N LEU D 18 23.51 -24.09 -1.73
CA LEU D 18 24.87 -23.60 -1.50
C LEU D 18 25.15 -22.28 -2.22
N ASN D 19 24.68 -22.13 -3.46
CA ASN D 19 24.82 -20.85 -4.11
C ASN D 19 24.11 -19.75 -3.33
N VAL D 20 22.90 -20.05 -2.84
CA VAL D 20 22.16 -19.06 -2.05
C VAL D 20 22.90 -18.70 -0.78
N SER D 21 23.42 -19.71 -0.07
CA SER D 21 24.11 -19.44 1.20
C SER D 21 25.46 -18.77 1.00
N ARG D 22 26.11 -19.00 -0.15
CA ARG D 22 27.39 -18.37 -0.42
C ARG D 22 27.25 -16.92 -0.87
N TYR D 23 26.17 -16.62 -1.60
CA TYR D 23 25.92 -15.27 -2.12
C TYR D 23 24.55 -14.80 -1.65
N PRO D 24 24.43 -14.39 -0.39
CA PRO D 24 23.11 -14.01 0.15
C PRO D 24 22.50 -12.80 -0.52
N LYS D 25 23.27 -11.93 -1.16
CA LYS D 25 22.79 -10.63 -1.60
C LYS D 25 22.68 -10.50 -3.11
N SER D 26 22.56 -11.61 -3.83
CA SER D 26 22.43 -11.55 -5.28
C SER D 26 20.99 -11.59 -5.78
N LEU D 27 20.14 -12.39 -5.13
CA LEU D 27 18.72 -12.52 -5.40
C LEU D 27 18.44 -13.25 -6.70
N ALA D 28 19.45 -13.43 -7.54
CA ALA D 28 19.30 -14.32 -8.68
C ALA D 28 19.28 -15.77 -8.23
N TYR D 29 20.24 -16.14 -7.37
CA TYR D 29 20.24 -17.48 -6.80
C TYR D 29 19.05 -17.69 -5.87
N TRP D 30 18.68 -16.66 -5.11
CA TRP D 30 17.47 -16.74 -4.29
C TRP D 30 16.26 -17.08 -5.14
N GLU D 31 16.04 -16.33 -6.23
CA GLU D 31 14.84 -16.52 -7.03
C GLU D 31 14.91 -17.85 -7.77
N LYS D 32 16.09 -18.27 -8.21
CA LYS D 32 16.22 -19.57 -8.85
C LYS D 32 15.87 -20.70 -7.89
N LEU D 33 16.38 -20.62 -6.65
CA LEU D 33 16.07 -21.65 -5.66
C LEU D 33 14.58 -21.67 -5.34
N LEU D 34 13.97 -20.50 -5.20
CA LEU D 34 12.54 -20.47 -4.88
C LEU D 34 11.71 -21.03 -6.03
N ASN D 35 12.06 -20.69 -7.27
CA ASN D 35 11.36 -21.26 -8.41
C ASN D 35 11.51 -22.78 -8.44
N TYR D 36 12.71 -23.28 -8.14
CA TYR D 36 12.91 -24.73 -8.12
C TYR D 36 12.07 -25.40 -7.04
N ILE D 37 12.08 -24.86 -5.82
CA ILE D 37 11.38 -25.51 -4.72
C ILE D 37 9.87 -25.49 -4.96
N VAL D 38 9.38 -24.39 -5.56
CA VAL D 38 7.96 -24.33 -5.88
C VAL D 38 7.60 -25.29 -7.00
N LYS D 39 8.44 -25.35 -8.05
CA LYS D 39 8.13 -26.19 -9.20
C LYS D 39 8.21 -27.68 -8.87
N ALA D 40 9.09 -28.07 -7.95
CA ALA D 40 9.20 -29.47 -7.59
C ALA D 40 7.95 -29.99 -6.88
N SER D 41 7.07 -29.11 -6.43
CA SER D 41 5.76 -29.50 -5.94
C SER D 41 4.78 -29.30 -7.09
N ALA D 42 4.57 -30.34 -7.89
CA ALA D 42 3.71 -30.19 -9.07
C ALA D 42 2.28 -29.83 -8.69
N PRO D 43 1.59 -30.54 -7.79
CA PRO D 43 0.29 -30.05 -7.33
C PRO D 43 0.40 -29.21 -6.06
N ILE D 44 -0.14 -28.00 -6.10
CA ILE D 44 -0.28 -27.19 -4.88
C ILE D 44 -1.70 -27.33 -4.38
N CYS D 45 -1.88 -28.01 -3.24
CA CYS D 45 -3.19 -28.29 -2.70
C CYS D 45 -3.08 -28.47 -1.19
N LYS D 46 -4.20 -28.81 -0.57
CA LYS D 46 -4.25 -28.99 0.88
C LYS D 46 -3.70 -30.34 1.33
N SER D 47 -3.46 -31.26 0.40
CA SER D 47 -3.07 -32.62 0.75
C SER D 47 -1.60 -32.90 0.48
N THR D 48 -0.85 -31.94 -0.06
CA THR D 48 0.56 -32.16 -0.31
C THR D 48 1.32 -32.22 1.01
N GLU D 49 2.59 -32.62 0.92
CA GLU D 49 3.35 -32.98 2.09
C GLU D 49 3.48 -31.79 3.06
N PRO D 50 3.11 -31.96 4.33
CA PRO D 50 3.28 -30.86 5.28
C PRO D 50 4.72 -30.42 5.44
N GLN D 51 5.68 -31.36 5.38
CA GLN D 51 7.08 -30.96 5.45
C GLN D 51 7.47 -30.12 4.25
N LEU D 52 6.99 -30.49 3.06
CA LEU D 52 7.30 -29.71 1.86
C LEU D 52 6.67 -28.32 1.95
N LEU D 53 5.45 -28.22 2.48
CA LEU D 53 4.83 -26.91 2.65
C LEU D 53 5.60 -26.06 3.65
N LYS D 54 6.05 -26.66 4.76
CA LYS D 54 6.83 -25.92 5.73
C LYS D 54 8.14 -25.44 5.13
N LEU D 55 8.77 -26.27 4.30
CA LEU D 55 10.00 -25.87 3.62
C LEU D 55 9.75 -24.68 2.69
N ILE D 56 8.67 -24.73 1.91
CA ILE D 56 8.36 -23.63 1.01
C ILE D 56 8.12 -22.34 1.79
N ARG D 57 7.36 -22.45 2.88
CA ARG D 57 7.09 -21.29 3.73
C ARG D 57 8.37 -20.70 4.29
N CYS D 58 9.28 -21.55 4.77
CA CYS D 58 10.52 -21.06 5.35
C CYS D 58 11.42 -20.43 4.29
N THR D 59 11.45 -21.00 3.09
CA THR D 59 12.22 -20.39 2.01
C THR D 59 11.69 -18.99 1.67
N TYR D 60 10.36 -18.86 1.54
CA TYR D 60 9.79 -17.55 1.25
C TYR D 60 10.08 -16.57 2.37
N SER D 61 9.95 -17.01 3.62
CA SER D 61 10.20 -16.11 4.75
C SER D 61 11.66 -15.67 4.80
N SER D 62 12.60 -16.58 4.51
CA SER D 62 14.00 -16.20 4.51
C SER D 62 14.31 -15.19 3.41
N MET D 63 13.77 -15.39 2.21
CA MET D 63 14.02 -14.41 1.17
C MET D 63 13.41 -13.05 1.53
N LEU D 64 12.19 -13.03 2.06
CA LEU D 64 11.58 -11.77 2.45
C LEU D 64 12.29 -11.10 3.62
N ASN D 65 12.96 -11.87 4.48
CA ASN D 65 13.81 -11.26 5.49
C ASN D 65 15.09 -10.70 4.89
N GLU D 66 15.61 -11.35 3.85
CA GLU D 66 16.86 -10.88 3.24
C GLU D 66 16.63 -9.61 2.41
N PHE D 67 15.54 -9.56 1.65
CA PHE D 67 15.23 -8.41 0.78
C PHE D 67 13.87 -7.87 1.19
N PRO D 68 13.83 -6.87 2.07
CA PRO D 68 12.54 -6.41 2.62
C PRO D 68 11.69 -5.61 1.64
N TYR D 69 12.23 -5.20 0.50
CA TYR D 69 11.52 -4.27 -0.39
C TYR D 69 10.95 -4.93 -1.64
N LEU D 70 10.72 -6.24 -1.61
CA LEU D 70 10.12 -6.94 -2.76
C LEU D 70 8.62 -7.03 -2.55
N GLU D 71 7.87 -6.09 -3.12
CA GLU D 71 6.41 -6.10 -3.00
C GLU D 71 5.81 -7.35 -3.65
N ASN D 72 6.31 -7.71 -4.83
CA ASN D 72 5.69 -8.78 -5.58
C ASN D 72 5.83 -10.12 -4.87
N TYR D 73 6.95 -10.36 -4.19
CA TYR D 73 7.07 -11.59 -3.44
C TYR D 73 6.25 -11.61 -2.17
N TYR D 74 6.07 -10.47 -1.50
CA TYR D 74 5.07 -10.41 -0.42
C TYR D 74 3.71 -10.84 -0.93
N ILE D 75 3.28 -10.26 -2.06
CA ILE D 75 1.96 -10.58 -2.60
C ILE D 75 1.88 -12.05 -3.01
N ASP D 76 2.93 -12.57 -3.65
CA ASP D 76 2.91 -13.96 -4.10
C ASP D 76 2.87 -14.93 -2.93
N PHE D 77 3.67 -14.67 -1.90
CA PHE D 77 3.65 -15.52 -0.71
C PHE D 77 2.29 -15.50 -0.04
N ALA D 78 1.68 -14.31 0.08
CA ALA D 78 0.36 -14.23 0.69
C ALA D 78 -0.69 -14.96 -0.14
N LEU D 79 -0.61 -14.84 -1.47
CA LEU D 79 -1.56 -15.54 -2.33
C LEU D 79 -1.39 -17.05 -2.26
N LEU D 80 -0.14 -17.53 -2.21
CA LEU D 80 0.09 -18.96 -2.08
C LEU D 80 -0.47 -19.49 -0.75
N GLU D 81 -0.22 -18.77 0.33
CA GLU D 81 -0.77 -19.16 1.62
C GLU D 81 -2.29 -19.11 1.63
N TYR D 82 -2.88 -18.16 0.91
CA TYR D 82 -4.33 -18.13 0.71
C TYR D 82 -4.81 -19.38 -0.03
N LYS D 83 -4.08 -19.77 -1.07
CA LYS D 83 -4.44 -20.97 -1.83
C LYS D 83 -4.38 -22.21 -0.95
N LEU D 84 -3.42 -22.26 -0.02
CA LEU D 84 -3.30 -23.42 0.85
C LEU D 84 -4.50 -23.60 1.77
N GLY D 85 -5.36 -22.59 1.91
CA GLY D 85 -6.62 -22.74 2.60
C GLY D 85 -6.82 -21.83 3.80
N ASN D 86 -5.76 -21.45 4.49
CA ASN D 86 -5.87 -20.63 5.69
C ASN D 86 -5.66 -19.17 5.31
N VAL D 87 -6.47 -18.27 5.88
CA VAL D 87 -6.37 -16.85 5.57
C VAL D 87 -5.82 -16.02 6.73
N SER D 88 -5.78 -16.57 7.94
CA SER D 88 -5.19 -15.81 9.05
C SER D 88 -3.72 -15.53 8.80
N MET D 89 -2.97 -16.55 8.36
CA MET D 89 -1.56 -16.33 8.08
C MET D 89 -1.37 -15.47 6.83
N SER D 90 -2.33 -15.49 5.91
CA SER D 90 -2.28 -14.56 4.79
C SER D 90 -2.42 -13.12 5.26
N HIS D 91 -3.35 -12.86 6.19
CA HIS D 91 -3.48 -11.53 6.77
C HIS D 91 -2.19 -11.14 7.47
N LYS D 92 -1.60 -12.07 8.22
CA LYS D 92 -0.34 -11.78 8.91
C LYS D 92 0.77 -11.45 7.93
N ILE D 93 0.86 -12.18 6.82
CA ILE D 93 1.87 -11.90 5.81
C ILE D 93 1.68 -10.52 5.20
N PHE D 94 0.43 -10.17 4.86
CA PHE D 94 0.19 -8.85 4.29
C PHE D 94 0.51 -7.74 5.27
N GLN D 95 0.15 -7.91 6.53
CA GLN D 95 0.45 -6.87 7.52
C GLN D 95 1.96 -6.75 7.76
N ARG D 96 2.69 -7.86 7.76
CA ARG D 96 4.14 -7.79 7.87
C ARG D 96 4.74 -7.07 6.67
N GLY D 97 4.23 -7.36 5.46
CA GLY D 97 4.69 -6.65 4.29
C GLY D 97 4.42 -5.16 4.34
N LEU D 98 3.24 -4.77 4.83
CA LEU D 98 2.94 -3.36 4.99
C LEU D 98 3.86 -2.71 6.01
N GLN D 99 4.14 -3.38 7.12
CA GLN D 99 5.04 -2.82 8.11
C GLN D 99 6.46 -2.67 7.57
N ALA D 100 6.87 -3.57 6.67
CA ALA D 100 8.22 -3.48 6.10
C ALA D 100 8.39 -2.21 5.28
N PHE D 101 7.30 -1.61 4.79
CA PHE D 101 7.35 -0.38 4.00
C PHE D 101 6.93 0.83 4.81
N ASN D 102 6.77 0.68 6.13
CA ASN D 102 6.21 1.72 6.98
C ASN D 102 4.85 2.18 6.48
N GLN D 103 4.00 1.23 6.09
CA GLN D 103 2.60 1.39 5.71
C GLN D 103 2.39 2.17 4.42
N ARG D 104 3.45 2.59 3.72
CA ARG D 104 3.31 3.41 2.52
C ARG D 104 3.80 2.62 1.31
N SER D 105 2.91 1.84 0.73
CA SER D 105 3.21 1.05 -0.46
C SER D 105 1.93 0.81 -1.24
N LEU D 106 1.83 1.46 -2.40
CA LEU D 106 0.57 1.45 -3.15
C LEU D 106 0.22 0.06 -3.65
N LEU D 107 1.18 -0.68 -4.20
CA LEU D 107 0.87 -2.01 -4.73
C LEU D 107 0.42 -2.95 -3.62
N LEU D 108 1.12 -2.94 -2.49
CA LEU D 108 0.72 -3.78 -1.38
C LEU D 108 -0.65 -3.39 -0.84
N TRP D 109 -0.94 -2.09 -0.71
CA TRP D 109 -2.25 -1.68 -0.22
C TRP D 109 -3.34 -2.08 -1.20
N THR D 110 -3.11 -1.91 -2.49
CA THR D 110 -4.12 -2.27 -3.48
C THR D 110 -4.41 -3.77 -3.45
N SER D 111 -3.36 -4.60 -3.49
CA SER D 111 -3.58 -6.04 -3.46
C SER D 111 -4.19 -6.48 -2.13
N TYR D 112 -3.76 -5.89 -1.02
CA TYR D 112 -4.32 -6.23 0.27
C TYR D 112 -5.79 -5.92 0.36
N LEU D 113 -6.22 -4.76 -0.15
CA LEU D 113 -7.64 -4.42 -0.08
C LEU D 113 -8.46 -5.25 -1.06
N LYS D 114 -7.91 -5.53 -2.24
CA LYS D 114 -8.62 -6.39 -3.18
C LYS D 114 -8.85 -7.78 -2.59
N PHE D 115 -7.85 -8.31 -1.88
CA PHE D 115 -8.02 -9.57 -1.17
C PHE D 115 -8.97 -9.41 0.02
N CYS D 116 -8.93 -8.25 0.67
CA CYS D 116 -9.68 -8.02 1.90
C CYS D 116 -11.18 -7.99 1.63
N ASN D 117 -11.57 -7.43 0.48
CA ASN D 117 -13.00 -7.29 0.15
C ASN D 117 -13.71 -8.64 0.18
N ASN D 118 -13.05 -9.68 -0.35
CA ASN D 118 -13.69 -10.98 -0.44
C ASN D 118 -13.78 -11.67 0.93
N VAL D 119 -12.89 -11.32 1.85
CA VAL D 119 -12.66 -12.12 3.05
C VAL D 119 -13.29 -11.52 4.30
N ILE D 120 -13.14 -10.23 4.55
CA ILE D 120 -13.56 -9.69 5.85
C ILE D 120 -15.06 -9.84 6.06
N SER D 121 -15.86 -9.42 5.08
CA SER D 121 -17.31 -9.55 5.16
C SER D 121 -17.86 -8.92 6.44
N HIS D 122 -17.37 -7.73 6.77
CA HIS D 122 -17.90 -6.97 7.91
C HIS D 122 -17.74 -5.50 7.56
N GLN D 123 -18.87 -4.80 7.40
CA GLN D 123 -18.87 -3.47 6.82
C GLN D 123 -18.00 -2.50 7.61
N LYS D 124 -18.18 -2.46 8.93
CA LYS D 124 -17.46 -1.50 9.75
C LYS D 124 -15.95 -1.72 9.68
N GLN D 125 -15.51 -2.97 9.82
CA GLN D 125 -14.08 -3.26 9.80
C GLN D 125 -13.48 -3.02 8.42
N LEU D 126 -14.19 -3.41 7.36
CA LEU D 126 -13.67 -3.18 6.01
C LEU D 126 -13.54 -1.69 5.73
N PHE D 127 -14.55 -0.90 6.10
CA PHE D 127 -14.46 0.53 5.84
C PHE D 127 -13.41 1.20 6.72
N LYS D 128 -13.22 0.72 7.95
CA LYS D 128 -12.13 1.25 8.77
C LYS D 128 -10.78 0.94 8.16
N LYS D 129 -10.61 -0.27 7.59
CA LYS D 129 -9.38 -0.57 6.86
C LYS D 129 -9.18 0.39 5.70
N TYR D 130 -10.25 0.69 4.96
CA TYR D 130 -10.13 1.65 3.86
C TYR D 130 -9.73 3.04 4.35
N GLU D 131 -10.34 3.53 5.44
CA GLU D 131 -9.95 4.84 5.96
C GLU D 131 -8.50 4.85 6.41
N THR D 132 -8.05 3.77 7.06
CA THR D 132 -6.66 3.70 7.46
C THR D 132 -5.73 3.71 6.26
N ALA D 133 -6.08 2.97 5.21
CA ALA D 133 -5.24 2.90 4.03
C ALA D 133 -5.17 4.24 3.30
N GLU D 134 -6.29 4.96 3.22
CA GLU D 134 -6.28 6.22 2.48
C GLU D 134 -5.45 7.28 3.16
N GLU D 135 -5.39 7.29 4.50
CA GLU D 135 -4.55 8.23 5.21
C GLU D 135 -3.08 8.08 4.84
N TYR D 136 -2.62 6.86 4.63
CA TYR D 136 -1.21 6.63 4.32
C TYR D 136 -0.90 6.75 2.83
N VAL D 137 -1.72 6.16 1.96
CA VAL D 137 -1.36 6.00 0.57
C VAL D 137 -2.34 6.68 -0.38
N GLY D 138 -3.22 7.53 0.14
CA GLY D 138 -4.23 8.15 -0.71
C GLY D 138 -3.70 9.21 -1.65
N LEU D 139 -2.66 9.93 -1.25
CA LEU D 139 -2.15 11.06 -2.01
C LEU D 139 -1.13 10.66 -3.06
N HIS D 140 -0.91 9.36 -3.26
CA HIS D 140 -0.03 8.88 -4.32
C HIS D 140 -0.43 9.49 -5.65
N PHE D 141 0.56 9.75 -6.50
CA PHE D 141 0.26 10.26 -7.84
C PHE D 141 -0.51 9.24 -8.66
N PHE D 142 -0.14 7.97 -8.54
CA PHE D 142 -0.78 6.89 -9.28
C PHE D 142 -1.86 6.18 -8.47
N SER D 143 -2.52 6.89 -7.56
CA SER D 143 -3.46 6.31 -6.62
C SER D 143 -4.86 6.16 -7.20
N GLY D 144 -5.01 6.15 -8.52
CA GLY D 144 -6.33 6.00 -9.11
C GLY D 144 -6.99 4.67 -8.78
N GLU D 145 -6.21 3.58 -8.76
CA GLU D 145 -6.76 2.26 -8.51
C GLU D 145 -7.35 2.14 -7.11
N PHE D 146 -6.65 2.68 -6.11
CA PHE D 146 -7.16 2.61 -4.74
C PHE D 146 -8.47 3.36 -4.60
N TRP D 147 -8.57 4.55 -5.19
CA TRP D 147 -9.81 5.30 -5.11
C TRP D 147 -10.92 4.63 -5.90
N ASP D 148 -10.58 3.98 -7.02
CA ASP D 148 -11.60 3.22 -7.75
C ASP D 148 -12.14 2.09 -6.89
N LEU D 149 -11.26 1.37 -6.19
CA LEU D 149 -11.71 0.32 -5.29
C LEU D 149 -12.60 0.88 -4.20
N TYR D 150 -12.19 2.00 -3.59
CA TYR D 150 -12.99 2.59 -2.52
C TYR D 150 -14.37 3.01 -3.02
N LEU D 151 -14.43 3.67 -4.18
CA LEU D 151 -15.71 4.11 -4.72
C LEU D 151 -16.61 2.94 -5.10
N GLU D 152 -16.06 1.90 -5.71
CA GLU D 152 -16.91 0.75 -6.05
C GLU D 152 -17.41 0.05 -4.80
N GLN D 153 -16.58 -0.05 -3.75
CA GLN D 153 -17.05 -0.65 -2.51
C GLN D 153 -18.17 0.18 -1.89
N ILE D 154 -18.01 1.51 -1.87
CA ILE D 154 -19.04 2.36 -1.30
C ILE D 154 -20.34 2.23 -2.08
N SER D 155 -20.25 2.30 -3.42
CA SER D 155 -21.43 2.19 -4.26
C SER D 155 -22.09 0.82 -4.17
N SER D 156 -21.33 -0.23 -3.87
CA SER D 156 -21.92 -1.56 -3.76
C SER D 156 -22.53 -1.83 -2.39
N ARG D 157 -21.94 -1.31 -1.32
CA ARG D 157 -22.44 -1.62 0.02
C ARG D 157 -23.39 -0.56 0.56
N CYS D 158 -23.00 0.71 0.54
CA CYS D 158 -23.80 1.75 1.17
C CYS D 158 -25.11 1.94 0.43
N THR D 159 -26.17 2.26 1.20
CA THR D 159 -27.47 2.51 0.63
C THR D 159 -27.98 3.93 0.88
N SER D 160 -27.40 4.65 1.84
CA SER D 160 -27.80 6.02 2.11
C SER D 160 -27.29 7.00 1.05
N SER D 161 -26.18 6.67 0.39
CA SER D 161 -25.60 7.44 -0.71
C SER D 161 -25.15 8.83 -0.30
N LYS D 162 -24.78 9.04 0.97
CA LYS D 162 -24.13 10.28 1.36
C LYS D 162 -22.62 10.12 1.46
N LYS D 163 -22.14 8.94 1.87
CA LYS D 163 -20.71 8.70 1.91
C LYS D 163 -20.09 8.76 0.52
N TYR D 164 -20.84 8.38 -0.51
CA TYR D 164 -20.34 8.50 -1.88
C TYR D 164 -20.01 9.95 -2.22
N TRP D 165 -20.93 10.87 -1.92
CA TRP D 165 -20.64 12.28 -2.12
C TRP D 165 -19.48 12.75 -1.26
N ASN D 166 -19.47 12.35 0.01
CA ASN D 166 -18.46 12.83 0.94
C ASN D 166 -17.07 12.31 0.59
N VAL D 167 -16.98 11.22 -0.17
CA VAL D 167 -15.68 10.70 -0.57
C VAL D 167 -15.27 11.24 -1.93
N LEU D 168 -16.22 11.34 -2.88
CA LEU D 168 -15.89 11.90 -4.17
C LEU D 168 -15.53 13.38 -4.06
N ARG D 169 -16.10 14.09 -3.09
CA ARG D 169 -15.71 15.48 -2.86
C ARG D 169 -14.25 15.58 -2.46
N LYS D 170 -13.77 14.70 -1.60
CA LYS D 170 -12.35 14.70 -1.25
C LYS D 170 -11.50 14.29 -2.45
N ILE D 171 -11.95 13.29 -3.21
CA ILE D 171 -11.18 12.83 -4.36
C ILE D 171 -11.01 13.95 -5.38
N LEU D 172 -12.01 14.82 -5.49
CA LEU D 172 -11.98 15.89 -6.50
C LEU D 172 -10.79 16.83 -6.36
N GLU D 173 -10.18 16.91 -5.17
CA GLU D 173 -9.12 17.88 -4.93
C GLU D 173 -7.72 17.30 -4.93
N ILE D 174 -7.59 15.99 -4.85
CA ILE D 174 -6.26 15.37 -4.85
C ILE D 174 -5.71 15.36 -6.28
N PRO D 175 -4.50 15.85 -6.51
CA PRO D 175 -3.92 15.85 -7.87
C PRO D 175 -3.43 14.47 -8.30
N LEU D 176 -4.37 13.61 -8.68
CA LEU D 176 -4.05 12.27 -9.12
C LEU D 176 -3.68 12.26 -10.60
N HIS D 177 -3.19 11.10 -11.05
CA HIS D 177 -2.87 10.93 -12.46
C HIS D 177 -4.14 10.86 -13.31
N SER D 178 -5.20 10.29 -12.74
CA SER D 178 -6.45 10.05 -13.45
C SER D 178 -7.59 10.87 -12.85
N PHE D 179 -7.31 12.14 -12.54
CA PHE D 179 -8.34 13.03 -12.00
C PHE D 179 -9.49 13.21 -12.98
N SER D 180 -9.24 13.00 -14.27
CA SER D 180 -10.29 13.21 -15.27
C SER D 180 -11.44 12.22 -15.10
N LYS D 181 -11.12 10.98 -14.75
CA LYS D 181 -12.18 9.99 -14.57
C LYS D 181 -13.10 10.37 -13.42
N PHE D 182 -12.53 10.80 -12.30
CA PHE D 182 -13.35 11.22 -11.17
C PHE D 182 -14.11 12.50 -11.44
N TYR D 183 -13.53 13.43 -12.21
CA TYR D 183 -14.29 14.60 -12.59
C TYR D 183 -15.45 14.26 -13.52
N ALA D 184 -15.26 13.29 -14.42
CA ALA D 184 -16.36 12.84 -15.25
C ALA D 184 -17.45 12.17 -14.43
N LEU D 185 -17.06 11.37 -13.43
CA LEU D 185 -18.05 10.79 -12.52
C LEU D 185 -18.83 11.88 -11.81
N TRP D 186 -18.13 12.90 -11.30
CA TRP D 186 -18.79 13.99 -10.62
C TRP D 186 -19.76 14.73 -11.54
N LEU D 187 -19.33 15.01 -12.77
CA LEU D 187 -20.19 15.73 -13.70
C LEU D 187 -21.43 14.94 -14.04
N GLN D 188 -21.27 13.65 -14.36
CA GLN D 188 -22.44 12.82 -14.67
C GLN D 188 -23.38 12.71 -13.48
N ARG D 189 -22.82 12.51 -12.29
CA ARG D 189 -23.64 12.33 -11.09
C ARG D 189 -24.36 13.61 -10.69
N ILE D 190 -23.78 14.78 -10.97
CA ILE D 190 -24.49 16.03 -10.76
C ILE D 190 -25.50 16.27 -11.88
N ASP D 191 -25.24 15.70 -13.06
CA ASP D 191 -26.15 15.89 -14.18
C ASP D 191 -27.39 15.03 -14.05
N ASP D 192 -27.31 13.93 -13.29
CA ASP D 192 -28.46 13.05 -13.13
C ASP D 192 -29.34 13.42 -11.93
N ILE D 193 -29.04 14.51 -11.23
CA ILE D 193 -29.88 14.94 -10.13
C ILE D 193 -31.22 15.41 -10.69
N MET D 194 -32.28 15.25 -9.90
CA MET D 194 -33.64 15.40 -10.42
C MET D 194 -34.53 16.31 -9.59
N ASP D 195 -34.10 16.76 -8.42
CA ASP D 195 -34.94 17.61 -7.59
C ASP D 195 -34.07 18.50 -6.72
N LEU D 196 -34.68 19.56 -6.20
CA LEU D 196 -33.93 20.54 -5.40
C LEU D 196 -33.37 19.94 -4.13
N LYS D 197 -34.14 19.09 -3.45
CA LYS D 197 -33.76 18.61 -2.14
C LYS D 197 -32.46 17.81 -2.18
N GLN D 198 -32.17 17.15 -3.29
CA GLN D 198 -30.96 16.35 -3.37
C GLN D 198 -29.70 17.19 -3.49
N LEU D 199 -29.84 18.50 -3.69
CA LEU D 199 -28.67 19.37 -3.63
C LEU D 199 -28.11 19.47 -2.22
N SER D 200 -28.90 19.13 -1.20
CA SER D 200 -28.38 19.06 0.16
C SER D 200 -27.36 17.95 0.34
N GLN D 201 -27.33 16.97 -0.56
CA GLN D 201 -26.27 15.97 -0.56
C GLN D 201 -24.92 16.63 -0.81
N LEU D 202 -24.91 17.69 -1.63
CA LEU D 202 -23.66 18.32 -2.04
C LEU D 202 -23.02 19.08 -0.88
N THR D 203 -23.70 20.09 -0.36
CA THR D 203 -23.17 20.93 0.70
C THR D 203 -24.32 21.21 1.66
N SER D 204 -24.11 22.16 2.57
CA SER D 204 -25.14 22.51 3.53
C SER D 204 -26.12 23.53 2.94
N LYS D 205 -27.31 23.59 3.53
CA LYS D 205 -28.34 24.50 3.04
C LYS D 205 -27.90 25.95 3.20
N ASP D 206 -27.33 26.29 4.36
CA ASP D 206 -26.86 27.65 4.58
C ASP D 206 -25.75 28.02 3.60
N GLU D 207 -24.81 27.10 3.36
CA GLU D 207 -23.74 27.37 2.42
C GLU D 207 -24.28 27.58 1.01
N LEU D 208 -25.22 26.74 0.58
CA LEU D 208 -25.81 26.92 -0.76
C LEU D 208 -26.54 28.25 -0.85
N LEU D 209 -27.28 28.62 0.20
CA LEU D 209 -28.04 29.87 0.15
C LEU D 209 -27.14 31.08 0.17
N LYS D 210 -25.99 31.00 0.86
CA LYS D 210 -25.18 32.19 1.06
C LYS D 210 -24.15 32.38 -0.06
N LYS D 211 -23.47 31.30 -0.47
CA LYS D 211 -22.41 31.47 -1.47
C LYS D 211 -22.96 31.43 -2.89
N LEU D 212 -23.69 30.37 -3.24
CA LEU D 212 -24.17 30.18 -4.60
C LEU D 212 -25.51 30.87 -4.88
N LYS D 213 -26.14 31.44 -3.86
CA LYS D 213 -27.46 32.06 -4.00
C LYS D 213 -28.47 31.08 -4.59
N ILE D 214 -28.49 29.88 -4.02
CA ILE D 214 -29.43 28.83 -4.39
C ILE D 214 -30.25 28.47 -3.16
N ASP D 215 -31.57 28.49 -3.30
CA ASP D 215 -32.48 28.23 -2.21
C ASP D 215 -33.08 26.84 -2.45
N ILE D 216 -32.80 25.90 -1.54
CA ILE D 216 -33.31 24.54 -1.71
C ILE D 216 -34.82 24.49 -1.55
N ASN D 217 -35.37 25.19 -0.56
CA ASN D 217 -36.81 25.18 -0.29
C ASN D 217 -37.59 26.06 -1.26
N TYR D 218 -36.98 26.52 -2.35
CA TYR D 218 -37.67 27.34 -3.33
C TYR D 218 -38.86 26.59 -3.92
N SER D 219 -40.06 27.09 -3.63
CA SER D 219 -41.30 26.48 -4.10
C SER D 219 -41.92 27.36 -5.18
N GLY D 220 -42.46 26.72 -6.20
CA GLY D 220 -42.97 27.44 -7.36
C GLY D 220 -42.76 26.60 -8.61
N ARG D 221 -42.10 27.19 -9.58
CA ARG D 221 -41.61 26.43 -10.72
C ARG D 221 -40.16 26.07 -10.47
N LYS D 222 -39.86 24.77 -10.41
CA LYS D 222 -38.56 24.30 -9.98
C LYS D 222 -37.68 23.80 -11.13
N GLY D 223 -38.22 23.69 -12.34
CA GLY D 223 -37.45 23.25 -13.48
C GLY D 223 -36.30 24.18 -13.82
N PRO D 224 -36.62 25.40 -14.24
CA PRO D 224 -35.55 26.37 -14.53
C PRO D 224 -34.67 26.67 -13.33
N TYR D 225 -35.21 26.66 -12.12
CA TYR D 225 -34.38 26.93 -10.95
C TYR D 225 -33.38 25.81 -10.72
N LEU D 226 -33.80 24.56 -10.89
CA LEU D 226 -32.88 23.44 -10.78
C LEU D 226 -31.83 23.48 -11.87
N GLN D 227 -32.22 23.90 -13.08
CA GLN D 227 -31.24 24.05 -14.14
C GLN D 227 -30.22 25.14 -13.82
N ASP D 228 -30.67 26.24 -13.22
CA ASP D 228 -29.75 27.29 -12.77
C ASP D 228 -28.79 26.74 -11.72
N ALA D 229 -29.30 25.96 -10.77
CA ALA D 229 -28.43 25.37 -9.75
C ALA D 229 -27.40 24.44 -10.37
N LYS D 230 -27.82 23.62 -11.36
CA LYS D 230 -26.88 22.77 -12.05
C LYS D 230 -25.80 23.57 -12.77
N LYS D 231 -26.19 24.66 -13.42
CA LYS D 231 -25.20 25.48 -14.12
C LYS D 231 -24.19 26.07 -13.16
N LYS D 232 -24.66 26.59 -12.01
CA LYS D 232 -23.73 27.15 -11.03
C LYS D 232 -22.79 26.10 -10.46
N LEU D 233 -23.33 24.91 -10.15
CA LEU D 233 -22.48 23.84 -9.64
C LEU D 233 -21.47 23.39 -10.68
N LYS D 234 -21.85 23.35 -11.95
CA LYS D 234 -20.89 22.98 -12.99
C LYS D 234 -19.82 24.04 -13.16
N LYS D 235 -20.16 25.32 -12.99
CA LYS D 235 -19.13 26.35 -13.02
C LYS D 235 -18.13 26.19 -11.87
N ILE D 236 -18.64 25.91 -10.66
CA ILE D 236 -17.73 25.68 -9.54
C ILE D 236 -16.84 24.47 -9.79
N THR D 237 -17.41 23.39 -10.31
CA THR D 237 -16.60 22.22 -10.65
C THR D 237 -15.57 22.55 -11.73
N LYS D 238 -15.91 23.40 -12.68
CA LYS D 238 -14.95 23.79 -13.70
C LYS D 238 -13.77 24.54 -13.10
N GLU D 239 -14.03 25.42 -12.13
CA GLU D 239 -12.91 26.11 -11.47
C GLU D 239 -12.04 25.13 -10.67
N MET D 240 -12.67 24.20 -9.95
CA MET D 240 -11.90 23.17 -9.25
C MET D 240 -11.03 22.38 -10.24
N TYR D 241 -11.60 22.07 -11.40
CA TYR D 241 -10.89 21.30 -12.42
C TYR D 241 -9.73 22.11 -13.00
N MET D 242 -9.93 23.42 -13.14
CA MET D 242 -8.83 24.29 -13.57
C MET D 242 -7.65 24.18 -12.62
N VAL D 243 -7.91 24.32 -11.32
CA VAL D 243 -6.82 24.25 -10.34
C VAL D 243 -6.13 22.88 -10.41
N VAL D 244 -6.92 21.81 -10.36
CA VAL D 244 -6.34 20.47 -10.30
C VAL D 244 -5.59 20.15 -11.59
N GLN D 245 -6.11 20.58 -12.74
CA GLN D 245 -5.43 20.33 -14.00
C GLN D 245 -4.09 21.05 -14.04
N TYR D 246 -4.05 22.30 -13.58
CA TYR D 246 -2.76 23.00 -13.55
C TYR D 246 -1.76 22.24 -12.70
N GLN D 247 -2.17 21.84 -11.49
CA GLN D 247 -1.25 21.11 -10.62
C GLN D 247 -0.74 19.83 -11.28
N VAL D 248 -1.66 19.01 -11.78
CA VAL D 248 -1.29 17.70 -12.32
C VAL D 248 -0.43 17.85 -13.55
N LEU D 249 -0.79 18.75 -14.45
CA LEU D 249 -0.01 18.93 -15.66
C LEU D 249 1.37 19.47 -15.37
N GLU D 250 1.50 20.39 -14.41
CA GLU D 250 2.84 20.86 -14.03
C GLU D 250 3.67 19.72 -13.50
N ILE D 251 3.12 18.92 -12.58
CA ILE D 251 3.89 17.83 -12.00
C ILE D 251 4.33 16.84 -13.08
N TYR D 252 3.40 16.45 -13.97
CA TYR D 252 3.73 15.48 -14.99
C TYR D 252 4.76 16.02 -15.97
N SER D 253 4.61 17.28 -16.38
CA SER D 253 5.52 17.85 -17.36
C SER D 253 6.93 17.97 -16.79
N ILE D 254 7.05 18.40 -15.53
CA ILE D 254 8.38 18.63 -14.98
C ILE D 254 9.03 17.34 -14.53
N PHE D 255 8.39 16.61 -13.60
CA PHE D 255 9.06 15.53 -12.88
C PHE D 255 8.64 14.15 -13.35
N GLU D 256 7.34 13.83 -13.33
CA GLU D 256 6.90 12.45 -13.47
C GLU D 256 7.15 11.87 -14.85
N SER D 257 7.39 12.70 -15.87
CA SER D 257 7.62 12.17 -17.20
C SER D 257 9.02 11.62 -17.37
N LYS D 258 9.96 12.00 -16.50
CA LYS D 258 11.35 11.58 -16.62
C LYS D 258 11.65 10.32 -15.86
N ILE D 259 10.81 9.93 -14.92
CA ILE D 259 11.05 8.75 -14.09
C ILE D 259 10.53 7.52 -14.83
N TYR D 260 11.42 6.55 -15.05
CA TYR D 260 11.05 5.31 -15.73
C TYR D 260 10.93 4.11 -14.80
N ILE D 261 11.66 4.08 -13.71
CA ILE D 261 11.73 2.93 -12.81
C ILE D 261 11.06 3.30 -11.50
N ASN D 262 10.10 2.49 -11.06
CA ASN D 262 9.40 2.69 -9.80
C ASN D 262 9.39 1.45 -8.93
N TYR D 263 10.26 0.47 -9.18
CA TYR D 263 10.23 -0.78 -8.46
C TYR D 263 11.62 -1.16 -7.97
N TYR D 264 11.67 -1.78 -6.79
CA TYR D 264 12.92 -2.25 -6.23
C TYR D 264 13.37 -3.51 -6.95
N THR D 265 14.58 -3.48 -7.52
CA THR D 265 15.01 -4.59 -8.36
C THR D 265 15.93 -5.55 -7.63
N SER D 266 17.08 -5.07 -7.17
CA SER D 266 18.08 -5.91 -6.51
C SER D 266 19.20 -5.02 -6.02
N PRO D 267 20.00 -5.48 -5.04
CA PRO D 267 21.14 -4.68 -4.60
C PRO D 267 22.23 -4.52 -5.65
N GLU D 268 22.15 -5.30 -6.72
CA GLU D 268 23.16 -5.29 -7.77
C GLU D 268 22.81 -4.35 -8.92
N THR D 269 21.73 -3.58 -8.82
CA THR D 269 21.28 -2.75 -9.92
C THR D 269 21.90 -1.37 -9.83
N LEU D 270 21.99 -0.71 -10.98
CA LEU D 270 22.45 0.67 -11.09
C LEU D 270 21.34 1.53 -11.68
N VAL D 271 21.11 2.68 -11.06
CA VAL D 271 20.06 3.60 -11.48
C VAL D 271 20.70 4.79 -12.19
N SER D 272 19.98 5.34 -13.18
CA SER D 272 20.57 6.29 -14.09
C SER D 272 20.70 7.68 -13.46
N SER D 273 21.68 8.44 -13.95
CA SER D 273 21.95 9.77 -13.42
C SER D 273 20.78 10.71 -13.65
N ASP D 274 20.13 10.63 -14.81
CA ASP D 274 18.97 11.49 -15.06
C ASP D 274 17.87 11.19 -14.07
N GLU D 275 17.63 9.92 -13.79
CA GLU D 275 16.60 9.56 -12.82
C GLU D 275 16.97 10.02 -11.42
N ILE D 276 18.25 9.94 -11.05
CA ILE D 276 18.66 10.47 -9.74
C ILE D 276 18.41 11.97 -9.66
N GLU D 277 18.78 12.70 -10.71
CA GLU D 277 18.59 14.15 -10.72
C GLU D 277 17.11 14.52 -10.60
N THR D 278 16.25 13.85 -11.37
CA THR D 278 14.82 14.13 -11.30
C THR D 278 14.21 13.71 -9.99
N TRP D 279 14.69 12.60 -9.39
CA TRP D 279 14.20 12.23 -8.07
C TRP D 279 14.54 13.29 -7.04
N ILE D 280 15.77 13.82 -7.08
CA ILE D 280 16.15 14.85 -6.12
C ILE D 280 15.32 16.11 -6.31
N LYS D 281 15.15 16.54 -7.56
CA LYS D 281 14.34 17.73 -7.84
C LYS D 281 12.89 17.53 -7.40
N TYR D 282 12.32 16.36 -7.68
CA TYR D 282 10.95 16.05 -7.27
C TYR D 282 10.79 16.04 -5.77
N LEU D 283 11.76 15.47 -5.04
CA LEU D 283 11.70 15.51 -3.58
C LEU D 283 11.75 16.94 -3.06
N ASP D 284 12.61 17.78 -3.65
CA ASP D 284 12.66 19.18 -3.22
C ASP D 284 11.33 19.89 -3.47
N TYR D 285 10.72 19.64 -4.63
CA TYR D 285 9.42 20.23 -4.93
C TYR D 285 8.37 19.79 -3.92
N THR D 286 8.36 18.49 -3.60
CA THR D 286 7.39 17.98 -2.63
C THR D 286 7.61 18.59 -1.25
N ILE D 287 8.87 18.74 -0.84
CA ILE D 287 9.16 19.38 0.44
C ILE D 287 8.65 20.82 0.44
N THR D 288 8.83 21.53 -0.69
CA THR D 288 8.38 22.92 -0.76
C THR D 288 6.86 23.01 -0.63
N LEU D 289 6.13 22.04 -1.22
CA LEU D 289 4.68 22.08 -1.15
C LEU D 289 4.14 22.05 0.28
N GLN D 290 4.92 21.57 1.24
CA GLN D 290 4.54 21.55 2.66
C GLN D 290 3.22 20.80 2.90
N THR D 291 3.26 19.50 2.62
CA THR D 291 2.23 18.57 3.09
C THR D 291 2.98 17.38 3.69
N ASP D 292 2.76 17.13 4.99
CA ASP D 292 3.56 16.12 5.67
C ASP D 292 3.27 14.72 5.15
N SER D 293 1.99 14.37 4.98
CA SER D 293 1.64 13.05 4.48
C SER D 293 2.19 12.84 3.07
N LEU D 294 2.03 13.84 2.20
CA LEU D 294 2.54 13.72 0.84
C LEU D 294 4.06 13.64 0.81
N THR D 295 4.74 14.39 1.68
CA THR D 295 6.20 14.34 1.71
C THR D 295 6.71 12.98 2.17
N HIS D 296 6.10 12.44 3.24
CA HIS D 296 6.47 11.10 3.68
C HIS D 296 6.21 10.08 2.58
N LEU D 297 5.06 10.19 1.91
CA LEU D 297 4.73 9.27 0.84
C LEU D 297 5.74 9.35 -0.30
N ASN D 298 6.13 10.56 -0.69
CA ASN D 298 7.07 10.72 -1.79
C ASN D 298 8.47 10.25 -1.41
N PHE D 299 8.90 10.46 -0.18
CA PHE D 299 10.19 9.93 0.22
C PHE D 299 10.18 8.40 0.24
N GLN D 300 9.13 7.80 0.80
CA GLN D 300 9.05 6.34 0.81
C GLN D 300 8.91 5.77 -0.59
N ARG D 301 8.30 6.53 -1.50
CA ARG D 301 8.19 6.12 -2.89
C ARG D 301 9.51 6.25 -3.63
N ALA D 302 10.31 7.25 -3.29
CA ALA D 302 11.64 7.40 -3.87
C ALA D 302 12.62 6.39 -3.32
N LEU D 303 12.42 5.89 -2.11
CA LEU D 303 13.32 4.88 -1.56
C LEU D 303 13.32 3.58 -2.36
N LEU D 304 12.26 3.30 -3.12
CA LEU D 304 12.20 2.00 -3.81
C LEU D 304 13.28 1.85 -4.87
N PRO D 305 13.48 2.78 -5.82
CA PRO D 305 14.47 2.55 -6.87
C PRO D 305 15.91 2.70 -6.43
N LEU D 306 16.19 3.66 -5.53
CA LEU D 306 17.56 3.98 -5.15
C LEU D 306 17.72 3.91 -3.63
N ALA D 307 17.25 2.80 -3.05
CA ALA D 307 17.43 2.58 -1.62
C ALA D 307 18.90 2.47 -1.25
N HIS D 308 19.69 1.79 -2.07
CA HIS D 308 21.06 1.44 -1.75
C HIS D 308 22.07 2.53 -2.09
N TYR D 309 21.61 3.78 -2.22
CA TYR D 309 22.49 4.85 -2.69
C TYR D 309 22.85 5.83 -1.56
N ASP D 310 21.98 5.92 -0.56
CA ASP D 310 22.12 6.64 0.71
C ASP D 310 21.98 8.16 0.60
N LEU D 311 21.95 8.70 -0.62
CA LEU D 311 21.73 10.14 -0.74
C LEU D 311 20.31 10.51 -0.35
N VAL D 312 19.34 9.66 -0.68
CA VAL D 312 17.96 9.93 -0.27
C VAL D 312 17.76 9.71 1.23
N TRP D 313 18.46 8.74 1.83
CA TRP D 313 18.43 8.61 3.29
C TRP D 313 18.97 9.86 3.95
N ILE D 314 20.10 10.37 3.46
CA ILE D 314 20.68 11.58 4.01
C ILE D 314 19.72 12.76 3.85
N LYS D 315 19.12 12.90 2.67
CA LYS D 315 18.21 14.00 2.42
C LYS D 315 16.98 13.92 3.31
N TYR D 316 16.43 12.73 3.49
CA TYR D 316 15.29 12.53 4.37
C TYR D 316 15.62 12.91 5.80
N SER D 317 16.79 12.48 6.29
CA SER D 317 17.18 12.85 7.65
C SER D 317 17.38 14.36 7.78
N LYS D 318 18.00 14.99 6.78
CA LYS D 318 18.20 16.43 6.83
C LYS D 318 16.87 17.17 6.87
N TRP D 319 15.91 16.72 6.06
CA TRP D 319 14.59 17.34 6.08
C TRP D 319 13.94 17.19 7.45
N LEU D 320 13.96 15.98 8.00
CA LEU D 320 13.35 15.76 9.31
C LEU D 320 14.04 16.56 10.41
N ILE D 321 15.32 16.91 10.22
CA ILE D 321 16.01 17.69 11.24
C ILE D 321 15.67 19.17 11.10
N ASN D 322 15.90 19.75 9.92
CA ASN D 322 15.88 21.20 9.81
C ASN D 322 14.56 21.76 9.31
N SER D 323 13.58 20.92 8.96
CA SER D 323 12.29 21.44 8.51
C SER D 323 11.14 21.04 9.42
N LYS D 324 11.20 19.86 10.03
CA LYS D 324 10.17 19.43 10.96
C LYS D 324 10.67 19.43 12.40
N ASN D 325 11.98 19.52 12.62
CA ASN D 325 12.58 19.55 13.95
C ASN D 325 12.21 18.28 14.73
N ASP D 326 12.63 17.14 14.17
CA ASP D 326 12.36 15.84 14.79
C ASP D 326 13.65 15.04 14.79
N LEU D 327 14.45 15.23 15.83
CA LEU D 327 15.73 14.54 15.95
C LEU D 327 15.56 13.04 16.17
N LEU D 328 14.55 12.61 16.93
CA LEU D 328 14.27 11.19 17.04
C LEU D 328 13.87 10.61 15.70
N GLY D 329 13.08 11.35 14.91
CA GLY D 329 12.75 10.89 13.57
C GLY D 329 13.99 10.73 12.71
N ALA D 330 14.91 11.69 12.77
CA ALA D 330 16.15 11.56 12.03
C ALA D 330 16.99 10.38 12.49
N LYS D 331 17.07 10.16 13.81
CA LYS D 331 17.81 9.01 14.31
C LYS D 331 17.21 7.71 13.81
N ASN D 332 15.88 7.60 13.83
CA ASN D 332 15.24 6.39 13.33
C ASN D 332 15.47 6.20 11.84
N VAL D 333 15.40 7.27 11.06
CA VAL D 333 15.61 7.14 9.62
C VAL D 333 17.03 6.70 9.31
N LEU D 334 18.01 7.29 9.98
CA LEU D 334 19.39 6.88 9.74
C LEU D 334 19.65 5.47 10.24
N LEU D 335 19.07 5.10 11.38
CA LEU D 335 19.25 3.75 11.91
C LEU D 335 18.65 2.72 10.96
N MET D 336 17.55 3.07 10.28
CA MET D 336 16.97 2.14 9.32
C MET D 336 17.77 2.11 8.02
N GLY D 337 18.28 3.26 7.58
CA GLY D 337 19.09 3.29 6.38
C GLY D 337 20.43 2.61 6.54
N LEU D 338 20.90 2.47 7.79
CA LEU D 338 22.10 1.70 8.05
C LEU D 338 21.97 0.27 7.52
N LYS D 339 20.77 -0.31 7.60
CA LYS D 339 20.55 -1.65 7.09
C LYS D 339 20.69 -1.71 5.57
N PHE D 340 20.20 -0.69 4.88
CA PHE D 340 20.03 -0.73 3.42
C PHE D 340 21.24 -0.23 2.65
N SER D 341 21.77 0.94 3.00
CA SER D 341 22.80 1.58 2.18
C SER D 341 24.07 0.74 2.17
N LEU D 342 24.80 0.82 1.05
CA LEU D 342 26.02 0.05 0.88
C LEU D 342 27.27 0.85 1.21
N LYS D 343 27.17 2.18 1.33
CA LYS D 343 28.31 2.98 1.71
C LYS D 343 28.47 3.02 3.23
N LYS D 344 27.46 3.53 3.93
CA LYS D 344 27.36 3.53 5.38
C LYS D 344 28.34 4.48 6.05
N THR D 345 29.26 5.08 5.29
CA THR D 345 30.23 5.97 5.92
C THR D 345 29.61 7.31 6.29
N GLU D 346 29.01 8.00 5.32
CA GLU D 346 28.35 9.26 5.62
C GLU D 346 27.17 9.06 6.56
N ILE D 347 26.43 7.97 6.40
CA ILE D 347 25.31 7.71 7.30
C ILE D 347 25.81 7.47 8.72
N ILE D 348 26.90 6.72 8.89
CA ILE D 348 27.44 6.50 10.23
C ILE D 348 27.91 7.82 10.84
N LYS D 349 28.59 8.65 10.06
CA LYS D 349 29.05 9.95 10.57
C LYS D 349 27.87 10.80 11.03
N LEU D 350 26.87 10.94 10.17
CA LEU D 350 25.71 11.76 10.51
C LEU D 350 24.96 11.18 11.70
N LEU D 351 24.84 9.85 11.78
CA LEU D 351 24.18 9.20 12.90
C LEU D 351 24.94 9.46 14.20
N TYR D 352 26.26 9.42 14.15
CA TYR D 352 27.07 9.73 15.31
C TYR D 352 26.78 11.14 15.81
N SER D 353 26.81 12.11 14.89
CA SER D 353 26.55 13.49 15.28
C SER D 353 25.14 13.67 15.83
N VAL D 354 24.15 13.05 15.18
CA VAL D 354 22.77 13.19 15.64
C VAL D 354 22.59 12.59 17.04
N ILE D 355 23.15 11.40 17.26
CA ILE D 355 23.01 10.76 18.57
C ILE D 355 23.73 11.56 19.65
N CYS D 356 24.86 12.18 19.29
CA CYS D 356 25.47 13.13 20.22
C CYS D 356 24.53 14.28 20.53
N LYS D 357 23.81 14.76 19.52
CA LYS D 357 22.89 15.87 19.72
C LYS D 357 21.74 15.52 20.66
N LEU D 358 21.16 14.33 20.53
CA LEU D 358 20.01 13.96 21.36
C LEU D 358 20.36 13.67 22.82
N ASN D 359 21.62 13.87 23.24
CA ASN D 359 22.04 13.60 24.61
C ASN D 359 21.77 12.15 25.00
N GLU D 360 22.03 11.23 24.08
CA GLU D 360 21.94 9.79 24.32
C GLU D 360 23.32 9.20 24.11
N TYR D 361 24.14 9.22 25.17
CA TYR D 361 25.52 8.80 25.04
C TYR D 361 25.71 7.31 25.29
N VAL D 362 24.77 6.65 25.97
CA VAL D 362 24.89 5.22 26.14
C VAL D 362 24.76 4.51 24.81
N LEU D 363 23.81 4.93 23.97
CA LEU D 363 23.69 4.37 22.63
C LEU D 363 24.92 4.67 21.80
N LEU D 364 25.53 5.84 21.99
CA LEU D 364 26.78 6.15 21.29
C LEU D 364 27.90 5.20 21.70
N ARG D 365 28.03 4.95 23.00
CA ARG D 365 29.04 4.01 23.47
C ARG D 365 28.79 2.62 22.91
N ASN D 366 27.53 2.20 22.87
CA ASN D 366 27.21 0.89 22.32
C ASN D 366 27.51 0.81 20.82
N LEU D 367 27.22 1.88 20.07
CA LEU D 367 27.58 1.88 18.65
C LEU D 367 29.08 1.83 18.45
N LEU D 368 29.85 2.55 19.27
CA LEU D 368 31.31 2.48 19.16
C LEU D 368 31.81 1.08 19.46
N GLU D 369 31.27 0.44 20.50
CA GLU D 369 31.65 -0.92 20.80
C GLU D 369 31.30 -1.87 19.66
N LYS D 370 30.12 -1.71 19.07
CA LYS D 370 29.72 -2.57 17.95
C LYS D 370 30.61 -2.38 16.72
N ILE D 371 30.95 -1.14 16.37
CA ILE D 371 31.78 -0.95 15.19
C ILE D 371 33.20 -1.42 15.45
N GLU D 372 33.68 -1.32 16.69
CA GLU D 372 34.98 -1.90 17.00
C GLU D 372 34.94 -3.42 16.95
N SER D 373 33.87 -4.04 17.45
CA SER D 373 33.77 -5.50 17.44
C SER D 373 33.56 -6.05 16.05
N SER D 374 32.95 -5.29 15.15
CA SER D 374 32.75 -5.74 13.78
C SER D 374 34.06 -5.97 13.05
N TYR D 375 35.15 -5.35 13.49
CA TYR D 375 36.47 -5.54 12.91
C TYR D 375 37.38 -6.39 13.79
N SER D 376 36.80 -7.16 14.71
CA SER D 376 37.55 -8.01 15.63
C SER D 376 38.54 -7.19 16.45
N ASP D 377 38.09 -6.02 16.90
CA ASP D 377 38.88 -5.12 17.75
C ASP D 377 40.18 -4.68 17.06
N ASN D 378 40.21 -4.75 15.74
CA ASN D 378 41.38 -4.34 14.97
C ASN D 378 40.98 -3.25 13.99
N VAL D 379 40.16 -2.30 14.46
CA VAL D 379 39.73 -1.19 13.62
C VAL D 379 40.88 -0.29 13.22
N GLU D 380 41.98 -0.31 13.96
CA GLU D 380 43.14 0.51 13.61
C GLU D 380 43.78 0.07 12.30
N ASN D 381 43.43 -1.10 11.79
CA ASN D 381 44.00 -1.62 10.56
C ASN D 381 42.98 -1.74 9.43
N VAL D 382 41.92 -0.94 9.47
CA VAL D 382 40.89 -0.97 8.43
C VAL D 382 41.44 -0.32 7.16
N ASP D 383 41.07 -0.89 6.02
CA ASP D 383 41.51 -0.33 4.74
C ASP D 383 40.89 1.03 4.48
N ASP D 384 39.61 1.20 4.83
CA ASP D 384 38.90 2.46 4.59
C ASP D 384 39.17 3.40 5.76
N PHE D 385 39.70 4.59 5.45
CA PHE D 385 40.15 5.50 6.50
C PHE D 385 39.01 6.23 7.20
N GLU D 386 37.89 6.46 6.51
CA GLU D 386 36.84 7.32 7.06
C GLU D 386 36.18 6.70 8.29
N ILE D 387 35.91 5.39 8.25
CA ILE D 387 35.30 4.73 9.40
C ILE D 387 36.20 4.86 10.62
N PHE D 388 37.48 4.59 10.44
CA PHE D 388 38.42 4.69 11.55
C PHE D 388 38.51 6.12 12.07
N TRP D 389 38.49 7.11 11.18
CA TRP D 389 38.64 8.48 11.64
C TRP D 389 37.42 8.93 12.44
N ASP D 390 36.21 8.64 11.94
CA ASP D 390 35.01 9.00 12.71
C ASP D 390 34.97 8.28 14.04
N TYR D 391 35.30 6.98 14.04
CA TYR D 391 35.28 6.20 15.28
C TYR D 391 36.30 6.75 16.27
N LEU D 392 37.48 7.12 15.78
CA LEU D 392 38.49 7.66 16.68
C LEU D 392 38.05 9.00 17.26
N GLN D 393 37.48 9.88 16.44
CA GLN D 393 37.01 11.15 16.95
C GLN D 393 35.99 10.96 18.07
N PHE D 394 34.97 10.14 17.83
CA PHE D 394 33.92 10.03 18.83
C PHE D 394 34.35 9.21 20.04
N LYS D 395 35.21 8.21 19.86
CA LYS D 395 35.77 7.50 21.00
C LYS D 395 36.62 8.42 21.84
N THR D 396 37.37 9.32 21.21
CA THR D 396 38.15 10.31 21.96
C THR D 396 37.24 11.24 22.74
N PHE D 397 36.13 11.67 22.12
CA PHE D 397 35.18 12.52 22.84
C PHE D 397 34.64 11.82 24.07
N CYS D 398 34.22 10.56 23.92
CA CYS D 398 33.70 9.80 25.05
C CYS D 398 34.78 9.59 26.12
N GLN D 399 36.00 9.29 25.70
CA GLN D 399 37.09 9.07 26.65
C GLN D 399 37.41 10.34 27.45
N ASN D 400 37.43 11.49 26.77
CA ASN D 400 37.60 12.75 27.48
C ASN D 400 36.49 12.98 28.48
N SER D 401 35.25 12.73 28.09
CA SER D 401 34.13 12.95 29.00
C SER D 401 34.11 11.95 30.16
N LEU D 402 34.70 10.78 29.98
CA LEU D 402 34.64 9.72 30.99
C LEU D 402 35.81 9.75 31.95
N TYR D 403 37.01 10.07 31.49
CA TYR D 403 38.22 10.01 32.31
C TYR D 403 38.72 11.42 32.58
N SER D 404 39.06 11.70 33.83
CA SER D 404 39.57 13.00 34.21
C SER D 404 40.94 13.25 33.57
N SER D 405 41.26 14.52 33.40
CA SER D 405 42.49 14.91 32.73
C SER D 405 43.70 14.53 33.58
N ARG D 406 44.72 14.00 32.91
CA ARG D 406 45.97 13.65 33.55
C ARG D 406 47.07 14.69 33.34
N TYR D 407 46.75 15.82 32.72
CA TYR D 407 47.70 16.90 32.51
C TYR D 407 47.15 18.19 33.13
N SER D 408 47.98 19.22 33.12
CA SER D 408 47.68 20.46 33.80
C SER D 408 46.71 21.31 33.01
N ASP D 409 46.16 22.34 33.68
CA ASP D 409 45.30 23.34 33.07
C ASP D 409 44.03 22.73 32.48
N SER D 410 43.62 21.58 33.00
CA SER D 410 42.46 20.83 32.49
C SER D 410 42.58 20.56 30.99
N GLN D 411 43.81 20.42 30.51
CA GLN D 411 44.06 20.07 29.12
C GLN D 411 43.72 18.59 28.93
N SER D 412 42.51 18.32 28.45
CA SER D 412 42.04 16.94 28.34
C SER D 412 42.91 16.16 27.38
N ASN D 413 43.32 14.97 27.81
CA ASN D 413 44.16 14.10 27.00
C ASN D 413 43.31 13.50 25.90
N GLY D 414 43.30 14.14 24.73
CA GLY D 414 42.50 13.65 23.64
C GLY D 414 43.01 12.36 23.05
N LEU D 415 44.14 12.42 22.36
CA LEU D 415 44.74 11.24 21.76
C LEU D 415 45.96 10.73 22.52
N LEU D 416 46.16 11.19 23.76
CA LEU D 416 47.32 10.81 24.55
C LEU D 416 46.97 9.88 25.70
N ASN D 417 45.84 9.18 25.59
CA ASN D 417 45.43 8.18 26.56
C ASN D 417 45.81 6.81 26.03
N LYS D 418 46.30 5.94 26.92
CA LYS D 418 46.94 4.70 26.48
C LYS D 418 45.99 3.83 25.66
N GLU D 419 44.68 4.01 25.81
CA GLU D 419 43.73 3.21 25.04
C GLU D 419 43.73 3.60 23.57
N LEU D 420 43.80 4.89 23.27
CA LEU D 420 43.73 5.38 21.89
C LEU D 420 45.11 5.56 21.27
N PHE D 421 46.10 5.95 22.07
CA PHE D 421 47.46 6.08 21.59
C PHE D 421 48.00 4.76 21.07
N ASP D 422 47.63 3.65 21.72
CA ASP D 422 48.04 2.34 21.24
C ASP D 422 47.54 2.11 19.82
N LYS D 423 46.25 2.38 19.57
CA LYS D 423 45.69 2.19 18.24
C LYS D 423 46.33 3.14 17.22
N VAL D 424 46.53 4.40 17.60
CA VAL D 424 47.12 5.36 16.67
C VAL D 424 48.53 4.94 16.29
N TRP D 425 49.34 4.54 17.26
CA TRP D 425 50.70 4.11 16.96
C TRP D 425 50.71 2.80 16.18
N LYS D 426 49.75 1.90 16.46
CA LYS D 426 49.67 0.67 15.68
C LYS D 426 49.36 0.95 14.22
N ARG D 427 48.46 1.91 13.95
CA ARG D 427 48.24 2.28 12.56
C ARG D 427 49.46 2.99 11.95
N LEU D 428 50.15 3.82 12.73
CA LEU D 428 51.34 4.48 12.21
C LEU D 428 52.46 3.50 11.94
N SER D 429 52.40 2.30 12.54
CA SER D 429 53.44 1.31 12.33
C SER D 429 53.41 0.66 10.96
N CYS D 430 52.30 0.75 10.23
CA CYS D 430 52.22 0.17 8.90
C CYS D 430 53.03 0.95 7.86
N LYS D 431 52.90 2.27 7.86
CA LYS D 431 53.81 3.25 7.26
C LYS D 431 53.80 3.27 5.73
N GLU D 432 53.19 2.28 5.07
CA GLU D 432 52.93 2.43 3.65
C GLU D 432 51.62 1.81 3.24
N LYS D 433 51.06 0.95 4.09
CA LYS D 433 49.90 0.16 3.69
C LYS D 433 48.62 0.95 3.84
N LYS D 434 48.57 1.88 4.80
CA LYS D 434 47.36 2.64 5.08
C LYS D 434 47.36 3.93 4.26
N SER D 435 46.46 4.85 4.62
CA SER D 435 46.28 6.07 3.86
C SER D 435 46.27 7.34 4.69
N GLY D 436 46.04 7.25 5.99
CA GLY D 436 45.86 8.45 6.80
C GLY D 436 47.02 8.82 7.70
N GLN D 437 48.25 8.52 7.28
CA GLN D 437 49.41 8.82 8.12
C GLN D 437 49.55 10.32 8.35
N GLU D 438 49.50 11.12 7.28
CA GLU D 438 49.69 12.55 7.42
C GLU D 438 48.55 13.19 8.19
N ILE D 439 47.31 12.73 7.98
CA ILE D 439 46.18 13.26 8.75
C ILE D 439 46.34 12.96 10.23
N LEU D 440 46.74 11.73 10.56
CA LEU D 440 46.97 11.40 11.96
C LEU D 440 48.05 12.27 12.58
N LEU D 441 49.18 12.46 11.87
CA LEU D 441 50.24 13.30 12.41
C LEU D 441 49.74 14.72 12.65
N ASN D 442 49.10 15.31 11.65
CA ASN D 442 48.68 16.71 11.76
C ASN D 442 47.62 16.89 12.83
N ASN D 443 46.72 15.93 13.03
CA ASN D 443 45.75 16.02 14.10
C ASN D 443 46.32 15.68 15.46
N LEU D 444 47.47 14.99 15.51
CA LEU D 444 48.17 14.77 16.77
C LEU D 444 48.99 15.98 17.19
N VAL D 445 49.39 16.83 16.24
CA VAL D 445 50.21 18.00 16.57
C VAL D 445 49.52 18.94 17.56
N GLN D 446 48.22 19.18 17.37
CA GLN D 446 47.54 20.31 18.01
C GLN D 446 47.32 20.07 19.50
N PHE D 447 48.30 20.50 20.32
CA PHE D 447 48.11 20.47 21.76
C PHE D 447 48.48 21.76 22.49
N TYR D 448 49.55 22.45 22.09
CA TYR D 448 49.81 23.84 22.47
C TYR D 448 49.97 24.06 23.97
N SER D 449 50.72 23.22 24.68
CA SER D 449 51.05 23.47 26.08
C SER D 449 52.33 22.72 26.46
N LYS D 450 52.99 23.18 27.52
CA LYS D 450 54.35 22.72 27.81
C LYS D 450 54.41 21.19 27.95
N ASP D 451 53.75 20.65 28.98
CA ASP D 451 53.85 19.23 29.26
C ASP D 451 53.27 18.39 28.13
N THR D 452 52.17 18.86 27.53
CA THR D 452 51.53 18.09 26.48
C THR D 452 52.41 17.98 25.23
N VAL D 453 53.04 19.08 24.82
CA VAL D 453 54.00 19.02 23.72
C VAL D 453 55.22 18.21 24.09
N GLU D 454 55.67 18.29 25.35
CA GLU D 454 56.79 17.45 25.75
C GLU D 454 56.46 15.97 25.56
N PHE D 455 55.26 15.57 26.01
CA PHE D 455 54.84 14.18 25.87
C PHE D 455 54.71 13.80 24.41
N VAL D 456 54.05 14.65 23.60
CA VAL D 456 53.83 14.31 22.20
C VAL D 456 55.16 14.17 21.47
N GLU D 457 56.07 15.14 21.66
CA GLU D 457 57.38 15.05 21.03
C GLU D 457 58.09 13.76 21.43
N LYS D 458 58.28 13.55 22.75
CA LYS D 458 59.05 12.40 23.22
C LYS D 458 58.43 11.08 22.77
N ASN D 459 57.11 10.97 22.75
CA ASN D 459 56.48 9.69 22.43
C ASN D 459 56.38 9.42 20.94
N ILE D 460 56.08 10.42 20.11
CA ILE D 460 55.85 10.19 18.70
C ILE D 460 57.01 10.63 17.83
N PHE D 461 57.48 11.88 17.97
CA PHE D 461 58.43 12.39 17.00
C PHE D 461 59.85 11.90 17.29
N GLN D 462 60.25 11.92 18.55
CA GLN D 462 61.55 11.39 18.92
C GLN D 462 61.66 9.89 18.63
N LYS D 463 60.60 9.13 18.91
CA LYS D 463 60.63 7.69 18.66
C LYS D 463 60.76 7.38 17.17
N ILE D 464 60.01 8.10 16.32
CA ILE D 464 60.16 7.92 14.89
C ILE D 464 61.55 8.35 14.43
N ILE D 465 62.10 9.41 15.02
CA ILE D 465 63.44 9.85 14.66
C ILE D 465 64.46 8.77 14.94
N GLU D 466 64.39 8.17 16.14
CA GLU D 466 65.30 7.10 16.50
C GLU D 466 65.09 5.84 15.67
N PHE D 467 63.85 5.51 15.30
CA PHE D 467 63.61 4.35 14.45
C PHE D 467 64.06 4.57 13.02
N GLY D 468 64.07 5.81 12.54
CA GLY D 468 64.56 6.09 11.20
C GLY D 468 63.74 5.51 10.08
N TRP D 469 62.41 5.59 10.15
CA TRP D 469 61.56 5.14 9.06
C TRP D 469 61.70 6.10 7.88
N GLU D 470 62.19 5.57 6.75
CA GLU D 470 62.52 6.41 5.61
C GLU D 470 61.29 7.10 5.04
N TYR D 471 60.14 6.41 5.01
CA TYR D 471 58.93 7.02 4.45
C TYR D 471 58.57 8.30 5.19
N TYR D 472 58.50 8.25 6.51
CA TYR D 472 58.17 9.45 7.28
C TYR D 472 59.30 10.45 7.29
N LEU D 473 60.55 9.99 7.28
CA LEU D 473 61.67 10.92 7.35
C LEU D 473 61.83 11.74 6.08
N GLN D 474 61.50 11.17 4.92
CA GLN D 474 61.63 11.91 3.67
C GLN D 474 60.38 12.71 3.32
N ASN D 475 59.30 12.55 4.06
CA ASN D 475 58.07 13.28 3.81
C ASN D 475 58.12 14.63 4.50
N GLY D 476 58.20 15.70 3.71
CA GLY D 476 58.42 17.03 4.27
C GLY D 476 57.27 17.50 5.13
N MET D 477 56.08 16.95 4.95
CA MET D 477 54.95 17.37 5.76
C MET D 477 55.13 16.93 7.20
N PHE D 478 55.84 15.82 7.43
CA PHE D 478 56.18 15.40 8.78
C PHE D 478 57.06 16.45 9.47
N TRP D 479 58.08 16.94 8.77
CA TRP D 479 58.95 17.95 9.35
C TRP D 479 58.20 19.26 9.57
N ASN D 480 57.31 19.60 8.64
CA ASN D 480 56.45 20.76 8.86
C ASN D 480 55.62 20.59 10.12
N CYS D 481 55.05 19.41 10.33
CA CYS D 481 54.27 19.15 11.54
C CYS D 481 55.11 19.27 12.79
N TYR D 482 56.33 18.75 12.76
CA TYR D 482 57.19 18.82 13.95
C TYR D 482 57.58 20.26 14.27
N CYS D 483 58.01 21.01 13.25
CA CYS D 483 58.38 22.41 13.47
C CYS D 483 57.19 23.23 13.93
N ARG D 484 56.02 23.01 13.33
CA ARG D 484 54.81 23.70 13.74
C ARG D 484 54.39 23.34 15.16
N LEU D 485 54.56 22.08 15.55
CA LEU D 485 54.26 21.67 16.92
C LEU D 485 55.14 22.43 17.90
N ILE D 486 56.43 22.53 17.60
CA ILE D 486 57.33 23.23 18.52
C ILE D 486 57.08 24.73 18.52
N TYR D 487 56.84 25.33 17.35
CA TYR D 487 56.85 26.79 17.25
C TYR D 487 55.62 27.43 17.86
N PHE D 488 54.48 26.74 17.86
CA PHE D 488 53.24 27.29 18.41
C PHE D 488 53.11 27.05 19.90
N ASP D 489 54.10 26.43 20.53
CA ASP D 489 54.06 26.20 21.97
C ASP D 489 53.97 27.53 22.72
N THR D 490 53.07 27.60 23.69
CA THR D 490 52.88 28.82 24.47
C THR D 490 53.81 28.92 25.66
N SER D 491 54.65 27.92 25.90
CA SER D 491 55.57 27.97 27.04
C SER D 491 56.91 28.58 26.65
N ARG D 492 57.48 28.13 25.54
CA ARG D 492 58.80 28.57 25.13
C ARG D 492 58.79 30.04 24.74
N SER D 493 59.88 30.73 25.05
CA SER D 493 60.07 32.07 24.54
C SER D 493 60.51 32.01 23.08
N TYR D 494 60.39 33.14 22.38
CA TYR D 494 60.66 33.15 20.94
C TYR D 494 62.10 32.76 20.65
N LEU D 495 63.05 33.31 21.40
CA LEU D 495 64.44 32.94 21.19
C LEU D 495 64.68 31.47 21.50
N ASP D 496 64.06 30.96 22.56
CA ASP D 496 64.23 29.56 22.90
C ASP D 496 63.72 28.65 21.79
N LYS D 497 62.55 28.95 21.24
CA LYS D 497 61.99 28.08 20.21
C LYS D 497 62.71 28.21 18.89
N ARG D 498 63.14 29.43 18.52
CA ARG D 498 63.94 29.58 17.31
C ARG D 498 65.28 28.85 17.43
N GLN D 499 65.94 29.01 18.57
CA GLN D 499 67.18 28.29 18.85
C GLN D 499 66.96 26.78 18.73
N TYR D 500 65.91 26.28 19.40
CA TYR D 500 65.61 24.86 19.39
C TYR D 500 65.42 24.36 17.96
N ILE D 501 64.54 25.00 17.19
CA ILE D 501 64.29 24.57 15.82
C ILE D 501 65.60 24.55 15.03
N VAL D 502 66.24 25.72 14.90
CA VAL D 502 67.36 25.87 13.97
C VAL D 502 68.51 24.94 14.35
N ARG D 503 68.78 24.75 15.64
CA ARG D 503 69.98 23.98 15.98
C ARG D 503 69.71 22.51 16.26
N LYS D 504 68.46 22.13 16.54
CA LYS D 504 68.17 20.73 16.81
C LYS D 504 67.47 20.06 15.63
N ILE D 505 66.34 20.61 15.19
CA ILE D 505 65.45 19.88 14.28
C ILE D 505 66.12 19.68 12.93
N TRP D 506 66.55 20.78 12.31
CA TRP D 506 67.07 20.76 10.95
C TRP D 506 68.32 19.88 10.84
N PRO D 507 69.28 19.96 11.76
CA PRO D 507 70.42 19.03 11.67
C PRO D 507 70.03 17.58 11.80
N GLN D 508 68.89 17.26 12.39
CA GLN D 508 68.50 15.87 12.57
C GLN D 508 68.10 15.20 11.26
N ILE D 509 67.79 15.97 10.22
CA ILE D 509 67.36 15.35 8.97
C ILE D 509 68.57 15.11 8.08
N ASP D 510 68.47 14.10 7.23
CA ASP D 510 69.58 13.80 6.34
C ASP D 510 69.52 14.67 5.09
N LYS D 511 70.69 14.89 4.50
CA LYS D 511 70.81 15.75 3.32
C LYS D 511 70.32 15.08 2.04
N LYS D 512 70.25 13.74 2.01
CA LYS D 512 69.79 13.08 0.78
C LYS D 512 68.29 13.23 0.60
N PHE D 513 67.57 13.66 1.63
CA PHE D 513 66.14 13.93 1.54
C PHE D 513 65.85 15.37 1.18
N ALA D 514 66.87 16.14 0.78
CA ALA D 514 66.67 17.57 0.51
C ALA D 514 65.66 17.79 -0.60
N GLN D 515 65.79 17.07 -1.71
CA GLN D 515 64.94 17.33 -2.87
C GLN D 515 63.47 17.04 -2.59
N SER D 516 63.16 16.34 -1.50
CA SER D 516 61.77 16.06 -1.15
C SER D 516 61.28 16.85 0.05
N VAL D 517 62.17 17.23 0.97
CA VAL D 517 61.77 17.91 2.19
C VAL D 517 61.82 19.42 1.99
N LEU D 518 62.61 19.87 1.01
CA LEU D 518 62.74 21.31 0.78
C LEU D 518 61.43 22.04 0.51
N PRO D 519 60.47 21.52 -0.27
CA PRO D 519 59.26 22.31 -0.53
C PRO D 519 58.50 22.73 0.72
N SER D 520 58.08 21.77 1.55
CA SER D 520 57.28 22.10 2.74
C SER D 520 58.10 22.89 3.75
N LEU D 521 59.37 22.54 3.93
CA LEU D 521 60.21 23.27 4.87
C LEU D 521 60.39 24.73 4.44
N THR D 522 60.60 24.96 3.15
CA THR D 522 60.71 26.33 2.65
C THR D 522 59.37 27.06 2.76
N GLU D 523 58.27 26.33 2.58
CA GLU D 523 56.95 26.94 2.77
C GLU D 523 56.76 27.42 4.20
N PHE D 524 57.19 26.62 5.18
CA PHE D 524 57.13 27.06 6.57
C PHE D 524 58.08 28.21 6.83
N CYS D 525 59.28 28.16 6.25
CA CYS D 525 60.27 29.21 6.48
C CYS D 525 59.80 30.55 5.95
N GLU D 526 59.23 30.56 4.74
CA GLU D 526 58.71 31.79 4.19
C GLU D 526 57.55 32.36 5.00
N SER D 527 56.74 31.50 5.60
CA SER D 527 55.59 31.98 6.37
C SER D 527 55.99 32.50 7.75
N TYR D 528 56.94 31.86 8.42
CA TYR D 528 57.18 32.23 9.81
C TYR D 528 58.60 32.72 10.11
N PHE D 529 59.60 32.20 9.40
CA PHE D 529 61.01 32.48 9.67
C PHE D 529 61.67 33.04 8.42
N PRO D 530 61.39 34.30 8.06
CA PRO D 530 62.10 34.88 6.92
C PRO D 530 63.57 35.13 7.21
N GLU D 531 63.93 35.38 8.47
CA GLU D 531 65.32 35.64 8.79
C GLU D 531 66.18 34.38 8.70
N GLU D 532 65.63 33.25 9.15
CA GLU D 532 66.36 31.98 9.17
C GLU D 532 66.39 31.30 7.80
N MET D 533 65.70 31.87 6.81
CA MET D 533 65.70 31.29 5.48
C MET D 533 67.10 31.21 4.88
N ASP D 534 67.92 32.24 5.09
CA ASP D 534 69.31 32.20 4.63
C ASP D 534 70.06 31.03 5.24
N THR D 535 69.89 30.81 6.55
CA THR D 535 70.55 29.68 7.20
C THR D 535 70.07 28.37 6.60
N LEU D 536 68.77 28.25 6.35
CA LEU D 536 68.24 27.03 5.78
C LEU D 536 68.86 26.74 4.41
N GLU D 537 68.82 27.72 3.51
CA GLU D 537 69.32 27.49 2.15
C GLU D 537 70.83 27.29 2.14
N GLU D 538 71.56 27.96 3.04
CA GLU D 538 72.99 27.71 3.15
C GLU D 538 73.28 26.29 3.63
N MET D 539 72.57 25.82 4.64
CA MET D 539 72.83 24.48 5.15
C MET D 539 72.40 23.40 4.17
N PHE D 540 71.42 23.69 3.32
CA PHE D 540 70.89 22.70 2.39
C PHE D 540 71.49 22.79 0.99
N THR D 541 72.73 23.24 0.85
CA THR D 541 73.37 23.29 -0.47
C THR D 541 73.76 21.89 -0.93
N ALA E 18 50.21 45.71 -33.65
CA ALA E 18 48.80 45.34 -33.55
C ALA E 18 48.24 44.97 -34.92
N LEU E 19 47.21 45.70 -35.35
CA LEU E 19 46.56 45.42 -36.63
C LEU E 19 47.36 46.00 -37.79
N ARG E 20 47.74 45.14 -38.74
CA ARG E 20 48.47 45.61 -39.91
C ARG E 20 47.64 46.55 -40.76
N GLY E 21 46.35 46.24 -40.94
CA GLY E 21 45.49 47.14 -41.69
C GLY E 21 45.32 48.50 -41.02
N LEU E 22 45.17 48.50 -39.70
CA LEU E 22 45.07 49.76 -38.97
C LEU E 22 46.36 50.56 -39.06
N ASP E 23 47.51 49.89 -38.96
CA ASP E 23 48.79 50.60 -39.10
C ASP E 23 48.95 51.18 -40.50
N THR E 24 48.56 50.42 -41.53
CA THR E 24 48.62 50.94 -42.90
C THR E 24 47.69 52.14 -43.08
N GLN E 25 46.49 52.06 -42.52
CA GLN E 25 45.57 53.19 -42.61
C GLN E 25 46.11 54.42 -41.89
N PHE E 26 46.72 54.24 -40.71
CA PHE E 26 47.30 55.37 -40.01
C PHE E 26 48.46 55.97 -40.79
N LEU E 27 49.30 55.13 -41.40
CA LEU E 27 50.39 55.63 -42.23
C LEU E 27 49.86 56.40 -43.43
N GLN E 28 48.81 55.89 -44.07
CA GLN E 28 48.21 56.60 -45.20
C GLN E 28 47.62 57.94 -44.77
N ASP E 29 46.96 57.98 -43.61
CA ASP E 29 46.44 59.25 -43.10
C ASP E 29 47.55 60.23 -42.81
N ASN E 30 48.66 59.78 -42.22
CA ASN E 30 49.79 60.66 -41.95
C ASN E 30 50.38 61.19 -43.25
N THR E 31 50.52 60.32 -44.25
CA THR E 31 51.05 60.77 -45.55
C THR E 31 50.11 61.78 -46.20
N ALA E 32 48.80 61.55 -46.12
CA ALA E 32 47.83 62.50 -46.67
C ALA E 32 47.90 63.84 -45.97
N LEU E 33 48.01 63.84 -44.64
CA LEU E 33 48.15 65.09 -43.89
C LEU E 33 49.43 65.82 -44.25
N VAL E 34 50.54 65.09 -44.40
CA VAL E 34 51.81 65.71 -44.80
C VAL E 34 51.68 66.33 -46.18
N GLN E 35 51.06 65.62 -47.12
CA GLN E 35 50.86 66.15 -48.46
C GLN E 35 49.96 67.37 -48.48
N ALA E 36 48.89 67.37 -47.68
CA ALA E 36 47.96 68.48 -47.61
C ALA E 36 48.52 69.68 -46.85
N TYR E 37 49.52 69.47 -46.00
CA TYR E 37 50.14 70.59 -45.30
C TYR E 37 50.82 71.57 -46.24
N ARG E 38 51.55 71.07 -47.25
CA ARG E 38 52.13 71.87 -48.33
C ARG E 38 53.22 72.82 -47.84
N GLY E 39 53.52 72.79 -46.54
CA GLY E 39 54.56 73.61 -45.97
C GLY E 39 55.61 72.80 -45.21
N LEU E 40 56.43 73.52 -44.45
CA LEU E 40 57.37 72.86 -43.56
C LEU E 40 56.64 72.04 -42.50
N ASP E 41 55.58 72.62 -41.94
CA ASP E 41 54.65 71.90 -41.06
C ASP E 41 55.36 71.28 -39.85
N TRP E 42 55.86 72.16 -38.98
CA TRP E 42 56.45 71.70 -37.73
C TRP E 42 55.43 70.99 -36.85
N SER E 43 54.20 71.49 -36.81
CA SER E 43 53.14 70.82 -36.06
C SER E 43 52.86 69.43 -36.63
N ASP E 44 52.82 69.33 -37.96
CA ASP E 44 52.61 68.02 -38.58
C ASP E 44 53.78 67.08 -38.33
N ILE E 45 55.01 67.60 -38.30
CA ILE E 45 56.17 66.78 -37.99
C ILE E 45 56.07 66.26 -36.56
N SER E 46 55.68 67.12 -35.62
CA SER E 46 55.48 66.68 -34.24
C SER E 46 54.38 65.63 -34.13
N SER E 47 53.27 65.83 -34.85
CA SER E 47 52.19 64.85 -34.84
C SER E 47 52.65 63.51 -35.41
N LEU E 48 53.44 63.56 -36.49
CA LEU E 48 53.96 62.32 -37.07
C LEU E 48 54.91 61.62 -36.11
N THR E 49 55.76 62.38 -35.41
CA THR E 49 56.65 61.77 -34.43
C THR E 49 55.86 61.14 -33.30
N GLN E 50 54.82 61.82 -32.82
CA GLN E 50 53.96 61.25 -31.78
C GLN E 50 53.27 59.99 -32.27
N MET E 51 52.78 59.99 -33.51
CA MET E 51 52.13 58.80 -34.05
C MET E 51 53.12 57.64 -34.18
N VAL E 52 54.35 57.91 -34.60
CA VAL E 52 55.35 56.87 -34.70
C VAL E 52 55.68 56.30 -33.32
N ASP E 53 55.83 57.19 -32.32
CA ASP E 53 56.10 56.71 -30.97
C ASP E 53 54.94 55.88 -30.43
N VAL E 54 53.71 56.30 -30.71
CA VAL E 54 52.53 55.55 -30.27
C VAL E 54 52.49 54.19 -30.95
N ILE E 55 52.79 54.12 -32.24
CA ILE E 55 52.80 52.85 -32.95
C ILE E 55 53.87 51.93 -32.36
N GLU E 56 55.05 52.48 -32.09
CA GLU E 56 56.12 51.67 -31.52
C GLU E 56 55.75 51.15 -30.13
N GLN E 57 55.10 51.99 -29.32
CA GLN E 57 54.74 51.59 -27.96
C GLN E 57 53.51 50.69 -27.90
N THR E 58 52.68 50.69 -28.95
CA THR E 58 51.49 49.85 -28.97
C THR E 58 51.67 48.58 -29.78
N VAL E 59 52.75 48.48 -30.57
CA VAL E 59 53.06 47.31 -31.35
C VAL E 59 54.39 46.74 -30.86
N VAL E 60 54.83 45.65 -31.51
CA VAL E 60 56.08 45.02 -31.13
C VAL E 60 57.28 45.83 -31.62
N LYS E 61 57.03 46.97 -32.25
CA LYS E 61 58.08 47.79 -32.89
C LYS E 61 58.78 46.96 -33.97
N TYR E 62 57.96 46.50 -34.91
CA TYR E 62 58.43 45.58 -35.94
C TYR E 62 59.34 46.30 -36.95
N GLY E 63 59.98 45.50 -37.79
CA GLY E 63 60.86 46.02 -38.81
C GLY E 63 60.19 46.96 -39.79
N ASN E 64 58.96 46.65 -40.21
CA ASN E 64 58.25 47.56 -41.10
C ASN E 64 58.00 48.91 -40.45
N PRO E 65 57.45 48.99 -39.23
CA PRO E 65 57.30 50.31 -38.59
C PRO E 65 58.63 51.01 -38.36
N ASN E 66 59.68 50.27 -38.01
CA ASN E 66 60.99 50.89 -37.81
C ASN E 66 61.50 51.50 -39.10
N ASP E 67 61.36 50.77 -40.21
CA ASP E 67 61.79 51.28 -41.51
C ASP E 67 60.96 52.49 -41.93
N SER E 68 59.65 52.46 -41.68
CA SER E 68 58.81 53.60 -42.03
C SER E 68 59.21 54.84 -41.22
N ILE E 69 59.47 54.67 -39.93
CA ILE E 69 59.89 55.80 -39.10
C ILE E 69 61.25 56.32 -39.55
N LYS E 70 62.18 55.42 -39.89
CA LYS E 70 63.49 55.84 -40.36
C LYS E 70 63.38 56.60 -41.69
N LEU E 71 62.53 56.12 -42.60
CA LEU E 71 62.32 56.82 -43.86
C LEU E 71 61.72 58.20 -43.64
N ALA E 72 60.75 58.31 -42.72
CA ALA E 72 60.17 59.61 -42.41
C ALA E 72 61.21 60.56 -41.84
N LEU E 73 62.06 60.07 -40.94
CA LEU E 73 63.10 60.91 -40.36
C LEU E 73 64.12 61.33 -41.40
N GLU E 74 64.48 60.42 -42.32
CA GLU E 74 65.40 60.76 -43.40
C GLU E 74 64.81 61.81 -44.33
N THR E 75 63.51 61.69 -44.64
CA THR E 75 62.84 62.72 -45.42
C THR E 75 62.77 64.04 -44.68
N ILE E 76 62.67 64.01 -43.35
CA ILE E 76 62.68 65.22 -42.54
C ILE E 76 64.11 65.66 -42.22
N LEU E 77 65.11 65.01 -42.82
CA LEU E 77 66.52 65.35 -42.66
C LEU E 77 66.95 65.25 -41.19
N TRP E 78 66.69 64.08 -40.61
CA TRP E 78 67.09 63.78 -39.24
C TRP E 78 67.80 62.43 -39.18
N GLN E 79 69.11 62.46 -39.44
CA GLN E 79 69.90 61.24 -39.42
C GLN E 79 70.01 60.66 -38.01
N ILE E 80 70.25 61.53 -37.03
CA ILE E 80 70.36 61.07 -35.64
C ILE E 80 69.04 60.48 -35.16
N LEU E 81 67.93 61.15 -35.47
CA LEU E 81 66.62 60.63 -35.09
C LEU E 81 66.29 59.32 -35.80
N ARG E 82 66.65 59.19 -37.07
CA ARG E 82 66.42 57.93 -37.77
C ARG E 82 67.25 56.80 -37.19
N LYS E 83 68.51 57.08 -36.83
CA LYS E 83 69.34 56.05 -36.24
C LYS E 83 68.87 55.65 -34.84
N TYR E 84 68.41 56.64 -34.06
CA TYR E 84 67.99 56.34 -32.69
C TYR E 84 66.84 55.34 -32.65
N PRO E 85 65.74 55.54 -33.38
CA PRO E 85 64.72 54.47 -33.45
C PRO E 85 65.27 53.18 -34.00
N LEU E 86 66.12 53.25 -35.03
CA LEU E 86 66.73 52.04 -35.58
C LEU E 86 67.65 51.36 -34.57
N LEU E 87 68.46 52.15 -33.85
CA LEU E 87 69.34 51.56 -32.84
C LEU E 87 68.51 50.91 -31.72
N PHE E 88 67.43 51.56 -31.30
CA PHE E 88 66.57 50.99 -30.28
C PHE E 88 65.89 49.70 -30.75
N GLY E 89 65.43 49.66 -32.00
CA GLY E 89 64.79 48.47 -32.51
C GLY E 89 65.76 47.34 -32.79
N PHE E 90 67.02 47.69 -33.02
CA PHE E 90 68.05 46.67 -33.19
C PHE E 90 68.53 46.12 -31.86
N TRP E 91 68.62 46.97 -30.83
CA TRP E 91 69.00 46.48 -29.51
C TRP E 91 67.83 45.79 -28.81
N LYS E 92 66.60 46.04 -29.27
CA LYS E 92 65.40 45.44 -28.72
C LYS E 92 64.93 44.27 -29.57
N ARG E 93 65.68 43.96 -30.63
CA ARG E 93 65.33 42.83 -31.49
C ARG E 93 66.59 42.40 -32.22
N PHE E 94 67.09 41.21 -31.89
CA PHE E 94 68.29 40.70 -32.53
C PHE E 94 68.08 40.41 -34.01
N ALA E 95 66.86 40.04 -34.40
CA ALA E 95 66.53 39.72 -35.79
C ALA E 95 66.05 40.94 -36.57
N THR E 96 66.32 42.15 -36.07
CA THR E 96 65.92 43.38 -36.75
C THR E 96 66.85 43.66 -37.93
N ILE E 97 66.65 42.87 -38.99
CA ILE E 97 67.47 43.02 -40.19
C ILE E 97 67.29 44.38 -40.84
N GLU E 98 66.05 44.85 -40.97
CA GLU E 98 65.81 46.15 -41.58
C GLU E 98 66.44 47.27 -40.75
N TYR E 99 66.30 47.19 -39.42
CA TYR E 99 66.91 48.20 -38.56
C TYR E 99 68.42 48.18 -38.66
N GLN E 100 69.03 46.98 -38.69
CA GLN E 100 70.48 46.89 -38.82
C GLN E 100 70.96 47.45 -40.14
N LEU E 101 70.23 47.16 -41.23
CA LEU E 101 70.60 47.67 -42.54
C LEU E 101 70.48 49.19 -42.58
N PHE E 102 69.40 49.75 -42.00
CA PHE E 102 69.25 51.20 -41.96
C PHE E 102 70.36 51.85 -41.13
N GLY E 103 70.71 51.24 -40.00
CA GLY E 103 71.78 51.77 -39.19
C GLY E 103 73.12 51.73 -39.91
N LEU E 104 73.40 50.64 -40.63
CA LEU E 104 74.63 50.57 -41.40
C LEU E 104 74.66 51.61 -42.51
N LYS E 105 73.53 51.80 -43.20
CA LYS E 105 73.46 52.81 -44.25
C LYS E 105 73.68 54.21 -43.69
N LYS E 106 73.11 54.49 -42.51
CA LYS E 106 73.29 55.81 -41.91
C LYS E 106 74.71 56.00 -41.41
N SER E 107 75.34 54.93 -40.91
CA SER E 107 76.68 55.05 -40.33
C SER E 107 77.76 54.98 -41.42
N ILE E 108 77.37 54.63 -42.64
CA ILE E 108 78.33 54.63 -43.74
C ILE E 108 78.92 56.02 -43.93
N ALA E 109 78.08 57.06 -43.89
CA ALA E 109 78.54 58.44 -43.89
C ALA E 109 78.35 59.00 -42.49
N VAL E 110 79.44 59.07 -41.73
CA VAL E 110 79.38 59.49 -40.33
C VAL E 110 80.60 60.33 -39.98
N LEU E 111 80.67 60.78 -38.73
CA LEU E 111 81.75 61.66 -38.28
C LEU E 111 82.99 60.88 -37.87
N ALA E 112 83.92 61.55 -37.21
CA ALA E 112 85.18 60.89 -36.81
C ALA E 112 84.92 59.74 -35.85
N THR E 113 83.91 59.86 -35.00
CA THR E 113 83.59 58.82 -34.02
C THR E 113 82.99 57.57 -34.67
N SER E 114 82.92 57.51 -35.99
CA SER E 114 82.37 56.34 -36.66
C SER E 114 83.20 55.09 -36.38
N VAL E 115 84.52 55.24 -36.39
CA VAL E 115 85.41 54.09 -36.19
C VAL E 115 85.18 53.42 -34.84
N LYS E 116 84.75 54.18 -33.83
CA LYS E 116 84.49 53.59 -32.52
C LYS E 116 83.02 53.18 -32.38
N TRP E 117 82.10 53.94 -32.99
CA TRP E 117 80.68 53.64 -32.83
C TRP E 117 80.25 52.46 -33.68
N PHE E 118 80.44 52.57 -35.01
CA PHE E 118 79.98 51.50 -35.90
C PHE E 118 80.65 50.17 -35.61
N PRO E 119 81.96 50.11 -35.32
CA PRO E 119 82.57 48.80 -35.02
C PRO E 119 81.94 48.09 -33.84
N THR E 120 81.56 48.82 -32.78
CA THR E 120 80.93 48.18 -31.63
C THR E 120 79.57 47.59 -32.00
N SER E 121 78.77 48.33 -32.76
CA SER E 121 77.48 47.80 -33.19
C SER E 121 77.64 46.62 -34.14
N LEU E 122 78.65 46.66 -35.01
CA LEU E 122 78.91 45.54 -35.91
C LEU E 122 79.32 44.30 -35.12
N GLU E 123 80.16 44.48 -34.10
CA GLU E 123 80.54 43.35 -33.26
C GLU E 123 79.34 42.79 -32.49
N LEU E 124 78.47 43.66 -31.97
CA LEU E 124 77.28 43.20 -31.28
C LEU E 124 76.37 42.42 -32.23
N TRP E 125 76.17 42.93 -33.44
CA TRP E 125 75.35 42.23 -34.41
C TRP E 125 75.95 40.90 -34.81
N CYS E 126 77.27 40.83 -34.96
CA CYS E 126 77.92 39.56 -35.28
C CYS E 126 77.78 38.56 -34.14
N ASP E 127 77.87 39.03 -32.89
CA ASP E 127 77.72 38.13 -31.77
C ASP E 127 76.27 37.73 -31.54
N TYR E 128 75.32 38.51 -32.05
CA TYR E 128 73.91 38.25 -31.78
C TYR E 128 73.21 37.47 -32.88
N LEU E 129 73.39 37.82 -34.16
CA LEU E 129 72.62 37.22 -35.24
C LEU E 129 73.42 36.89 -36.49
N ASN E 130 74.74 36.85 -36.43
CA ASN E 130 75.52 36.51 -37.62
C ASN E 130 75.34 35.06 -38.05
N VAL E 131 74.97 34.15 -37.13
CA VAL E 131 74.80 32.74 -37.48
C VAL E 131 73.44 32.46 -38.09
N LEU E 132 72.63 33.48 -38.36
CA LEU E 132 71.34 33.31 -39.00
C LEU E 132 71.49 33.38 -40.51
N CYS E 133 70.54 32.76 -41.20
CA CYS E 133 70.56 32.72 -42.66
C CYS E 133 70.32 34.08 -43.30
N VAL E 134 69.78 35.04 -42.55
CA VAL E 134 69.46 36.36 -43.10
C VAL E 134 70.53 37.36 -42.68
N ASN E 135 71.71 36.86 -42.32
CA ASN E 135 72.82 37.70 -41.87
C ASN E 135 73.80 38.02 -42.98
N ASN E 136 73.47 37.69 -44.24
CA ASN E 136 74.35 37.93 -45.37
C ASN E 136 74.62 39.43 -45.53
N PRO E 137 73.59 40.27 -45.47
CA PRO E 137 73.83 41.72 -45.55
C PRO E 137 74.70 42.24 -44.42
N ASN E 138 74.53 41.73 -43.20
CA ASN E 138 75.36 42.17 -42.08
C ASN E 138 76.81 41.80 -42.30
N GLU E 139 77.07 40.57 -42.77
CA GLU E 139 78.43 40.16 -43.07
C GLU E 139 79.03 40.99 -44.20
N THR E 140 78.23 41.29 -45.23
CA THR E 140 78.72 42.13 -46.32
C THR E 140 79.07 43.52 -45.84
N ASP E 141 78.23 44.11 -44.98
CA ASP E 141 78.52 45.44 -44.43
C ASP E 141 79.77 45.41 -43.57
N PHE E 142 79.94 44.36 -42.75
CA PHE E 142 81.14 44.25 -41.93
C PHE E 142 82.39 44.11 -42.80
N ILE E 143 82.31 43.32 -43.87
CA ILE E 143 83.45 43.16 -44.77
C ILE E 143 83.78 44.48 -45.46
N ARG E 144 82.75 45.21 -45.89
CA ARG E 144 82.99 46.51 -46.52
C ARG E 144 83.65 47.49 -45.55
N ASN E 145 83.16 47.52 -44.30
CA ASN E 145 83.76 48.40 -43.30
C ASN E 145 85.21 48.01 -43.02
N ASN E 146 85.49 46.71 -42.92
CA ASN E 146 86.85 46.25 -42.69
C ASN E 146 87.78 46.59 -43.85
N PHE E 147 87.31 46.45 -45.09
CA PHE E 147 88.11 46.83 -46.25
C PHE E 147 88.34 48.33 -46.33
N GLU E 148 87.33 49.14 -46.03
CA GLU E 148 87.51 50.59 -46.05
C GLU E 148 88.46 51.06 -44.95
N ILE E 149 88.36 50.48 -43.76
CA ILE E 149 89.21 50.86 -42.64
C ILE E 149 90.62 50.33 -42.86
N ALA E 150 91.60 50.93 -42.18
CA ALA E 150 92.99 50.52 -42.27
C ALA E 150 93.41 49.63 -41.11
N LYS E 151 92.46 49.21 -40.28
CA LYS E 151 92.74 48.35 -39.13
C LYS E 151 92.78 46.90 -39.59
N ASP E 152 93.99 46.47 -39.97
CA ASP E 152 94.17 45.10 -40.46
C ASP E 152 93.85 44.07 -39.39
N LEU E 153 94.29 44.31 -38.15
CA LEU E 153 94.01 43.38 -37.06
C LEU E 153 92.51 43.28 -36.79
N ILE E 154 91.82 44.41 -36.77
CA ILE E 154 90.39 44.40 -36.53
C ILE E 154 89.65 43.69 -37.66
N GLY E 155 90.06 43.95 -38.91
CA GLY E 155 89.44 43.27 -40.03
C GLY E 155 89.66 41.77 -39.99
N LYS E 156 90.88 41.34 -39.66
CA LYS E 156 91.16 39.92 -39.55
C LYS E 156 90.36 39.27 -38.43
N GLN E 157 90.25 39.93 -37.29
CA GLN E 157 89.45 39.39 -36.18
C GLN E 157 87.99 39.29 -36.58
N PHE E 158 87.45 40.30 -37.25
CA PHE E 158 86.06 40.25 -37.69
C PHE E 158 85.83 39.14 -38.71
N LEU E 159 86.78 38.95 -39.64
CA LEU E 159 86.66 37.86 -40.59
C LEU E 159 86.72 36.51 -39.90
N SER E 160 87.61 36.35 -38.93
CA SER E 160 87.71 35.09 -38.20
C SER E 160 86.45 34.80 -37.39
N HIS E 161 85.85 35.83 -36.78
CA HIS E 161 84.63 35.66 -36.02
C HIS E 161 83.51 35.14 -36.92
N PRO E 162 83.34 35.71 -38.12
CA PRO E 162 82.27 35.23 -38.99
C PRO E 162 82.63 33.99 -39.79
N PHE E 163 83.91 33.64 -39.89
CA PHE E 163 84.29 32.45 -40.65
C PHE E 163 83.93 31.16 -39.91
N TRP E 164 83.77 31.23 -38.60
CA TRP E 164 83.44 30.06 -37.80
C TRP E 164 81.95 29.92 -37.52
N ASP E 165 81.13 30.80 -38.09
CA ASP E 165 79.69 30.78 -37.89
C ASP E 165 79.00 30.09 -39.05
N LYS E 166 77.85 29.48 -38.78
CA LYS E 166 77.11 28.74 -39.79
C LYS E 166 76.12 29.69 -40.46
N PHE E 167 76.19 29.79 -41.78
CA PHE E 167 75.28 30.61 -42.57
C PHE E 167 74.90 29.85 -43.85
N ILE E 168 73.94 30.40 -44.58
CA ILE E 168 73.51 29.79 -45.84
C ILE E 168 74.65 29.83 -46.86
N GLU E 169 75.25 31.02 -47.04
CA GLU E 169 76.41 31.16 -47.92
C GLU E 169 77.70 31.07 -47.10
N PHE E 170 77.79 30.00 -46.31
CA PHE E 170 78.98 29.80 -45.48
C PHE E 170 80.20 29.49 -46.33
N GLU E 171 80.04 28.66 -47.37
CA GLU E 171 81.16 28.37 -48.26
C GLU E 171 81.62 29.62 -48.98
N VAL E 172 80.68 30.45 -49.46
CA VAL E 172 81.04 31.69 -50.13
C VAL E 172 81.78 32.62 -49.18
N GLY E 173 81.29 32.75 -47.95
CA GLY E 173 81.97 33.59 -46.97
C GLY E 173 83.36 33.10 -46.65
N GLN E 174 83.53 31.78 -46.47
CA GLN E 174 84.85 31.23 -46.19
C GLN E 174 85.80 31.44 -47.36
N LYS E 175 85.31 31.25 -48.59
CA LYS E 175 86.15 31.49 -49.77
C LYS E 175 86.56 32.95 -49.87
N ASN E 176 85.62 33.87 -49.60
CA ASN E 176 85.94 35.29 -49.62
C ASN E 176 86.98 35.64 -48.55
N TRP E 177 86.84 35.09 -47.34
CA TRP E 177 87.82 35.35 -46.29
C TRP E 177 89.19 34.80 -46.67
N HIS E 178 89.24 33.59 -47.21
CA HIS E 178 90.49 32.97 -47.61
C HIS E 178 91.15 33.67 -48.79
N ASN E 179 90.38 34.30 -49.68
CA ASN E 179 90.94 35.04 -50.79
C ASN E 179 91.32 36.46 -50.43
N VAL E 180 90.67 37.05 -49.41
CA VAL E 180 91.03 38.40 -48.99
C VAL E 180 92.19 38.37 -48.01
N GLN E 181 92.38 37.23 -47.33
CA GLN E 181 93.48 37.08 -46.37
C GLN E 181 94.79 36.91 -47.14
N ARG E 182 95.39 38.04 -47.50
CA ARG E 182 96.66 38.03 -48.21
C ARG E 182 97.85 38.06 -47.27
N ILE E 183 97.80 38.89 -46.23
CA ILE E 183 98.91 38.95 -45.27
C ILE E 183 98.77 37.90 -44.18
N TYR E 184 97.60 37.27 -44.07
CA TYR E 184 97.39 36.22 -43.06
C TYR E 184 96.72 35.01 -43.71
N GLU E 185 97.23 34.59 -44.87
CA GLU E 185 96.64 33.47 -45.59
C GLU E 185 96.73 32.17 -44.78
N TYR E 186 97.92 31.88 -44.25
CA TYR E 186 98.16 30.65 -43.51
C TYR E 186 98.94 30.95 -42.22
N ILE E 187 98.50 31.97 -41.49
CA ILE E 187 99.13 32.28 -40.20
C ILE E 187 98.95 31.11 -39.24
N ILE E 188 97.74 30.56 -39.17
CA ILE E 188 97.47 29.34 -38.40
C ILE E 188 96.75 28.40 -39.37
N GLU E 189 97.53 27.56 -40.05
CA GLU E 189 96.97 26.70 -41.09
C GLU E 189 96.02 25.66 -40.51
N VAL E 190 96.42 25.02 -39.40
CA VAL E 190 95.54 24.06 -38.75
C VAL E 190 94.27 24.72 -38.23
N PRO E 191 94.32 25.85 -37.53
CA PRO E 191 93.07 26.51 -37.13
C PRO E 191 92.21 26.94 -38.32
N LEU E 192 92.83 27.39 -39.41
CA LEU E 192 92.05 27.79 -40.58
C LEU E 192 91.35 26.59 -41.20
N HIS E 193 92.05 25.46 -41.34
CA HIS E 193 91.42 24.26 -41.88
C HIS E 193 90.31 23.75 -40.96
N GLN E 194 90.54 23.77 -39.65
CA GLN E 194 89.51 23.34 -38.71
C GLN E 194 88.27 24.23 -38.80
N TYR E 195 88.48 25.55 -38.87
CA TYR E 195 87.35 26.47 -39.00
C TYR E 195 86.60 26.26 -40.30
N ALA E 196 87.31 26.06 -41.41
CA ALA E 196 86.66 25.82 -42.69
C ALA E 196 85.84 24.54 -42.66
N ARG E 197 86.42 23.45 -42.12
CA ARG E 197 85.69 22.19 -42.04
C ARG E 197 84.46 22.31 -41.14
N PHE E 198 84.61 22.97 -39.99
CA PHE E 198 83.48 23.13 -39.07
C PHE E 198 82.38 23.96 -39.71
N PHE E 199 82.74 25.05 -40.38
CA PHE E 199 81.73 25.88 -41.04
C PHE E 199 81.02 25.13 -42.15
N THR E 200 81.77 24.37 -42.97
CA THR E 200 81.14 23.60 -44.04
C THR E 200 80.19 22.55 -43.49
N SER E 201 80.62 21.81 -42.45
CA SER E 201 79.75 20.80 -41.87
C SER E 201 78.52 21.43 -41.22
N TYR E 202 78.70 22.55 -40.53
CA TYR E 202 77.56 23.21 -39.90
C TYR E 202 76.57 23.72 -40.93
N LYS E 203 77.07 24.31 -42.03
CA LYS E 203 76.17 24.75 -43.09
C LYS E 203 75.44 23.59 -43.75
N LYS E 204 76.15 22.48 -44.01
CA LYS E 204 75.50 21.33 -44.62
C LYS E 204 74.41 20.76 -43.72
N PHE E 205 74.69 20.67 -42.41
CA PHE E 205 73.67 20.18 -41.48
C PHE E 205 72.52 21.17 -41.34
N LEU E 206 72.81 22.47 -41.39
CA LEU E 206 71.79 23.48 -41.18
C LEU E 206 70.87 23.65 -42.38
N ASN E 207 71.36 23.36 -43.59
CA ASN E 207 70.62 23.66 -44.82
C ASN E 207 69.17 23.15 -44.80
N GLU E 208 68.92 21.96 -44.26
CA GLU E 208 67.56 21.43 -44.22
C GLU E 208 66.64 22.33 -43.40
N LYS E 209 67.06 22.65 -42.17
CA LYS E 209 66.27 23.54 -41.32
C LYS E 209 66.17 24.93 -41.90
N ASN E 210 67.23 25.42 -42.54
CA ASN E 210 67.20 26.74 -43.16
C ASN E 210 66.16 26.81 -44.27
N LEU E 211 66.09 25.77 -45.11
CA LEU E 211 65.07 25.72 -46.15
C LEU E 211 63.67 25.55 -45.56
N LYS E 212 63.52 24.72 -44.53
CA LYS E 212 62.22 24.53 -43.92
C LYS E 212 61.74 25.78 -43.21
N THR E 213 62.67 26.65 -42.81
CA THR E 213 62.30 27.93 -42.22
C THR E 213 61.98 28.97 -43.30
N THR E 214 62.81 29.03 -44.34
CA THR E 214 62.54 29.92 -45.45
C THR E 214 61.23 29.59 -46.16
N ARG E 215 60.73 28.36 -45.99
CA ARG E 215 59.41 28.01 -46.50
C ARG E 215 58.31 28.13 -45.46
N ASN E 216 58.64 28.36 -44.18
CA ASN E 216 57.63 28.44 -43.14
C ASN E 216 57.82 29.58 -42.15
N ILE E 217 59.03 30.09 -41.97
CA ILE E 217 59.29 31.06 -40.91
C ILE E 217 59.01 32.46 -41.46
N ASP E 218 57.93 33.09 -40.97
CA ASP E 218 57.58 34.45 -41.33
C ASP E 218 56.59 34.98 -40.30
N ILE E 219 56.73 36.25 -39.94
CA ILE E 219 55.90 36.84 -38.88
C ILE E 219 54.53 37.21 -39.44
N VAL E 220 53.52 36.42 -39.08
CA VAL E 220 52.15 36.67 -39.51
C VAL E 220 51.20 36.52 -38.33
N LEU E 221 51.76 36.24 -37.15
CA LEU E 221 51.00 36.10 -35.91
C LEU E 221 49.93 35.00 -36.03
N ARG E 222 50.41 33.78 -36.25
CA ARG E 222 49.55 32.60 -36.36
C ARG E 222 50.41 31.35 -36.17
N LYS E 223 49.77 30.19 -36.24
CA LYS E 223 50.50 28.93 -36.14
C LYS E 223 51.44 28.71 -37.31
N THR E 224 50.98 28.96 -38.54
CA THR E 224 51.89 28.91 -39.68
C THR E 224 52.97 29.97 -39.57
N GLN E 225 52.65 31.10 -38.93
CA GLN E 225 53.67 32.11 -38.69
C GLN E 225 54.72 31.61 -37.70
N THR E 226 54.28 31.01 -36.60
CA THR E 226 55.22 30.44 -35.64
C THR E 226 56.03 29.31 -36.24
N THR E 227 55.49 28.64 -37.27
CA THR E 227 56.22 27.60 -37.99
C THR E 227 56.65 26.48 -37.05
N VAL E 228 55.67 25.72 -36.56
CA VAL E 228 55.93 24.72 -35.54
C VAL E 228 56.97 23.71 -36.01
N ASN E 229 56.88 23.28 -37.26
CA ASN E 229 57.83 22.29 -37.76
C ASN E 229 59.26 22.84 -37.78
N GLU E 230 59.43 24.06 -38.29
CA GLU E 230 60.75 24.67 -38.32
C GLU E 230 61.28 24.89 -36.91
N ILE E 231 60.41 25.32 -35.99
CA ILE E 231 60.83 25.56 -34.62
C ILE E 231 61.24 24.26 -33.94
N TRP E 232 60.50 23.18 -34.18
CA TRP E 232 60.88 21.88 -33.61
C TRP E 232 62.20 21.40 -34.19
N GLN E 233 62.41 21.57 -35.50
CA GLN E 233 63.68 21.19 -36.10
C GLN E 233 64.83 21.99 -35.51
N PHE E 234 64.65 23.30 -35.33
CA PHE E 234 65.70 24.13 -34.75
C PHE E 234 65.98 23.75 -33.31
N GLU E 235 64.93 23.49 -32.52
CA GLU E 235 65.12 23.08 -31.14
C GLU E 235 65.84 21.74 -31.05
N SER E 236 65.49 20.78 -31.92
CA SER E 236 66.20 19.51 -31.94
C SER E 236 67.66 19.68 -32.32
N LYS E 237 67.94 20.52 -33.32
CA LYS E 237 69.32 20.73 -33.75
C LYS E 237 70.13 21.47 -32.69
N ILE E 238 69.47 22.30 -31.87
CA ILE E 238 70.16 23.01 -30.81
C ILE E 238 70.35 22.17 -29.54
N LYS E 239 69.43 21.27 -29.25
CA LYS E 239 69.53 20.46 -28.04
C LYS E 239 70.36 19.20 -28.27
N GLN E 240 70.05 18.45 -29.32
CA GLN E 240 70.74 17.19 -29.58
C GLN E 240 72.13 17.45 -30.13
N PRO E 241 72.25 18.23 -31.21
CA PRO E 241 73.57 18.46 -31.79
C PRO E 241 74.32 19.59 -31.10
N PHE E 242 74.82 19.34 -29.89
CA PHE E 242 75.58 20.33 -29.12
C PHE E 242 77.04 20.29 -29.57
N PHE E 243 77.31 21.04 -30.65
CA PHE E 243 78.64 21.10 -31.25
C PHE E 243 79.47 22.26 -30.67
N ASN E 244 79.19 22.65 -29.43
CA ASN E 244 79.91 23.71 -28.71
C ASN E 244 79.63 25.08 -29.32
N LEU E 245 78.84 25.13 -30.39
CA LEU E 245 78.42 26.41 -30.95
C LEU E 245 77.13 26.89 -30.30
N GLY E 246 76.73 26.27 -29.20
CA GLY E 246 75.45 26.61 -28.58
C GLY E 246 75.35 28.05 -28.13
N GLN E 247 76.49 28.63 -27.72
CA GLN E 247 76.47 30.00 -27.20
C GLN E 247 75.96 30.99 -28.25
N VAL E 248 76.08 30.64 -29.53
CA VAL E 248 75.56 31.53 -30.57
C VAL E 248 74.32 30.92 -31.22
N LEU E 249 74.22 29.58 -31.23
CA LEU E 249 73.04 28.94 -31.78
C LEU E 249 71.79 29.25 -30.96
N ASN E 250 71.95 29.46 -29.64
CA ASN E 250 70.82 29.86 -28.81
C ASN E 250 70.25 31.20 -29.26
N ASP E 251 71.11 32.20 -29.49
CA ASP E 251 70.64 33.49 -29.97
C ASP E 251 70.06 33.37 -31.38
N ASP E 252 70.70 32.56 -32.23
CA ASP E 252 70.20 32.37 -33.59
C ASP E 252 68.80 31.76 -33.61
N LEU E 253 68.54 30.77 -32.74
CA LEU E 253 67.22 30.17 -32.67
C LEU E 253 66.22 31.10 -31.98
N GLU E 254 66.69 31.85 -30.98
CA GLU E 254 65.81 32.76 -30.26
C GLU E 254 65.33 33.90 -31.15
N ASN E 255 66.16 34.30 -32.12
CA ASN E 255 65.72 35.33 -33.06
C ASN E 255 64.47 34.89 -33.81
N TRP E 256 64.50 33.69 -34.40
CA TRP E 256 63.32 33.17 -35.08
C TRP E 256 62.19 32.84 -34.13
N SER E 257 62.50 32.42 -32.90
CA SER E 257 61.45 32.13 -31.93
C SER E 257 60.69 33.39 -31.51
N ARG E 258 61.40 34.49 -31.28
CA ARG E 258 60.75 35.75 -30.96
C ARG E 258 60.17 36.43 -32.19
N TYR E 259 60.59 36.02 -33.39
CA TYR E 259 59.96 36.52 -34.60
C TYR E 259 58.49 36.10 -34.69
N LEU E 260 58.09 35.05 -33.98
CA LEU E 260 56.70 34.61 -33.96
C LEU E 260 55.85 35.57 -33.13
N TYR E 288 55.20 36.59 -29.86
CA TYR E 288 55.40 36.13 -28.49
C TYR E 288 54.80 34.74 -28.28
N HIS E 289 55.51 33.91 -27.52
CA HIS E 289 55.11 32.54 -27.27
C HIS E 289 55.57 32.13 -25.89
N GLU E 290 54.61 32.02 -24.96
CA GLU E 290 54.94 31.71 -23.57
C GLU E 290 55.71 30.41 -23.45
N ASN E 291 55.25 29.35 -24.13
CA ASN E 291 55.94 28.08 -24.03
C ASN E 291 57.35 28.18 -24.57
N THR E 292 57.55 28.92 -25.66
CA THR E 292 58.90 29.11 -26.20
C THR E 292 59.79 29.86 -25.22
N TRP E 293 59.24 30.89 -24.55
CA TRP E 293 60.02 31.61 -23.55
C TRP E 293 60.43 30.70 -22.39
N MET E 294 59.51 29.88 -21.87
CA MET E 294 59.88 28.93 -20.83
C MET E 294 60.95 27.95 -21.33
N MET E 295 60.80 27.44 -22.54
CA MET E 295 61.81 26.51 -23.06
C MET E 295 63.17 27.18 -23.13
N TYR E 296 63.22 28.41 -23.65
CA TYR E 296 64.50 29.10 -23.81
C TYR E 296 65.13 29.41 -22.47
N ILE E 297 64.34 29.90 -21.51
CA ILE E 297 64.90 30.26 -20.21
C ILE E 297 65.38 29.02 -19.47
N LYS E 298 64.63 27.91 -19.56
CA LYS E 298 65.10 26.67 -18.97
C LYS E 298 66.39 26.21 -19.64
N TRP E 299 66.54 26.48 -20.94
CA TRP E 299 67.74 26.07 -21.64
C TRP E 299 68.96 26.84 -21.16
N LEU E 300 68.85 28.16 -20.97
CA LEU E 300 69.99 28.87 -20.38
C LEU E 300 70.21 28.47 -18.93
N THR E 301 69.14 28.16 -18.19
CA THR E 301 69.31 27.66 -16.83
C THR E 301 70.10 26.37 -16.82
N LYS E 302 69.85 25.48 -17.77
CA LYS E 302 70.64 24.26 -17.90
C LYS E 302 72.07 24.58 -18.31
N LYS E 303 72.26 25.67 -19.05
CA LYS E 303 73.61 26.14 -19.33
C LYS E 303 74.33 26.71 -18.11
N ASN E 304 73.59 27.19 -17.11
CA ASN E 304 74.14 27.86 -15.93
C ASN E 304 75.05 29.02 -16.32
N ILE E 305 74.46 29.96 -17.07
CA ILE E 305 75.17 31.16 -17.49
C ILE E 305 75.16 32.19 -16.36
N SER E 306 75.93 33.26 -16.54
CA SER E 306 76.04 34.28 -15.50
C SER E 306 74.71 34.98 -15.27
N ASP E 307 74.53 35.49 -14.05
CA ASP E 307 73.23 35.94 -13.58
C ASP E 307 72.70 37.17 -14.32
N GLU E 308 73.57 38.11 -14.69
CA GLU E 308 73.06 39.35 -15.28
C GLU E 308 72.40 39.10 -16.63
N VAL E 309 72.89 38.14 -17.40
CA VAL E 309 72.30 37.88 -18.71
C VAL E 309 70.91 37.29 -18.58
N VAL E 310 70.74 36.30 -17.69
CA VAL E 310 69.41 35.73 -17.50
C VAL E 310 68.47 36.75 -16.88
N VAL E 311 68.98 37.61 -16.00
CA VAL E 311 68.14 38.69 -15.47
C VAL E 311 67.70 39.63 -16.58
N ASP E 312 68.61 39.96 -17.49
CA ASP E 312 68.26 40.82 -18.62
C ASP E 312 67.22 40.17 -19.51
N ILE E 313 67.35 38.87 -19.74
CA ILE E 313 66.37 38.16 -20.57
C ILE E 313 65.01 38.13 -19.88
N TYR E 314 65.00 37.91 -18.57
CA TYR E 314 63.74 37.97 -17.81
C TYR E 314 63.10 39.35 -17.92
N GLN E 315 63.91 40.41 -17.81
CA GLN E 315 63.38 41.76 -17.97
C GLN E 315 62.85 41.99 -19.37
N LYS E 316 63.55 41.51 -20.40
CA LYS E 316 63.09 41.67 -21.77
C LYS E 316 61.77 40.96 -21.99
N ALA E 317 61.62 39.76 -21.42
CA ALA E 317 60.32 39.08 -21.48
C ALA E 317 59.25 39.85 -20.73
N ASN E 318 59.59 40.41 -19.56
CA ASN E 318 58.64 41.22 -18.80
C ASN E 318 58.15 42.41 -19.60
N THR E 319 59.03 43.03 -20.39
CA THR E 319 58.62 44.18 -21.19
C THR E 319 57.84 43.75 -22.43
N PHE E 320 58.43 42.89 -23.25
CA PHE E 320 57.81 42.51 -24.52
C PHE E 320 56.49 41.78 -24.33
N LEU E 321 56.43 40.84 -23.40
CA LEU E 321 55.22 40.06 -23.21
C LEU E 321 54.09 40.97 -22.72
N PRO E 322 52.86 40.76 -23.19
CA PRO E 322 51.73 41.55 -22.70
C PRO E 322 51.29 41.05 -21.33
N LEU E 323 50.34 41.80 -20.75
CA LEU E 323 49.89 41.49 -19.40
C LEU E 323 48.92 40.30 -19.42
N ASP E 324 48.46 39.94 -18.22
CA ASP E 324 47.54 38.82 -17.99
C ASP E 324 48.08 37.48 -18.49
N PHE E 325 49.37 37.20 -18.29
CA PHE E 325 49.86 35.83 -18.46
C PHE E 325 50.20 35.20 -17.12
N LYS E 326 50.83 35.97 -16.23
CA LYS E 326 51.01 35.63 -14.82
C LYS E 326 51.83 34.37 -14.59
N THR E 327 52.64 33.95 -15.55
CA THR E 327 53.48 32.77 -15.35
C THR E 327 54.97 33.07 -15.45
N LEU E 328 55.44 33.72 -16.51
CA LEU E 328 56.85 34.05 -16.62
C LEU E 328 57.24 35.08 -15.58
N ARG E 329 56.34 35.99 -15.24
CA ARG E 329 56.64 37.00 -14.23
C ARG E 329 56.83 36.39 -12.85
N TYR E 330 55.94 35.47 -12.46
CA TYR E 330 56.13 34.78 -11.19
C TYR E 330 57.37 33.88 -11.23
N ASP E 331 57.66 33.27 -12.37
CA ASP E 331 58.90 32.50 -12.49
C ASP E 331 60.12 33.39 -12.29
N PHE E 332 60.12 34.58 -12.86
CA PHE E 332 61.22 35.53 -12.68
C PHE E 332 61.34 35.97 -11.22
N LEU E 333 60.23 36.25 -10.56
CA LEU E 333 60.28 36.67 -9.17
C LEU E 333 60.82 35.55 -8.28
N ARG E 334 60.39 34.31 -8.53
CA ARG E 334 60.94 33.16 -7.80
C ARG E 334 62.41 32.95 -8.10
N PHE E 335 62.85 33.18 -9.34
CA PHE E 335 64.26 33.11 -9.67
C PHE E 335 65.06 34.15 -8.89
N LEU E 336 64.55 35.38 -8.79
CA LEU E 336 65.22 36.38 -7.97
C LEU E 336 65.28 35.94 -6.51
N LYS E 337 64.18 35.39 -6.00
CA LYS E 337 64.17 34.94 -4.61
C LYS E 337 65.22 33.86 -4.36
N ARG E 338 65.39 32.91 -5.29
CA ARG E 338 66.35 31.85 -5.06
C ARG E 338 67.79 32.35 -5.25
N LYS E 339 68.03 33.19 -6.24
CA LYS E 339 69.39 33.64 -6.54
C LYS E 339 69.81 34.89 -5.76
N TYR E 340 68.94 35.39 -4.88
CA TYR E 340 69.28 36.55 -4.06
C TYR E 340 70.56 36.34 -3.27
N ARG E 341 70.73 35.16 -2.68
CA ARG E 341 71.91 34.83 -1.88
C ARG E 341 73.22 35.24 -2.54
N SER E 342 73.30 35.16 -3.86
CA SER E 342 74.57 35.42 -4.54
C SER E 342 75.02 36.86 -4.38
N ASN E 343 74.09 37.81 -4.47
CA ASN E 343 74.47 39.22 -4.48
C ASN E 343 74.02 40.00 -3.26
N ASN E 344 72.76 39.83 -2.82
CA ASN E 344 72.27 40.39 -1.56
C ASN E 344 72.12 41.91 -1.59
N THR E 345 72.58 42.58 -2.65
CA THR E 345 72.40 44.01 -2.75
C THR E 345 71.67 44.46 -4.01
N LEU E 346 72.10 43.97 -5.19
CA LEU E 346 71.45 44.38 -6.44
C LEU E 346 70.10 43.70 -6.62
N PHE E 347 70.01 42.44 -6.22
CA PHE E 347 68.77 41.69 -6.38
C PHE E 347 67.67 42.26 -5.50
N ASN E 348 68.01 42.88 -4.37
CA ASN E 348 67.00 43.55 -3.57
C ASN E 348 66.36 44.70 -4.33
N ASN E 349 67.19 45.54 -4.97
CA ASN E 349 66.65 46.65 -5.75
C ASN E 349 65.84 46.14 -6.93
N ILE E 350 66.33 45.11 -7.62
CA ILE E 350 65.58 44.56 -8.75
C ILE E 350 64.23 44.02 -8.29
N PHE E 351 64.23 43.30 -7.16
CA PHE E 351 62.99 42.75 -6.62
C PHE E 351 62.01 43.85 -6.24
N ASN E 352 62.50 44.90 -5.59
CA ASN E 352 61.60 45.99 -5.19
C ASN E 352 61.00 46.68 -6.40
N GLU E 353 61.83 46.95 -7.43
CA GLU E 353 61.31 47.59 -8.63
C GLU E 353 60.27 46.70 -9.32
N THR E 354 60.56 45.41 -9.45
CA THR E 354 59.65 44.50 -10.12
C THR E 354 58.35 44.36 -9.36
N VAL E 355 58.41 44.28 -8.02
CA VAL E 355 57.20 44.16 -7.23
C VAL E 355 56.38 45.44 -7.30
N SER E 356 57.02 46.61 -7.30
CA SER E 356 56.28 47.84 -7.47
C SER E 356 55.53 47.86 -8.80
N ARG E 357 56.22 47.50 -9.89
CA ARG E 357 55.56 47.48 -11.19
C ARG E 357 54.43 46.47 -11.23
N TYR E 358 54.66 45.28 -10.66
CA TYR E 358 53.65 44.22 -10.71
C TYR E 358 52.42 44.58 -9.90
N LEU E 359 52.60 45.18 -8.72
CA LEU E 359 51.46 45.60 -7.93
C LEU E 359 50.77 46.82 -8.51
N LYS E 360 51.48 47.62 -9.32
CA LYS E 360 50.81 48.71 -10.01
C LYS E 360 49.98 48.22 -11.19
N ILE E 361 50.42 47.13 -11.84
CA ILE E 361 49.66 46.61 -12.97
C ILE E 361 48.61 45.59 -12.57
N TRP E 362 48.70 45.01 -11.38
CA TRP E 362 47.77 43.99 -10.89
C TRP E 362 47.25 44.44 -9.52
N PRO E 363 46.28 45.35 -9.49
CA PRO E 363 45.84 45.91 -8.21
C PRO E 363 45.26 44.87 -7.26
N ASN E 364 44.64 43.81 -7.75
CA ASN E 364 43.92 42.87 -6.90
C ASN E 364 44.75 41.65 -6.50
N ASP E 365 45.95 41.48 -7.04
CA ASP E 365 46.76 40.32 -6.72
C ASP E 365 47.36 40.47 -5.33
N ILE E 366 47.58 39.33 -4.66
CA ILE E 366 47.99 39.35 -3.26
C ILE E 366 49.35 38.71 -2.99
N LEU E 367 49.71 37.65 -3.71
CA LEU E 367 50.97 36.97 -3.47
C LEU E 367 52.16 37.92 -3.63
N LEU E 368 52.02 38.97 -4.44
CA LEU E 368 53.06 39.99 -4.55
C LEU E 368 53.31 40.65 -3.21
N MET E 369 52.26 40.92 -2.45
CA MET E 369 52.43 41.61 -1.16
C MET E 369 53.17 40.73 -0.16
N THR E 370 52.82 39.44 -0.08
CA THR E 370 53.52 38.58 0.88
C THR E 370 54.96 38.35 0.45
N GLU E 371 55.22 38.28 -0.86
CA GLU E 371 56.59 38.18 -1.33
C GLU E 371 57.39 39.43 -0.97
N TYR E 372 56.78 40.61 -1.13
CA TYR E 372 57.48 41.84 -0.78
C TYR E 372 57.74 41.91 0.72
N LEU E 373 56.77 41.51 1.54
CA LEU E 373 56.98 41.54 2.98
C LEU E 373 58.08 40.57 3.39
N CYS E 374 58.12 39.38 2.80
CA CYS E 374 59.18 38.43 3.11
C CYS E 374 60.54 38.97 2.70
N MET E 375 60.64 39.53 1.48
CA MET E 375 61.91 40.11 1.06
C MET E 375 62.35 41.25 1.97
N LEU E 376 61.43 42.15 2.35
CA LEU E 376 61.81 43.28 3.19
C LEU E 376 62.27 42.80 4.56
N LYS E 377 61.49 41.92 5.19
CA LYS E 377 61.86 41.43 6.52
C LYS E 377 63.10 40.55 6.47
N ARG E 378 63.45 40.00 5.31
CA ARG E 378 64.66 39.18 5.23
C ARG E 378 65.89 40.05 4.98
N HIS E 379 65.78 41.07 4.15
CA HIS E 379 66.93 41.90 3.77
C HIS E 379 67.11 43.09 4.72
N SER E 380 66.10 43.97 4.77
CA SER E 380 66.27 45.22 5.50
C SER E 380 66.42 44.99 7.00
N PHE E 381 65.71 44.00 7.55
CA PHE E 381 65.77 43.68 8.98
C PHE E 381 66.43 42.31 9.08
N LYS E 382 67.75 42.29 9.08
CA LYS E 382 68.50 41.04 9.06
C LYS E 382 68.72 40.56 10.49
N ASN E 383 68.25 39.35 10.78
CA ASN E 383 68.47 38.73 12.09
C ASN E 383 69.38 37.52 11.92
N SER E 384 69.94 37.05 13.03
CA SER E 384 70.79 35.86 13.05
C SER E 384 70.87 35.38 14.49
N LEU E 385 71.11 34.08 14.64
CA LEU E 385 71.11 33.46 15.96
C LEU E 385 72.38 33.74 16.76
N ASP E 386 73.47 34.13 16.09
CA ASP E 386 74.72 34.38 16.81
C ASP E 386 74.60 35.60 17.72
N GLN E 387 73.98 36.67 17.22
CA GLN E 387 73.94 37.93 17.93
C GLN E 387 72.96 37.89 19.10
N SER E 388 73.01 38.95 19.92
CA SER E 388 72.33 38.94 21.21
C SER E 388 70.81 39.01 21.03
N PRO E 389 70.07 38.34 21.92
CA PRO E 389 68.61 38.44 21.87
C PRO E 389 68.08 39.84 22.07
N LYS E 390 68.73 40.68 22.88
CA LYS E 390 68.28 42.05 23.04
C LYS E 390 68.38 42.84 21.74
N GLU E 391 69.44 42.62 20.97
CA GLU E 391 69.53 43.26 19.67
C GLU E 391 68.51 42.68 18.70
N ILE E 392 68.29 41.36 18.79
CA ILE E 392 67.33 40.72 17.88
C ILE E 392 65.93 41.28 18.10
N LEU E 393 65.52 41.43 19.35
CA LEU E 393 64.15 41.87 19.63
C LEU E 393 63.90 43.29 19.15
N GLU E 394 64.96 44.11 19.05
CA GLU E 394 64.79 45.47 18.57
C GLU E 394 64.34 45.49 17.12
N LYS E 395 64.88 44.59 16.29
CA LYS E 395 64.46 44.52 14.89
C LYS E 395 62.98 44.15 14.79
N GLN E 396 62.54 43.18 15.61
CA GLN E 396 61.14 42.80 15.58
C GLN E 396 60.24 43.93 16.04
N THR E 397 60.66 44.66 17.08
CA THR E 397 59.89 45.81 17.53
C THR E 397 59.80 46.89 16.47
N SER E 398 60.91 47.17 15.77
CA SER E 398 60.88 48.14 14.68
C SER E 398 59.97 47.68 13.56
N PHE E 399 59.98 46.37 13.26
CA PHE E 399 59.08 45.83 12.25
C PHE E 399 57.62 46.04 12.64
N THR E 400 57.28 45.73 13.89
CA THR E 400 55.91 45.96 14.36
C THR E 400 55.55 47.44 14.25
N LYS E 401 56.48 48.32 14.64
CA LYS E 401 56.20 49.75 14.59
C LYS E 401 55.96 50.22 13.16
N ILE E 402 56.79 49.79 12.21
CA ILE E 402 56.62 50.28 10.84
C ILE E 402 55.33 49.76 10.23
N LEU E 403 55.00 48.48 10.49
CA LEU E 403 53.72 47.96 10.00
C LEU E 403 52.54 48.73 10.61
N GLU E 404 52.61 49.00 11.91
CA GLU E 404 51.51 49.72 12.57
C GLU E 404 51.35 51.12 12.00
N THR E 405 52.46 51.85 11.84
CA THR E 405 52.38 53.20 11.30
C THR E 405 51.85 53.21 9.87
N SER E 406 52.35 52.30 9.03
CA SER E 406 51.86 52.24 7.65
C SER E 406 50.37 51.95 7.60
N ILE E 407 49.90 50.98 8.40
CA ILE E 407 48.49 50.63 8.37
C ILE E 407 47.64 51.78 8.85
N THR E 408 48.02 52.40 9.97
CA THR E 408 47.21 53.51 10.50
C THR E 408 47.18 54.68 9.53
N ASN E 409 48.32 55.03 8.94
CA ASN E 409 48.35 56.14 7.99
C ASN E 409 47.53 55.84 6.73
N TYR E 410 47.58 54.60 6.23
CA TYR E 410 46.77 54.28 5.05
C TYR E 410 45.30 54.24 5.36
N ILE E 411 44.92 53.78 6.55
CA ILE E 411 43.51 53.82 6.95
C ILE E 411 43.03 55.26 7.06
N ASN E 412 43.84 56.13 7.64
CA ASN E 412 43.48 57.54 7.73
C ASN E 412 43.82 58.31 6.45
N ASN E 413 44.40 57.65 5.46
CA ASN E 413 44.66 58.24 4.14
C ASN E 413 45.62 59.42 4.22
N GLN E 414 46.82 59.16 4.75
CA GLN E 414 47.94 60.11 4.70
C GLN E 414 49.17 59.32 4.23
N ILE E 415 49.32 59.22 2.91
CA ILE E 415 50.39 58.41 2.33
C ILE E 415 51.72 59.15 2.49
N ASP E 416 52.76 58.43 2.90
CA ASP E 416 54.10 59.00 3.03
C ASP E 416 55.00 58.37 1.98
N ALA E 417 55.44 59.18 1.02
CA ALA E 417 56.21 58.67 -0.11
C ALA E 417 57.60 58.19 0.28
N LYS E 418 58.13 58.63 1.43
CA LYS E 418 59.46 58.19 1.84
C LYS E 418 59.50 56.69 2.10
N VAL E 419 58.48 56.16 2.75
CA VAL E 419 58.41 54.72 3.03
C VAL E 419 57.82 54.02 1.81
N HIS E 420 58.55 53.03 1.30
CA HIS E 420 58.11 52.30 0.11
C HIS E 420 56.91 51.40 0.39
N LEU E 421 56.78 50.87 1.61
CA LEU E 421 55.66 49.99 1.93
C LEU E 421 54.33 50.72 1.79
N GLN E 422 54.27 51.97 2.26
CA GLN E 422 53.02 52.72 2.20
C GLN E 422 52.57 53.02 0.78
N THR E 423 53.50 53.36 -0.13
CA THR E 423 53.11 53.62 -1.50
C THR E 423 52.83 52.33 -2.25
N LEU E 424 53.50 51.23 -1.88
CA LEU E 424 53.25 49.96 -2.54
C LEU E 424 51.98 49.29 -2.04
N ILE E 425 51.48 49.69 -0.88
CA ILE E 425 50.30 49.04 -0.32
C ILE E 425 49.10 49.29 -1.22
N ASN E 426 48.09 48.44 -1.07
CA ASN E 426 46.92 48.51 -1.92
C ASN E 426 45.69 48.15 -1.11
N ASP E 427 44.53 48.49 -1.66
CA ASP E 427 43.26 48.34 -0.97
C ASP E 427 42.82 46.88 -0.86
N LYS E 428 43.24 46.02 -1.78
CA LYS E 428 42.99 44.58 -1.65
C LYS E 428 44.03 43.92 -0.76
N ASN E 429 45.25 44.46 -0.74
CA ASN E 429 46.37 43.89 -0.01
C ASN E 429 46.57 44.56 1.36
N LEU E 430 45.48 44.96 2.01
CA LEU E 430 45.58 45.53 3.35
C LEU E 430 45.41 44.45 4.42
N SER E 431 44.51 43.50 4.18
CA SER E 431 44.28 42.42 5.13
C SER E 431 45.53 41.57 5.33
N ILE E 432 46.32 41.35 4.29
CA ILE E 432 47.56 40.61 4.45
C ILE E 432 48.56 41.34 5.33
N VAL E 433 48.71 42.65 5.16
CA VAL E 433 49.65 43.40 5.99
C VAL E 433 49.19 43.39 7.45
N VAL E 434 47.89 43.60 7.68
CA VAL E 434 47.43 43.62 9.07
C VAL E 434 47.54 42.23 9.69
N VAL E 435 47.27 41.18 8.92
CA VAL E 435 47.37 39.83 9.48
C VAL E 435 48.82 39.49 9.76
N GLU E 436 49.75 39.99 8.95
CA GLU E 436 51.16 39.80 9.26
C GLU E 436 51.54 40.51 10.55
N LEU E 437 51.01 41.73 10.74
CA LEU E 437 51.22 42.43 12.01
C LEU E 437 50.70 41.61 13.18
N ILE E 438 49.50 41.05 13.04
CA ILE E 438 48.93 40.22 14.11
C ILE E 438 49.82 39.03 14.39
N LYS E 439 50.27 38.37 13.33
CA LYS E 439 51.09 37.17 13.49
C LYS E 439 52.40 37.50 14.21
N THR E 440 53.07 38.58 13.80
CA THR E 440 54.31 38.96 14.47
C THR E 440 54.08 39.32 15.93
N THR E 441 53.04 40.11 16.22
CA THR E 441 52.79 40.51 17.59
C THR E 441 52.47 39.31 18.47
N TRP E 442 51.67 38.38 17.95
CA TRP E 442 51.21 37.27 18.77
C TRP E 442 52.30 36.22 18.96
N LEU E 443 53.10 35.96 17.92
CA LEU E 443 54.07 34.87 18.01
C LEU E 443 55.43 35.32 18.53
N VAL E 444 55.94 36.47 18.11
CA VAL E 444 57.30 36.86 18.47
C VAL E 444 57.30 37.66 19.76
N LEU E 445 56.62 38.80 19.76
CA LEU E 445 56.56 39.62 20.97
C LEU E 445 55.76 38.96 22.08
N LYS E 446 54.91 37.98 21.75
CA LYS E 446 54.13 37.24 22.74
C LYS E 446 53.29 38.17 23.60
N ASN E 447 52.65 39.15 22.97
CA ASN E 447 51.83 40.14 23.67
C ASN E 447 50.36 39.80 23.39
N ASN E 448 49.80 38.92 24.21
CA ASN E 448 48.43 38.45 24.01
C ASN E 448 47.40 39.56 24.17
N MET E 449 47.58 40.42 25.18
CA MET E 449 46.63 41.51 25.38
C MET E 449 46.62 42.44 24.17
N GLN E 450 47.80 42.78 23.64
CA GLN E 450 47.86 43.64 22.47
C GLN E 450 47.31 42.94 21.24
N THR E 451 47.51 41.63 21.10
CA THR E 451 46.94 40.90 19.97
C THR E 451 45.42 40.95 20.03
N ARG E 452 44.84 40.72 21.21
CA ARG E 452 43.40 40.81 21.36
C ARG E 452 42.90 42.22 21.07
N LYS E 453 43.64 43.24 21.52
CA LYS E 453 43.28 44.62 21.23
C LYS E 453 43.28 44.88 19.73
N TYR E 454 44.30 44.39 19.02
CA TYR E 454 44.35 44.56 17.57
C TYR E 454 43.18 43.88 16.89
N PHE E 455 42.85 42.66 17.33
CA PHE E 455 41.70 41.97 16.76
C PHE E 455 40.42 42.77 16.95
N ASN E 456 40.20 43.27 18.17
CA ASN E 456 38.98 44.03 18.43
C ASN E 456 38.95 45.32 17.62
N LEU E 457 40.09 46.00 17.49
CA LEU E 457 40.12 47.27 16.78
C LEU E 457 39.87 47.09 15.29
N TYR E 458 40.56 46.14 14.66
CA TYR E 458 40.53 46.02 13.22
C TYR E 458 39.50 45.00 12.72
N GLN E 459 38.75 44.37 13.63
CA GLN E 459 37.65 43.51 13.22
C GLN E 459 36.53 44.31 12.56
N LYS E 460 36.21 45.49 13.09
CA LYS E 460 35.06 46.25 12.63
C LYS E 460 35.30 47.02 11.36
N ASN E 461 36.55 47.15 10.92
CA ASN E 461 36.83 47.86 9.68
C ASN E 461 36.21 47.11 8.51
N ILE E 462 35.45 47.83 7.69
CA ILE E 462 34.86 47.24 6.50
C ILE E 462 35.94 46.78 5.55
N LEU E 463 37.12 47.41 5.62
CA LEU E 463 38.15 47.18 4.63
C LEU E 463 38.82 45.83 4.79
N ILE E 464 38.82 45.27 6.00
CA ILE E 464 39.45 43.99 6.28
C ILE E 464 38.51 43.04 7.01
N LYS E 465 37.22 43.39 7.09
CA LYS E 465 36.29 42.56 7.84
C LYS E 465 36.04 41.21 7.17
N ASN E 466 35.72 41.21 5.87
CA ASN E 466 35.41 39.96 5.16
C ASN E 466 36.61 39.45 4.38
N SER E 467 37.72 39.14 5.07
CA SER E 467 38.92 38.65 4.43
C SER E 467 39.25 37.26 4.96
N VAL E 468 39.86 36.43 4.11
CA VAL E 468 40.15 35.04 4.47
C VAL E 468 41.36 34.93 5.39
N PRO E 469 42.54 35.47 5.04
CA PRO E 469 43.70 35.28 5.93
C PRO E 469 43.49 35.85 7.32
N PHE E 470 42.81 36.98 7.45
CA PHE E 470 42.61 37.58 8.77
C PHE E 470 41.77 36.66 9.66
N TRP E 471 40.65 36.16 9.14
CA TRP E 471 39.80 35.30 9.95
C TRP E 471 40.43 33.93 10.17
N LEU E 472 41.20 33.41 9.21
CA LEU E 472 41.89 32.16 9.47
C LEU E 472 42.97 32.31 10.55
N THR E 473 43.67 33.43 10.58
CA THR E 473 44.64 33.64 11.65
C THR E 473 43.93 33.88 12.98
N TYR E 474 42.77 34.53 12.96
CA TYR E 474 41.98 34.62 14.18
C TYR E 474 41.56 33.25 14.67
N TYR E 475 41.18 32.37 13.74
CA TYR E 475 40.84 31.00 14.10
C TYR E 475 42.02 30.26 14.69
N LYS E 476 43.20 30.43 14.09
CA LYS E 476 44.40 29.78 14.63
C LYS E 476 44.74 30.32 16.01
N PHE E 477 44.50 31.62 16.25
CA PHE E 477 44.76 32.18 17.58
C PHE E 477 43.79 31.62 18.61
N GLU E 478 42.50 31.63 18.29
CA GLU E 478 41.49 31.11 19.19
C GLU E 478 41.50 29.59 19.27
N LYS E 479 42.33 28.93 18.46
CA LYS E 479 42.57 27.50 18.63
C LYS E 479 43.85 27.25 19.44
N SER E 480 44.85 28.11 19.29
CA SER E 480 46.04 28.04 20.14
C SER E 480 45.67 28.26 21.59
N ASN E 481 44.80 29.22 21.85
CA ASN E 481 44.05 29.18 23.10
C ASN E 481 42.90 28.18 22.95
N VAL E 482 42.63 27.44 24.02
CA VAL E 482 41.67 26.34 23.92
C VAL E 482 40.23 26.84 23.97
N ASN E 483 40.01 28.09 24.35
CA ASN E 483 38.67 28.59 24.66
C ASN E 483 37.70 28.31 23.52
N PHE E 484 36.51 27.83 23.89
CA PHE E 484 35.48 27.47 22.92
C PHE E 484 34.38 28.51 22.80
N THR E 485 34.28 29.45 23.74
CA THR E 485 33.23 30.46 23.64
C THR E 485 33.44 31.34 22.41
N LYS E 486 34.66 31.85 22.22
CA LYS E 486 34.94 32.68 21.06
C LYS E 486 34.77 31.89 19.76
N LEU E 487 35.19 30.62 19.74
CA LEU E 487 35.06 29.82 18.53
C LEU E 487 33.60 29.55 18.21
N ASN E 488 32.78 29.27 19.22
CA ASN E 488 31.36 29.06 18.98
C ASN E 488 30.69 30.33 18.46
N LYS E 489 31.02 31.47 19.06
CA LYS E 489 30.52 32.73 18.53
C LYS E 489 30.97 32.95 17.09
N PHE E 490 32.22 32.62 16.78
CA PHE E 490 32.76 32.83 15.44
C PHE E 490 32.02 31.97 14.42
N ILE E 491 31.87 30.67 14.70
CA ILE E 491 31.19 29.80 13.74
C ILE E 491 29.68 30.00 13.73
N ARG E 492 29.12 30.66 14.74
CA ARG E 492 27.73 31.09 14.65
C ARG E 492 27.60 32.31 13.74
N GLU E 493 28.56 33.24 13.81
CA GLU E 493 28.54 34.42 12.96
C GLU E 493 29.00 34.13 11.54
N LEU E 494 29.61 32.97 11.30
CA LEU E 494 30.14 32.62 9.98
C LEU E 494 29.14 32.74 8.85
N GLY E 495 27.84 32.76 9.14
CA GLY E 495 26.86 32.90 8.07
C GLY E 495 26.16 34.24 8.10
N VAL E 496 26.21 34.92 9.25
CA VAL E 496 25.46 36.15 9.45
C VAL E 496 26.34 37.38 9.23
N GLU E 497 27.45 37.47 9.97
CA GLU E 497 28.24 38.70 9.97
C GLU E 497 29.58 38.56 9.25
N ILE E 498 30.11 37.35 9.13
CA ILE E 498 31.41 37.12 8.51
C ILE E 498 31.19 36.38 7.21
N TYR E 499 31.31 37.09 6.09
CA TYR E 499 31.04 36.53 4.77
C TYR E 499 32.36 36.04 4.20
N LEU E 500 32.59 34.74 4.29
CA LEU E 500 33.79 34.08 3.79
C LEU E 500 33.41 33.16 2.63
N PRO E 501 34.36 32.89 1.73
CA PRO E 501 34.09 31.96 0.63
C PRO E 501 33.63 30.60 1.17
N THR E 502 32.68 30.01 0.46
CA THR E 502 32.02 28.81 0.99
C THR E 502 33.01 27.65 1.14
N THR E 503 34.05 27.60 0.31
CA THR E 503 35.07 26.58 0.51
C THR E 503 35.79 26.77 1.85
N VAL E 504 36.14 28.00 2.18
CA VAL E 504 36.81 28.26 3.45
C VAL E 504 35.85 28.02 4.61
N MET E 505 34.57 28.33 4.42
CA MET E 505 33.58 28.01 5.44
C MET E 505 33.50 26.51 5.69
N ASN E 506 33.49 25.70 4.62
CA ASN E 506 33.47 24.26 4.78
C ASN E 506 34.72 23.78 5.51
N ASP E 507 35.88 24.31 5.14
CA ASP E 507 37.12 23.89 5.80
C ASP E 507 37.10 24.24 7.28
N ILE E 508 36.67 25.45 7.62
CA ILE E 508 36.63 25.85 9.02
C ILE E 508 35.65 25.00 9.81
N LEU E 509 34.47 24.74 9.24
CA LEU E 509 33.49 23.93 9.96
C LEU E 509 34.00 22.51 10.19
N THR E 510 34.61 21.89 9.18
CA THR E 510 35.12 20.53 9.36
C THR E 510 36.25 20.50 10.38
N ASP E 511 37.22 21.41 10.27
CA ASP E 511 38.35 21.39 11.18
C ASP E 511 37.91 21.70 12.61
N TYR E 512 36.97 22.63 12.79
CA TYR E 512 36.46 22.91 14.12
C TYR E 512 35.66 21.75 14.69
N LYS E 513 34.88 21.05 13.86
CA LYS E 513 34.19 19.87 14.35
C LYS E 513 35.17 18.83 14.87
N THR E 514 36.23 18.56 14.09
CA THR E 514 37.23 17.59 14.53
C THR E 514 37.93 18.05 15.79
N PHE E 515 38.34 19.32 15.84
CA PHE E 515 39.05 19.83 17.00
C PHE E 515 38.19 19.78 18.24
N TYR E 516 36.91 20.14 18.13
CA TYR E 516 36.02 20.08 19.27
C TYR E 516 35.84 18.64 19.73
N LEU E 517 35.59 17.72 18.80
CA LEU E 517 35.39 16.32 19.17
C LEU E 517 36.63 15.75 19.85
N THR E 518 37.81 16.22 19.48
CA THR E 518 39.02 15.68 20.09
C THR E 518 39.38 16.36 21.40
N HIS E 519 39.05 17.65 21.57
CA HIS E 519 39.54 18.41 22.72
C HIS E 519 38.45 18.91 23.65
N SER E 520 37.23 18.39 23.54
CA SER E 520 36.19 18.79 24.47
C SER E 520 35.60 17.55 25.13
N ASN E 521 34.68 17.76 26.06
CA ASN E 521 34.03 16.70 26.80
C ASN E 521 32.53 16.96 26.88
N ILE E 522 31.81 15.97 27.40
CA ILE E 522 30.35 16.03 27.43
C ILE E 522 29.86 17.14 28.36
N VAL E 523 30.55 17.37 29.47
CA VAL E 523 30.15 18.43 30.38
C VAL E 523 30.19 19.78 29.67
N THR E 524 31.30 20.06 28.98
CA THR E 524 31.41 21.30 28.23
C THR E 524 30.38 21.38 27.12
N TYR E 525 30.14 20.27 26.43
CA TYR E 525 29.18 20.28 25.33
C TYR E 525 27.77 20.58 25.83
N GLU E 526 27.38 19.95 26.94
CA GLU E 526 26.06 20.20 27.51
C GLU E 526 25.94 21.61 28.06
N SER E 527 27.01 22.17 28.62
CA SER E 527 26.97 23.57 29.04
C SER E 527 26.86 24.49 27.84
N SER E 528 27.46 24.11 26.71
CA SER E 528 27.44 24.97 25.53
C SER E 528 26.14 24.86 24.74
N ILE E 529 25.36 23.80 24.94
CA ILE E 529 24.08 23.66 24.26
C ILE E 529 23.09 24.66 24.84
N ILE E 530 22.47 25.45 23.96
CA ILE E 530 21.30 26.25 24.30
C ILE E 530 20.24 26.01 23.24
N ASP E 531 19.03 25.70 23.68
CA ASP E 531 17.97 25.26 22.78
C ASP E 531 17.21 26.43 22.15
N SER E 532 17.37 27.65 22.66
CA SER E 532 16.69 28.79 22.09
C SER E 532 17.10 29.06 20.64
N ASN E 533 18.38 28.85 20.31
CA ASN E 533 18.85 28.97 18.94
C ASN E 533 19.07 27.63 18.26
N THR E 534 18.86 26.52 18.96
CA THR E 534 19.08 25.17 18.43
C THR E 534 20.49 25.03 17.87
N PHE E 535 21.47 25.56 18.60
CA PHE E 535 22.86 25.48 18.20
C PHE E 535 23.58 24.42 19.04
N ASP E 536 24.18 23.44 18.37
CA ASP E 536 24.94 22.40 19.02
C ASP E 536 26.21 22.22 18.21
N PRO E 537 27.39 22.38 18.83
CA PRO E 537 28.64 22.38 18.04
C PRO E 537 28.95 21.07 17.36
N ILE E 538 28.14 20.03 17.51
CA ILE E 538 28.43 18.75 16.88
C ILE E 538 27.59 18.54 15.63
N LEU E 539 26.30 18.86 15.69
CA LEU E 539 25.41 18.68 14.55
C LEU E 539 25.31 19.93 13.69
N TYR E 540 25.42 21.11 14.29
CA TYR E 540 25.32 22.35 13.52
C TYR E 540 26.38 22.46 12.43
N PRO E 541 27.66 22.15 12.66
CA PRO E 541 28.61 22.16 11.54
C PRO E 541 28.25 21.18 10.44
N GLU E 542 27.55 20.08 10.76
CA GLU E 542 27.12 19.15 9.73
C GLU E 542 25.94 19.70 8.93
N LEU E 543 25.03 20.41 9.61
CA LEU E 543 23.86 20.94 8.92
C LEU E 543 24.22 22.15 8.07
N LYS E 544 25.09 23.02 8.56
CA LYS E 544 25.51 24.23 7.85
C LYS E 544 26.66 23.93 6.88
N MET E 545 26.81 22.68 6.47
CA MET E 545 27.96 22.28 5.68
C MET E 545 28.08 23.10 4.39
N SER E 546 27.01 23.18 3.61
CA SER E 546 27.07 23.84 2.32
C SER E 546 26.03 24.93 2.14
N ASN E 547 25.26 25.26 3.18
CA ASN E 547 24.28 26.34 3.07
C ASN E 547 24.83 27.58 3.76
N PRO E 548 25.27 28.59 3.01
CA PRO E 548 25.81 29.78 3.66
C PRO E 548 24.78 30.54 4.48
N LYS E 549 23.59 30.76 3.93
CA LYS E 549 22.53 31.45 4.67
C LYS E 549 21.58 30.43 5.32
N TYR E 550 22.15 29.59 6.17
CA TYR E 550 21.37 28.64 6.95
C TYR E 550 21.08 29.23 8.32
N ASP E 551 19.80 29.43 8.62
CA ASP E 551 19.39 30.01 9.89
C ASP E 551 18.44 29.06 10.60
N PRO E 552 18.62 28.87 11.91
CA PRO E 552 17.77 27.92 12.64
C PRO E 552 16.38 28.46 12.92
N VAL E 553 16.24 29.78 12.97
CA VAL E 553 14.95 30.40 13.25
C VAL E 553 14.23 30.74 11.94
N ASP E 561 0.54 31.67 5.06
CA ASP E 561 1.57 32.66 4.80
C ASP E 561 2.64 32.14 3.85
N TRP E 562 2.70 30.81 3.70
CA TRP E 562 3.72 30.18 2.87
C TRP E 562 3.27 30.15 1.41
N HIS E 563 2.83 31.30 0.87
CA HIS E 563 2.45 31.35 -0.54
C HIS E 563 2.88 32.64 -1.23
N LYS E 564 3.23 33.69 -0.49
CA LYS E 564 3.78 34.90 -1.08
C LYS E 564 5.30 34.87 -1.14
N LYS E 565 5.92 33.81 -0.65
CA LYS E 565 7.36 33.73 -0.58
C LYS E 565 7.94 33.24 -1.90
N THR E 566 9.17 33.68 -2.19
CA THR E 566 9.86 33.29 -3.40
C THR E 566 10.07 31.80 -3.51
N GLU E 567 10.38 31.11 -2.40
CA GLU E 567 10.60 29.68 -2.45
C GLU E 567 9.36 28.94 -2.94
N TRP E 568 8.17 29.39 -2.51
CA TRP E 568 6.94 28.76 -2.96
C TRP E 568 6.59 29.20 -4.39
N LYS E 569 6.90 30.45 -4.73
CA LYS E 569 6.51 30.97 -6.04
C LYS E 569 7.26 30.29 -7.18
N GLU E 570 8.49 29.82 -6.94
CA GLU E 570 9.27 29.19 -8.00
C GLU E 570 9.75 27.81 -7.56
N ALA E 571 8.83 27.00 -7.02
CA ALA E 571 9.20 25.71 -6.46
C ALA E 571 9.77 24.77 -7.52
N GLY E 572 8.97 24.39 -8.50
CA GLY E 572 9.41 23.40 -9.46
C GLY E 572 10.49 23.87 -10.41
N HIS E 573 10.46 25.16 -10.77
CA HIS E 573 11.40 25.74 -11.73
C HIS E 573 12.09 26.91 -11.07
N ILE E 574 13.42 26.96 -11.17
CA ILE E 574 14.22 28.01 -10.55
C ILE E 574 14.52 29.07 -11.59
N GLY E 575 14.32 30.33 -11.22
CA GLY E 575 14.49 31.47 -12.09
C GLY E 575 13.21 31.99 -12.70
N ILE E 576 12.14 31.19 -12.69
CA ILE E 576 10.85 31.59 -13.24
C ILE E 576 9.87 31.63 -12.08
N THR E 577 9.32 32.81 -11.80
CA THR E 577 8.37 32.99 -10.71
C THR E 577 6.96 33.12 -11.28
N THR E 578 6.09 32.18 -10.91
CA THR E 578 4.71 32.20 -11.35
C THR E 578 3.81 32.01 -10.13
N GLU E 579 2.68 32.73 -10.13
CA GLU E 579 1.71 32.56 -9.06
C GLU E 579 0.91 31.28 -9.29
N ARG E 580 0.84 30.45 -8.26
CA ARG E 580 0.18 29.20 -8.64
C ARG E 580 -1.22 29.14 -8.05
N PRO E 581 -2.21 28.74 -8.86
CA PRO E 581 -3.57 28.60 -8.34
C PRO E 581 -3.63 27.53 -7.26
N GLN E 582 -4.47 27.77 -6.25
CA GLN E 582 -4.59 26.85 -5.14
C GLN E 582 -5.92 27.08 -4.44
N ILE E 583 -6.36 26.07 -3.69
CA ILE E 583 -7.62 26.15 -2.96
C ILE E 583 -7.33 26.60 -1.54
N SER E 584 -8.01 27.67 -1.11
CA SER E 584 -7.73 28.26 0.19
C SER E 584 -8.02 27.29 1.33
N ASN E 585 -9.17 26.64 1.30
CA ASN E 585 -9.54 25.65 2.30
C ASN E 585 -9.48 24.27 1.64
N SER E 586 -8.30 23.67 1.64
CA SER E 586 -8.07 22.36 1.05
C SER E 586 -8.35 21.31 2.11
N ILE E 587 -9.12 20.28 1.72
CA ILE E 587 -9.54 19.24 2.66
C ILE E 587 -8.78 17.94 2.45
N ILE E 588 -7.77 17.93 1.56
CA ILE E 588 -7.00 16.73 1.32
C ILE E 588 -6.24 16.26 2.55
N GLU E 589 -5.93 17.17 3.48
CA GLU E 589 -5.30 16.77 4.74
C GLU E 589 -6.21 15.92 5.60
N CYS E 590 -7.50 16.22 5.61
CA CYS E 590 -8.43 15.53 6.51
C CYS E 590 -8.78 14.14 5.97
N ASN E 591 -8.92 13.20 6.89
CA ASN E 591 -9.34 11.84 6.55
C ASN E 591 -10.84 11.80 6.30
N SER E 592 -11.26 10.84 5.47
CA SER E 592 -12.68 10.70 5.17
C SER E 592 -13.49 10.36 6.41
N GLY E 593 -12.89 9.63 7.35
CA GLY E 593 -13.60 9.27 8.56
C GLY E 593 -14.10 10.46 9.36
N THR E 594 -13.29 11.51 9.44
CA THR E 594 -13.74 12.75 10.07
C THR E 594 -14.39 13.71 9.08
N LEU E 595 -14.22 13.48 7.78
CA LEU E 595 -14.97 14.26 6.80
C LEU E 595 -16.46 13.92 6.81
N ILE E 596 -16.80 12.66 7.10
CA ILE E 596 -18.21 12.25 7.15
C ILE E 596 -18.98 12.96 8.24
N GLN E 597 -18.31 13.70 9.12
CA GLN E 597 -18.97 14.32 10.27
C GLN E 597 -20.01 15.35 9.82
N LYS E 598 -19.63 16.26 8.94
CA LYS E 598 -20.42 17.44 8.62
C LYS E 598 -20.32 17.68 7.13
N PRO E 599 -21.35 18.25 6.50
CA PRO E 599 -21.24 18.55 5.07
C PRO E 599 -20.06 19.45 4.77
N ILE E 600 -19.36 19.14 3.68
CA ILE E 600 -18.11 19.80 3.34
C ILE E 600 -18.42 21.13 2.66
N SER E 601 -17.66 22.16 3.03
CA SER E 601 -17.87 23.48 2.46
C SER E 601 -17.37 23.53 1.02
N LEU E 602 -17.89 24.49 0.27
CA LEU E 602 -17.45 24.72 -1.10
C LEU E 602 -16.05 25.32 -1.10
N PRO E 603 -15.29 25.12 -2.18
CA PRO E 603 -13.91 25.60 -2.19
C PRO E 603 -13.80 27.11 -2.20
N ASN E 604 -12.72 27.60 -1.59
CA ASN E 604 -12.32 28.99 -1.71
C ASN E 604 -11.03 29.06 -2.51
N PHE E 605 -11.03 29.87 -3.55
CA PHE E 605 -9.99 29.83 -4.57
C PHE E 605 -8.96 30.92 -4.33
N ARG E 606 -7.90 30.89 -5.14
CA ARG E 606 -6.81 31.86 -5.03
C ARG E 606 -5.96 31.80 -6.29
N ASN E 607 -5.67 32.96 -6.87
CA ASN E 607 -4.75 33.07 -8.01
C ASN E 607 -5.23 32.27 -9.22
N LEU E 608 -6.47 32.51 -9.65
CA LEU E 608 -6.98 31.81 -10.82
C LEU E 608 -6.79 32.61 -12.09
N GLU E 609 -6.81 33.94 -12.01
CA GLU E 609 -6.57 34.75 -13.19
C GLU E 609 -5.13 34.71 -13.64
N LYS E 610 -4.22 34.17 -12.83
CA LYS E 610 -2.79 34.19 -13.09
C LYS E 610 -2.26 32.84 -13.53
N ILE E 611 -3.08 32.02 -14.19
CA ILE E 611 -2.60 30.71 -14.63
C ILE E 611 -1.86 30.80 -15.96
N ASN E 612 -2.05 31.89 -16.72
CA ASN E 612 -1.41 32.03 -18.01
C ASN E 612 -0.37 33.14 -18.06
N GLN E 613 -0.39 34.07 -17.12
CA GLN E 613 0.63 35.12 -17.05
C GLN E 613 1.77 34.64 -16.18
N VAL E 614 2.96 34.51 -16.76
CA VAL E 614 4.16 34.09 -16.07
C VAL E 614 5.23 35.15 -16.28
N LYS E 615 5.90 35.54 -15.20
CA LYS E 615 6.85 36.64 -15.23
C LYS E 615 8.26 36.11 -15.00
N ILE E 616 9.23 36.76 -15.63
CA ILE E 616 10.63 36.36 -15.55
C ILE E 616 11.46 37.61 -15.29
N ASN E 617 12.35 37.54 -14.30
CA ASN E 617 13.28 38.64 -14.02
C ASN E 617 14.53 38.44 -14.87
N ASP E 618 14.47 38.95 -16.10
CA ASP E 618 15.52 38.71 -17.10
C ASP E 618 16.72 39.58 -16.78
N LEU E 619 17.40 39.22 -15.68
CA LEU E 619 18.57 39.98 -15.25
C LEU E 619 19.69 39.94 -16.26
N TYR E 620 19.90 38.79 -16.91
CA TYR E 620 21.00 38.68 -17.87
C TYR E 620 20.84 39.69 -18.99
N THR E 621 19.69 39.69 -19.67
CA THR E 621 19.48 40.62 -20.77
C THR E 621 19.41 42.05 -20.28
N GLU E 622 18.78 42.29 -19.13
CA GLU E 622 18.61 43.66 -18.65
C GLU E 622 19.94 44.30 -18.29
N GLU E 623 20.80 43.57 -17.56
CA GLU E 623 22.00 44.17 -17.01
C GLU E 623 23.25 43.90 -17.84
N PHE E 624 23.20 43.00 -18.82
CA PHE E 624 24.40 42.70 -19.59
C PHE E 624 24.27 43.09 -21.06
N LEU E 625 23.24 42.60 -21.76
CA LEU E 625 23.09 42.96 -23.16
C LEU E 625 22.71 44.43 -23.31
N LYS E 626 21.72 44.88 -22.55
CA LYS E 626 21.34 46.28 -22.58
C LYS E 626 22.24 47.15 -21.71
N GLU E 627 23.06 46.53 -20.86
CA GLU E 627 23.91 47.19 -19.87
C GLU E 627 23.34 48.49 -19.32
N MET F 291 -17.29 9.54 -30.40
CA MET F 291 -16.58 10.68 -29.82
C MET F 291 -16.35 10.47 -28.33
N SER F 292 -15.08 10.45 -27.93
CA SER F 292 -14.69 10.26 -26.54
C SER F 292 -14.50 11.60 -25.85
N GLN F 293 -14.76 11.62 -24.54
CA GLN F 293 -14.64 12.84 -23.77
C GLN F 293 -13.24 13.05 -23.20
N PHE F 294 -12.36 12.06 -23.28
CA PHE F 294 -10.99 12.18 -22.79
C PHE F 294 -10.05 12.32 -23.96
N ILE F 295 -9.25 13.39 -23.96
CA ILE F 295 -8.27 13.64 -25.01
C ILE F 295 -6.93 13.93 -24.36
N TYR F 296 -5.85 13.57 -25.07
CA TYR F 296 -4.52 13.89 -24.57
C TYR F 296 -4.27 15.39 -24.65
N PRO F 297 -3.59 15.96 -23.65
CA PRO F 297 -3.34 17.40 -23.68
C PRO F 297 -2.26 17.75 -24.69
N VAL F 298 -2.41 18.93 -25.29
CA VAL F 298 -1.45 19.47 -26.24
C VAL F 298 -1.13 20.89 -25.83
N GLN F 299 0.11 21.33 -26.07
CA GLN F 299 0.56 22.63 -25.60
C GLN F 299 1.56 23.21 -26.58
N GLN F 300 1.78 24.52 -26.46
CA GLN F 300 2.70 25.24 -27.31
C GLN F 300 4.05 25.42 -26.61
N GLN F 301 5.11 25.36 -27.41
CA GLN F 301 6.47 25.47 -26.87
C GLN F 301 6.81 26.93 -26.55
N PRO F 302 7.62 27.17 -25.52
CA PRO F 302 7.89 28.55 -25.11
C PRO F 302 9.05 29.22 -25.83
N SER F 303 9.48 28.66 -26.97
CA SER F 303 10.39 29.25 -27.95
C SER F 303 11.88 29.23 -27.58
N LEU F 304 12.27 28.53 -26.52
CA LEU F 304 13.68 28.21 -26.24
C LEU F 304 14.53 29.48 -26.10
N ASN F 305 14.25 30.22 -25.03
CA ASN F 305 15.20 31.22 -24.57
C ASN F 305 16.02 30.63 -23.43
N HIS F 306 16.90 31.43 -22.81
CA HIS F 306 17.79 30.90 -21.81
C HIS F 306 17.11 30.57 -20.49
N PHE F 307 15.91 31.10 -20.25
CA PHE F 307 15.23 30.78 -19.00
C PHE F 307 14.44 29.48 -19.11
N THR F 308 13.84 29.22 -20.27
CA THR F 308 12.97 28.07 -20.46
C THR F 308 13.70 26.84 -20.97
N ASP F 309 15.02 26.90 -21.11
CA ASP F 309 15.79 25.75 -21.53
C ASP F 309 16.03 24.82 -20.34
N PRO F 310 15.60 23.56 -20.39
CA PRO F 310 15.86 22.66 -19.26
C PRO F 310 17.30 22.18 -19.18
N ASN F 311 18.06 22.22 -20.27
CA ASN F 311 19.45 21.79 -20.27
C ASN F 311 20.41 22.89 -19.87
N ASN F 312 19.92 24.10 -19.61
CA ASN F 312 20.81 25.21 -19.26
C ASN F 312 21.47 24.95 -17.92
N THR F 313 22.79 25.14 -17.86
CA THR F 313 23.55 24.91 -16.64
C THR F 313 24.32 26.14 -16.18
N THR F 314 24.60 27.09 -17.07
CA THR F 314 25.38 28.26 -16.72
C THR F 314 24.60 29.19 -15.81
N VAL F 315 25.31 29.87 -14.92
CA VAL F 315 24.72 30.81 -13.97
C VAL F 315 25.34 32.18 -14.22
N PHE F 316 24.50 33.18 -14.40
CA PHE F 316 24.95 34.54 -14.61
C PHE F 316 24.95 35.28 -13.27
N ILE F 317 26.14 35.60 -12.77
CA ILE F 317 26.30 36.32 -11.52
C ILE F 317 26.46 37.80 -11.84
N GLY F 318 25.58 38.61 -11.28
CA GLY F 318 25.59 40.04 -11.54
C GLY F 318 25.74 40.82 -10.25
N GLY F 319 26.34 42.00 -10.37
CA GLY F 319 26.57 42.85 -9.23
C GLY F 319 27.89 42.63 -8.52
N LEU F 320 28.91 42.16 -9.23
CA LEU F 320 30.20 41.96 -8.62
C LEU F 320 30.86 43.30 -8.31
N SER F 321 31.74 43.29 -7.30
CA SER F 321 32.34 44.51 -6.80
C SER F 321 33.68 44.85 -7.44
N SER F 322 34.13 44.08 -8.42
CA SER F 322 35.37 44.26 -9.16
C SER F 322 36.62 44.02 -8.31
N LEU F 323 36.47 43.75 -7.02
CA LEU F 323 37.57 43.35 -6.16
C LEU F 323 37.75 41.84 -6.14
N VAL F 324 36.93 41.11 -6.87
CA VAL F 324 36.95 39.65 -6.90
C VAL F 324 37.52 39.21 -8.25
N THR F 325 38.35 38.17 -8.22
CA THR F 325 38.93 37.62 -9.42
C THR F 325 38.37 36.23 -9.72
N GLU F 326 38.83 35.64 -10.81
CA GLU F 326 38.35 34.33 -11.21
C GLU F 326 38.63 33.27 -10.16
N ASP F 327 39.81 33.28 -9.54
CA ASP F 327 40.13 32.31 -8.52
C ASP F 327 39.20 32.42 -7.32
N GLU F 328 38.95 33.64 -6.83
CA GLU F 328 38.07 33.81 -5.68
C GLU F 328 36.63 33.44 -6.02
N LEU F 329 36.17 33.79 -7.23
CA LEU F 329 34.82 33.40 -7.62
C LEU F 329 34.69 31.89 -7.74
N ARG F 330 35.71 31.22 -8.27
CA ARG F 330 35.70 29.77 -8.33
C ARG F 330 35.70 29.17 -6.93
N ALA F 331 36.42 29.78 -5.99
CA ALA F 331 36.37 29.34 -4.61
C ALA F 331 34.98 29.50 -4.02
N TYR F 332 34.30 30.59 -4.35
CA TYR F 332 32.92 30.78 -3.90
C TYR F 332 31.98 29.71 -4.44
N PHE F 333 32.09 29.41 -5.74
CA PHE F 333 31.10 28.58 -6.40
C PHE F 333 31.54 27.14 -6.63
N GLN F 334 32.64 26.71 -6.00
CA GLN F 334 33.09 25.34 -6.18
C GLN F 334 32.25 24.32 -5.43
N PRO F 335 31.98 24.46 -4.12
CA PRO F 335 31.41 23.34 -3.37
C PRO F 335 29.99 22.94 -3.78
N PHE F 336 29.36 23.63 -4.71
CA PHE F 336 28.03 23.24 -5.17
C PHE F 336 28.07 22.24 -6.32
N GLY F 337 29.24 21.98 -6.89
CA GLY F 337 29.34 21.05 -7.99
C GLY F 337 30.64 21.26 -8.74
N THR F 338 30.81 20.48 -9.79
CA THR F 338 31.99 20.60 -10.64
C THR F 338 31.75 21.72 -11.66
N ILE F 339 32.82 22.36 -12.08
CA ILE F 339 32.75 23.59 -12.87
C ILE F 339 33.49 23.37 -14.18
N VAL F 340 32.84 23.74 -15.29
CA VAL F 340 33.51 23.67 -16.59
C VAL F 340 34.44 24.87 -16.78
N TYR F 341 33.92 26.07 -16.57
CA TYR F 341 34.72 27.27 -16.76
C TYR F 341 34.14 28.39 -15.93
N VAL F 342 34.99 29.34 -15.55
CA VAL F 342 34.59 30.53 -14.83
C VAL F 342 35.26 31.73 -15.51
N LYS F 343 34.45 32.73 -15.87
CA LYS F 343 34.97 33.90 -16.55
C LYS F 343 34.37 35.16 -15.92
N ILE F 344 35.14 36.23 -15.96
CA ILE F 344 34.70 37.55 -15.53
C ILE F 344 35.12 38.54 -16.61
N PRO F 345 34.21 39.01 -17.47
CA PRO F 345 34.59 40.04 -18.44
C PRO F 345 35.15 41.27 -17.75
N VAL F 346 36.19 41.85 -18.35
CA VAL F 346 36.91 42.94 -17.71
C VAL F 346 36.02 44.17 -17.65
N GLY F 347 35.74 44.64 -16.44
CA GLY F 347 34.99 45.86 -16.24
C GLY F 347 33.50 45.76 -16.46
N LYS F 348 32.97 44.57 -16.70
CA LYS F 348 31.55 44.40 -16.97
C LYS F 348 30.76 44.07 -15.71
N CYS F 349 31.42 43.99 -14.55
CA CYS F 349 30.79 43.75 -13.24
C CYS F 349 29.80 42.58 -13.29
N CYS F 350 30.22 41.49 -13.91
CA CYS F 350 29.41 40.26 -13.97
C CYS F 350 30.27 39.13 -14.48
N GLY F 351 29.94 37.91 -14.05
CA GLY F 351 30.69 36.73 -14.44
C GLY F 351 29.75 35.60 -14.80
N PHE F 352 30.35 34.48 -15.18
CA PHE F 352 29.59 33.29 -15.54
C PHE F 352 30.22 32.06 -14.89
N VAL F 353 29.38 31.12 -14.48
CA VAL F 353 29.82 29.85 -13.92
C VAL F 353 29.08 28.74 -14.66
N GLN F 354 29.82 27.90 -15.37
CA GLN F 354 29.23 26.84 -16.18
C GLN F 354 29.39 25.51 -15.45
N TYR F 355 28.36 25.10 -14.73
CA TYR F 355 28.38 23.81 -14.08
C TYR F 355 28.14 22.69 -15.10
N VAL F 356 28.34 21.46 -14.65
CA VAL F 356 28.02 20.30 -15.47
C VAL F 356 26.59 19.81 -15.22
N ASP F 357 26.15 19.81 -13.96
CA ASP F 357 24.84 19.32 -13.59
C ASP F 357 23.84 20.46 -13.46
N ARG F 358 22.65 20.24 -14.02
CA ARG F 358 21.56 21.17 -13.78
C ARG F 358 21.22 21.24 -12.29
N LEU F 359 21.33 20.11 -11.59
CA LEU F 359 21.09 20.10 -10.14
C LEU F 359 22.07 21.01 -9.42
N SER F 360 23.35 20.96 -9.80
CA SER F 360 24.34 21.82 -9.17
C SER F 360 24.02 23.29 -9.39
N ALA F 361 23.65 23.66 -10.62
CA ALA F 361 23.32 25.06 -10.90
C ALA F 361 22.10 25.51 -10.12
N GLU F 362 21.07 24.67 -10.05
CA GLU F 362 19.88 25.03 -9.27
C GLU F 362 20.22 25.19 -7.79
N ALA F 363 21.03 24.28 -7.24
CA ALA F 363 21.44 24.41 -5.85
C ALA F 363 22.25 25.69 -5.62
N ALA F 364 23.14 26.03 -6.54
CA ALA F 364 23.93 27.25 -6.40
C ALA F 364 23.03 28.48 -6.42
N ILE F 365 22.07 28.52 -7.34
CA ILE F 365 21.16 29.67 -7.38
C ILE F 365 20.32 29.73 -6.11
N ALA F 366 19.85 28.59 -5.60
CA ALA F 366 19.01 28.59 -4.41
C ALA F 366 19.78 28.97 -3.15
N GLY F 367 21.06 28.60 -3.06
CA GLY F 367 21.81 28.84 -1.85
C GLY F 367 22.56 30.16 -1.82
N MET F 368 23.11 30.57 -2.96
CA MET F 368 23.87 31.80 -3.08
C MET F 368 22.99 32.84 -3.77
N GLN F 369 22.15 33.52 -2.99
CA GLN F 369 21.26 34.55 -3.51
C GLN F 369 21.25 35.70 -2.51
N GLY F 370 21.81 36.84 -2.89
CA GLY F 370 21.99 37.93 -1.95
C GLY F 370 23.21 37.79 -1.09
N PHE F 371 24.00 36.75 -1.28
CA PHE F 371 25.23 36.57 -0.51
C PHE F 371 26.28 37.56 -0.98
N PRO F 372 26.74 38.45 -0.09
CA PRO F 372 27.61 39.54 -0.53
C PRO F 372 29.05 39.10 -0.79
N ILE F 373 29.49 39.20 -2.04
CA ILE F 373 30.89 39.01 -2.39
C ILE F 373 31.54 40.38 -2.50
N ALA F 374 32.60 40.60 -1.72
CA ALA F 374 33.34 41.85 -1.70
C ALA F 374 32.42 43.03 -1.39
N ASN F 375 31.65 42.87 -0.30
CA ASN F 375 30.78 43.89 0.28
C ASN F 375 29.60 44.28 -0.61
N SER F 376 29.46 43.67 -1.77
CA SER F 376 28.37 43.99 -2.70
C SER F 376 27.46 42.78 -2.83
N ARG F 377 26.16 43.00 -2.62
CA ARG F 377 25.20 41.91 -2.74
C ARG F 377 25.12 41.45 -4.19
N VAL F 378 24.77 40.18 -4.36
CA VAL F 378 24.86 39.49 -5.64
C VAL F 378 23.50 38.90 -5.98
N ARG F 379 23.07 39.11 -7.24
CA ARG F 379 21.79 38.62 -7.74
C ARG F 379 22.07 37.61 -8.84
N LEU F 380 21.71 36.34 -8.59
CA LEU F 380 21.98 35.25 -9.51
C LEU F 380 20.77 35.02 -10.42
N SER F 381 21.06 34.68 -11.68
CA SER F 381 20.04 34.33 -12.65
C SER F 381 20.70 33.49 -13.74
N TRP F 382 19.87 32.84 -14.56
CA TRP F 382 20.38 32.03 -15.65
C TRP F 382 20.92 32.93 -16.76
N GLY F 383 21.87 32.39 -17.52
CA GLY F 383 22.52 33.13 -18.58
C GLY F 383 22.86 32.25 -19.75
N ARG F 384 23.92 32.65 -20.46
CA ARG F 384 24.42 31.89 -21.60
C ARG F 384 25.94 31.82 -21.56
N SER F 385 26.52 31.18 -22.57
CA SER F 385 27.96 31.02 -22.66
C SER F 385 28.62 32.28 -23.19
N ALA F 386 29.90 32.21 -23.52
CA ALA F 386 30.62 33.34 -24.08
C ALA F 386 30.43 33.45 -25.59
N LYS F 387 30.59 32.34 -26.31
CA LYS F 387 30.32 32.33 -27.74
C LYS F 387 28.88 32.71 -28.04
N GLN F 388 27.94 32.12 -27.29
CA GLN F 388 26.53 32.47 -27.48
C GLN F 388 26.29 33.93 -27.14
N THR F 389 26.98 34.46 -26.13
CA THR F 389 26.85 35.87 -25.79
C THR F 389 27.30 36.75 -26.94
N ALA F 390 28.47 36.46 -27.52
CA ALA F 390 28.96 37.26 -28.64
C ALA F 390 28.04 37.15 -29.84
N LEU F 391 27.54 35.94 -30.12
CA LEU F 391 26.62 35.75 -31.23
C LEU F 391 25.34 36.54 -31.03
N LEU F 392 24.80 36.51 -29.80
CA LEU F 392 23.59 37.27 -29.52
C LEU F 392 23.83 38.77 -29.63
N GLN F 393 24.99 39.25 -29.16
CA GLN F 393 25.29 40.68 -29.28
C GLN F 393 25.39 41.10 -30.73
N GLN F 394 26.11 40.34 -31.57
CA GLN F 394 26.19 40.71 -32.97
C GLN F 394 24.82 40.60 -33.65
N ALA F 395 24.01 39.62 -33.25
CA ALA F 395 22.70 39.45 -33.85
C ALA F 395 21.69 40.50 -33.43
N MET F 396 21.85 41.12 -32.25
CA MET F 396 20.93 42.19 -31.89
C MET F 396 21.46 43.55 -32.36
N LEU F 397 22.77 43.67 -32.55
CA LEU F 397 23.31 44.82 -33.27
C LEU F 397 22.80 44.83 -34.71
N SER F 398 22.77 43.66 -35.34
CA SER F 398 22.19 43.55 -36.67
C SER F 398 20.69 43.23 -36.64
N ASN F 399 20.13 43.05 -35.44
CA ASN F 399 18.70 42.81 -35.20
C ASN F 399 18.06 41.86 -36.23
N SER F 400 18.81 40.84 -36.65
CA SER F 400 18.36 39.99 -37.75
C SER F 400 17.40 38.89 -37.28
N LEU F 401 17.90 37.96 -36.47
CA LEU F 401 17.14 36.76 -36.15
C LEU F 401 16.83 36.60 -34.67
N GLN F 402 17.84 36.72 -33.81
CA GLN F 402 17.72 36.44 -32.38
C GLN F 402 17.21 35.01 -32.16
N VAL F 403 18.03 34.05 -32.59
CA VAL F 403 17.73 32.63 -32.48
C VAL F 403 18.79 31.97 -31.63
N GLN F 404 18.37 31.18 -30.65
CA GLN F 404 19.26 30.48 -29.74
C GLN F 404 19.28 28.99 -30.07
N GLN F 405 20.31 28.32 -29.55
CA GLN F 405 20.46 26.88 -29.69
C GLN F 405 20.56 26.24 -28.32
N GLN F 406 19.89 25.10 -28.17
CA GLN F 406 19.81 24.41 -26.89
C GLN F 406 21.15 23.82 -26.50
N GLN F 407 21.48 23.89 -25.21
CA GLN F 407 22.73 23.36 -24.73
C GLN F 407 22.75 21.83 -24.88
N PRO F 408 23.91 21.25 -25.23
CA PRO F 408 23.96 19.80 -25.44
C PRO F 408 23.61 19.02 -24.19
N GLY F 409 23.01 17.84 -24.40
CA GLY F 409 22.61 16.97 -23.32
C GLY F 409 23.66 15.92 -22.99
N LEU F 410 23.30 15.05 -22.04
CA LEU F 410 24.25 14.06 -21.55
C LEU F 410 24.08 12.72 -22.25
N GLN F 411 23.16 12.63 -23.21
CA GLN F 411 22.91 11.40 -23.97
C GLN F 411 22.55 10.26 -23.03
N GLN F 412 21.38 10.34 -22.41
CA GLN F 412 20.91 9.31 -21.51
C GLN F 412 20.77 7.98 -22.25
N PRO F 413 20.90 6.84 -21.55
CA PRO F 413 21.14 6.69 -20.11
C PRO F 413 22.61 6.69 -19.71
N ASN F 414 22.95 7.30 -18.58
CA ASN F 414 24.27 7.20 -17.97
C ASN F 414 24.14 6.55 -16.61
N TYR F 415 24.98 5.55 -16.33
CA TYR F 415 24.84 4.74 -15.14
C TYR F 415 25.89 5.03 -14.08
N GLY F 416 27.12 5.37 -14.48
CA GLY F 416 28.16 5.60 -13.49
C GLY F 416 27.93 6.82 -12.64
N TYR F 417 27.44 7.90 -13.24
CA TYR F 417 27.48 9.20 -12.59
C TYR F 417 26.42 9.35 -11.51
N ILE F 418 26.74 10.09 -10.46
CA ILE F 418 25.75 10.63 -9.54
C ILE F 418 25.86 12.15 -9.59
N PRO F 419 24.82 12.87 -10.00
CA PRO F 419 24.95 14.33 -10.14
C PRO F 419 25.12 15.01 -8.79
N SER F 420 25.74 16.19 -8.84
CA SER F 420 26.08 16.96 -7.65
C SER F 420 27.05 16.20 -6.75
N SER F 421 28.20 15.84 -7.30
CA SER F 421 29.23 15.10 -6.58
C SER F 421 30.59 15.73 -6.87
N THR F 422 31.52 15.55 -5.93
CA THR F 422 32.83 16.20 -6.00
C THR F 422 33.94 15.16 -5.92
N CYS F 423 34.95 15.34 -6.77
CA CYS F 423 36.18 14.55 -6.73
C CYS F 423 37.37 15.47 -6.89
N GLU F 424 38.49 15.12 -6.27
CA GLU F 424 39.71 15.90 -6.36
C GLU F 424 40.88 15.12 -6.94
N ALA F 425 41.06 13.87 -6.51
CA ALA F 425 42.14 13.04 -7.04
C ALA F 425 41.79 11.55 -6.93
N SER F 434 40.35 -2.99 -5.55
CA SER F 434 40.03 -1.72 -6.18
C SER F 434 38.54 -1.41 -6.03
N SER F 435 37.95 -0.87 -7.09
CA SER F 435 36.52 -0.55 -7.09
C SER F 435 35.73 -1.71 -7.66
N THR F 436 34.71 -2.13 -6.92
CA THR F 436 33.86 -3.25 -7.33
C THR F 436 32.65 -2.81 -8.16
N MET F 437 32.53 -1.50 -8.44
CA MET F 437 31.40 -0.96 -9.19
C MET F 437 30.06 -1.30 -8.54
N LEU F 438 30.02 -1.31 -7.21
CA LEU F 438 28.76 -1.52 -6.52
C LEU F 438 27.97 -0.21 -6.49
N PRO F 439 26.63 -0.29 -6.40
CA PRO F 439 25.82 0.92 -6.55
C PRO F 439 26.11 1.99 -5.51
N GLY F 440 26.49 1.61 -4.29
CA GLY F 440 26.63 2.59 -3.23
C GLY F 440 27.65 3.67 -3.53
N CYS F 441 28.82 3.30 -4.04
CA CYS F 441 29.85 4.27 -4.35
C CYS F 441 29.49 5.05 -5.61
N GLN F 442 30.40 5.94 -6.01
CA GLN F 442 30.29 6.69 -7.25
C GLN F 442 31.32 6.12 -8.22
N ILE F 443 30.85 5.39 -9.23
CA ILE F 443 31.76 4.67 -10.11
C ILE F 443 32.59 5.63 -10.96
N LEU F 444 31.94 6.62 -11.57
CA LEU F 444 32.60 7.56 -12.46
C LEU F 444 32.42 8.97 -11.94
N ASN F 445 33.31 9.86 -12.35
CA ASN F 445 33.21 11.26 -11.95
C ASN F 445 34.03 12.11 -12.92
N TYR F 446 33.99 13.41 -12.71
CA TYR F 446 34.61 14.38 -13.59
C TYR F 446 35.90 14.92 -12.98
N SER F 447 36.93 15.07 -13.81
CA SER F 447 38.18 15.62 -13.34
C SER F 447 38.02 17.11 -13.02
N ASN F 448 38.74 17.56 -12.00
CA ASN F 448 38.72 18.98 -11.64
C ASN F 448 39.71 19.74 -12.52
N PRO F 449 39.25 20.72 -13.32
CA PRO F 449 40.14 21.49 -14.19
C PRO F 449 40.93 22.55 -13.43
N GLN F 492 39.88 18.63 -19.22
CA GLN F 492 38.94 17.85 -18.43
C GLN F 492 38.77 16.44 -18.97
N GLN F 493 38.96 15.45 -18.11
CA GLN F 493 38.82 14.06 -18.48
C GLN F 493 37.89 13.38 -17.49
N VAL F 494 37.69 12.07 -17.68
CA VAL F 494 36.81 11.27 -16.83
C VAL F 494 37.66 10.24 -16.12
N ILE F 495 37.61 10.23 -14.80
CA ILE F 495 38.40 9.33 -13.98
C ILE F 495 37.48 8.50 -13.10
N MET F 496 37.89 7.28 -12.80
CA MET F 496 37.11 6.38 -11.98
C MET F 496 37.42 6.64 -10.51
N GLN F 497 36.39 7.03 -9.76
CA GLN F 497 36.57 7.41 -8.37
C GLN F 497 37.02 6.22 -7.54
N GLY F 498 37.98 6.46 -6.65
CA GLY F 498 38.49 5.43 -5.77
C GLY F 498 38.19 5.71 -4.31
N SER F 499 38.63 4.83 -3.41
CA SER F 499 38.34 5.01 -2.00
C SER F 499 39.27 6.02 -1.34
N GLU F 500 40.35 6.41 -2.02
CA GLU F 500 41.31 7.35 -1.45
C GLU F 500 40.91 8.81 -1.66
N ALA F 501 39.80 9.05 -2.38
CA ALA F 501 39.36 10.42 -2.62
C ALA F 501 38.98 11.13 -1.33
N VAL F 502 38.34 10.44 -0.38
CA VAL F 502 38.02 11.07 0.90
C VAL F 502 39.28 11.45 1.66
N VAL F 503 40.33 10.63 1.61
CA VAL F 503 41.59 10.98 2.24
C VAL F 503 42.20 12.21 1.57
N ASN F 504 42.20 12.23 0.23
CA ASN F 504 42.80 13.35 -0.48
C ASN F 504 42.05 14.65 -0.21
N SER F 505 40.72 14.58 -0.10
CA SER F 505 39.95 15.79 0.15
C SER F 505 40.32 16.42 1.49
N THR F 506 40.39 15.60 2.54
CA THR F 506 40.77 16.11 3.85
C THR F 506 42.21 16.62 3.84
N ASN F 507 43.09 15.91 3.13
CA ASN F 507 44.49 16.33 3.07
C ASN F 507 44.61 17.71 2.44
N ALA F 508 43.95 17.91 1.30
CA ALA F 508 43.99 19.21 0.64
C ALA F 508 43.30 20.28 1.48
N MET F 509 42.22 19.93 2.18
CA MET F 509 41.54 20.89 3.04
C MET F 509 42.49 21.39 4.12
N LEU F 510 43.19 20.49 4.79
CA LEU F 510 44.14 20.90 5.81
C LEU F 510 45.30 21.70 5.21
N ASN F 511 45.75 21.32 4.01
CA ASN F 511 46.83 22.05 3.36
C ASN F 511 46.43 23.50 3.10
N ARG F 512 45.24 23.70 2.51
CA ARG F 512 44.79 25.05 2.21
C ARG F 512 44.29 25.81 3.43
N LEU F 513 44.00 25.12 4.53
CA LEU F 513 43.73 25.82 5.78
C LEU F 513 45.02 26.32 6.42
N GLU F 514 46.10 25.56 6.32
CA GLU F 514 47.37 26.02 6.85
C GLU F 514 47.96 27.15 6.00
N GLN F 515 48.02 26.95 4.69
CA GLN F 515 48.69 27.93 3.82
C GLN F 515 47.83 29.17 3.63
N GLY F 516 46.52 28.98 3.47
CA GLY F 516 45.63 30.11 3.29
C GLY F 516 45.60 31.07 4.45
N SER F 517 45.93 30.59 5.66
CA SER F 517 46.00 31.49 6.81
C SER F 517 47.25 32.36 6.74
N ASN F 518 48.37 31.79 6.32
CA ASN F 518 49.56 32.59 6.08
C ASN F 518 49.37 33.61 4.98
N GLY F 519 48.66 33.24 3.91
CA GLY F 519 48.23 34.24 2.94
C GLY F 519 48.72 34.05 1.53
N PHE F 520 49.05 32.82 1.16
CA PHE F 520 49.45 32.53 -0.21
C PHE F 520 48.27 32.48 -1.17
N MET F 521 47.04 32.37 -0.66
CA MET F 521 45.85 32.41 -1.50
C MET F 521 44.68 32.94 -0.70
N PHE F 522 43.89 33.82 -1.30
CA PHE F 522 42.65 34.24 -0.68
C PHE F 522 41.55 33.20 -0.84
N ALA F 523 41.73 32.26 -1.76
CA ALA F 523 40.78 31.16 -1.91
C ALA F 523 40.87 30.23 -0.70
N SER G 44 14.56 26.10 42.97
CA SER G 44 13.74 25.04 43.54
C SER G 44 13.85 23.76 42.73
N PHE G 45 15.07 23.28 42.53
CA PHE G 45 15.32 22.05 41.78
C PHE G 45 15.28 20.84 42.70
N ASP G 46 14.20 20.70 43.47
CA ASP G 46 14.01 19.54 44.34
C ASP G 46 12.70 18.88 43.96
N ILE G 47 12.79 17.59 43.61
CA ILE G 47 11.63 16.85 43.12
C ILE G 47 10.51 16.77 44.15
N TRP G 48 10.83 16.68 45.44
CA TRP G 48 9.76 16.57 46.44
C TRP G 48 8.96 17.87 46.53
N LYS G 49 9.65 19.01 46.58
CA LYS G 49 8.95 20.29 46.61
C LYS G 49 8.16 20.51 45.32
N ASN G 50 8.73 20.14 44.17
CA ASN G 50 7.98 20.26 42.92
C ASN G 50 6.76 19.34 42.90
N LEU G 51 6.88 18.15 43.49
CA LEU G 51 5.73 17.24 43.58
C LEU G 51 4.64 17.82 44.46
N ASP G 52 5.00 18.41 45.59
CA ASP G 52 3.99 19.08 46.41
C ASP G 52 3.35 20.23 45.66
N ARG G 53 4.15 21.01 44.92
CA ARG G 53 3.61 22.11 44.15
C ARG G 53 2.61 21.63 43.10
N ILE G 54 2.96 20.60 42.34
CA ILE G 54 2.04 20.07 41.33
C ILE G 54 0.82 19.41 41.95
N ARG G 55 0.96 18.74 43.10
CA ARG G 55 -0.18 18.20 43.80
C ARG G 55 -1.14 19.29 44.26
N SER G 56 -0.60 20.45 44.66
CA SER G 56 -1.45 21.51 45.22
C SER G 56 -2.49 21.99 44.22
N THR G 57 -2.10 22.19 42.95
CA THR G 57 -2.98 22.85 42.00
C THR G 57 -3.01 22.19 40.62
N LYS G 58 -3.13 20.86 40.53
CA LYS G 58 -3.35 20.20 39.26
C LYS G 58 -4.67 19.44 39.20
N LYS G 59 -5.65 19.84 40.03
CA LYS G 59 -7.04 19.43 39.87
C LYS G 59 -7.20 17.91 39.89
N ASN G 60 -6.91 17.30 41.05
CA ASN G 60 -7.10 15.85 41.25
C ASN G 60 -6.19 15.04 40.32
N ALA G 61 -4.88 15.28 40.43
CA ALA G 61 -3.91 14.51 39.67
C ALA G 61 -3.61 13.15 40.29
N GLY G 62 -4.12 12.88 41.49
CA GLY G 62 -3.89 11.60 42.13
C GLY G 62 -4.72 10.49 41.54
N GLN G 63 -5.78 10.86 40.82
CA GLN G 63 -6.63 9.86 40.18
C GLN G 63 -5.88 9.19 39.04
N PHE G 64 -6.10 7.88 38.89
CA PHE G 64 -5.34 7.08 37.95
C PHE G 64 -6.10 6.89 36.65
N ILE G 65 -5.36 6.96 35.54
CA ILE G 65 -5.94 6.82 34.21
C ILE G 65 -6.33 5.36 33.99
N LYS G 66 -7.50 5.15 33.41
CA LYS G 66 -7.98 3.80 33.17
C LYS G 66 -7.22 3.14 32.03
N GLY G 67 -6.66 1.97 32.29
CA GLY G 67 -5.94 1.21 31.28
C GLY G 67 -4.73 1.91 30.71
N SER G 68 -4.00 2.66 31.53
CA SER G 68 -2.87 3.47 31.08
C SER G 68 -1.61 2.63 31.12
N LEU G 69 -0.74 2.82 30.13
CA LEU G 69 0.49 2.05 30.00
C LEU G 69 1.57 2.94 29.40
N LEU G 70 2.76 2.89 29.99
CA LEU G 70 3.92 3.62 29.49
C LEU G 70 5.14 2.72 29.63
N ILE G 71 5.94 2.64 28.57
CA ILE G 71 7.15 1.82 28.56
C ILE G 71 8.33 2.72 28.28
N LEU G 72 9.35 2.65 29.14
CA LEU G 72 10.54 3.48 29.02
C LEU G 72 11.77 2.59 29.01
N PRO G 73 12.23 2.10 27.86
CA PRO G 73 13.45 1.30 27.83
C PRO G 73 14.69 2.15 28.07
N MET G 74 15.58 1.70 28.94
CA MET G 74 16.80 2.43 29.25
C MET G 74 17.97 1.46 29.32
N ARG G 75 19.17 2.02 29.17
CA ARG G 75 20.40 1.28 29.27
C ARG G 75 21.26 1.86 30.38
N THR G 76 22.15 1.04 30.94
CA THR G 76 23.06 1.46 31.99
C THR G 76 24.44 0.88 31.74
N GLU G 77 25.46 1.63 32.14
CA GLU G 77 26.84 1.18 32.06
C GLU G 77 27.36 0.65 33.40
N ASP G 78 26.77 1.05 34.51
CA ASP G 78 27.08 0.51 35.82
C ASP G 78 25.82 -0.09 36.41
N LYS G 79 25.97 -1.25 37.07
CA LYS G 79 24.79 -1.98 37.51
C LYS G 79 24.47 -1.69 38.97
N GLN G 80 25.49 -1.60 39.83
CA GLN G 80 25.24 -1.49 41.27
C GLN G 80 24.62 -0.14 41.63
N GLN G 81 25.06 0.94 40.98
CA GLN G 81 24.49 2.25 41.30
C GLN G 81 23.06 2.38 40.76
N PHE G 82 22.81 1.87 39.56
CA PHE G 82 21.45 1.87 39.05
C PHE G 82 20.54 1.01 39.91
N ASP G 83 21.06 -0.10 40.43
CA ASP G 83 20.27 -0.92 41.34
C ASP G 83 19.98 -0.19 42.65
N GLU G 84 20.96 0.52 43.20
CA GLU G 84 20.71 1.31 44.39
C GLU G 84 19.64 2.36 44.14
N CYS G 85 19.72 3.04 42.99
CA CYS G 85 18.70 4.02 42.63
C CYS G 85 17.33 3.34 42.48
N MET G 86 17.31 2.11 41.94
CA MET G 86 16.03 1.44 41.76
C MET G 86 15.40 1.00 43.08
N ASP G 87 16.21 0.55 44.04
CA ASP G 87 15.67 0.28 45.37
C ASP G 87 15.15 1.56 46.02
N GLU G 88 15.90 2.66 45.90
CA GLU G 88 15.40 3.92 46.44
C GLU G 88 14.10 4.34 45.77
N LEU G 89 13.96 4.04 44.47
CA LEU G 89 12.73 4.35 43.76
C LEU G 89 11.59 3.45 44.21
N HIS G 90 11.84 2.15 44.32
CA HIS G 90 10.83 1.17 44.65
C HIS G 90 10.30 1.32 46.06
N LYS G 91 11.13 1.79 46.99
CA LYS G 91 10.66 1.99 48.35
C LYS G 91 9.47 2.96 48.41
N TYR G 92 9.35 3.85 47.44
CA TYR G 92 8.27 4.82 47.41
C TYR G 92 7.25 4.61 46.31
N ILE G 93 7.66 4.05 45.16
CA ILE G 93 6.75 3.94 44.03
C ILE G 93 5.83 2.73 44.18
N SER G 94 6.23 1.77 45.01
CA SER G 94 5.49 0.54 45.29
C SER G 94 5.63 -0.43 44.12
N LYS G 95 5.65 -1.74 44.43
CA LYS G 95 5.98 -2.73 43.41
C LYS G 95 4.88 -2.89 42.37
N ASP G 96 3.63 -2.66 42.77
CA ASP G 96 2.50 -2.92 41.86
C ASP G 96 2.53 -1.99 40.66
N ILE G 97 2.76 -0.70 40.88
CA ILE G 97 2.67 0.27 39.79
C ILE G 97 3.85 0.11 38.83
N LEU G 98 5.07 0.03 39.36
CA LEU G 98 6.28 0.08 38.55
C LEU G 98 7.00 -1.27 38.62
N ARG G 99 7.41 -1.77 37.46
CA ARG G 99 8.10 -3.05 37.36
C ARG G 99 9.19 -2.94 36.29
N CYS G 100 10.20 -3.80 36.40
CA CYS G 100 11.31 -3.80 35.45
C CYS G 100 11.61 -5.22 35.02
N TYR G 101 11.92 -5.40 33.75
CA TYR G 101 12.34 -6.68 33.19
C TYR G 101 13.73 -6.56 32.62
N PRO G 102 14.78 -7.02 33.32
CA PRO G 102 16.13 -6.98 32.74
C PRO G 102 16.25 -8.01 31.63
N GLN G 103 16.34 -7.53 30.39
CA GLN G 103 16.44 -8.42 29.24
C GLN G 103 17.79 -9.12 29.23
N LYS G 104 17.76 -10.40 28.88
CA LYS G 104 18.97 -11.21 28.85
C LYS G 104 19.05 -12.03 27.56
N MET G 111 23.27 -4.21 28.40
CA MET G 111 22.22 -4.60 29.35
C MET G 111 21.08 -3.59 29.29
N LEU G 112 19.85 -4.12 29.21
CA LEU G 112 18.65 -3.32 28.98
C LEU G 112 17.68 -3.50 30.14
N PHE G 113 17.09 -2.39 30.58
CA PHE G 113 16.08 -2.39 31.63
C PHE G 113 14.81 -1.77 31.09
N TYR G 114 13.76 -2.58 30.94
CA TYR G 114 12.46 -2.10 30.50
C TYR G 114 11.66 -1.64 31.71
N ILE G 115 11.64 -0.33 31.94
CA ILE G 115 10.85 0.25 33.02
C ILE G 115 9.44 0.49 32.48
N VAL G 116 8.46 -0.17 33.09
CA VAL G 116 7.10 -0.19 32.58
C VAL G 116 6.18 0.37 33.66
N LEU G 117 5.31 1.30 33.28
CA LEU G 117 4.31 1.88 34.16
C LEU G 117 2.93 1.41 33.72
N LYS G 118 2.18 0.81 34.65
CA LYS G 118 0.84 0.31 34.37
C LYS G 118 -0.14 0.94 35.35
N ASP G 119 -1.23 1.49 34.81
CA ASP G 119 -2.26 2.15 35.60
C ASP G 119 -1.68 3.25 36.47
N PHE G 120 -0.71 4.00 35.93
CA PHE G 120 0.02 4.98 36.72
C PHE G 120 -0.84 6.22 36.96
N ASN G 121 -0.62 6.84 38.12
CA ASN G 121 -1.27 8.09 38.43
C ASN G 121 -0.55 9.26 37.76
N ILE G 122 -1.31 10.33 37.53
CA ILE G 122 -0.74 11.52 36.88
C ILE G 122 0.42 12.06 37.70
N LEU G 123 0.26 12.19 39.01
CA LEU G 123 1.32 12.65 39.88
C LEU G 123 2.50 11.69 39.94
N ASP G 124 2.24 10.38 39.96
CA ASP G 124 3.33 9.41 40.03
C ASP G 124 4.16 9.40 38.76
N SER G 125 3.54 9.63 37.60
CA SER G 125 4.27 9.61 36.34
C SER G 125 5.36 10.69 36.31
N CYS G 126 5.01 11.91 36.74
CA CYS G 126 6.01 12.98 36.75
C CYS G 126 7.16 12.63 37.67
N PHE G 127 6.86 12.08 38.85
CA PHE G 127 7.90 11.72 39.80
C PHE G 127 8.85 10.68 39.23
N VAL G 128 8.30 9.59 38.68
CA VAL G 128 9.16 8.51 38.21
C VAL G 128 9.97 8.97 37.00
N LEU G 129 9.35 9.69 36.07
CA LEU G 129 10.10 10.17 34.93
C LEU G 129 11.20 11.15 35.34
N SER G 130 10.90 12.06 36.27
CA SER G 130 11.92 13.00 36.73
C SER G 130 13.10 12.27 37.35
N VAL G 131 12.83 11.35 38.29
CA VAL G 131 13.92 10.64 38.95
C VAL G 131 14.74 9.85 37.95
N LEU G 132 14.07 9.08 37.09
CA LEU G 132 14.78 8.21 36.16
C LEU G 132 15.61 9.00 35.16
N LEU G 133 15.01 10.02 34.53
CA LEU G 133 15.76 10.82 33.57
C LEU G 133 16.90 11.58 34.23
N ALA G 134 16.67 12.13 35.44
CA ALA G 134 17.74 12.82 36.13
C ALA G 134 18.90 11.89 36.44
N PHE G 135 18.63 10.67 36.89
CA PHE G 135 19.72 9.72 37.13
C PHE G 135 20.44 9.38 35.85
N GLN G 136 19.70 9.07 34.79
CA GLN G 136 20.33 8.68 33.53
C GLN G 136 21.20 9.79 32.98
N LYS G 137 20.81 11.05 33.18
CA LYS G 137 21.64 12.16 32.74
C LYS G 137 22.84 12.35 33.66
N ARG G 138 22.63 12.24 34.98
CA ARG G 138 23.67 12.42 35.98
C ARG G 138 24.79 11.40 35.85
N LEU G 139 24.52 10.22 35.29
CA LEU G 139 25.56 9.21 35.13
C LEU G 139 26.78 9.78 34.39
N TRP G 140 26.56 10.65 33.41
CA TRP G 140 27.65 11.22 32.62
C TRP G 140 28.05 12.61 33.08
N MET G 141 27.09 13.46 33.45
CA MET G 141 27.38 14.87 33.66
C MET G 141 28.22 15.09 34.92
N ALA G 142 27.67 14.73 36.09
CA ALA G 142 28.33 14.91 37.37
C ALA G 142 28.29 13.58 38.12
N PRO G 143 29.14 12.62 37.72
CA PRO G 143 29.13 11.32 38.41
C PRO G 143 29.66 11.38 39.84
N SER G 144 30.15 12.53 40.29
CA SER G 144 30.71 12.64 41.63
C SER G 144 29.65 12.96 42.68
N GLU G 145 28.55 13.60 42.30
CA GLU G 145 27.54 13.98 43.28
C GLU G 145 26.85 12.75 43.89
N LYS G 146 26.36 11.85 43.03
CA LYS G 146 25.72 10.60 43.47
C LYS G 146 24.57 10.87 44.43
N SER G 147 23.80 11.91 44.16
CA SER G 147 22.57 12.20 44.90
C SER G 147 21.38 11.94 44.00
N TYR G 148 20.44 11.12 44.49
CA TYR G 148 19.40 10.57 43.64
C TYR G 148 18.18 11.47 43.52
N PHE G 149 17.65 11.95 44.66
CA PHE G 149 16.43 12.74 44.66
C PHE G 149 16.70 14.24 44.58
N ARG G 150 17.94 14.63 44.31
CA ARG G 150 18.30 16.03 44.09
C ARG G 150 18.82 16.18 42.68
N VAL G 151 18.23 17.11 41.93
CA VAL G 151 18.64 17.41 40.56
C VAL G 151 19.49 18.67 40.58
N PRO G 152 20.79 18.59 40.30
CA PRO G 152 21.61 19.80 40.29
C PRO G 152 21.20 20.73 39.16
N LYS G 153 21.46 22.02 39.36
CA LYS G 153 21.09 23.01 38.37
C LYS G 153 21.86 22.79 37.08
N ASN G 154 21.40 23.46 36.01
CA ASN G 154 21.94 23.47 34.65
C ASN G 154 21.72 22.14 33.93
N ILE G 155 21.16 21.13 34.59
CA ILE G 155 20.87 19.86 33.94
C ILE G 155 19.52 19.97 33.25
N ASN G 156 19.49 19.63 31.96
CA ASN G 156 18.28 19.63 31.16
C ASN G 156 17.85 18.20 30.91
N LEU G 157 16.61 17.88 31.26
CA LEU G 157 16.10 16.51 31.11
C LEU G 157 15.86 16.23 29.64
N THR G 158 16.28 15.04 29.19
CA THR G 158 16.08 14.62 27.81
C THR G 158 15.98 13.10 27.78
N GLY G 159 14.97 12.60 27.07
CA GLY G 159 14.76 11.16 26.99
C GLY G 159 13.63 10.84 26.04
N SER G 160 13.15 9.60 26.13
CA SER G 160 12.07 9.15 25.27
C SER G 160 11.30 8.04 25.97
N PHE G 161 9.99 8.00 25.74
CA PHE G 161 9.14 6.95 26.26
C PHE G 161 8.11 6.57 25.21
N TYR G 162 7.70 5.30 25.24
CA TYR G 162 6.80 4.73 24.24
C TYR G 162 5.42 4.53 24.84
N LEU G 163 4.40 4.73 24.03
CA LEU G 163 3.01 4.56 24.40
C LEU G 163 2.32 3.63 23.41
N PRO G 164 1.25 2.96 23.82
CA PRO G 164 0.49 2.13 22.87
C PRO G 164 -0.08 2.98 21.73
N LYS G 165 -0.11 2.36 20.55
CA LYS G 165 -0.54 3.08 19.35
C LYS G 165 -2.00 3.51 19.42
N ASN G 166 -2.84 2.74 20.10
CA ASN G 166 -4.28 3.04 20.15
C ASN G 166 -4.60 4.12 21.18
N ILE G 167 -3.92 5.26 21.06
CA ILE G 167 -4.19 6.42 21.90
C ILE G 167 -4.49 7.61 21.00
N GLU G 168 -5.37 8.48 21.46
CA GLU G 168 -5.77 9.67 20.71
C GLU G 168 -5.25 10.90 21.44
N THR G 169 -4.70 11.84 20.67
CA THR G 169 -4.17 13.07 21.23
C THR G 169 -5.26 14.06 21.61
N GLY G 170 -6.31 14.17 20.82
CA GLY G 170 -7.40 15.10 21.11
C GLY G 170 -8.23 14.70 22.31
N SER G 185 3.93 21.70 24.15
CA SER G 185 4.82 22.25 23.14
C SER G 185 6.25 21.73 23.34
N SER G 186 6.52 21.22 24.53
CA SER G 186 7.84 20.67 24.85
C SER G 186 7.95 19.17 24.61
N ILE G 187 6.83 18.45 24.61
CA ILE G 187 6.79 17.02 24.34
C ILE G 187 6.11 16.85 22.99
N VAL G 188 6.83 16.24 22.03
CA VAL G 188 6.33 16.08 20.67
C VAL G 188 6.35 14.60 20.32
N GLU G 189 5.32 14.17 19.61
CA GLU G 189 5.33 12.84 19.00
C GLU G 189 6.21 12.85 17.76
N VAL G 190 6.90 11.74 17.53
CA VAL G 190 7.92 11.66 16.50
C VAL G 190 7.39 10.86 15.32
N GLY G 191 7.67 11.37 14.11
CA GLY G 191 7.34 10.63 12.91
C GLY G 191 8.39 9.58 12.59
N PHE G 192 7.98 8.63 11.75
CA PHE G 192 8.86 7.55 11.31
C PHE G 192 9.43 6.76 12.48
N ASN G 193 8.56 6.10 13.24
CA ASN G 193 8.97 5.27 14.37
C ASN G 193 9.28 3.87 13.89
N VAL G 194 10.43 3.34 14.32
CA VAL G 194 10.85 2.01 13.90
C VAL G 194 9.96 0.94 14.53
N VAL G 195 9.65 1.08 15.81
CA VAL G 195 8.78 0.11 16.48
C VAL G 195 7.39 0.17 15.86
N PRO G 196 6.87 -0.94 15.33
CA PRO G 196 5.65 -0.87 14.51
C PRO G 196 4.41 -0.41 15.26
N ASP G 197 4.05 -1.07 16.35
CA ASP G 197 2.77 -0.85 17.01
C ASP G 197 2.89 0.06 18.23
N PHE G 198 3.91 0.90 18.30
CA PHE G 198 4.11 1.79 19.42
C PHE G 198 4.41 3.20 18.94
N GLN G 199 3.97 4.18 19.72
CA GLN G 199 4.16 5.58 19.43
C GLN G 199 5.23 6.13 20.37
N GLN G 200 6.27 6.72 19.79
CA GLN G 200 7.42 7.19 20.55
C GLN G 200 7.35 8.70 20.72
N PHE G 201 7.78 9.17 21.89
CA PHE G 201 7.73 10.59 22.23
C PHE G 201 9.10 11.06 22.70
N GLN G 202 9.34 12.35 22.59
CA GLN G 202 10.63 12.94 22.94
C GLN G 202 10.40 14.13 23.88
N VAL G 203 11.22 14.23 24.92
CA VAL G 203 11.17 15.34 25.87
C VAL G 203 12.45 16.15 25.72
N LYS G 204 12.29 17.46 25.53
CA LYS G 204 13.41 18.35 25.26
C LYS G 204 13.26 19.64 26.04
N ALA G 205 14.38 20.28 26.35
CA ALA G 205 14.41 21.63 26.93
C ALA G 205 13.59 21.71 28.21
N CYS G 206 14.04 20.98 29.23
CA CYS G 206 13.34 20.90 30.50
C CYS G 206 14.24 21.40 31.63
N HIS G 207 13.73 22.34 32.41
CA HIS G 207 14.50 22.88 33.52
C HIS G 207 14.32 22.05 34.79
N VAL G 208 13.36 22.45 35.62
CA VAL G 208 13.08 21.73 36.86
C VAL G 208 11.57 21.69 37.13
N SER G 209 10.88 22.73 36.69
CA SER G 209 9.43 22.82 36.88
C SER G 209 8.70 22.76 35.54
N LYS G 210 9.39 23.13 34.47
CA LYS G 210 8.80 23.12 33.14
C LYS G 210 8.49 21.70 32.70
N PHE G 211 9.37 20.75 33.00
CA PHE G 211 9.10 19.36 32.65
C PHE G 211 7.85 18.85 33.35
N MET G 212 7.71 19.11 34.64
CA MET G 212 6.54 18.63 35.37
C MET G 212 5.27 19.28 34.85
N ASN G 213 5.32 20.59 34.58
CA ASN G 213 4.15 21.27 34.05
C ASN G 213 3.75 20.73 32.68
N GLU G 214 4.74 20.48 31.82
CA GLU G 214 4.46 19.91 30.50
C GLU G 214 3.89 18.50 30.62
N LEU G 215 4.44 17.69 31.52
CA LEU G 215 3.92 16.34 31.70
C LEU G 215 2.48 16.36 32.17
N SER G 216 2.15 17.26 33.11
CA SER G 216 0.76 17.36 33.55
C SER G 216 -0.14 17.82 32.42
N ASN G 217 0.26 18.87 31.69
CA ASN G 217 -0.55 19.37 30.59
C ASN G 217 -0.70 18.37 29.46
N PHE G 218 0.22 17.42 29.34
CA PHE G 218 0.15 16.43 28.27
C PHE G 218 -0.67 15.21 28.68
N PHE G 219 -0.37 14.62 29.83
CA PHE G 219 -1.07 13.43 30.28
C PHE G 219 -2.45 13.73 30.85
N SER G 220 -2.78 14.99 31.13
CA SER G 220 -4.16 15.32 31.50
C SER G 220 -5.08 15.27 30.29
N GLN G 221 -4.50 15.21 29.09
CA GLN G 221 -5.28 15.28 27.86
C GLN G 221 -5.40 13.91 27.20
N VAL G 222 -4.27 13.24 26.95
CA VAL G 222 -4.28 11.97 26.25
C VAL G 222 -5.08 10.93 27.02
N GLU G 223 -5.62 9.95 26.30
CA GLU G 223 -6.45 8.91 26.90
C GLU G 223 -6.17 7.59 26.20
N PHE G 224 -6.14 6.50 26.97
CA PHE G 224 -5.82 5.18 26.46
C PHE G 224 -7.10 4.36 26.31
N GLY G 225 -6.97 3.21 25.66
CA GLY G 225 -8.11 2.30 25.57
C GLY G 225 -7.77 0.84 25.37
N LYS G 226 -8.29 -0.01 26.26
CA LYS G 226 -8.33 -1.46 26.11
C LYS G 226 -6.98 -2.03 25.65
N CYS G 227 -5.98 -1.89 26.52
CA CYS G 227 -4.66 -2.44 26.24
C CYS G 227 -4.69 -3.96 26.27
N GLU G 228 -3.88 -4.56 25.41
CA GLU G 228 -3.80 -6.02 25.32
C GLU G 228 -3.16 -6.59 26.59
N ALA G 229 -3.38 -7.89 26.80
CA ALA G 229 -2.91 -8.53 28.02
C ALA G 229 -1.39 -8.62 28.06
N ASN G 230 -0.76 -9.03 26.97
CA ASN G 230 0.68 -9.25 26.94
C ASN G 230 1.36 -8.38 25.89
N VAL G 231 1.00 -7.11 25.84
CA VAL G 231 1.62 -6.19 24.90
C VAL G 231 3.08 -5.93 25.26
N ILE G 232 3.43 -6.07 26.54
CA ILE G 232 4.79 -5.80 26.98
C ILE G 232 5.78 -6.78 26.35
N ASN G 233 5.42 -8.07 26.33
CA ASN G 233 6.29 -9.06 25.70
C ASN G 233 6.44 -8.80 24.21
N TYR G 234 5.36 -8.35 23.57
CA TYR G 234 5.46 -7.96 22.16
C TYR G 234 6.45 -6.81 21.97
N PHE G 235 6.39 -5.81 22.86
CA PHE G 235 7.33 -4.70 22.75
C PHE G 235 8.76 -5.17 22.95
N LYS G 236 8.98 -6.04 23.95
CA LYS G 236 10.33 -6.56 24.17
C LYS G 236 10.84 -7.30 22.94
N ARG G 237 10.01 -8.18 22.39
CA ARG G 237 10.41 -8.95 21.20
C ARG G 237 10.73 -8.02 20.04
N GLU G 238 9.90 -7.00 19.82
CA GLU G 238 10.08 -6.15 18.64
C GLU G 238 11.31 -5.27 18.78
N TYR G 239 11.51 -4.69 19.97
CA TYR G 239 12.72 -3.89 20.21
C TYR G 239 13.97 -4.73 20.03
N ASN G 240 13.96 -5.94 20.60
CA ASN G 240 15.12 -6.83 20.43
C ASN G 240 15.34 -7.17 18.97
N ARG G 241 14.27 -7.42 18.21
CA ARG G 241 14.43 -7.73 16.79
C ARG G 241 15.04 -6.57 16.03
N THR G 242 14.55 -5.34 16.24
CA THR G 242 15.09 -4.21 15.51
C THR G 242 16.56 -3.95 15.85
N TYR G 243 16.92 -4.06 17.13
CA TYR G 243 18.31 -3.79 17.46
C TYR G 243 19.24 -4.94 17.04
N SER G 244 18.75 -6.18 17.04
CA SER G 244 19.53 -7.25 16.42
C SER G 244 19.72 -7.00 14.93
N GLN G 245 18.69 -6.46 14.27
CA GLN G 245 18.83 -6.14 12.85
C GLN G 245 19.90 -5.09 12.62
N ILE G 246 19.91 -4.03 13.44
CA ILE G 246 20.95 -3.02 13.25
C ILE G 246 22.34 -3.56 13.62
N SER G 247 22.43 -4.46 14.61
CA SER G 247 23.73 -5.07 14.90
C SER G 247 24.22 -5.89 13.72
N LEU G 248 23.33 -6.66 13.09
CA LEU G 248 23.73 -7.41 11.91
C LEU G 248 24.13 -6.48 10.77
N ALA G 249 23.40 -5.38 10.60
CA ALA G 249 23.71 -4.40 9.56
C ALA G 249 25.11 -3.83 9.75
N LEU G 250 25.51 -3.53 10.98
CA LEU G 250 26.90 -3.17 11.22
C LEU G 250 27.85 -4.35 10.99
N TYR G 251 27.39 -5.58 11.22
CA TYR G 251 28.25 -6.74 11.00
C TYR G 251 28.55 -7.00 9.53
N GLU G 252 27.67 -6.62 8.59
CA GLU G 252 27.99 -6.84 7.19
C GLU G 252 28.99 -5.83 6.64
N LEU G 253 29.45 -4.88 7.45
CA LEU G 253 30.25 -3.76 6.95
C LEU G 253 31.51 -4.20 6.20
N PRO G 254 32.33 -5.11 6.73
CA PRO G 254 33.59 -5.43 6.03
C PRO G 254 33.42 -6.32 4.82
N LEU G 255 32.36 -7.12 4.74
CA LEU G 255 32.23 -8.18 3.75
C LEU G 255 31.55 -7.73 2.47
N ILE G 256 31.32 -6.44 2.29
CA ILE G 256 30.55 -5.97 1.14
C ILE G 256 31.23 -6.34 -0.17
N GLY G 257 32.56 -6.29 -0.20
CA GLY G 257 33.28 -6.59 -1.42
C GLY G 257 33.59 -8.05 -1.64
N ASP G 258 32.75 -8.72 -2.44
CA ASP G 258 32.97 -10.08 -2.93
C ASP G 258 32.86 -11.07 -1.76
N GLY G 259 32.69 -10.58 -0.54
CA GLY G 259 32.51 -11.48 0.58
C GLY G 259 31.19 -12.23 0.51
N LEU G 260 30.11 -11.53 0.20
CA LEU G 260 28.79 -12.13 0.11
C LEU G 260 27.96 -11.50 -1.01
N PHE G 261 28.61 -11.20 -2.14
CA PHE G 261 27.91 -10.40 -3.15
C PHE G 261 28.06 -10.88 -4.59
N ASP G 262 28.84 -11.92 -4.87
CA ASP G 262 28.94 -12.51 -6.22
C ASP G 262 29.50 -11.47 -7.20
N ILE G 263 30.60 -10.86 -6.76
CA ILE G 263 31.22 -9.78 -7.52
C ILE G 263 31.80 -10.29 -8.84
N LYS G 264 32.26 -11.54 -8.87
CA LYS G 264 32.93 -12.05 -10.06
C LYS G 264 31.99 -12.04 -11.26
N SER G 265 30.74 -12.47 -11.09
CA SER G 265 29.79 -12.40 -12.19
C SER G 265 29.04 -11.08 -12.25
N TYR G 266 29.05 -10.30 -11.16
CA TYR G 266 28.53 -8.93 -11.25
C TYR G 266 29.36 -8.09 -12.22
N ILE G 267 30.69 -8.18 -12.12
CA ILE G 267 31.57 -7.34 -12.93
C ILE G 267 31.46 -7.70 -14.41
N SER G 268 31.40 -8.99 -14.72
CA SER G 268 31.31 -9.41 -16.13
C SER G 268 30.01 -8.96 -16.77
N LYS G 269 29.03 -8.52 -15.98
CA LYS G 269 27.80 -7.97 -16.52
C LYS G 269 27.81 -6.44 -16.55
N THR G 270 28.42 -5.79 -15.56
CA THR G 270 28.38 -4.34 -15.47
C THR G 270 29.60 -3.66 -16.08
N ARG G 271 30.53 -4.40 -16.68
CA ARG G 271 31.67 -3.75 -17.33
C ARG G 271 31.28 -2.98 -18.60
N PRO G 272 30.61 -3.57 -19.60
CA PRO G 272 30.35 -2.81 -20.83
C PRO G 272 29.50 -1.58 -20.61
N ILE G 273 28.57 -1.61 -19.66
CA ILE G 273 27.75 -0.43 -19.39
C ILE G 273 28.61 0.72 -18.89
N ILE G 274 29.53 0.44 -17.97
CA ILE G 274 30.43 1.48 -17.49
C ILE G 274 31.34 1.97 -18.61
N GLU G 275 31.79 1.07 -19.48
CA GLU G 275 32.65 1.51 -20.58
C GLU G 275 31.91 2.46 -21.53
N THR G 276 30.68 2.11 -21.90
CA THR G 276 29.93 2.99 -22.79
C THR G 276 29.53 4.28 -22.10
N SER G 277 29.30 4.25 -20.78
CA SER G 277 29.03 5.49 -20.07
C SER G 277 30.24 6.40 -20.05
N LYS G 278 31.44 5.83 -19.90
CA LYS G 278 32.66 6.61 -19.98
C LYS G 278 32.82 7.25 -21.36
N ALA G 279 32.54 6.47 -22.41
CA ALA G 279 32.63 7.03 -23.76
C ALA G 279 31.64 8.18 -23.95
N GLN G 280 30.41 8.02 -23.47
CA GLN G 280 29.42 9.08 -23.58
C GLN G 280 29.85 10.31 -22.79
N MET G 281 30.46 10.12 -21.62
CA MET G 281 30.95 11.25 -20.84
C MET G 281 32.02 12.03 -21.59
N ILE G 282 33.00 11.33 -22.16
CA ILE G 282 34.08 12.06 -22.83
C ILE G 282 33.55 12.75 -24.08
N LYS G 283 32.63 12.11 -24.80
CA LYS G 283 32.02 12.74 -25.96
C LYS G 283 31.26 14.00 -25.53
N HIS G 284 30.51 13.92 -24.42
CA HIS G 284 29.78 15.08 -23.93
C HIS G 284 30.71 16.22 -23.55
N ILE G 285 31.84 15.91 -22.91
CA ILE G 285 32.79 16.97 -22.56
C ILE G 285 33.35 17.63 -23.81
N SER G 286 33.74 16.84 -24.80
CA SER G 286 34.25 17.42 -26.05
C SER G 286 33.18 18.29 -26.72
N GLU G 287 31.94 17.81 -26.75
CA GLU G 287 30.87 18.56 -27.39
C GLU G 287 30.58 19.88 -26.66
N MET G 288 30.56 19.85 -25.33
CA MET G 288 30.36 21.07 -24.56
C MET G 288 31.51 22.05 -24.74
N LYS G 289 32.75 21.54 -24.81
CA LYS G 289 33.90 22.41 -25.05
C LYS G 289 33.78 23.10 -26.41
N ALA G 290 33.45 22.34 -27.45
CA ALA G 290 33.28 22.94 -28.77
C ALA G 290 32.11 23.91 -28.82
N TYR G 291 31.03 23.63 -28.09
CA TYR G 291 29.92 24.58 -27.99
C TYR G 291 30.36 25.86 -27.28
N ASN G 292 31.22 25.74 -26.27
CA ASN G 292 31.60 26.90 -25.47
C ASN G 292 32.56 27.81 -26.22
N GLU G 293 33.73 27.32 -26.59
CA GLU G 293 34.73 28.20 -27.20
C GLU G 293 34.30 28.65 -28.60
N ILE G 294 34.65 29.89 -28.94
CA ILE G 294 34.44 30.39 -30.29
C ILE G 294 35.34 29.69 -31.28
N SER G 295 36.62 29.53 -30.92
CA SER G 295 37.63 28.88 -31.77
C SER G 295 37.74 29.55 -33.13
N MET H 1 13.34 -28.62 12.96
CA MET H 1 12.75 -29.24 11.78
C MET H 1 13.52 -30.51 11.45
N ARG H 2 13.35 -31.04 10.24
CA ARG H 2 14.02 -32.27 9.85
C ARG H 2 14.86 -32.03 8.59
N ASP H 3 16.14 -32.36 8.68
CA ASP H 3 17.09 -32.34 7.56
C ASP H 3 17.29 -30.95 6.97
N ILE H 4 16.87 -29.91 7.69
CA ILE H 4 17.10 -28.51 7.32
C ILE H 4 17.51 -27.74 8.57
N VAL H 5 18.61 -27.00 8.48
CA VAL H 5 19.07 -26.14 9.55
C VAL H 5 19.44 -24.79 8.97
N PHE H 6 19.28 -23.74 9.78
CA PHE H 6 19.49 -22.37 9.34
C PHE H 6 20.90 -21.92 9.71
N VAL H 7 21.61 -21.34 8.75
CA VAL H 7 22.94 -20.78 8.98
C VAL H 7 22.96 -19.35 8.47
N SER H 8 23.81 -18.54 9.09
CA SER H 8 23.94 -17.14 8.75
C SER H 8 25.38 -16.80 8.42
N PRO H 9 25.71 -16.60 7.14
CA PRO H 9 27.11 -16.33 6.77
C PRO H 9 27.69 -15.09 7.42
N GLN H 10 26.90 -14.02 7.58
CA GLN H 10 27.44 -12.80 8.18
C GLN H 10 27.88 -13.02 9.61
N LEU H 11 27.02 -13.61 10.44
CA LEU H 11 27.37 -13.91 11.82
C LEU H 11 28.46 -14.95 11.92
N TYR H 12 28.53 -15.89 10.97
CA TYR H 12 29.64 -16.83 10.96
C TYR H 12 30.97 -16.14 10.70
N LEU H 13 31.00 -15.27 9.68
CA LEU H 13 32.25 -14.59 9.33
C LEU H 13 32.66 -13.58 10.39
N SER H 14 31.69 -13.05 11.15
CA SER H 14 32.02 -12.14 12.24
C SER H 14 32.53 -12.86 13.47
N SER H 15 32.83 -14.16 13.36
CA SER H 15 33.44 -14.95 14.43
C SER H 15 32.60 -14.96 15.69
N GLN H 16 31.29 -14.89 15.55
CA GLN H 16 30.39 -14.94 16.70
C GLN H 16 30.00 -16.38 17.01
N GLU H 17 29.16 -16.52 18.03
CA GLU H 17 28.79 -17.84 18.54
C GLU H 17 27.49 -18.39 17.95
N GLY H 18 26.52 -17.53 17.67
CA GLY H 18 25.22 -18.00 17.25
C GLY H 18 25.01 -18.02 15.75
N TRP H 19 26.04 -18.45 15.00
CA TRP H 19 25.94 -18.45 13.55
C TRP H 19 24.99 -19.52 13.03
N LYS H 20 24.63 -20.50 13.85
CA LYS H 20 23.72 -21.56 13.45
C LYS H 20 22.64 -21.72 14.50
N SER H 21 21.39 -21.82 14.03
CA SER H 21 20.25 -22.00 14.91
C SER H 21 19.14 -22.70 14.13
N ASP H 22 18.21 -23.30 14.87
CA ASP H 22 17.08 -23.96 14.25
C ASP H 22 15.87 -23.04 14.12
N SER H 23 15.94 -21.84 14.68
CA SER H 23 14.85 -20.89 14.58
C SER H 23 15.03 -19.99 13.36
N ALA H 24 13.91 -19.66 12.72
CA ALA H 24 13.94 -18.84 11.51
C ALA H 24 14.00 -17.37 11.93
N LYS H 25 15.21 -16.82 11.87
CA LYS H 25 15.43 -15.42 12.20
C LYS H 25 15.74 -14.61 10.95
N SER H 26 16.00 -13.32 11.15
CA SER H 26 16.35 -12.43 10.05
C SER H 26 17.81 -12.63 9.66
N GLY H 27 18.06 -12.81 8.36
CA GLY H 27 19.41 -13.02 7.89
C GLY H 27 19.88 -14.46 7.95
N PHE H 28 18.97 -15.42 7.99
CA PHE H 28 19.32 -16.83 8.07
C PHE H 28 18.94 -17.56 6.80
N ILE H 29 19.84 -18.41 6.33
CA ILE H 29 19.68 -19.12 5.06
C ILE H 29 19.54 -20.62 5.36
N PRO H 30 18.55 -21.29 4.78
CA PRO H 30 18.42 -22.74 5.01
C PRO H 30 19.59 -23.51 4.40
N ILE H 31 19.88 -24.67 4.96
CA ILE H 31 20.99 -25.51 4.55
C ILE H 31 20.71 -26.94 4.99
N LEU H 32 21.29 -27.90 4.26
CA LEU H 32 21.18 -29.29 4.66
C LEU H 32 22.19 -29.61 5.76
N LYS H 33 21.72 -30.23 6.84
CA LYS H 33 22.65 -30.59 7.91
C LYS H 33 23.69 -31.60 7.46
N ASN H 34 23.39 -32.41 6.45
CA ASN H 34 24.41 -33.31 5.91
C ASN H 34 25.54 -32.53 5.25
N ASP H 35 25.25 -31.31 4.79
CA ASP H 35 26.17 -30.58 3.94
C ASP H 35 26.77 -29.35 4.64
N LEU H 36 26.61 -29.24 5.96
CA LEU H 36 27.12 -28.08 6.68
C LEU H 36 28.64 -28.01 6.62
N GLN H 37 29.30 -29.17 6.59
CA GLN H 37 30.75 -29.18 6.49
C GLN H 37 31.22 -28.57 5.17
N ARG H 38 30.54 -28.89 4.07
CA ARG H 38 30.87 -28.25 2.80
C ARG H 38 30.48 -26.77 2.79
N PHE H 39 29.42 -26.39 3.52
CA PHE H 39 29.14 -24.97 3.68
C PHE H 39 30.30 -24.25 4.35
N GLN H 40 30.83 -24.83 5.42
CA GLN H 40 32.00 -24.27 6.09
C GLN H 40 33.21 -24.22 5.18
N ASP H 41 33.45 -25.28 4.41
CA ASP H 41 34.58 -25.30 3.48
C ASP H 41 34.45 -24.28 2.36
N SER H 42 33.22 -23.92 1.98
CA SER H 42 33.03 -22.92 0.93
C SER H 42 33.52 -21.54 1.35
N LEU H 43 33.35 -21.18 2.63
CA LEU H 43 33.75 -19.88 3.14
C LEU H 43 35.17 -19.89 3.68
N LYS H 44 35.89 -21.00 3.47
CA LYS H 44 37.20 -21.19 4.10
C LYS H 44 38.20 -20.15 3.61
N HIS H 45 38.26 -19.90 2.31
CA HIS H 45 39.27 -18.97 1.81
C HIS H 45 38.98 -17.54 2.22
N ILE H 46 37.70 -17.14 2.24
CA ILE H 46 37.36 -15.78 2.65
C ILE H 46 37.61 -15.59 4.14
N VAL H 47 37.29 -16.60 4.96
CA VAL H 47 37.53 -16.44 6.39
C VAL H 47 39.03 -16.45 6.68
N ASP H 48 39.82 -17.20 5.91
CA ASP H 48 41.27 -17.15 6.07
C ASP H 48 41.83 -15.80 5.64
N ALA H 49 41.27 -15.20 4.58
CA ALA H 49 41.68 -13.86 4.20
C ALA H 49 41.35 -12.85 5.30
N ARG H 50 40.18 -12.98 5.92
CA ARG H 50 39.83 -12.09 7.03
C ARG H 50 40.78 -12.30 8.21
N ASN H 51 41.12 -13.55 8.51
CA ASN H 51 42.03 -13.84 9.61
C ASN H 51 43.44 -13.35 9.34
N SER H 52 43.86 -13.31 8.08
CA SER H 52 45.19 -12.81 7.73
C SER H 52 45.12 -11.41 7.12
N MET I 4 -38.63 -43.95 -12.77
CA MET I 4 -39.28 -45.07 -12.10
C MET I 4 -39.37 -44.89 -10.57
N SER I 5 -40.17 -43.91 -10.18
CA SER I 5 -40.48 -43.59 -8.79
C SER I 5 -39.21 -43.29 -8.01
N THR I 6 -39.22 -43.59 -6.73
CA THR I 6 -38.09 -43.28 -5.88
C THR I 6 -36.91 -44.19 -6.20
N PRO I 7 -35.68 -43.71 -5.93
CA PRO I 7 -34.49 -44.52 -6.21
C PRO I 7 -34.48 -45.91 -5.60
N ALA I 8 -35.44 -46.20 -4.71
CA ALA I 8 -35.48 -47.52 -4.08
C ALA I 8 -35.74 -48.61 -5.12
N ALA I 9 -36.62 -48.34 -6.09
CA ALA I 9 -36.86 -49.33 -7.14
C ALA I 9 -35.61 -49.58 -7.96
N GLU I 10 -34.87 -48.51 -8.29
CA GLU I 10 -33.62 -48.68 -9.03
C GLU I 10 -32.61 -49.48 -8.21
N GLN I 11 -32.56 -49.24 -6.90
CA GLN I 11 -31.63 -49.98 -6.07
C GLN I 11 -32.06 -51.44 -5.94
N ARG I 12 -33.35 -51.71 -6.02
CA ARG I 12 -33.84 -53.08 -6.08
C ARG I 12 -33.34 -53.74 -7.34
N LYS I 13 -33.47 -53.03 -8.46
CA LYS I 13 -33.07 -53.60 -9.75
C LYS I 13 -31.56 -53.64 -9.93
N LEU I 14 -30.84 -53.39 -8.83
CA LEU I 14 -29.41 -53.64 -8.72
C LEU I 14 -29.09 -54.72 -7.69
N VAL I 15 -29.66 -54.61 -6.48
CA VAL I 15 -29.45 -55.59 -5.43
C VAL I 15 -29.97 -56.97 -5.80
N GLU I 16 -31.18 -57.05 -6.35
CA GLU I 16 -31.73 -58.32 -6.80
C GLU I 16 -30.83 -59.05 -7.79
N GLN I 17 -30.24 -58.34 -8.74
CA GLN I 17 -29.27 -58.93 -9.64
C GLN I 17 -27.97 -59.28 -8.91
N LEU I 18 -27.58 -58.47 -7.93
CA LEU I 18 -26.35 -58.73 -7.20
C LEU I 18 -26.44 -60.03 -6.42
N MET I 19 -27.57 -60.28 -5.76
CA MET I 19 -27.75 -61.51 -5.01
C MET I 19 -27.85 -62.71 -5.95
N ILE J 4 -52.95 -5.30 7.76
CA ILE J 4 -53.45 -5.61 6.43
C ILE J 4 -54.44 -6.76 6.49
N GLN J 5 -55.48 -6.70 5.66
CA GLN J 5 -56.48 -7.74 5.55
C GLN J 5 -56.27 -8.51 4.27
N VAL J 6 -56.37 -9.84 4.35
CA VAL J 6 -56.18 -10.73 3.21
C VAL J 6 -57.39 -11.63 3.08
N ALA J 7 -57.79 -11.89 1.83
CA ALA J 7 -59.01 -12.65 1.56
C ALA J 7 -58.95 -14.02 2.22
N HIS J 8 -60.11 -14.47 2.72
CA HIS J 8 -60.16 -15.75 3.42
C HIS J 8 -59.82 -16.91 2.50
N SER J 9 -60.31 -16.89 1.27
CA SER J 9 -60.01 -17.92 0.28
C SER J 9 -58.84 -17.43 -0.56
N SER J 10 -57.63 -17.57 -0.01
CA SER J 10 -56.41 -17.09 -0.65
C SER J 10 -55.29 -18.07 -0.34
N ARG J 11 -55.04 -19.01 -1.25
CA ARG J 11 -53.96 -19.96 -1.08
C ARG J 11 -52.64 -19.28 -1.38
N LEU J 12 -51.56 -20.07 -1.38
CA LEU J 12 -50.25 -19.53 -1.70
C LEU J 12 -50.12 -19.06 -3.14
N ALA J 13 -51.03 -19.48 -4.02
CA ALA J 13 -50.99 -19.03 -5.40
C ALA J 13 -51.50 -17.60 -5.56
N ASN J 14 -52.42 -17.18 -4.70
CA ASN J 14 -52.95 -15.82 -4.80
C ASN J 14 -51.98 -14.80 -4.24
N LEU J 15 -51.11 -15.20 -3.32
CA LEU J 15 -50.17 -14.28 -2.68
C LEU J 15 -48.88 -14.15 -3.49
N ILE J 16 -49.01 -13.80 -4.76
CA ILE J 16 -47.85 -13.61 -5.63
C ILE J 16 -47.57 -12.12 -5.71
N ASP J 17 -46.35 -11.73 -5.35
CA ASP J 17 -45.86 -10.37 -5.07
C ASP J 17 -46.40 -9.78 -3.77
N TYR J 18 -47.12 -10.53 -2.95
CA TYR J 18 -47.30 -10.08 -1.58
C TYR J 18 -45.98 -10.20 -0.82
N LYS J 19 -45.79 -9.31 0.15
CA LYS J 19 -44.56 -9.26 0.92
C LYS J 19 -44.74 -10.09 2.19
N LEU J 20 -44.23 -11.32 2.17
CA LEU J 20 -44.55 -12.33 3.17
C LEU J 20 -43.68 -12.19 4.40
N ARG J 21 -43.90 -13.08 5.37
CA ARG J 21 -43.13 -13.17 6.60
C ARG J 21 -42.93 -14.66 6.87
N VAL J 22 -41.86 -15.22 6.32
CA VAL J 22 -41.61 -16.65 6.36
C VAL J 22 -40.77 -17.00 7.56
N LEU J 23 -41.21 -17.98 8.33
CA LEU J 23 -40.53 -18.39 9.56
C LEU J 23 -39.89 -19.75 9.38
N THR J 24 -38.67 -19.91 9.91
CA THR J 24 -37.90 -21.12 9.79
C THR J 24 -37.89 -21.87 11.11
N GLN J 25 -37.30 -23.07 11.11
CA GLN J 25 -37.26 -23.89 12.32
C GLN J 25 -36.36 -23.30 13.40
N ASP J 26 -35.30 -22.61 13.01
CA ASP J 26 -34.30 -22.12 13.96
C ASP J 26 -34.58 -20.71 14.44
N GLY J 27 -35.83 -20.26 14.42
CA GLY J 27 -36.17 -18.96 14.96
C GLY J 27 -35.74 -17.78 14.12
N ARG J 28 -35.52 -17.98 12.82
CA ARG J 28 -35.16 -16.91 11.90
C ARG J 28 -36.32 -16.65 10.96
N VAL J 29 -36.63 -15.38 10.73
CA VAL J 29 -37.75 -14.98 9.87
C VAL J 29 -37.17 -14.37 8.60
N TYR J 30 -37.92 -14.45 7.52
CA TYR J 30 -37.53 -13.87 6.24
C TYR J 30 -38.66 -12.96 5.76
N ILE J 31 -38.30 -11.76 5.32
CA ILE J 31 -39.28 -10.73 4.98
C ILE J 31 -39.03 -10.26 3.56
N GLY J 32 -39.72 -10.90 2.60
CA GLY J 32 -39.50 -10.54 1.21
C GLY J 32 -40.71 -10.87 0.37
N GLN J 33 -40.69 -10.35 -0.87
CA GLN J 33 -41.80 -10.53 -1.77
C GLN J 33 -41.78 -11.92 -2.39
N LEU J 34 -42.87 -12.66 -2.24
CA LEU J 34 -43.01 -13.97 -2.86
C LEU J 34 -43.18 -13.82 -4.35
N MET J 35 -42.46 -14.62 -5.13
CA MET J 35 -42.57 -14.54 -6.59
C MET J 35 -42.69 -15.92 -7.26
N ALA J 36 -42.45 -17.00 -6.53
CA ALA J 36 -42.66 -18.34 -7.06
C ALA J 36 -42.70 -19.31 -5.89
N PHE J 37 -43.19 -20.52 -6.17
CA PHE J 37 -43.22 -21.58 -5.18
C PHE J 37 -43.24 -22.92 -5.89
N ASP J 38 -43.39 -23.99 -5.11
CA ASP J 38 -43.41 -25.34 -5.64
C ASP J 38 -44.00 -26.27 -4.59
N HIS J 40 -43.25 -28.95 -2.92
CA HIS J 40 -42.50 -29.08 -1.69
C HIS J 40 -42.58 -27.80 -0.88
N MET J 41 -43.16 -26.76 -1.49
CA MET J 41 -43.34 -25.45 -0.86
C MET J 41 -41.97 -24.85 -0.51
N ASN J 42 -41.14 -24.68 -1.53
CA ASN J 42 -39.88 -23.96 -1.40
C ASN J 42 -39.99 -22.67 -2.21
N LEU J 43 -39.98 -21.53 -1.52
CA LEU J 43 -40.35 -20.26 -2.10
C LEU J 43 -39.16 -19.61 -2.81
N VAL J 44 -39.46 -18.51 -3.50
CA VAL J 44 -38.45 -17.61 -4.03
C VAL J 44 -38.81 -16.21 -3.56
N LEU J 45 -37.89 -15.57 -2.84
CA LEU J 45 -38.13 -14.25 -2.25
C LEU J 45 -37.23 -13.23 -2.92
N ASN J 46 -37.77 -12.04 -3.15
CA ASN J 46 -37.04 -11.03 -3.93
C ASN J 46 -35.98 -10.33 -3.11
N GLU J 47 -36.39 -9.59 -2.09
CA GLU J 47 -35.50 -8.75 -1.29
C GLU J 47 -35.54 -9.13 0.18
N CYS J 48 -35.75 -10.41 0.47
CA CYS J 48 -35.98 -10.84 1.85
C CYS J 48 -34.77 -10.55 2.71
N ILE J 49 -35.01 -9.93 3.86
CA ILE J 49 -33.97 -9.64 4.85
C ILE J 49 -34.22 -10.53 6.05
N GLU J 50 -33.20 -11.25 6.48
CA GLU J 50 -33.37 -12.26 7.53
C GLU J 50 -33.17 -11.62 8.89
N GLU J 51 -34.10 -11.90 9.80
CA GLU J 51 -34.05 -11.35 11.14
C GLU J 51 -33.89 -12.49 12.14
N ARG J 52 -33.38 -12.15 13.32
CA ARG J 52 -33.21 -13.13 14.38
C ARG J 52 -33.06 -12.39 15.70
N VAL J 53 -33.47 -13.06 16.78
CA VAL J 53 -33.35 -12.52 18.13
C VAL J 53 -32.06 -13.08 18.74
N PRO J 54 -31.10 -12.24 19.09
CA PRO J 54 -29.85 -12.75 19.68
C PRO J 54 -30.08 -13.38 21.04
N LYS J 55 -29.20 -14.32 21.39
CA LYS J 55 -29.30 -14.99 22.67
C LYS J 55 -29.14 -14.04 23.84
N THR J 56 -28.52 -12.88 23.63
CA THR J 56 -28.35 -11.93 24.72
C THR J 56 -29.65 -11.20 25.05
N GLN J 57 -30.54 -11.04 24.09
CA GLN J 57 -31.80 -10.35 24.33
C GLN J 57 -33.01 -11.28 24.36
N LEU J 58 -32.81 -12.59 24.23
CA LEU J 58 -33.93 -13.51 24.29
C LEU J 58 -34.62 -13.50 25.65
N ASP J 59 -33.87 -13.24 26.71
CA ASP J 59 -34.40 -13.26 28.07
C ASP J 59 -35.44 -12.18 28.33
N LYS J 60 -35.47 -11.11 27.53
CA LYS J 60 -36.46 -10.06 27.72
C LYS J 60 -37.86 -10.47 27.27
N LEU J 61 -37.97 -11.49 26.42
CA LEU J 61 -39.28 -11.94 25.97
C LEU J 61 -39.97 -12.85 26.98
N ARG J 62 -39.24 -13.36 27.96
CA ARG J 62 -39.83 -14.24 28.94
C ARG J 62 -40.81 -13.48 29.83
N PRO J 63 -41.85 -14.14 30.33
CA PRO J 63 -42.87 -13.43 31.12
C PRO J 63 -42.27 -12.81 32.37
N ARG J 64 -42.76 -11.62 32.72
CA ARG J 64 -42.26 -10.89 33.87
C ARG J 64 -43.02 -11.27 35.13
N GLY J 70 -39.41 -2.53 30.23
CA GLY J 70 -40.47 -2.30 31.20
C GLY J 70 -41.82 -2.82 30.75
N THR J 71 -42.81 -1.93 30.71
CA THR J 71 -44.14 -2.31 30.25
C THR J 71 -44.12 -2.73 28.79
N THR J 72 -43.40 -2.00 27.95
CA THR J 72 -43.29 -2.29 26.53
C THR J 72 -41.89 -2.80 26.20
N LEU J 73 -41.84 -3.95 25.54
CA LEU J 73 -40.56 -4.56 25.18
C LEU J 73 -40.01 -3.91 23.92
N ASN J 74 -38.68 -3.77 23.87
CA ASN J 74 -37.98 -3.28 22.69
C ASN J 74 -36.80 -4.21 22.42
N ILE J 75 -36.90 -4.98 21.35
CA ILE J 75 -35.93 -6.02 21.02
C ILE J 75 -35.14 -5.54 19.81
N LYS J 76 -33.82 -5.49 19.95
CA LYS J 76 -32.95 -5.19 18.82
C LYS J 76 -32.63 -6.48 18.07
N VAL J 77 -33.11 -6.58 16.85
CA VAL J 77 -33.00 -7.81 16.07
C VAL J 77 -31.94 -7.62 15.00
N GLU J 78 -30.90 -8.46 15.03
CA GLU J 78 -29.87 -8.43 14.01
C GLU J 78 -30.47 -8.87 12.69
N LYS J 79 -30.27 -8.09 11.64
CA LYS J 79 -30.84 -8.38 10.33
C LYS J 79 -29.77 -8.31 9.26
N ARG J 80 -29.85 -9.22 8.30
CA ARG J 80 -28.92 -9.28 7.18
C ARG J 80 -29.68 -9.06 5.88
N VAL J 81 -29.03 -8.39 4.93
CA VAL J 81 -29.65 -8.07 3.65
C VAL J 81 -29.14 -9.05 2.61
N LEU J 82 -30.07 -9.67 1.89
CA LEU J 82 -29.75 -10.71 0.93
C LEU J 82 -30.87 -10.81 -0.09
N GLY J 83 -30.49 -10.86 -1.36
CA GLY J 83 -31.48 -10.65 -2.42
C GLY J 83 -31.68 -11.79 -3.40
N LEU J 84 -32.93 -11.99 -3.80
CA LEU J 84 -33.33 -13.02 -4.76
C LEU J 84 -32.82 -14.39 -4.31
N THR J 85 -33.33 -14.82 -3.17
CA THR J 85 -32.93 -16.07 -2.56
C THR J 85 -34.06 -17.08 -2.59
N ILE J 86 -33.72 -18.31 -2.96
CA ILE J 86 -34.69 -19.40 -2.97
C ILE J 86 -34.51 -20.18 -1.68
N LEU J 87 -35.62 -20.37 -0.96
CA LEU J 87 -35.59 -21.15 0.26
C LEU J 87 -35.79 -22.61 -0.05
N ARG J 88 -35.70 -23.44 0.99
CA ARG J 88 -35.99 -24.85 0.87
C ARG J 88 -37.17 -25.20 1.77
N GLY J 89 -38.13 -25.94 1.21
CA GLY J 89 -39.35 -26.25 1.94
C GLY J 89 -39.16 -27.07 3.18
N GLU J 90 -38.05 -27.80 3.29
CA GLU J 90 -37.84 -28.65 4.45
C GLU J 90 -37.68 -27.83 5.72
N GLN J 91 -37.07 -26.63 5.62
CA GLN J 91 -36.84 -25.79 6.78
C GLN J 91 -38.01 -24.87 7.10
N ILE J 92 -38.89 -24.59 6.15
CA ILE J 92 -39.95 -23.62 6.37
C ILE J 92 -40.92 -24.14 7.43
N LEU J 93 -41.32 -23.25 8.33
CA LEU J 93 -42.20 -23.60 9.43
C LEU J 93 -43.61 -23.07 9.25
N SER J 94 -43.76 -21.80 8.88
CA SER J 94 -45.06 -21.20 8.64
C SER J 94 -44.84 -19.83 8.02
N THR J 95 -45.83 -19.37 7.25
CA THR J 95 -45.72 -18.10 6.54
C THR J 95 -46.86 -17.19 6.94
N VAL J 96 -46.54 -15.89 7.08
CA VAL J 96 -47.51 -14.86 7.39
C VAL J 96 -47.37 -13.77 6.34
N VAL J 97 -48.44 -12.99 6.17
CA VAL J 97 -48.48 -11.90 5.20
C VAL J 97 -48.33 -10.59 5.95
N GLU J 98 -47.60 -9.64 5.34
CA GLU J 98 -47.31 -8.38 6.01
C GLU J 98 -47.80 -7.16 5.23
N ASP J 99 -47.62 -7.13 3.91
CA ASP J 99 -47.93 -5.94 3.13
C ASP J 99 -48.49 -6.32 1.77
N LYS J 100 -49.26 -5.40 1.20
CA LYS J 100 -49.85 -5.59 -0.12
C LYS J 100 -48.84 -5.20 -1.19
N PRO J 101 -49.03 -5.68 -2.42
CA PRO J 101 -48.12 -5.30 -3.51
C PRO J 101 -48.25 -3.82 -3.83
N LEU J 102 -47.30 -3.34 -4.64
CA LEU J 102 -47.29 -1.94 -5.03
C LEU J 102 -48.52 -1.58 -5.87
N LEU J 103 -48.95 -2.49 -6.73
CA LEU J 103 -50.02 -2.21 -7.66
C LEU J 103 -51.37 -2.66 -7.12
N SER J 104 -52.40 -1.86 -7.41
CA SER J 104 -53.76 -2.19 -7.04
C SER J 104 -54.28 -3.33 -7.91
N LYS J 105 -55.43 -3.88 -7.50
CA LYS J 105 -56.00 -5.03 -8.20
C LYS J 105 -56.39 -4.68 -9.63
N LYS J 106 -57.03 -3.52 -9.81
CA LYS J 106 -57.45 -3.09 -11.14
C LYS J 106 -56.24 -2.91 -12.06
N GLU J 107 -55.18 -2.27 -11.54
CA GLU J 107 -53.99 -2.07 -12.35
C GLU J 107 -53.30 -3.41 -12.64
N ARG J 108 -53.37 -4.35 -11.70
CA ARG J 108 -52.82 -5.68 -11.94
C ARG J 108 -53.55 -6.38 -13.08
N LEU J 109 -54.87 -6.36 -13.06
CA LEU J 109 -55.65 -6.93 -14.15
C LEU J 109 -55.35 -6.22 -15.46
N VAL J 110 -55.17 -4.90 -15.41
CA VAL J 110 -54.88 -4.14 -16.62
C VAL J 110 -53.56 -4.58 -17.22
N ARG J 111 -52.52 -4.73 -16.39
CA ARG J 111 -51.22 -5.10 -16.94
C ARG J 111 -51.23 -6.55 -17.42
N ASP J 112 -52.03 -7.41 -16.77
CA ASP J 112 -52.16 -8.78 -17.25
C ASP J 112 -52.80 -8.82 -18.63
N LYS J 113 -53.88 -8.06 -18.82
CA LYS J 113 -54.52 -7.99 -20.14
C LYS J 113 -53.56 -7.40 -21.17
N LYS J 114 -52.82 -6.37 -20.79
CA LYS J 114 -51.80 -5.78 -21.66
C LYS J 114 -50.80 -6.82 -22.15
N GLU J 115 -50.22 -7.56 -21.22
CA GLU J 115 -49.18 -8.51 -21.59
C GLU J 115 -49.77 -9.66 -22.39
N LYS J 116 -50.99 -10.07 -22.06
CA LYS J 116 -51.64 -11.12 -22.85
C LYS J 116 -51.86 -10.68 -24.29
N LYS J 117 -52.36 -9.46 -24.50
CA LYS J 117 -52.53 -8.95 -25.86
C LYS J 117 -51.21 -8.90 -26.60
N GLN J 118 -50.18 -8.35 -25.95
CA GLN J 118 -48.88 -8.24 -26.61
C GLN J 118 -48.32 -9.61 -26.94
N ALA J 119 -48.46 -10.58 -26.03
CA ALA J 119 -47.93 -11.92 -26.26
C ALA J 119 -48.67 -12.61 -27.39
N GLN J 120 -50.00 -12.47 -27.45
CA GLN J 120 -50.75 -13.09 -28.54
C GLN J 120 -50.33 -12.50 -29.88
N LYS J 121 -50.19 -11.17 -29.95
CA LYS J 121 -49.78 -10.55 -31.21
C LYS J 121 -48.37 -11.00 -31.61
N GLN J 122 -47.44 -11.04 -30.64
CA GLN J 122 -46.08 -11.42 -30.96
C GLN J 122 -46.00 -12.88 -31.37
N THR J 123 -46.79 -13.75 -30.75
CA THR J 123 -46.85 -15.15 -31.15
C THR J 123 -47.40 -15.30 -32.57
N LYS J 124 -48.45 -14.56 -32.90
CA LYS J 124 -48.99 -14.59 -34.26
C LYS J 124 -47.93 -14.15 -35.27
N LEU J 125 -47.22 -13.06 -34.97
CA LEU J 125 -46.17 -12.59 -35.87
C LEU J 125 -45.03 -13.60 -35.97
N ARG J 126 -44.68 -14.24 -34.86
CA ARG J 126 -43.62 -15.25 -34.88
C ARG J 126 -44.01 -16.44 -35.75
N LYS J 127 -45.26 -16.90 -35.65
CA LYS J 127 -45.72 -17.99 -36.51
C LYS J 127 -45.71 -17.55 -37.97
N GLU J 128 -46.20 -16.34 -38.24
CA GLU J 128 -46.24 -15.82 -39.60
C GLU J 128 -44.85 -15.69 -40.21
N LYS J 129 -43.84 -15.34 -39.41
CA LYS J 129 -42.48 -15.26 -39.91
C LYS J 129 -41.85 -16.64 -40.08
N GLU J 130 -42.04 -17.52 -39.10
CA GLU J 130 -41.38 -18.83 -39.13
C GLU J 130 -41.98 -19.75 -40.18
N LYS J 131 -43.22 -19.51 -40.60
CA LYS J 131 -43.79 -20.37 -41.64
C LYS J 131 -43.33 -19.91 -43.03
N LYS J 132 -43.49 -18.63 -43.33
CA LYS J 132 -43.10 -18.11 -44.63
C LYS J 132 -41.62 -17.71 -44.65
N MET K 1 -58.25 -45.44 2.92
CA MET K 1 -58.54 -44.60 4.08
C MET K 1 -57.40 -43.64 4.36
N LYS K 2 -57.62 -42.36 4.07
CA LYS K 2 -56.67 -41.30 4.38
C LYS K 2 -57.36 -40.24 5.21
N LEU K 3 -56.86 -40.00 6.42
CA LEU K 3 -57.50 -39.05 7.31
C LEU K 3 -57.33 -37.61 6.87
N VAL K 4 -56.44 -37.34 5.92
CA VAL K 4 -56.38 -36.00 5.34
C VAL K 4 -57.69 -35.66 4.66
N ASN K 5 -58.33 -36.65 4.02
CA ASN K 5 -59.62 -36.42 3.40
C ASN K 5 -60.69 -36.08 4.44
N PHE K 6 -60.67 -36.75 5.59
CA PHE K 6 -61.59 -36.38 6.67
C PHE K 6 -61.30 -34.97 7.17
N LEU K 7 -60.03 -34.64 7.33
CA LEU K 7 -59.66 -33.31 7.81
C LEU K 7 -60.08 -32.21 6.83
N LYS K 8 -60.11 -32.52 5.54
CA LYS K 8 -60.55 -31.56 4.54
C LYS K 8 -62.03 -31.24 4.68
N LYS K 9 -62.79 -32.05 5.43
CA LYS K 9 -64.23 -31.88 5.53
C LYS K 9 -64.66 -30.84 6.55
N LEU K 10 -63.73 -30.31 7.36
CA LEU K 10 -64.12 -29.32 8.36
C LEU K 10 -64.33 -27.97 7.70
N ARG K 11 -63.24 -27.38 7.21
CA ARG K 11 -63.25 -26.31 6.22
C ARG K 11 -63.78 -24.97 6.71
N ASN K 12 -64.49 -24.93 7.83
CA ASN K 12 -64.94 -23.64 8.34
C ASN K 12 -65.05 -23.64 9.87
N GLU K 13 -64.37 -24.57 10.53
CA GLU K 13 -64.63 -24.80 11.95
C GLU K 13 -63.41 -24.42 12.78
N GLN K 14 -63.66 -24.06 14.03
CA GLN K 14 -62.62 -23.62 14.95
C GLN K 14 -61.83 -24.83 15.44
N VAL K 15 -60.52 -24.80 15.20
CA VAL K 15 -59.63 -25.87 15.65
C VAL K 15 -58.60 -25.27 16.59
N THR K 16 -57.77 -26.14 17.17
CA THR K 16 -56.66 -25.74 18.02
C THR K 16 -55.46 -26.59 17.65
N ILE K 17 -54.66 -26.10 16.71
CA ILE K 17 -53.53 -26.85 16.18
C ILE K 17 -52.33 -26.64 17.09
N GLU K 18 -51.75 -27.73 17.59
CA GLU K 18 -50.55 -27.67 18.42
C GLU K 18 -49.36 -28.15 17.61
N LEU K 19 -48.47 -27.22 17.27
CA LEU K 19 -47.31 -27.55 16.46
C LEU K 19 -46.33 -28.39 17.27
N LYS K 20 -45.24 -28.80 16.62
CA LYS K 20 -44.21 -29.59 17.29
C LYS K 20 -43.31 -28.74 18.18
N ASN K 21 -43.22 -27.44 17.94
CA ASN K 21 -42.43 -26.56 18.81
C ASN K 21 -43.02 -26.51 20.21
N GLY K 22 -44.35 -26.45 20.29
CA GLY K 22 -45.04 -26.28 21.55
C GLY K 22 -46.11 -25.23 21.45
N THR K 23 -45.91 -24.29 20.54
CA THR K 23 -46.89 -23.23 20.32
C THR K 23 -48.20 -23.81 19.79
N THR K 24 -49.31 -23.32 20.33
CA THR K 24 -50.64 -23.80 19.95
C THR K 24 -51.38 -22.69 19.23
N VAL K 25 -51.82 -22.97 18.01
CA VAL K 25 -52.51 -22.00 17.17
C VAL K 25 -54.01 -22.25 17.30
N TRP K 26 -54.75 -21.20 17.66
CA TRP K 26 -56.20 -21.25 17.76
C TRP K 26 -56.78 -20.31 16.72
N GLY K 27 -57.66 -20.82 15.86
CA GLY K 27 -58.30 -19.95 14.89
C GLY K 27 -59.14 -20.74 13.93
N THR K 28 -60.00 -20.00 13.21
CA THR K 28 -60.87 -20.58 12.20
C THR K 28 -60.04 -21.28 11.13
N LEU K 29 -60.45 -22.48 10.75
CA LEU K 29 -59.67 -23.32 9.84
C LEU K 29 -60.27 -23.27 8.44
N GLN K 30 -59.47 -22.81 7.47
CA GLN K 30 -59.86 -22.86 6.07
C GLN K 30 -59.37 -24.16 5.46
N SER K 31 -59.37 -24.25 4.13
CA SER K 31 -59.04 -25.47 3.42
C SER K 31 -57.73 -26.06 3.88
N VAL K 32 -57.63 -27.38 3.79
CA VAL K 32 -56.44 -28.13 4.16
C VAL K 32 -55.92 -28.85 2.92
N SER K 33 -54.65 -28.59 2.58
CA SER K 33 -54.02 -29.21 1.43
C SER K 33 -53.89 -30.70 1.66
N PRO K 34 -53.82 -31.50 0.59
CA PRO K 34 -53.65 -32.96 0.76
C PRO K 34 -52.37 -33.36 1.50
N GLN K 35 -51.46 -32.42 1.76
CA GLN K 35 -50.29 -32.68 2.58
C GLN K 35 -50.46 -32.16 4.01
N MET K 36 -51.69 -31.80 4.38
CA MET K 36 -52.03 -31.27 5.70
C MET K 36 -51.46 -29.86 5.91
N ASN K 37 -51.32 -29.11 4.82
CA ASN K 37 -50.84 -27.73 4.89
C ASN K 37 -52.01 -26.83 5.28
N ALA K 38 -52.26 -26.73 6.58
CA ALA K 38 -53.40 -25.98 7.07
C ALA K 38 -53.25 -24.49 6.76
N ILE K 39 -54.37 -23.80 6.66
CA ILE K 39 -54.42 -22.35 6.47
C ILE K 39 -55.48 -21.81 7.42
N LEU K 40 -55.06 -21.24 8.54
CA LEU K 40 -55.97 -20.68 9.52
C LEU K 40 -55.99 -19.17 9.38
N THR K 41 -57.12 -18.55 9.73
CA THR K 41 -57.32 -17.15 9.40
C THR K 41 -57.34 -16.23 10.61
N ASP K 42 -58.31 -16.37 11.51
CA ASP K 42 -58.38 -15.44 12.64
C ASP K 42 -57.68 -16.01 13.86
N VAL K 43 -56.37 -16.12 13.79
CA VAL K 43 -55.62 -16.96 14.71
C VAL K 43 -55.23 -16.18 15.95
N LYS K 44 -54.92 -16.93 17.01
CA LYS K 44 -54.38 -16.39 18.27
C LYS K 44 -53.29 -17.36 18.73
N LEU K 45 -52.05 -17.13 18.29
CA LEU K 45 -50.95 -17.96 18.72
C LEU K 45 -50.68 -17.75 20.20
N THR K 46 -50.26 -18.81 20.88
CA THR K 46 -49.90 -18.71 22.28
C THR K 46 -48.87 -19.78 22.60
N LEU K 47 -48.16 -19.59 23.70
CA LEU K 47 -47.10 -20.50 24.12
C LEU K 47 -47.36 -20.91 25.56
N PRO K 48 -47.56 -22.20 25.84
CA PRO K 48 -47.85 -22.61 27.23
C PRO K 48 -46.64 -22.43 28.13
N GLN K 49 -46.84 -21.73 29.24
CA GLN K 49 -45.81 -21.64 30.25
C GLN K 49 -45.79 -22.92 31.08
N PRO K 50 -44.61 -23.51 31.27
CA PRO K 50 -44.55 -24.86 31.85
C PRO K 50 -44.89 -24.89 33.34
N ARG K 51 -45.21 -23.73 33.92
CA ARG K 51 -45.75 -23.61 35.26
C ARG K 51 -44.70 -23.96 36.32
N LEU K 52 -43.54 -24.44 35.87
CA LEU K 52 -42.47 -24.80 36.78
C LEU K 52 -41.43 -23.69 36.80
N ASN K 53 -41.01 -23.31 38.01
CA ASN K 53 -40.18 -22.12 38.18
C ASN K 53 -38.85 -22.26 37.44
N LYS K 54 -38.12 -23.34 37.70
CA LYS K 54 -36.78 -23.48 37.15
C LYS K 54 -36.77 -23.91 35.69
N LEU K 55 -37.70 -24.77 35.27
CA LEU K 55 -37.84 -25.08 33.85
C LEU K 55 -38.43 -23.87 33.13
N ASN K 56 -37.63 -23.24 32.28
CA ASN K 56 -38.03 -21.92 31.79
C ASN K 56 -39.04 -22.01 30.66
N SER K 57 -38.60 -22.42 29.47
CA SER K 57 -39.46 -22.68 28.32
C SER K 57 -38.62 -23.01 27.09
N ASN K 58 -39.28 -23.33 25.98
CA ASN K 58 -38.62 -23.28 24.69
C ASN K 58 -38.18 -21.85 24.37
N GLY K 59 -37.02 -21.72 23.73
CA GLY K 59 -36.53 -20.41 23.36
C GLY K 59 -36.72 -20.10 21.89
N ILE K 60 -36.47 -21.08 21.03
CA ILE K 60 -36.70 -20.91 19.60
C ILE K 60 -38.17 -20.61 19.35
N ALA K 61 -39.06 -21.20 20.14
CA ALA K 61 -40.48 -20.90 20.04
C ALA K 61 -40.80 -19.45 20.39
N MET K 62 -40.19 -18.90 21.44
CA MET K 62 -40.35 -17.48 21.72
C MET K 62 -39.85 -16.62 20.58
N ALA K 63 -38.68 -16.97 20.03
CA ALA K 63 -38.14 -16.19 18.93
C ALA K 63 -39.10 -16.19 17.74
N SER K 64 -39.61 -17.36 17.36
CA SER K 64 -40.55 -17.44 16.24
C SER K 64 -41.84 -16.69 16.55
N LEU K 65 -42.36 -16.83 17.77
CA LEU K 65 -43.60 -16.17 18.14
C LEU K 65 -43.47 -14.66 18.06
N TYR K 66 -42.36 -14.11 18.56
CA TYR K 66 -42.17 -12.66 18.45
C TYR K 66 -41.92 -12.22 17.02
N LEU K 67 -41.14 -12.99 16.26
CA LEU K 67 -40.82 -12.57 14.90
C LEU K 67 -42.00 -12.73 13.95
N THR K 68 -43.06 -13.44 14.34
CA THR K 68 -44.29 -13.39 13.55
C THR K 68 -44.78 -11.96 13.39
N GLY K 69 -44.55 -11.11 14.38
CA GLY K 69 -44.86 -9.70 14.27
C GLY K 69 -46.16 -9.26 14.89
N GLY K 70 -46.86 -10.14 15.60
CA GLY K 70 -48.15 -9.78 16.16
C GLY K 70 -48.20 -9.78 17.67
N GLN K 71 -47.04 -9.95 18.33
CA GLN K 71 -47.02 -10.04 19.78
C GLN K 71 -47.38 -8.70 20.41
N GLN K 72 -48.29 -8.74 21.39
CA GLN K 72 -48.67 -7.51 22.08
C GLN K 72 -47.55 -7.08 23.02
N PRO K 73 -47.05 -5.85 22.90
CA PRO K 73 -45.95 -5.41 23.79
C PRO K 73 -46.31 -5.46 25.26
N THR K 74 -47.56 -5.18 25.63
CA THR K 74 -47.98 -5.19 27.03
C THR K 74 -48.50 -6.54 27.50
N ALA K 75 -48.53 -7.54 26.63
CA ALA K 75 -49.05 -8.85 27.02
C ALA K 75 -48.16 -9.48 28.07
N SER K 76 -48.79 -10.03 29.12
CA SER K 76 -48.05 -10.71 30.16
C SER K 76 -47.55 -12.06 29.68
N ASP K 77 -48.38 -12.79 28.94
CA ASP K 77 -47.99 -14.07 28.36
C ASP K 77 -47.68 -13.91 26.87
N ASN K 78 -47.06 -14.94 26.31
CA ASN K 78 -46.62 -14.89 24.92
C ASN K 78 -47.76 -15.23 23.96
N ILE K 79 -48.56 -14.23 23.59
CA ILE K 79 -49.63 -14.40 22.62
C ILE K 79 -49.41 -13.41 21.48
N ALA K 80 -49.73 -13.84 20.26
CA ALA K 80 -49.57 -12.98 19.09
C ALA K 80 -50.80 -13.13 18.21
N SER K 81 -51.66 -12.11 18.22
CA SER K 81 -52.89 -12.11 17.44
C SER K 81 -52.55 -11.58 16.05
N LEU K 82 -52.87 -12.37 15.02
CA LEU K 82 -52.61 -11.98 13.65
C LEU K 82 -53.62 -12.67 12.73
N GLN K 83 -53.62 -12.31 11.46
CA GLN K 83 -54.55 -12.92 10.53
C GLN K 83 -53.81 -13.73 9.47
N TYR K 84 -54.37 -14.89 9.13
CA TYR K 84 -53.89 -15.73 8.04
C TYR K 84 -52.44 -16.14 8.25
N ILE K 85 -52.20 -17.07 9.17
CA ILE K 85 -50.93 -17.78 9.20
C ILE K 85 -51.10 -19.10 8.46
N ASN K 86 -50.22 -19.36 7.51
CA ASN K 86 -50.20 -20.61 6.75
C ASN K 86 -49.20 -21.54 7.40
N ILE K 87 -49.66 -22.72 7.81
CA ILE K 87 -48.88 -23.67 8.57
C ILE K 87 -48.47 -24.81 7.66
N ARG K 88 -47.18 -25.10 7.61
CA ARG K 88 -46.70 -26.23 6.81
C ARG K 88 -47.18 -27.53 7.44
N GLY K 89 -47.42 -28.53 6.59
CA GLY K 89 -48.05 -29.75 7.05
C GLY K 89 -47.25 -30.53 8.07
N ASN K 90 -45.93 -30.65 7.86
CA ASN K 90 -45.13 -31.53 8.70
C ASN K 90 -44.93 -30.99 10.11
N THR K 91 -45.33 -29.75 10.39
CA THR K 91 -45.07 -29.17 11.70
C THR K 91 -46.17 -29.46 12.72
N ILE K 92 -47.36 -29.84 12.26
CA ILE K 92 -48.48 -30.11 13.16
C ILE K 92 -48.18 -31.38 13.96
N ARG K 93 -48.45 -31.34 15.26
CA ARG K 93 -48.32 -32.54 16.07
C ARG K 93 -49.68 -33.18 16.32
N GLN K 94 -50.66 -32.39 16.76
CA GLN K 94 -51.99 -32.89 17.00
C GLN K 94 -52.98 -31.74 16.89
N ILE K 95 -54.15 -32.05 16.37
CA ILE K 95 -55.19 -31.06 16.11
C ILE K 95 -56.35 -31.37 17.04
N ILE K 96 -56.62 -30.47 17.98
CA ILE K 96 -57.78 -30.62 18.84
C ILE K 96 -59.01 -30.12 18.08
N LEU K 97 -59.86 -31.05 17.68
CA LEU K 97 -61.09 -30.72 16.99
C LEU K 97 -62.07 -30.08 17.97
N PRO K 98 -63.07 -29.37 17.47
CA PRO K 98 -64.14 -28.89 18.34
C PRO K 98 -64.89 -30.05 18.98
N ASP K 99 -65.59 -29.74 20.07
CA ASP K 99 -66.38 -30.78 20.74
C ASP K 99 -67.71 -31.04 20.06
N SER K 100 -68.28 -30.04 19.39
CA SER K 100 -69.67 -30.06 18.96
C SER K 100 -69.94 -30.88 17.70
N LEU K 101 -68.95 -31.08 16.84
CA LEU K 101 -69.21 -31.71 15.55
C LEU K 101 -69.52 -33.19 15.73
N ASN K 102 -70.14 -33.79 14.71
CA ASN K 102 -70.42 -35.21 14.69
C ASN K 102 -69.34 -35.94 13.90
N LEU K 103 -68.85 -37.04 14.44
CA LEU K 103 -67.80 -37.79 13.77
C LEU K 103 -68.38 -38.84 12.82
N ASP K 104 -69.56 -39.35 13.12
CA ASP K 104 -70.17 -40.42 12.33
C ASP K 104 -70.50 -40.01 10.90
N SER K 105 -70.79 -38.73 10.65
CA SER K 105 -71.13 -38.29 9.31
C SER K 105 -69.91 -37.82 8.52
N LEU K 106 -68.83 -37.44 9.22
CA LEU K 106 -67.64 -36.94 8.54
C LEU K 106 -66.60 -38.02 8.31
N LEU K 107 -66.55 -39.05 9.15
CA LEU K 107 -65.53 -40.08 9.04
C LEU K 107 -65.81 -41.09 7.94
N VAL K 108 -67.01 -41.09 7.36
CA VAL K 108 -67.35 -42.06 6.31
C VAL K 108 -66.59 -41.68 5.05
N ASP K 109 -65.56 -42.46 4.72
CA ASP K 109 -64.76 -42.18 3.53
C ASP K 109 -65.55 -42.51 2.28
N GLN K 110 -66.01 -41.48 1.57
CA GLN K 110 -66.84 -41.68 0.39
C GLN K 110 -66.09 -42.45 -0.69
N LYS K 111 -64.81 -42.16 -0.88
CA LYS K 111 -64.02 -42.87 -1.87
C LYS K 111 -63.87 -44.35 -1.54
N GLN K 112 -63.65 -44.69 -0.26
CA GLN K 112 -63.53 -46.09 0.11
C GLN K 112 -64.87 -46.80 -0.02
N LEU K 113 -65.95 -46.11 0.32
CA LEU K 113 -67.28 -46.68 0.12
C LEU K 113 -67.56 -46.93 -1.35
N ASN K 114 -67.17 -45.99 -2.21
CA ASN K 114 -67.34 -46.18 -3.65
C ASN K 114 -66.53 -47.37 -4.15
N SER K 115 -65.28 -47.50 -3.67
CA SER K 115 -64.46 -48.63 -4.07
C SER K 115 -65.08 -49.96 -3.61
N LEU K 116 -65.59 -49.99 -2.37
CA LEU K 116 -66.22 -51.20 -1.85
C LEU K 116 -67.47 -51.56 -2.64
N ARG K 117 -68.28 -50.57 -3.01
CA ARG K 117 -69.46 -50.84 -3.83
C ARG K 117 -69.05 -51.33 -5.21
N ARG K 118 -68.02 -50.72 -5.81
CA ARG K 118 -67.58 -51.12 -7.14
C ARG K 118 -67.03 -52.55 -7.14
N SER K 119 -66.29 -52.93 -6.11
CA SER K 119 -65.71 -54.26 -6.04
C SER K 119 -66.78 -55.34 -5.89
N SER L 2 -48.81 -65.09 -3.43
CA SER L 2 -48.53 -65.21 -2.01
C SER L 2 -47.27 -64.42 -1.65
N SER L 3 -46.13 -65.11 -1.62
CA SER L 3 -44.87 -64.45 -1.33
C SER L 3 -44.47 -63.47 -2.44
N GLN L 4 -44.70 -63.87 -3.70
CA GLN L 4 -44.33 -63.01 -4.83
C GLN L 4 -45.10 -61.70 -4.82
N ILE L 5 -46.42 -61.74 -4.60
CA ILE L 5 -47.20 -60.51 -4.61
C ILE L 5 -46.86 -59.64 -3.42
N ILE L 6 -46.57 -60.23 -2.26
CA ILE L 6 -46.23 -59.45 -1.08
C ILE L 6 -44.87 -58.77 -1.27
N ASP L 7 -43.87 -59.51 -1.76
CA ASP L 7 -42.55 -58.94 -2.00
C ASP L 7 -42.53 -58.07 -3.25
N ARG L 8 -43.59 -58.11 -4.04
CA ARG L 8 -43.62 -57.48 -5.34
C ARG L 8 -43.61 -55.96 -5.19
N PRO L 9 -42.76 -55.27 -5.94
CA PRO L 9 -42.63 -53.81 -5.78
C PRO L 9 -43.95 -53.11 -6.09
N LYS L 10 -44.24 -52.05 -5.33
CA LYS L 10 -45.57 -51.47 -5.32
C LYS L 10 -45.94 -50.77 -6.62
N HIS L 11 -44.99 -50.59 -7.55
CA HIS L 11 -45.31 -49.88 -8.78
C HIS L 11 -45.77 -50.79 -9.91
N GLU L 12 -45.83 -52.11 -9.70
CA GLU L 12 -46.27 -53.00 -10.77
C GLU L 12 -47.55 -53.78 -10.44
N LEU L 13 -48.03 -53.76 -9.21
CA LEU L 13 -49.32 -54.38 -8.94
C LEU L 13 -50.45 -53.52 -9.49
N SER L 14 -51.60 -54.14 -9.69
CA SER L 14 -52.75 -53.43 -10.22
C SER L 14 -53.49 -52.71 -9.10
N ARG L 15 -54.46 -51.88 -9.51
CA ARG L 15 -55.21 -51.08 -8.54
C ARG L 15 -55.97 -51.95 -7.56
N ALA L 16 -56.72 -52.93 -8.07
CA ALA L 16 -57.53 -53.79 -7.22
C ALA L 16 -56.66 -54.54 -6.22
N GLU L 17 -55.54 -55.09 -6.69
CA GLU L 17 -54.63 -55.77 -5.79
C GLU L 17 -53.97 -54.79 -4.83
N LEU L 18 -53.88 -53.51 -5.20
CA LEU L 18 -53.35 -52.52 -4.25
C LEU L 18 -54.28 -52.32 -3.07
N GLU L 19 -55.58 -52.09 -3.30
CA GLU L 19 -56.42 -51.89 -2.12
C GLU L 19 -56.66 -53.21 -1.40
N GLU L 20 -56.58 -54.33 -2.13
CA GLU L 20 -56.62 -55.62 -1.44
C GLU L 20 -55.43 -55.77 -0.49
N LEU L 21 -54.25 -55.35 -0.93
CA LEU L 21 -53.07 -55.36 -0.08
C LEU L 21 -53.25 -54.44 1.12
N GLU L 22 -53.82 -53.25 0.91
CA GLU L 22 -54.05 -52.37 2.05
C GLU L 22 -55.00 -52.98 3.06
N GLU L 23 -56.10 -53.59 2.60
CA GLU L 23 -57.04 -54.22 3.50
C GLU L 23 -56.38 -55.40 4.23
N PHE L 24 -55.58 -56.19 3.51
CA PHE L 24 -54.89 -57.30 4.16
C PHE L 24 -53.89 -56.80 5.19
N GLU L 25 -53.20 -55.70 4.92
CA GLU L 25 -52.29 -55.13 5.91
C GLU L 25 -53.04 -54.67 7.15
N PHE L 26 -54.21 -54.05 6.97
CA PHE L 26 -54.96 -53.60 8.12
C PHE L 26 -55.61 -54.74 8.89
N LYS L 27 -55.91 -55.85 8.23
CA LYS L 27 -56.58 -56.96 8.92
C LYS L 27 -55.58 -57.92 9.56
N HIS L 28 -54.63 -58.42 8.78
CA HIS L 28 -53.59 -59.35 9.24
C HIS L 28 -52.25 -58.61 9.19
N GLY L 29 -51.89 -57.97 10.29
CA GLY L 29 -50.66 -57.23 10.35
C GLY L 29 -50.44 -56.54 11.68
N PRO L 30 -49.47 -55.63 11.72
CA PRO L 30 -49.17 -54.92 12.97
C PRO L 30 -50.27 -53.93 13.35
N MET L 31 -50.97 -53.40 12.36
CA MET L 31 -52.06 -52.48 12.65
C MET L 31 -53.37 -53.20 12.97
N SER L 32 -53.38 -54.53 12.88
CA SER L 32 -54.51 -55.29 13.38
C SER L 32 -54.75 -55.02 14.86
N LEU L 33 -53.69 -54.68 15.60
CA LEU L 33 -53.86 -54.31 16.99
C LEU L 33 -54.75 -53.09 17.14
N ILE L 34 -54.46 -52.04 16.38
CA ILE L 34 -55.27 -50.82 16.46
C ILE L 34 -56.67 -51.06 15.91
N ASN L 35 -56.78 -51.90 14.86
CA ASN L 35 -58.10 -52.21 14.33
C ASN L 35 -58.96 -52.91 15.37
N ASP L 36 -58.40 -53.91 16.06
CA ASP L 36 -59.12 -54.57 17.13
C ASP L 36 -59.47 -53.59 18.25
N ALA L 37 -58.52 -52.75 18.64
CA ALA L 37 -58.77 -51.77 19.69
C ALA L 37 -59.91 -50.81 19.35
N MET L 38 -60.03 -50.43 18.07
CA MET L 38 -61.18 -49.63 17.67
C MET L 38 -62.46 -50.46 17.71
N VAL L 39 -62.42 -51.68 17.19
CA VAL L 39 -63.64 -52.46 17.02
C VAL L 39 -64.25 -52.85 18.37
N THR L 40 -63.46 -53.39 19.30
CA THR L 40 -64.05 -53.75 20.59
C THR L 40 -64.04 -52.59 21.57
N ARG L 41 -63.59 -51.41 21.15
CA ARG L 41 -63.65 -50.19 21.95
C ARG L 41 -62.94 -50.35 23.30
N THR L 42 -61.69 -50.78 23.25
CA THR L 42 -60.84 -50.77 24.42
C THR L 42 -59.83 -49.64 24.35
N PRO L 43 -59.53 -49.00 25.48
CA PRO L 43 -58.61 -47.85 25.45
C PRO L 43 -57.21 -48.28 25.07
N VAL L 44 -56.49 -47.34 24.45
CA VAL L 44 -55.09 -47.55 24.09
C VAL L 44 -54.25 -46.50 24.80
N ILE L 45 -53.03 -46.89 25.16
CA ILE L 45 -52.08 -45.99 25.81
C ILE L 45 -50.96 -45.72 24.83
N ILE L 46 -50.97 -44.55 24.22
CA ILE L 46 -50.02 -44.18 23.17
C ILE L 46 -48.92 -43.34 23.79
N SER L 47 -47.68 -43.70 23.54
CA SER L 47 -46.53 -42.98 24.05
C SER L 47 -45.93 -42.15 22.92
N LEU L 48 -46.07 -40.84 23.01
CA LEU L 48 -45.64 -39.95 21.95
C LEU L 48 -44.14 -39.70 22.01
N ARG L 49 -43.64 -38.99 21.00
CA ARG L 49 -42.22 -38.67 20.90
C ARG L 49 -41.77 -37.63 21.90
N ASN L 50 -42.65 -36.72 22.31
CA ASN L 50 -42.31 -35.65 23.23
C ASN L 50 -42.66 -35.97 24.67
N ASN L 51 -42.55 -37.24 25.07
CA ASN L 51 -42.79 -37.66 26.45
C ASN L 51 -44.21 -37.31 26.90
N HIS L 52 -45.17 -37.59 26.03
CA HIS L 52 -46.59 -37.45 26.34
C HIS L 52 -47.26 -38.80 26.17
N LYS L 53 -47.95 -39.25 27.22
CA LYS L 53 -48.73 -40.48 27.17
C LYS L 53 -50.20 -40.13 27.15
N ILE L 54 -50.94 -40.65 26.17
CA ILE L 54 -52.36 -40.39 26.03
C ILE L 54 -53.12 -41.69 26.22
N ILE L 55 -54.23 -41.62 26.93
CA ILE L 55 -55.15 -42.74 27.09
C ILE L 55 -56.45 -42.37 26.41
N ALA L 56 -56.83 -43.13 25.38
CA ALA L 56 -57.96 -42.76 24.56
C ALA L 56 -58.49 -43.99 23.84
N ARG L 57 -59.64 -43.82 23.20
CA ARG L 57 -60.26 -44.85 22.38
C ARG L 57 -60.21 -44.44 20.93
N VAL L 58 -59.64 -45.30 20.10
CA VAL L 58 -59.43 -45.00 18.68
C VAL L 58 -60.76 -45.06 17.96
N LYS L 59 -61.00 -44.10 17.07
CA LYS L 59 -62.19 -44.15 16.23
C LYS L 59 -61.88 -44.29 14.74
N ALA L 60 -60.70 -43.88 14.30
CA ALA L 60 -60.27 -44.16 12.93
C ALA L 60 -58.76 -43.98 12.86
N PHE L 61 -58.10 -44.97 12.27
CA PHE L 61 -56.66 -44.92 12.07
C PHE L 61 -56.38 -44.97 10.58
N ASP L 62 -55.11 -44.92 10.21
CA ASP L 62 -54.72 -44.73 8.82
C ASP L 62 -53.36 -45.37 8.63
N ARG L 63 -52.95 -45.47 7.36
CA ARG L 63 -51.69 -46.11 7.00
C ARG L 63 -50.51 -45.53 7.79
N HIS L 64 -50.40 -44.21 7.82
CA HIS L 64 -49.30 -43.55 8.53
C HIS L 64 -49.45 -43.59 10.03
N CYS L 65 -50.44 -44.33 10.54
CA CYS L 65 -50.66 -44.51 11.98
C CYS L 65 -51.10 -43.22 12.66
N ASN L 66 -51.74 -42.32 11.91
CA ASN L 66 -52.38 -41.16 12.53
C ASN L 66 -53.85 -41.44 12.78
N MET L 67 -54.28 -41.26 14.02
CA MET L 67 -55.61 -41.69 14.42
C MET L 67 -56.41 -40.53 14.97
N VAL L 68 -57.73 -40.65 14.88
CA VAL L 68 -58.65 -39.77 15.58
C VAL L 68 -59.03 -40.43 16.90
N LEU L 69 -58.94 -39.68 18.00
CA LEU L 69 -59.22 -40.22 19.32
C LEU L 69 -60.23 -39.33 20.03
N GLU L 70 -61.02 -39.94 20.91
CA GLU L 70 -61.84 -39.16 21.84
C GLU L 70 -61.58 -39.63 23.26
N ASN L 71 -62.05 -38.82 24.21
CA ASN L 71 -61.84 -39.06 25.64
C ASN L 71 -60.36 -39.12 25.97
N VAL L 72 -59.57 -38.36 25.21
CA VAL L 72 -58.14 -38.32 25.40
C VAL L 72 -57.83 -37.76 26.78
N LYS L 73 -56.73 -38.22 27.36
CA LYS L 73 -56.29 -37.73 28.66
C LYS L 73 -54.77 -37.63 28.65
N GLU L 74 -54.25 -36.46 28.27
CA GLU L 74 -52.82 -36.26 28.11
C GLU L 74 -52.14 -36.24 29.47
N LEU L 75 -51.18 -37.13 29.66
CA LEU L 75 -50.41 -37.23 30.89
C LEU L 75 -48.93 -37.07 30.58
N TRP L 76 -48.29 -36.13 31.25
CA TRP L 76 -46.87 -35.86 31.02
C TRP L 76 -46.29 -35.19 32.25
N THR L 77 -44.97 -35.32 32.40
CA THR L 77 -44.26 -34.74 33.53
C THR L 77 -43.14 -33.84 33.02
N GLU L 78 -42.98 -32.70 33.69
CA GLU L 78 -41.87 -31.79 33.40
C GLU L 78 -41.00 -31.71 34.65
N LYS L 79 -39.69 -31.86 34.46
CA LYS L 79 -38.78 -32.00 35.57
C LYS L 79 -37.54 -31.17 35.32
N LYS L 80 -36.83 -30.82 36.39
CA LYS L 80 -35.49 -30.26 36.30
C LYS L 80 -34.80 -30.50 37.64
N GLY L 81 -33.75 -31.32 37.63
CA GLY L 81 -33.09 -31.74 38.84
C GLY L 81 -33.94 -32.62 39.72
N LYS L 82 -34.06 -32.27 41.00
CA LYS L 82 -34.84 -33.10 41.92
C LYS L 82 -36.33 -32.88 41.78
N ASN L 83 -36.76 -31.67 41.42
CA ASN L 83 -38.17 -31.33 41.44
C ASN L 83 -38.89 -31.95 40.26
N VAL L 84 -40.12 -32.42 40.52
CA VAL L 84 -40.97 -33.04 39.51
C VAL L 84 -42.41 -32.64 39.79
N ILE L 85 -43.18 -32.39 38.73
CA ILE L 85 -44.59 -32.04 38.84
C ILE L 85 -45.37 -32.87 37.82
N ASN L 86 -46.50 -33.41 38.25
CA ASN L 86 -47.34 -34.24 37.39
C ASN L 86 -48.53 -33.42 36.90
N ARG L 87 -48.59 -33.21 35.59
CA ARG L 87 -49.67 -32.44 34.98
C ARG L 87 -50.49 -33.34 34.06
N GLU L 88 -51.79 -33.11 34.03
CA GLU L 88 -52.71 -33.88 33.20
C GLU L 88 -53.71 -32.94 32.55
N ARG L 89 -54.14 -33.30 31.34
CA ARG L 89 -55.07 -32.49 30.57
C ARG L 89 -56.08 -33.40 29.89
N PHE L 90 -57.34 -32.98 29.89
CA PHE L 90 -58.42 -33.75 29.29
C PHE L 90 -58.89 -33.06 28.02
N ILE L 91 -58.99 -33.81 26.93
CA ILE L 91 -59.42 -33.31 25.64
C ILE L 91 -60.57 -34.18 25.14
N SER L 92 -61.64 -33.54 24.67
CA SER L 92 -62.83 -34.29 24.30
C SER L 92 -62.61 -35.10 23.02
N LYS L 93 -62.32 -34.43 21.91
CA LYS L 93 -62.04 -35.10 20.65
C LYS L 93 -60.74 -34.57 20.08
N LEU L 94 -59.90 -35.47 19.58
CA LEU L 94 -58.54 -35.11 19.22
C LEU L 94 -58.12 -35.84 17.95
N PHE L 95 -57.48 -35.11 17.05
CA PHE L 95 -56.76 -35.68 15.94
C PHE L 95 -55.29 -35.77 16.31
N LEU L 96 -54.62 -36.83 15.87
CA LEU L 96 -53.24 -37.08 16.25
C LEU L 96 -52.46 -37.46 14.99
N ARG L 97 -51.34 -36.78 14.75
CA ARG L 97 -50.51 -37.11 13.61
C ARG L 97 -49.69 -38.36 13.90
N GLY L 98 -49.37 -39.10 12.85
CA GLY L 98 -48.75 -40.40 12.99
C GLY L 98 -47.24 -40.42 13.09
N ASP L 99 -46.57 -39.28 12.86
CA ASP L 99 -45.12 -39.26 12.93
C ASP L 99 -44.58 -39.18 14.34
N SER L 100 -45.45 -38.95 15.33
CA SER L 100 -44.98 -38.78 16.70
C SER L 100 -44.99 -40.06 17.51
N VAL L 101 -45.90 -40.98 17.23
CA VAL L 101 -46.12 -42.13 18.11
C VAL L 101 -44.87 -43.00 18.13
N ILE L 102 -44.66 -43.67 19.26
CA ILE L 102 -43.53 -44.57 19.46
C ILE L 102 -44.01 -46.00 19.67
N VAL L 103 -44.80 -46.22 20.73
CA VAL L 103 -45.35 -47.53 21.03
C VAL L 103 -46.81 -47.35 21.43
N VAL L 104 -47.67 -48.20 20.88
CA VAL L 104 -49.10 -48.16 21.16
C VAL L 104 -49.48 -49.42 21.92
N LEU L 105 -49.85 -49.25 23.19
CA LEU L 105 -50.18 -50.36 24.07
C LEU L 105 -51.68 -50.53 24.11
N LYS L 106 -52.16 -51.75 23.94
CA LYS L 106 -53.58 -52.05 24.09
C LYS L 106 -53.86 -52.46 25.52
N THR L 107 -54.93 -51.91 26.09
CA THR L 107 -55.33 -52.28 27.44
C THR L 107 -55.64 -53.77 27.53
N PRO L 108 -55.18 -54.47 28.59
CA PRO L 108 -55.53 -55.87 28.83
C PRO L 108 -57.02 -56.07 29.05
N GLY M 5 -40.93 -27.61 -11.15
CA GLY M 5 -40.82 -26.54 -10.18
C GLY M 5 -40.04 -25.35 -10.69
N ILE M 6 -40.43 -24.15 -10.24
CA ILE M 6 -39.72 -22.94 -10.69
C ILE M 6 -38.39 -22.74 -9.98
N PRO M 7 -38.31 -22.84 -8.65
CA PRO M 7 -37.01 -22.56 -8.00
C PRO M 7 -35.86 -23.44 -8.45
N VAL M 8 -36.11 -24.72 -8.73
CA VAL M 8 -35.05 -25.59 -9.22
C VAL M 8 -34.57 -25.11 -10.59
N LYS M 9 -35.50 -24.74 -11.47
CA LYS M 9 -35.10 -24.21 -12.77
C LYS M 9 -34.36 -22.88 -12.63
N LEU M 10 -34.71 -22.07 -11.64
CA LEU M 10 -33.99 -20.82 -11.41
C LEU M 10 -32.56 -21.09 -10.97
N LEU M 11 -32.38 -22.01 -10.02
CA LEU M 11 -31.04 -22.41 -9.62
C LEU M 11 -30.25 -22.97 -10.81
N ASN M 12 -30.92 -23.71 -11.70
CA ASN M 12 -30.29 -24.14 -12.93
C ASN M 12 -29.86 -22.97 -13.80
N GLU M 13 -30.70 -21.94 -13.92
CA GLU M 13 -30.34 -20.77 -14.72
C GLU M 13 -29.21 -19.98 -14.07
N ALA M 14 -29.00 -20.16 -12.77
CA ALA M 14 -27.99 -19.40 -12.03
C ALA M 14 -26.58 -19.97 -12.19
N GLN M 15 -26.35 -20.85 -13.17
CA GLN M 15 -25.04 -21.46 -13.34
C GLN M 15 -24.03 -20.44 -13.84
N GLY M 16 -22.78 -20.59 -13.42
CA GLY M 16 -21.70 -19.74 -13.87
C GLY M 16 -21.58 -18.41 -13.17
N HIS M 17 -22.43 -18.13 -12.18
CA HIS M 17 -22.41 -16.87 -11.47
C HIS M 17 -22.26 -17.12 -9.98
N ILE M 18 -21.70 -16.14 -9.28
CA ILE M 18 -21.34 -16.31 -7.88
C ILE M 18 -22.60 -16.33 -7.02
N VAL M 19 -22.84 -17.45 -6.36
CA VAL M 19 -23.98 -17.60 -5.46
C VAL M 19 -23.46 -17.87 -4.05
N SER M 20 -24.26 -17.48 -3.07
CA SER M 20 -23.94 -17.69 -1.66
C SER M 20 -25.04 -18.54 -1.04
N LEU M 21 -24.65 -19.63 -0.38
CA LEU M 21 -25.60 -20.56 0.19
C LEU M 21 -25.17 -20.97 1.59
N GLU M 22 -26.14 -21.05 2.50
CA GLU M 22 -25.89 -21.37 3.90
C GLU M 22 -26.49 -22.73 4.21
N LEU M 23 -25.69 -23.61 4.80
CA LEU M 23 -26.14 -24.95 5.12
C LEU M 23 -26.93 -24.95 6.42
N THR M 24 -27.49 -26.11 6.77
CA THR M 24 -28.24 -26.24 8.01
C THR M 24 -27.36 -26.38 9.23
N THR M 25 -26.06 -26.67 9.05
CA THR M 25 -25.16 -26.73 10.19
C THR M 25 -24.79 -25.34 10.71
N GLY M 26 -24.98 -24.31 9.90
CA GLY M 26 -24.66 -22.96 10.30
C GLY M 26 -23.61 -22.33 9.42
N ALA M 27 -22.91 -23.17 8.65
CA ALA M 27 -21.84 -22.69 7.79
C ALA M 27 -22.39 -21.88 6.63
N THR M 28 -21.51 -21.14 5.98
CA THR M 28 -21.84 -20.34 4.81
C THR M 28 -20.79 -20.54 3.73
N TYR M 29 -21.23 -20.53 2.47
CA TYR M 29 -20.35 -20.79 1.34
C TYR M 29 -20.71 -19.84 0.22
N ARG M 30 -19.71 -19.36 -0.52
CA ARG M 30 -19.95 -18.48 -1.65
C ARG M 30 -18.86 -18.70 -2.69
N GLY M 31 -19.25 -18.70 -3.97
CA GLY M 31 -18.29 -18.88 -5.04
C GLY M 31 -19.00 -19.21 -6.33
N LYS M 32 -18.21 -19.41 -7.38
CA LYS M 32 -18.77 -19.79 -8.67
C LYS M 32 -19.53 -21.10 -8.55
N LEU M 33 -20.68 -21.17 -9.21
CA LEU M 33 -21.51 -22.37 -9.22
C LEU M 33 -21.25 -23.12 -10.50
N VAL M 34 -20.62 -24.29 -10.39
CA VAL M 34 -20.24 -25.04 -11.59
C VAL M 34 -21.46 -25.79 -12.13
N GLU M 35 -22.05 -26.67 -11.33
CA GLU M 35 -23.17 -27.48 -11.78
C GLU M 35 -24.18 -27.65 -10.66
N SER M 36 -25.44 -27.77 -11.03
CA SER M 36 -26.51 -28.09 -10.11
C SER M 36 -27.41 -29.15 -10.73
N GLU M 37 -28.05 -29.95 -9.88
CA GLU M 37 -28.93 -31.01 -10.34
C GLU M 37 -30.34 -30.77 -9.80
N ASP M 38 -31.27 -31.57 -10.30
CA ASP M 38 -32.69 -31.37 -10.00
C ASP M 38 -33.02 -31.55 -8.52
N SER M 39 -32.12 -32.15 -7.75
CA SER M 39 -32.35 -32.38 -6.33
C SER M 39 -31.60 -31.41 -5.43
N MET M 40 -31.18 -30.26 -5.98
CA MET M 40 -30.56 -29.17 -5.24
C MET M 40 -29.13 -29.48 -4.81
N ASN M 41 -28.51 -30.52 -5.33
CA ASN M 41 -27.07 -30.70 -5.17
C ASN M 41 -26.35 -29.63 -5.97
N VAL M 42 -25.38 -28.96 -5.36
CA VAL M 42 -24.63 -27.91 -6.03
C VAL M 42 -23.15 -28.18 -5.90
N GLN M 43 -22.38 -27.67 -6.85
CA GLN M 43 -20.93 -27.75 -6.84
C GLN M 43 -20.36 -26.35 -6.95
N LEU M 44 -19.81 -25.83 -5.86
CA LEU M 44 -19.20 -24.52 -5.85
C LEU M 44 -17.72 -24.62 -6.15
N ARG M 45 -17.18 -23.57 -6.76
CA ARG M 45 -15.79 -23.50 -7.14
C ARG M 45 -15.17 -22.24 -6.58
N ASP M 46 -13.95 -22.36 -6.07
CA ASP M 46 -13.25 -21.25 -5.40
C ASP M 46 -14.08 -20.69 -4.26
N VAL M 47 -14.60 -21.59 -3.44
CA VAL M 47 -15.54 -21.26 -2.38
C VAL M 47 -14.78 -20.68 -1.19
N ILE M 48 -15.40 -19.73 -0.50
CA ILE M 48 -14.86 -19.16 0.71
C ILE M 48 -15.80 -19.49 1.86
N ALA M 49 -15.40 -20.44 2.70
CA ALA M 49 -16.29 -21.04 3.68
C ALA M 49 -16.21 -20.28 4.99
N THR M 50 -17.35 -20.19 5.68
CA THR M 50 -17.40 -19.66 7.03
C THR M 50 -18.00 -20.73 7.93
N GLU M 51 -17.15 -21.40 8.71
CA GLU M 51 -17.62 -22.38 9.67
C GLU M 51 -18.44 -21.68 10.75
N PRO M 52 -19.30 -22.42 11.46
CA PRO M 52 -20.34 -21.77 12.27
C PRO M 52 -19.82 -20.76 13.28
N GLN M 53 -18.66 -21.00 13.88
CA GLN M 53 -18.15 -20.14 14.94
C GLN M 53 -17.45 -18.90 14.42
N GLY M 54 -17.32 -18.73 13.11
CA GLY M 54 -16.81 -17.50 12.53
C GLY M 54 -15.56 -17.64 11.70
N ALA M 55 -14.79 -18.72 11.86
CA ALA M 55 -13.54 -18.87 11.11
C ALA M 55 -13.82 -18.99 9.62
N VAL M 56 -12.95 -18.40 8.80
CA VAL M 56 -13.11 -18.35 7.35
C VAL M 56 -11.88 -18.99 6.70
N THR M 57 -12.12 -19.92 5.79
CA THR M 57 -11.08 -20.61 5.03
C THR M 57 -11.44 -20.60 3.55
N HIS M 58 -10.69 -21.36 2.76
CA HIS M 58 -10.79 -21.36 1.30
C HIS M 58 -10.50 -22.74 0.76
N MET M 59 -11.33 -23.21 -0.16
CA MET M 59 -11.08 -24.47 -0.87
C MET M 59 -11.36 -24.31 -2.36
N ASP M 60 -10.75 -25.20 -3.15
CA ASP M 60 -10.89 -25.15 -4.60
C ASP M 60 -12.31 -25.51 -5.04
N GLN M 61 -12.85 -26.61 -4.52
CA GLN M 61 -14.19 -27.06 -4.89
C GLN M 61 -14.91 -27.60 -3.66
N ILE M 62 -16.21 -27.82 -3.83
CA ILE M 62 -17.04 -28.42 -2.79
C ILE M 62 -18.30 -28.97 -3.44
N PHE M 63 -18.83 -30.04 -2.87
CA PHE M 63 -20.05 -30.70 -3.36
C PHE M 63 -20.93 -30.94 -2.15
N VAL M 64 -21.89 -30.06 -1.91
CA VAL M 64 -22.75 -30.15 -0.73
C VAL M 64 -24.06 -30.81 -1.12
N ARG M 65 -24.48 -31.80 -0.33
CA ARG M 65 -25.76 -32.45 -0.57
C ARG M 65 -26.89 -31.46 -0.38
N GLY M 66 -27.89 -31.54 -1.26
CA GLY M 66 -29.00 -30.60 -1.24
C GLY M 66 -29.93 -30.73 -0.07
N SER M 67 -29.92 -31.88 0.62
CA SER M 67 -30.80 -32.07 1.76
C SER M 67 -30.40 -31.22 2.95
N GLN M 68 -29.22 -30.60 2.91
CA GLN M 68 -28.73 -29.79 4.02
C GLN M 68 -28.80 -28.30 3.75
N ILE M 69 -29.10 -27.89 2.52
CA ILE M 69 -29.09 -26.47 2.17
C ILE M 69 -30.28 -25.78 2.82
N LYS M 70 -30.04 -24.60 3.41
CA LYS M 70 -31.12 -23.82 3.96
C LYS M 70 -31.69 -22.86 2.92
N PHE M 71 -30.83 -22.07 2.29
CA PHE M 71 -31.23 -21.18 1.21
C PHE M 71 -30.04 -20.91 0.31
N ILE M 72 -30.33 -20.45 -0.89
CA ILE M 72 -29.30 -20.14 -1.89
C ILE M 72 -29.56 -18.75 -2.45
N VAL M 73 -28.55 -17.90 -2.42
CA VAL M 73 -28.66 -16.50 -2.84
C VAL M 73 -28.01 -16.36 -4.20
N VAL M 74 -28.83 -16.12 -5.23
CA VAL M 74 -28.32 -15.99 -6.59
C VAL M 74 -28.16 -14.49 -6.89
N PRO M 75 -27.50 -14.11 -7.98
CA PRO M 75 -27.43 -12.69 -8.34
C PRO M 75 -28.81 -12.10 -8.57
N ASP M 76 -28.93 -10.82 -8.21
CA ASP M 76 -30.22 -10.12 -8.27
C ASP M 76 -30.76 -9.96 -9.68
N LEU M 77 -29.89 -9.94 -10.70
CA LEU M 77 -30.34 -9.72 -12.06
C LEU M 77 -31.25 -10.83 -12.58
N LEU M 78 -31.19 -12.02 -11.96
CA LEU M 78 -31.99 -13.14 -12.44
C LEU M 78 -33.48 -12.94 -12.20
N LYS M 79 -33.89 -11.85 -11.55
CA LYS M 79 -35.30 -11.54 -11.41
C LYS M 79 -35.99 -11.36 -12.75
N ASN M 80 -35.26 -10.93 -13.77
CA ASN M 80 -35.80 -10.73 -15.11
C ASN M 80 -35.70 -11.99 -15.98
N ALA M 81 -35.61 -13.17 -15.36
CA ALA M 81 -35.49 -14.39 -16.13
C ALA M 81 -36.77 -14.65 -16.93
N PRO M 82 -36.65 -15.24 -18.12
CA PRO M 82 -37.84 -15.52 -18.94
C PRO M 82 -38.80 -16.53 -18.34
N LEU M 83 -38.32 -17.39 -17.43
CA LEU M 83 -39.17 -18.41 -16.85
C LEU M 83 -39.94 -17.93 -15.63
N PHE M 84 -39.79 -16.67 -15.24
CA PHE M 84 -40.60 -16.09 -14.19
C PHE M 84 -41.87 -15.43 -14.71
N LYS M 85 -41.97 -15.21 -16.02
CA LYS M 85 -43.18 -14.62 -16.59
C LYS M 85 -44.28 -15.67 -16.65
N LYS M 86 -45.50 -15.27 -16.33
CA LYS M 86 -46.58 -16.23 -16.20
C LYS M 86 -47.20 -16.58 -17.55
N ASN M 87 -47.59 -15.57 -18.32
CA ASN M 87 -48.20 -15.79 -19.63
C ASN M 87 -47.10 -15.99 -20.66
N SER M 88 -46.99 -17.22 -21.17
CA SER M 88 -45.89 -17.59 -22.05
C SER M 88 -46.45 -18.17 -23.34
N SER M 89 -45.64 -18.09 -24.39
CA SER M 89 -46.02 -18.60 -25.70
C SER M 89 -45.18 -19.82 -26.03
N ARG M 90 -45.83 -20.87 -26.50
CA ARG M 90 -45.13 -22.10 -26.81
C ARG M 90 -45.13 -22.36 -28.31
N PRO M 91 -44.08 -23.00 -28.83
CA PRO M 91 -43.94 -23.14 -30.29
C PRO M 91 -44.77 -24.28 -30.89
N MET M 92 -45.76 -24.79 -30.15
CA MET M 92 -46.59 -25.90 -30.65
C MET M 92 -45.72 -27.11 -30.94
N PRO M 93 -45.31 -27.85 -29.91
CA PRO M 93 -44.29 -28.88 -30.12
C PRO M 93 -44.74 -29.89 -31.14
N PRO M 94 -43.81 -30.40 -31.95
CA PRO M 94 -44.17 -31.32 -33.04
C PRO M 94 -44.79 -32.61 -32.52
N ILE M 95 -45.14 -33.46 -33.48
CA ILE M 95 -45.77 -34.76 -33.23
C ILE M 95 -44.95 -35.58 -32.23
N ALA N 9 -10.97 -48.45 -11.41
CA ALA N 9 -12.34 -48.90 -11.58
C ALA N 9 -13.24 -48.34 -10.48
N MET N 10 -14.55 -48.47 -10.67
CA MET N 10 -15.53 -48.02 -9.69
C MET N 10 -16.26 -49.20 -9.08
N VAL N 11 -16.30 -49.25 -7.76
CA VAL N 11 -17.09 -50.25 -7.03
C VAL N 11 -18.19 -49.52 -6.28
N PRO N 12 -19.45 -49.87 -6.50
CA PRO N 12 -20.54 -49.25 -5.73
C PRO N 12 -20.51 -49.70 -4.28
N PRO N 13 -21.09 -48.91 -3.37
CA PRO N 13 -21.17 -49.35 -1.97
C PRO N 13 -21.93 -50.65 -1.79
N ILE N 14 -22.93 -50.92 -2.63
CA ILE N 14 -23.63 -52.19 -2.55
C ILE N 14 -22.69 -53.34 -2.86
N ASN N 15 -21.84 -53.17 -3.89
CA ASN N 15 -20.83 -54.18 -4.17
C ASN N 15 -19.80 -54.30 -3.05
N CYS N 16 -19.46 -53.19 -2.40
CA CYS N 16 -18.53 -53.27 -1.27
C CYS N 16 -19.12 -54.08 -0.12
N ILE N 17 -20.40 -53.83 0.20
CA ILE N 17 -21.05 -54.61 1.26
C ILE N 17 -21.16 -56.06 0.84
N PHE N 18 -21.40 -56.31 -0.45
CA PHE N 18 -21.42 -57.69 -0.94
C PHE N 18 -20.07 -58.37 -0.74
N ASN N 19 -18.98 -57.65 -1.00
CA ASN N 19 -17.65 -58.21 -0.76
C ASN N 19 -17.43 -58.48 0.72
N PHE N 20 -17.89 -57.58 1.59
CA PHE N 20 -17.80 -57.84 3.02
C PHE N 20 -18.53 -59.12 3.37
N LEU N 21 -19.73 -59.30 2.84
CA LEU N 21 -20.51 -60.50 3.12
C LEU N 21 -19.79 -61.75 2.62
N GLN N 22 -19.23 -61.69 1.41
CA GLN N 22 -18.59 -62.86 0.81
C GLN N 22 -17.30 -63.25 1.53
N GLN N 23 -16.46 -62.29 1.89
CA GLN N 23 -15.19 -62.60 2.52
C GLN N 23 -15.26 -62.63 4.05
N GLN N 24 -16.45 -62.39 4.62
CA GLN N 24 -16.66 -62.49 6.06
C GLN N 24 -15.69 -61.60 6.84
N THR N 25 -15.26 -60.51 6.22
CA THR N 25 -14.36 -59.59 6.90
C THR N 25 -15.10 -58.89 8.02
N PRO N 26 -14.59 -58.94 9.25
CA PRO N 26 -15.29 -58.28 10.36
C PRO N 26 -15.40 -56.78 10.12
N VAL N 27 -16.54 -56.21 10.48
CA VAL N 27 -16.81 -54.80 10.27
C VAL N 27 -17.16 -54.17 11.60
N THR N 28 -16.82 -52.90 11.74
CA THR N 28 -17.21 -52.11 12.90
C THR N 28 -18.12 -50.99 12.45
N ILE N 29 -19.39 -51.09 12.82
CA ILE N 29 -20.43 -50.20 12.31
C ILE N 29 -20.57 -49.02 13.27
N TRP N 30 -20.49 -47.82 12.73
CA TRP N 30 -20.62 -46.59 13.51
C TRP N 30 -22.08 -46.16 13.52
N LEU N 31 -22.78 -46.44 14.61
CA LEU N 31 -24.07 -45.80 14.80
C LEU N 31 -23.87 -44.33 15.15
N PHE N 32 -24.72 -43.49 14.59
CA PHE N 32 -24.52 -42.05 14.71
C PHE N 32 -24.78 -41.59 16.14
N GLU N 33 -24.31 -40.38 16.44
CA GLU N 33 -24.11 -39.93 17.81
C GLU N 33 -25.45 -39.71 18.53
N GLN N 34 -25.35 -39.24 19.77
CA GLN N 34 -26.44 -39.15 20.74
C GLN N 34 -26.96 -40.54 21.10
N ILE N 35 -26.34 -41.56 20.52
CA ILE N 35 -26.57 -42.95 20.91
C ILE N 35 -25.30 -43.46 21.56
N GLY N 36 -24.15 -43.07 21.00
CA GLY N 36 -22.87 -43.31 21.63
C GLY N 36 -22.44 -44.76 21.72
N ILE N 37 -22.80 -45.58 20.75
CA ILE N 37 -22.45 -47.00 20.74
C ILE N 37 -21.92 -47.38 19.36
N ARG N 38 -21.15 -48.46 19.34
CA ARG N 38 -20.67 -49.06 18.11
C ARG N 38 -21.00 -50.54 18.11
N ILE N 39 -21.11 -51.11 16.92
CA ILE N 39 -21.39 -52.53 16.74
C ILE N 39 -20.24 -53.13 15.96
N LYS N 40 -19.67 -54.22 16.48
CA LYS N 40 -18.61 -54.95 15.82
C LYS N 40 -19.04 -56.39 15.57
N GLY N 41 -18.78 -56.87 14.36
CA GLY N 41 -19.17 -58.22 14.02
C GLY N 41 -19.03 -58.46 12.52
N LYS N 42 -19.64 -59.54 12.06
CA LYS N 42 -19.56 -59.96 10.67
C LYS N 42 -20.93 -59.81 10.01
N ILE N 43 -20.93 -59.31 8.77
CA ILE N 43 -22.16 -59.15 8.01
C ILE N 43 -22.54 -60.49 7.40
N VAL N 44 -23.78 -60.91 7.65
CA VAL N 44 -24.32 -62.12 7.05
C VAL N 44 -25.21 -61.80 5.86
N GLY N 45 -25.84 -60.63 5.85
CA GLY N 45 -26.69 -60.23 4.75
C GLY N 45 -27.11 -58.79 4.84
N PHE N 46 -27.38 -58.17 3.69
CA PHE N 46 -27.80 -56.78 3.64
C PHE N 46 -29.04 -56.67 2.76
N ASP N 47 -29.61 -55.47 2.73
CA ASP N 47 -30.85 -55.22 2.02
C ASP N 47 -30.71 -54.06 1.05
N GLU N 48 -31.84 -53.70 0.44
CA GLU N 48 -31.97 -52.44 -0.28
C GLU N 48 -31.51 -51.24 0.53
N PHE N 49 -32.14 -51.03 1.69
CA PHE N 49 -32.07 -49.80 2.45
C PHE N 49 -30.93 -49.80 3.46
N MET N 50 -29.85 -50.54 3.18
CA MET N 50 -28.70 -50.64 4.09
C MET N 50 -29.07 -51.32 5.40
N ASN N 51 -30.18 -52.05 5.44
CA ASN N 51 -30.47 -52.91 6.57
C ASN N 51 -29.52 -54.10 6.55
N VAL N 52 -28.88 -54.38 7.68
CA VAL N 52 -27.89 -55.45 7.75
C VAL N 52 -28.21 -56.35 8.93
N VAL N 53 -28.05 -57.65 8.70
CA VAL N 53 -28.05 -58.65 9.77
C VAL N 53 -26.61 -58.92 10.15
N ILE N 54 -26.36 -59.10 11.44
CA ILE N 54 -25.01 -59.23 11.96
C ILE N 54 -24.94 -60.45 12.85
N ASP N 55 -23.93 -61.28 12.65
CA ASP N 55 -23.69 -62.44 13.51
C ASP N 55 -22.59 -62.10 14.51
N GLU N 56 -22.71 -62.66 15.71
CA GLU N 56 -21.72 -62.44 16.78
C GLU N 56 -21.54 -60.96 17.06
N ALA N 57 -22.65 -60.23 17.06
CA ALA N 57 -22.62 -58.79 17.29
C ALA N 57 -22.04 -58.47 18.66
N VAL N 58 -21.18 -57.47 18.72
CA VAL N 58 -20.56 -57.05 19.97
C VAL N 58 -20.87 -55.58 20.21
N GLU N 59 -21.44 -55.28 21.37
CA GLU N 59 -21.83 -53.93 21.75
C GLU N 59 -20.65 -53.24 22.42
N ILE N 60 -20.31 -52.05 21.92
CA ILE N 60 -19.16 -51.30 22.46
C ILE N 60 -19.54 -49.84 22.64
N PRO N 61 -19.56 -49.33 23.87
CA PRO N 61 -19.79 -47.90 24.08
C PRO N 61 -18.59 -47.07 23.67
N VAL N 62 -18.82 -45.75 23.59
CA VAL N 62 -17.75 -44.82 23.28
C VAL N 62 -17.63 -43.77 24.40
N GLU N 72 -14.16 -50.01 26.55
CA GLU N 72 -14.60 -51.17 25.78
C GLU N 72 -15.08 -52.28 26.70
N LYS N 73 -16.17 -52.03 27.42
CA LYS N 73 -16.74 -53.00 28.35
C LYS N 73 -18.19 -53.33 28.02
N GLY N 74 -18.50 -53.58 26.75
CA GLY N 74 -19.85 -53.89 26.33
C GLY N 74 -20.13 -55.38 26.28
N THR N 75 -21.41 -55.70 26.07
CA THR N 75 -21.86 -57.08 26.15
C THR N 75 -22.27 -57.61 24.77
N PRO N 76 -21.91 -58.86 24.47
CA PRO N 76 -22.37 -59.48 23.22
C PRO N 76 -23.88 -59.54 23.12
N LEU N 77 -24.41 -59.41 21.91
CA LEU N 77 -25.85 -59.38 21.67
C LEU N 77 -26.38 -60.60 20.92
N GLY N 78 -25.52 -61.40 20.30
CA GLY N 78 -26.01 -62.51 19.51
C GLY N 78 -26.10 -62.15 18.05
N LYS N 79 -27.18 -62.56 17.40
CA LYS N 79 -27.44 -62.22 16.01
C LYS N 79 -28.54 -61.17 15.98
N ILE N 80 -28.26 -60.03 15.33
CA ILE N 80 -29.15 -58.89 15.35
C ILE N 80 -29.39 -58.44 13.92
N LEU N 81 -30.50 -57.73 13.72
CA LEU N 81 -30.78 -57.04 12.47
C LEU N 81 -30.75 -55.54 12.75
N LEU N 82 -29.74 -54.86 12.19
CA LEU N 82 -29.51 -53.45 12.43
C LEU N 82 -30.21 -52.65 11.35
N LYS N 83 -31.17 -51.81 11.75
CA LYS N 83 -31.89 -50.99 10.79
C LYS N 83 -30.94 -49.98 10.16
N GLY N 84 -31.07 -49.79 8.85
CA GLY N 84 -30.14 -48.97 8.11
C GLY N 84 -30.30 -47.47 8.28
N ASP N 85 -31.38 -47.02 8.91
CA ASP N 85 -31.57 -45.59 9.09
C ASP N 85 -30.63 -44.99 10.14
N ASN N 86 -29.92 -45.84 10.89
CA ASN N 86 -28.99 -45.37 11.91
C ASN N 86 -27.53 -45.52 11.51
N ILE N 87 -27.22 -46.47 10.63
CA ILE N 87 -25.84 -46.71 10.22
C ILE N 87 -25.26 -45.43 9.63
N THR N 88 -24.00 -45.15 9.95
CA THR N 88 -23.28 -44.03 9.37
C THR N 88 -22.04 -44.47 8.61
N LEU N 89 -21.22 -45.34 9.20
CA LEU N 89 -20.11 -45.97 8.52
C LEU N 89 -20.15 -47.47 8.70
N ILE N 90 -19.57 -48.19 7.76
CA ILE N 90 -19.34 -49.63 7.89
C ILE N 90 -17.89 -49.85 7.48
N THR N 91 -17.00 -49.88 8.47
CA THR N 91 -15.57 -50.01 8.23
C THR N 91 -15.05 -51.32 8.78
N SER N 92 -14.03 -51.86 8.12
CA SER N 92 -13.44 -53.13 8.53
C SER N 92 -12.21 -52.90 9.40
N PRO O 12 -26.11 -66.64 4.34
CA PRO O 12 -26.46 -65.36 3.72
C PRO O 12 -27.96 -65.10 3.71
N VAL O 13 -28.55 -64.88 4.88
CA VAL O 13 -29.98 -64.63 5.00
C VAL O 13 -30.21 -63.11 4.94
N ASN O 14 -31.26 -62.71 4.25
CA ASN O 14 -31.63 -61.30 4.15
C ASN O 14 -32.54 -60.93 5.30
N PRO O 15 -32.63 -59.63 5.61
CA PRO O 15 -33.48 -59.22 6.75
C PRO O 15 -34.94 -59.60 6.61
N LYS O 16 -35.50 -59.57 5.39
CA LYS O 16 -36.91 -59.92 5.25
C LYS O 16 -37.15 -61.39 5.59
N PRO O 17 -36.40 -62.35 5.01
CA PRO O 17 -36.55 -63.73 5.46
C PRO O 17 -36.20 -63.92 6.93
N PHE O 18 -35.25 -63.15 7.46
CA PHE O 18 -34.93 -63.25 8.89
C PHE O 18 -36.14 -62.90 9.75
N LEU O 19 -36.76 -61.75 9.48
CA LEU O 19 -37.94 -61.34 10.24
C LEU O 19 -39.12 -62.26 10.00
N LYS O 20 -39.23 -62.86 8.82
CA LYS O 20 -40.22 -63.91 8.62
C LYS O 20 -39.95 -65.11 9.51
N GLY O 21 -38.68 -65.49 9.65
CA GLY O 21 -38.34 -66.64 10.47
C GLY O 21 -38.46 -66.37 11.96
N LEU O 22 -38.43 -65.11 12.37
CA LEU O 22 -38.54 -64.76 13.78
C LEU O 22 -39.98 -64.74 14.28
N VAL O 23 -40.94 -65.23 13.49
CA VAL O 23 -42.34 -65.14 13.91
C VAL O 23 -42.62 -66.21 14.95
N ASN O 24 -43.32 -65.83 16.02
CA ASN O 24 -43.44 -66.61 17.25
C ASN O 24 -42.09 -67.08 17.77
N HIS O 25 -41.15 -66.14 17.86
CA HIS O 25 -39.88 -66.37 18.53
C HIS O 25 -39.63 -65.23 19.50
N ARG O 26 -39.07 -65.56 20.65
CA ARG O 26 -38.76 -64.53 21.64
C ARG O 26 -37.68 -63.60 21.09
N VAL O 27 -38.07 -62.36 20.82
CA VAL O 27 -37.15 -61.37 20.30
C VAL O 27 -37.14 -60.17 21.23
N GLY O 28 -36.01 -59.47 21.26
CA GLY O 28 -35.91 -58.25 22.02
C GLY O 28 -35.54 -57.09 21.13
N VAL O 29 -36.49 -56.17 20.91
CA VAL O 29 -36.27 -55.00 20.08
C VAL O 29 -35.98 -53.83 20.99
N LYS O 30 -34.97 -53.05 20.67
CA LYS O 30 -34.60 -51.91 21.48
C LYS O 30 -34.77 -50.63 20.67
N LEU O 31 -35.43 -49.65 21.28
CA LEU O 31 -35.53 -48.34 20.68
C LEU O 31 -34.18 -47.64 20.79
N LYS O 32 -34.05 -46.52 20.08
CA LYS O 32 -32.78 -45.81 20.07
C LYS O 32 -32.71 -44.70 21.11
N PHE O 33 -33.77 -44.46 21.87
CA PHE O 33 -33.85 -43.25 22.70
C PHE O 33 -33.14 -43.42 24.04
N ASN O 34 -33.62 -44.33 24.88
CA ASN O 34 -33.13 -44.48 26.23
C ASN O 34 -32.70 -45.91 26.54
N SER O 35 -32.24 -46.65 25.54
CA SER O 35 -31.92 -48.07 25.68
C SER O 35 -33.13 -48.85 26.19
N THR O 36 -34.32 -48.33 25.88
CA THR O 36 -35.55 -49.02 26.23
C THR O 36 -35.71 -50.27 25.37
N GLU O 37 -35.86 -51.40 26.04
CA GLU O 37 -35.87 -52.68 25.34
C GLU O 37 -37.14 -53.43 25.70
N TYR O 38 -37.83 -53.92 24.67
CA TYR O 38 -39.04 -54.72 24.83
C TYR O 38 -38.71 -56.16 24.46
N ARG O 39 -39.01 -57.09 25.37
CA ARG O 39 -38.75 -58.50 25.14
C ARG O 39 -40.08 -59.25 25.11
N GLY O 40 -40.35 -59.93 24.01
CA GLY O 40 -41.58 -60.68 23.88
C GLY O 40 -41.62 -61.40 22.56
N THR O 41 -42.69 -62.18 22.37
CA THR O 41 -42.88 -62.96 21.16
C THR O 41 -43.35 -62.05 20.04
N LEU O 42 -42.86 -62.32 18.83
CA LEU O 42 -43.22 -61.53 17.66
C LEU O 42 -44.46 -62.13 17.02
N VAL O 43 -45.48 -61.31 16.82
CA VAL O 43 -46.75 -61.81 16.27
C VAL O 43 -46.77 -61.66 14.76
N SER O 44 -46.42 -60.47 14.25
CA SER O 44 -46.47 -60.23 12.83
C SER O 44 -45.56 -59.06 12.48
N THR O 45 -45.30 -58.88 11.19
CA THR O 45 -44.50 -57.78 10.69
C THR O 45 -45.09 -57.24 9.40
N ASP O 46 -44.78 -55.98 9.11
CA ASP O 46 -45.23 -55.32 7.91
C ASP O 46 -44.00 -55.13 7.00
N ASN O 47 -44.23 -54.68 5.76
CA ASN O 47 -43.13 -54.44 4.83
C ASN O 47 -42.21 -53.32 5.29
N TYR O 48 -42.66 -52.46 6.18
CA TYR O 48 -41.83 -51.42 6.78
C TYR O 48 -41.27 -51.83 8.13
N PHE O 49 -41.37 -53.10 8.48
CA PHE O 49 -40.82 -53.64 9.73
C PHE O 49 -41.51 -53.05 10.96
N ASN O 50 -42.78 -52.70 10.82
CA ASN O 50 -43.59 -52.48 12.00
C ASN O 50 -43.77 -53.79 12.76
N LEU O 51 -43.65 -53.71 14.07
CA LEU O 51 -43.60 -54.91 14.90
C LEU O 51 -44.71 -54.88 15.95
N GLN O 52 -45.37 -56.02 16.12
CA GLN O 52 -46.38 -56.21 17.16
C GLN O 52 -45.90 -57.30 18.10
N LEU O 53 -45.83 -56.98 19.39
CA LEU O 53 -45.31 -57.90 20.39
C LEU O 53 -46.43 -58.31 21.34
N ASN O 54 -46.40 -59.56 21.75
CA ASN O 54 -47.42 -60.13 22.62
C ASN O 54 -46.77 -60.58 23.93
N GLU O 55 -47.41 -60.24 25.04
CA GLU O 55 -46.92 -60.56 26.38
C GLU O 55 -45.48 -60.09 26.56
N ALA O 56 -45.22 -58.87 26.10
CA ALA O 56 -43.89 -58.30 26.13
C ALA O 56 -43.62 -57.61 27.47
N GLU O 57 -42.37 -57.67 27.90
CA GLU O 57 -41.93 -57.02 29.13
C GLU O 57 -40.99 -55.88 28.78
N GLU O 58 -41.17 -54.74 29.45
CA GLU O 58 -40.45 -53.51 29.14
C GLU O 58 -39.19 -53.41 29.99
N PHE O 59 -38.08 -53.08 29.33
CA PHE O 59 -36.80 -52.86 30.01
C PHE O 59 -36.29 -51.47 29.62
N VAL O 60 -36.71 -50.45 30.37
CA VAL O 60 -36.13 -49.12 30.16
C VAL O 60 -34.65 -49.13 30.46
N ALA O 61 -34.20 -49.95 31.40
CA ALA O 61 -32.80 -50.21 31.67
C ALA O 61 -32.64 -51.70 31.93
N GLY O 62 -31.52 -52.11 32.51
CA GLY O 62 -31.40 -53.49 32.93
C GLY O 62 -32.49 -53.93 33.88
N VAL O 63 -33.07 -52.99 34.64
CA VAL O 63 -34.20 -53.28 35.50
C VAL O 63 -35.46 -53.43 34.64
N SER O 64 -36.26 -54.45 34.94
CA SER O 64 -37.54 -54.65 34.29
C SER O 64 -38.60 -53.82 35.01
N HIS O 65 -39.42 -53.10 34.25
CA HIS O 65 -40.46 -52.28 34.86
C HIS O 65 -41.75 -53.05 35.11
N GLY O 66 -42.14 -53.92 34.19
CA GLY O 66 -43.37 -54.65 34.38
C GLY O 66 -43.67 -55.56 33.21
N THR O 67 -44.96 -55.88 33.07
CA THR O 67 -45.44 -56.71 31.98
C THR O 67 -46.46 -55.92 31.17
N LEU O 68 -46.39 -56.07 29.85
CA LEU O 68 -47.21 -55.30 28.92
C LEU O 68 -48.07 -56.26 28.10
N GLY O 69 -49.31 -55.88 27.86
CA GLY O 69 -50.24 -56.77 27.19
C GLY O 69 -49.89 -57.05 25.75
N GLU O 70 -50.03 -56.04 24.90
CA GLU O 70 -49.69 -56.15 23.48
C GLU O 70 -49.34 -54.77 22.96
N ILE O 71 -48.14 -54.63 22.43
CA ILE O 71 -47.61 -53.33 22.01
C ILE O 71 -47.37 -53.34 20.52
N PHE O 72 -47.80 -52.28 19.85
CA PHE O 72 -47.45 -52.01 18.46
C PHE O 72 -46.31 -51.01 18.45
N ILE O 73 -45.22 -51.35 17.78
CA ILE O 73 -44.00 -50.54 17.80
C ILE O 73 -43.81 -49.91 16.43
N ARG O 74 -43.67 -48.59 16.41
CA ARG O 74 -43.52 -47.87 15.15
C ARG O 74 -42.19 -48.26 14.49
N CYS O 75 -42.16 -48.14 13.16
CA CYS O 75 -41.02 -48.62 12.39
C CYS O 75 -39.77 -47.76 12.59
N ASN O 76 -39.95 -46.45 12.79
CA ASN O 76 -38.81 -45.53 12.76
C ASN O 76 -37.96 -45.58 14.01
N ASN O 77 -38.46 -46.17 15.10
CA ASN O 77 -37.75 -46.10 16.37
C ASN O 77 -36.80 -47.26 16.63
N VAL O 78 -37.09 -48.45 16.09
CA VAL O 78 -36.30 -49.62 16.42
C VAL O 78 -34.87 -49.42 15.93
N LEU O 79 -33.91 -49.75 16.79
CA LEU O 79 -32.50 -49.70 16.41
C LEU O 79 -32.04 -51.03 15.85
N TYR O 80 -32.34 -52.12 16.58
CA TYR O 80 -32.08 -53.45 16.07
C TYR O 80 -33.10 -54.43 16.63
N ILE O 81 -33.35 -55.49 15.88
CA ILE O 81 -34.23 -56.58 16.29
C ILE O 81 -33.36 -57.82 16.43
N ARG O 82 -33.29 -58.37 17.64
CA ARG O 82 -32.40 -59.49 17.91
C ARG O 82 -33.18 -60.66 18.48
N GLU O 83 -32.70 -61.87 18.18
CA GLU O 83 -33.36 -63.09 18.60
C GLU O 83 -32.84 -63.53 19.96
N LEU O 84 -33.73 -63.56 20.94
CA LEU O 84 -33.36 -64.04 22.26
C LEU O 84 -33.28 -65.56 22.28
N PRO O 85 -32.42 -66.13 23.14
CA PRO O 85 -32.32 -67.60 23.23
C PRO O 85 -33.55 -68.23 23.85
N VAL P 2 -32.39 -42.59 -10.30
CA VAL P 2 -32.97 -41.49 -11.07
C VAL P 2 -31.86 -40.75 -11.82
N SER P 3 -31.16 -39.87 -11.10
CA SER P 3 -30.07 -39.09 -11.66
C SER P 3 -28.83 -39.30 -10.82
N THR P 4 -27.79 -39.85 -11.42
CA THR P 4 -26.56 -40.10 -10.69
C THR P 4 -25.83 -38.79 -10.41
N PRO P 5 -25.39 -38.55 -9.18
CA PRO P 5 -24.68 -37.32 -8.87
C PRO P 5 -23.39 -37.18 -9.66
N GLU P 6 -23.05 -35.93 -9.97
CA GLU P 6 -21.89 -35.63 -10.81
C GLU P 6 -20.62 -35.65 -9.96
N LEU P 7 -20.10 -36.86 -9.77
CA LEU P 7 -18.85 -37.09 -9.06
C LEU P 7 -17.86 -37.87 -9.91
N LYS P 8 -18.07 -37.90 -11.23
CA LYS P 8 -17.18 -38.64 -12.12
C LYS P 8 -15.80 -38.01 -12.22
N LYS P 9 -15.62 -36.79 -11.73
CA LYS P 9 -14.34 -36.12 -11.75
C LYS P 9 -13.56 -36.27 -10.46
N TYR P 10 -14.20 -36.74 -9.38
CA TYR P 10 -13.53 -36.95 -8.11
C TYR P 10 -12.96 -38.36 -7.96
N MET P 11 -13.09 -39.20 -8.97
CA MET P 11 -12.68 -40.58 -8.86
C MET P 11 -11.18 -40.69 -8.57
N ASP P 12 -10.84 -41.53 -7.60
CA ASP P 12 -9.45 -41.84 -7.26
C ASP P 12 -8.66 -40.59 -6.87
N LYS P 13 -9.34 -39.60 -6.32
CA LYS P 13 -8.69 -38.39 -5.83
C LYS P 13 -9.05 -38.20 -4.37
N LYS P 14 -8.07 -37.77 -3.58
CA LYS P 14 -8.29 -37.59 -2.15
C LYS P 14 -9.32 -36.50 -1.90
N ILE P 15 -10.30 -36.80 -1.06
CA ILE P 15 -11.35 -35.86 -0.69
C ILE P 15 -11.48 -35.88 0.82
N LEU P 16 -12.02 -34.79 1.38
CA LEU P 16 -12.28 -34.69 2.81
C LEU P 16 -13.74 -34.29 2.98
N LEU P 17 -14.53 -35.18 3.59
CA LEU P 17 -15.95 -34.97 3.78
C LEU P 17 -16.27 -35.05 5.26
N ASN P 18 -17.14 -34.15 5.72
CA ASN P 18 -17.44 -34.02 7.14
C ASN P 18 -18.65 -34.87 7.48
N ILE P 19 -18.41 -35.99 8.14
CA ILE P 19 -19.48 -36.86 8.61
C ILE P 19 -20.29 -36.15 9.68
N ASN P 20 -21.61 -36.16 9.51
CA ASN P 20 -22.55 -35.53 10.45
C ASN P 20 -22.15 -34.06 10.57
N GLY P 21 -22.02 -33.51 11.78
CA GLY P 21 -21.68 -32.12 11.92
C GLY P 21 -20.32 -31.90 12.54
N SER P 22 -19.76 -32.93 13.17
CA SER P 22 -18.49 -32.83 13.87
C SER P 22 -17.37 -33.61 13.20
N ARG P 23 -17.59 -34.89 12.89
CA ARG P 23 -16.54 -35.72 12.34
C ARG P 23 -16.12 -35.24 10.97
N LYS P 24 -14.86 -35.49 10.62
CA LYS P 24 -14.32 -35.19 9.30
C LYS P 24 -13.44 -36.36 8.88
N VAL P 25 -13.72 -36.96 7.73
CA VAL P 25 -13.04 -38.14 7.25
C VAL P 25 -12.40 -37.83 5.92
N ALA P 26 -11.13 -38.21 5.76
CA ALA P 26 -10.40 -38.00 4.52
C ALA P 26 -9.97 -39.35 3.96
N GLY P 27 -10.15 -39.53 2.66
CA GLY P 27 -9.77 -40.77 2.04
C GLY P 27 -9.75 -40.66 0.53
N ILE P 28 -9.54 -41.80 -0.12
CA ILE P 28 -9.54 -41.88 -1.58
C ILE P 28 -10.87 -42.46 -2.03
N LEU P 29 -11.64 -41.68 -2.78
CA LEU P 29 -12.95 -42.10 -3.23
C LEU P 29 -12.81 -43.26 -4.22
N ARG P 30 -13.71 -44.23 -4.13
CA ARG P 30 -13.70 -45.39 -5.01
C ARG P 30 -14.97 -45.52 -5.84
N GLY P 31 -16.13 -45.19 -5.27
CA GLY P 31 -17.38 -45.30 -6.00
C GLY P 31 -18.47 -44.51 -5.29
N TYR P 32 -19.64 -44.50 -5.91
CA TYR P 32 -20.78 -43.79 -5.33
C TYR P 32 -22.06 -44.37 -5.89
N ASP P 33 -23.17 -44.08 -5.21
CA ASP P 33 -24.49 -44.53 -5.60
C ASP P 33 -25.42 -43.33 -5.78
N ILE P 34 -26.67 -43.62 -6.19
CA ILE P 34 -27.64 -42.57 -6.45
C ILE P 34 -28.17 -41.94 -5.16
N PHE P 35 -27.97 -42.57 -4.01
CA PHE P 35 -28.26 -41.98 -2.72
C PHE P 35 -27.13 -41.11 -2.20
N LEU P 36 -26.05 -40.98 -2.98
CA LEU P 36 -24.80 -40.35 -2.55
C LEU P 36 -24.13 -41.14 -1.44
N ASN P 37 -24.37 -42.45 -1.38
CA ASN P 37 -23.49 -43.33 -0.63
C ASN P 37 -22.12 -43.30 -1.28
N VAL P 38 -21.07 -43.36 -0.47
CA VAL P 38 -19.72 -43.29 -0.98
C VAL P 38 -18.87 -44.35 -0.31
N VAL P 39 -18.05 -45.03 -1.11
CA VAL P 39 -17.08 -45.99 -0.61
C VAL P 39 -15.69 -45.41 -0.86
N LEU P 40 -14.96 -45.18 0.23
CA LEU P 40 -13.64 -44.56 0.17
C LEU P 40 -12.63 -45.42 0.90
N ASP P 41 -11.50 -45.67 0.25
CA ASP P 41 -10.46 -46.53 0.79
C ASP P 41 -9.39 -45.70 1.48
N ASP P 42 -8.69 -46.33 2.44
CA ASP P 42 -7.61 -45.69 3.19
C ASP P 42 -8.11 -44.44 3.92
N ALA P 43 -9.16 -44.61 4.71
CA ALA P 43 -9.73 -43.50 5.45
C ALA P 43 -8.81 -43.07 6.59
N MET P 44 -9.08 -41.87 7.11
CA MET P 44 -8.37 -41.34 8.26
C MET P 44 -9.22 -40.25 8.90
N GLU P 45 -9.63 -40.48 10.14
CA GLU P 45 -10.54 -39.59 10.84
C GLU P 45 -9.71 -38.41 11.35
N ILE P 46 -9.84 -37.27 10.69
CA ILE P 46 -9.05 -36.09 11.06
C ILE P 46 -9.55 -35.54 12.38
N ASN P 47 -8.62 -35.21 13.27
CA ASN P 47 -8.96 -34.61 14.55
C ASN P 47 -8.29 -33.26 14.73
N ASN P 53 -2.28 -38.99 16.46
CA ASN P 53 -3.44 -38.18 16.80
C ASN P 53 -4.68 -38.67 16.07
N ASN P 54 -4.66 -38.53 14.73
CA ASN P 54 -5.76 -39.03 13.91
C ASN P 54 -5.57 -40.52 13.63
N HIS P 55 -6.59 -41.31 13.93
CA HIS P 55 -6.51 -42.76 13.80
C HIS P 55 -7.19 -43.22 12.53
N GLN P 56 -6.53 -44.11 11.79
CA GLN P 56 -7.08 -44.63 10.55
C GLN P 56 -8.27 -45.54 10.85
N LEU P 57 -9.17 -45.65 9.87
CA LEU P 57 -10.40 -46.41 10.05
C LEU P 57 -10.26 -47.85 9.55
N GLY P 58 -9.93 -48.02 8.29
CA GLY P 58 -9.80 -49.37 7.75
C GLY P 58 -9.48 -49.32 6.27
N LEU P 59 -9.31 -50.51 5.71
CA LEU P 59 -8.92 -50.63 4.31
C LEU P 59 -10.06 -50.29 3.36
N GLN P 60 -11.31 -50.48 3.77
CA GLN P 60 -12.45 -50.25 2.89
C GLN P 60 -13.64 -49.89 3.74
N THR P 61 -14.13 -48.66 3.60
CA THR P 61 -15.27 -48.17 4.38
C THR P 61 -16.33 -47.64 3.44
N VAL P 62 -17.59 -47.72 3.87
CA VAL P 62 -18.69 -47.11 3.15
C VAL P 62 -19.37 -46.12 4.08
N ILE P 63 -19.83 -45.02 3.51
CA ILE P 63 -20.49 -43.96 4.25
C ILE P 63 -21.90 -43.80 3.71
N ARG P 64 -22.89 -43.85 4.59
CA ARG P 64 -24.26 -43.63 4.19
C ARG P 64 -24.43 -42.18 3.77
N GLY P 65 -25.05 -41.95 2.61
CA GLY P 65 -25.17 -40.62 2.06
C GLY P 65 -26.08 -39.70 2.83
N ASN P 66 -26.79 -40.22 3.84
CA ASN P 66 -27.64 -39.36 4.66
C ASN P 66 -26.80 -38.42 5.51
N SER P 67 -25.68 -38.91 6.05
CA SER P 67 -24.89 -38.17 7.03
C SER P 67 -23.78 -37.33 6.40
N ILE P 68 -23.66 -37.32 5.07
CA ILE P 68 -22.69 -36.47 4.39
C ILE P 68 -23.28 -35.08 4.25
N ILE P 69 -22.46 -34.05 4.49
CA ILE P 69 -22.89 -32.68 4.32
C ILE P 69 -22.15 -32.04 3.15
N SER P 70 -20.82 -32.01 3.22
CA SER P 70 -20.01 -31.43 2.17
C SER P 70 -18.88 -32.39 1.82
N LEU P 71 -18.42 -32.32 0.58
CA LEU P 71 -17.48 -33.30 0.05
C LEU P 71 -16.37 -32.60 -0.72
N GLU P 72 -15.75 -31.59 -0.10
CA GLU P 72 -14.68 -30.85 -0.76
C GLU P 72 -13.47 -31.74 -1.00
N ALA P 73 -12.74 -31.43 -2.06
CA ALA P 73 -11.66 -32.28 -2.56
C ALA P 73 -10.31 -31.60 -2.34
N LEU P 74 -9.37 -32.35 -1.77
CA LEU P 74 -8.02 -31.85 -1.51
C LEU P 74 -7.05 -32.30 -2.60
N ASP P 75 -7.33 -31.92 -3.85
CA ASP P 75 -6.44 -32.27 -4.95
C ASP P 75 -6.61 -31.25 -6.06
N ALA P 76 -6.05 -31.56 -7.24
CA ALA P 76 -6.11 -30.66 -8.37
C ALA P 76 -7.53 -30.55 -8.93
N ILE P 77 -8.27 -31.66 -8.91
CA ILE P 77 -9.63 -31.73 -9.45
C ILE P 77 -9.67 -31.39 -10.93
#